data_7CWT
#
_entry.id   7CWT
#
loop_
_entity.id
_entity.type
_entity.pdbx_description
1 polymer 'Spike glycoprotein'
2 polymer 'Light chain Fab of HB27'
3 polymer 'Heavy chain Fab of HB27'
4 polymer 'Light chain Fab of FC05'
5 polymer 'Heavy chain Fab of FC05'
6 non-polymer 2-acetamido-2-deoxy-beta-D-glucopyranose
#
loop_
_entity_poly.entity_id
_entity_poly.type
_entity_poly.pdbx_seq_one_letter_code
_entity_poly.pdbx_strand_id
1 'polypeptide(L)'
;QCVNLTTRTQLPPAYTNSFTRGVYYPDKVFRSSVLHSTQDLFLPFFSNVTWFHAIHVSGTNGTKRFDNPVLPFNDGVYFA
STEKSNIIRGWIFGTTLDSKTQSLLIVNNATNVVIKVCEFQFCNDPFLGVYYHKNNKSWMESEFRVYSSANNCTFEYVSQ
PFLMDLEGKQGNFKNLREFVFKNIDGYFKIYSKHTPINLVRDLPQGFSALEPLVDLPIGINITRFQTLLALHRSYLTPGD
SSSGWTAGAAAYYVGYLQPRTFLLKYNENGTITDAVDCALDPLSETKCTLKSFTVEKGIYQTSNFRVQPTESIVRFPNIT
NLCPFGEVFNATRFASVYAWNRKRISNCVADYSVLYNSASFSTFKCYGVSPTKLNDLCFTNVYADSFVIRGDEVRQIAPG
QTGKIADYNYKLPDDFTGCVIAWNSNNLDSKVGGNYNYLYRLFRKSNLKPFERDISTEIYQAGSTPCNGVEGFNCYFPLQ
SYGFQPTNGVGYQPYRVVVLSFELLHAPATVCGPKKSTNLVKNKCVNFNFNGLTGTGVLTESNKKFLPFQQFGRDIADTT
DAVRDPQTLEILDITPCSFGGVSVITPGTNTSNQVAVLYQDVNCTEVPVAIHADQLTPTWRVYSTGSNVFQTRAGCLIGA
EHVNNSYECDIPIGAGICASYQTQTNSPRRARSVASQSIIAYTMSLGAENSVAYSNNSIAIPTNFTISVTTEILPVSMTK
TSVDCTMYICGDSTECSNLLLQYGSFCTQLNRALTGIAVEQDKNTQEVFAQVKQIYKTPPIKDFGGFNFSQILPDPSKPS
KRSFIEDLLFNKVTLADAGFIKQYGDCLGDIAARDLICAQKFNGLTVLPPLLTDEMIAQYTSALLAGTITSGWTFGAGAA
LQIPFAMQMAYRFNGIGVTQNVLYENQKLIANQFNSAIGKIQDSLSSTASALGKLQDVVNQNAQALNTLVKQLSSNFGAI
SSVLNDILSRLDKVEAEVQIDRLITGRLQSLQTYVTQQLIRAAEIRASANLAATKMSECVLGQSKRVDFCGKGYHLMSFP
QSAPHGVVFLHVTYVPAQEKNFTTAPAICHDGKAHFPREGVFVSNGTHWFVTQRNFYEPQIITTDNTFVSGNCDVVIGIV
NNTVYDPLQPELDS
;
A,B,C
2 'polypeptide(L)'
;IVLTQSPTLSLSPGERATLSCRASESVDNYGISFMNWFQQKPGQAPRLLIYAASNQGSGIPSRFSGSGSGTDFSLTISSL
EPEDFAVYFCQQSKEVPRIFGQGTKVEILKR
;
D,F,J
3 'polypeptide(L)'
;VKLVESGGGLVKPGGSLRLSCAASGFTFTNYGMSWVRQAPGKRLEWVAEISSGGSYTYYPDTVTGRFTISRDNAKNTLYL
QMNSLRAEDTAVYYCARFRYGGGGTVDYWGQGTLVTVS
;
E,G,I
4 'polypeptide(L)'
;SVLTQAPSVSAAPGQKVTISCSGSSSNIGNNYVSWYQQLPGTAPKLLIYDNNKRPSGIPDRFSGSKSGTSATLGITGLQT
GDEADYYCGTWDSSLSAVVFGGGTKLTVL
;
H,K,M
5 'polypeptide(L)'
;EVQLLEQSGAEVKKPGASVRVSCKVSGYTLPEVAMHWVRQAPGKGLEWMGGFDPEDGETMYAQKFQGRVTMTEDTSTDTA
YMELSSLRSEDTAVYYCATTTPFSSSYWFDPWGQGTLVTV
;
L,N,P
#
loop_
_chem_comp.id
_chem_comp.type
_chem_comp.name
_chem_comp.formula
NAG D-saccharide, beta linking 2-acetamido-2-deoxy-beta-D-glucopyranose 'C8 H15 N O6'
#
# COMPACT_ATOMS: atom_id res chain seq x y z
N GLN A 1 -14.71 52.02 -31.04
CA GLN A 1 -13.39 52.62 -31.00
C GLN A 1 -12.38 51.80 -31.80
N CYS A 2 -11.53 51.08 -31.08
CA CYS A 2 -10.45 50.28 -31.68
C CYS A 2 -9.58 51.10 -32.62
N VAL A 3 -9.36 52.36 -32.26
CA VAL A 3 -8.40 53.17 -33.00
C VAL A 3 -7.02 52.54 -32.84
N ASN A 4 -6.29 52.44 -33.95
CA ASN A 4 -5.02 51.66 -33.89
C ASN A 4 -3.82 52.32 -34.59
N LEU A 5 -2.65 52.26 -33.97
CA LEU A 5 -1.41 52.81 -34.60
C LEU A 5 -0.27 51.81 -34.34
N THR A 6 -0.10 50.82 -35.22
CA THR A 6 0.90 49.75 -34.95
C THR A 6 2.33 50.33 -34.87
N THR A 7 2.72 51.19 -35.82
CA THR A 7 4.05 51.84 -35.76
C THR A 7 5.14 50.80 -35.47
N ARG A 8 5.18 49.70 -36.22
CA ARG A 8 6.14 48.60 -35.92
C ARG A 8 7.59 49.10 -36.05
N THR A 9 8.47 48.64 -35.15
CA THR A 9 9.88 49.11 -35.16
C THR A 9 10.83 47.89 -35.14
N GLN A 10 12.02 48.03 -35.72
CA GLN A 10 13.00 46.92 -35.80
C GLN A 10 13.95 46.94 -34.60
N LEU A 11 15.07 46.21 -34.66
CA LEU A 11 16.13 46.15 -33.60
C LEU A 11 15.88 44.98 -32.64
N PRO A 12 16.92 44.41 -32.00
CA PRO A 12 16.75 43.24 -31.11
C PRO A 12 16.23 43.60 -29.71
N PRO A 13 15.42 42.75 -29.00
CA PRO A 13 14.99 43.12 -27.64
C PRO A 13 16.20 43.33 -26.75
N ALA A 14 16.26 44.49 -26.11
CA ALA A 14 17.38 44.82 -25.26
C ALA A 14 17.24 44.01 -23.99
N TYR A 15 18.24 43.17 -23.71
CA TYR A 15 18.15 42.28 -22.59
C TYR A 15 18.83 42.88 -21.37
N THR A 16 18.75 42.16 -20.26
CA THR A 16 19.38 42.57 -19.02
C THR A 16 19.52 41.34 -18.15
N ASN A 17 20.05 41.55 -16.95
CA ASN A 17 20.38 40.48 -16.04
C ASN A 17 19.74 40.81 -14.69
N SER A 18 18.76 40.02 -14.28
CA SER A 18 18.20 40.18 -12.96
C SER A 18 19.13 39.53 -11.95
N PHE A 19 19.68 40.33 -11.05
CA PHE A 19 20.78 39.86 -10.22
C PHE A 19 20.21 39.06 -9.07
N THR A 20 19.59 39.76 -8.12
CA THR A 20 18.73 39.17 -7.11
C THR A 20 17.37 39.82 -7.26
N ARG A 21 16.39 39.06 -7.73
CA ARG A 21 15.13 39.70 -8.08
C ARG A 21 14.01 38.67 -8.07
N GLY A 22 12.79 39.16 -7.95
CA GLY A 22 11.61 38.34 -8.05
C GLY A 22 11.46 37.30 -6.97
N VAL A 23 11.78 37.64 -5.73
CA VAL A 23 11.59 36.74 -4.60
C VAL A 23 10.42 37.26 -3.78
N TYR A 24 9.30 36.55 -3.85
CA TYR A 24 8.10 36.90 -3.12
C TYR A 24 7.98 35.98 -1.92
N TYR A 25 6.91 36.17 -1.16
CA TYR A 25 6.65 35.31 -0.01
C TYR A 25 5.64 34.24 -0.43
N PRO A 26 6.06 33.00 -0.60
CA PRO A 26 5.12 31.97 -1.04
C PRO A 26 4.41 31.28 0.10
N ASP A 27 3.84 32.05 1.03
CA ASP A 27 3.01 31.64 2.16
C ASP A 27 2.66 32.86 2.98
N LYS A 28 1.62 32.71 3.81
CA LYS A 28 1.25 33.69 4.81
C LYS A 28 1.97 33.47 6.12
N VAL A 29 2.59 32.30 6.29
CA VAL A 29 3.12 31.89 7.58
C VAL A 29 4.29 32.79 7.96
N PHE A 30 4.23 33.34 9.16
CA PHE A 30 5.27 34.21 9.66
C PHE A 30 6.43 33.38 10.19
N ARG A 31 7.62 33.61 9.63
CA ARG A 31 8.82 32.92 10.11
C ARG A 31 9.88 33.97 10.40
N SER A 32 10.76 33.64 11.35
CA SER A 32 11.75 34.58 11.87
C SER A 32 13.14 33.95 11.83
N SER A 33 14.03 34.54 11.02
CA SER A 33 15.45 34.18 11.01
C SER A 33 15.66 32.68 10.88
N VAL A 34 15.01 32.07 9.88
CA VAL A 34 15.18 30.65 9.60
C VAL A 34 15.47 30.51 8.11
N LEU A 35 16.06 29.38 7.73
CA LEU A 35 16.28 29.10 6.31
C LEU A 35 15.25 28.10 5.82
N HIS A 36 14.29 28.59 5.02
CA HIS A 36 13.21 27.78 4.52
C HIS A 36 13.45 27.50 3.04
N SER A 37 13.09 26.30 2.59
CA SER A 37 13.39 25.86 1.24
C SER A 37 12.14 25.27 0.61
N THR A 38 11.70 25.86 -0.49
CA THR A 38 10.63 25.31 -1.31
C THR A 38 11.02 25.35 -2.78
N GLN A 39 10.42 24.45 -3.54
CA GLN A 39 10.57 24.42 -4.99
C GLN A 39 9.28 24.94 -5.59
N ASP A 40 9.33 26.14 -6.16
CA ASP A 40 8.16 26.83 -6.67
C ASP A 40 8.55 27.62 -7.90
N LEU A 41 7.54 28.10 -8.63
CA LEU A 41 7.78 28.98 -9.75
C LEU A 41 8.41 30.28 -9.29
N PHE A 42 9.56 30.63 -9.87
CA PHE A 42 10.21 31.91 -9.61
C PHE A 42 10.88 32.38 -10.89
N LEU A 43 11.46 33.58 -10.83
CA LEU A 43 12.36 34.04 -11.87
C LEU A 43 13.77 33.75 -11.38
N PRO A 44 14.46 32.76 -11.96
CA PRO A 44 15.77 32.38 -11.42
C PRO A 44 16.78 33.50 -11.58
N PHE A 45 17.69 33.59 -10.60
CA PHE A 45 18.69 34.69 -10.55
C PHE A 45 19.62 34.66 -11.76
N PHE A 46 20.29 35.79 -12.02
CA PHE A 46 21.22 35.89 -13.18
C PHE A 46 20.44 35.47 -14.43
N SER A 47 19.23 36.03 -14.65
CA SER A 47 18.43 35.63 -15.85
C SER A 47 18.27 36.78 -16.87
N ASN A 48 17.59 36.50 -17.99
CA ASN A 48 17.91 37.08 -19.33
C ASN A 48 17.00 38.28 -19.65
N VAL A 49 15.82 38.36 -19.03
CA VAL A 49 14.95 39.56 -18.77
C VAL A 49 15.04 40.66 -19.86
N THR A 50 13.92 40.92 -20.54
CA THR A 50 13.86 41.82 -21.70
C THR A 50 13.45 43.23 -21.27
N TRP A 51 14.35 44.21 -21.38
CA TRP A 51 13.98 45.62 -21.09
C TRP A 51 13.23 46.14 -22.31
N PHE A 52 11.90 46.00 -22.32
CA PHE A 52 11.06 46.42 -23.47
C PHE A 52 10.71 47.90 -23.34
N HIS A 53 10.32 48.55 -24.45
CA HIS A 53 9.83 49.95 -24.36
C HIS A 53 8.47 50.05 -25.04
N ALA A 54 7.41 50.39 -24.27
CA ALA A 54 6.07 50.57 -24.88
C ALA A 54 6.09 51.78 -25.83
N ILE A 55 6.69 52.89 -25.39
CA ILE A 55 6.85 54.10 -26.26
C ILE A 55 8.33 54.47 -26.22
N HIS A 56 8.97 54.66 -27.38
CA HIS A 56 10.45 54.88 -27.33
C HIS A 56 10.91 56.00 -28.24
N VAL A 57 11.23 57.17 -27.68
CA VAL A 57 11.81 58.23 -28.49
C VAL A 57 13.29 57.95 -28.72
N SER A 58 13.67 57.80 -29.99
CA SER A 58 15.06 57.81 -30.42
C SER A 58 15.25 59.09 -31.21
N GLY A 59 15.99 60.04 -30.64
CA GLY A 59 15.90 61.42 -31.06
C GLY A 59 16.38 61.79 -32.45
N THR A 60 15.46 62.34 -33.23
CA THR A 60 15.78 63.27 -34.31
C THR A 60 14.86 64.47 -34.14
N ASN A 61 13.56 64.28 -34.35
CA ASN A 61 12.54 65.05 -33.66
C ASN A 61 11.36 64.11 -33.44
N GLY A 62 10.88 64.04 -32.20
CA GLY A 62 9.77 63.14 -31.92
C GLY A 62 10.19 61.70 -32.11
N THR A 63 9.49 61.01 -33.02
CA THR A 63 9.70 59.59 -33.34
C THR A 63 9.44 58.72 -32.10
N LYS A 64 8.17 58.67 -31.73
CA LYS A 64 7.70 57.80 -30.66
C LYS A 64 7.36 56.43 -31.23
N ARG A 65 7.99 55.39 -30.66
CA ARG A 65 7.90 54.04 -31.21
C ARG A 65 7.03 53.19 -30.31
N PHE A 66 5.84 52.82 -30.80
CA PHE A 66 4.88 51.99 -30.08
C PHE A 66 5.15 50.54 -30.48
N ASP A 67 5.86 49.80 -29.62
CA ASP A 67 6.26 48.44 -29.94
C ASP A 67 5.55 47.34 -29.15
N ASN A 68 4.75 47.68 -28.14
CA ASN A 68 4.48 46.66 -27.12
C ASN A 68 3.73 45.46 -27.69
N PRO A 69 4.34 44.29 -27.77
CA PRO A 69 3.69 43.15 -28.41
C PRO A 69 2.75 42.42 -27.47
N VAL A 70 1.82 41.67 -28.08
CA VAL A 70 1.16 40.61 -27.33
C VAL A 70 2.20 39.57 -26.95
N LEU A 71 2.25 39.23 -25.68
CA LEU A 71 3.31 38.35 -25.24
C LEU A 71 2.74 37.09 -24.60
N PRO A 72 3.33 35.93 -24.87
CA PRO A 72 2.86 34.70 -24.24
C PRO A 72 3.07 34.75 -22.74
N PHE A 73 2.20 34.06 -22.00
CA PHE A 73 2.37 33.96 -20.56
C PHE A 73 3.39 32.90 -20.18
N ASN A 74 3.48 31.82 -20.94
CA ASN A 74 4.38 30.69 -20.70
C ASN A 74 4.10 30.15 -19.29
N ASP A 75 5.12 29.85 -18.49
CA ASP A 75 4.92 29.32 -17.15
C ASP A 75 4.42 30.36 -16.16
N GLY A 76 5.20 31.40 -15.90
CA GLY A 76 4.74 32.52 -15.11
C GLY A 76 5.40 33.78 -15.62
N VAL A 77 4.94 34.90 -15.10
CA VAL A 77 5.33 36.21 -15.60
C VAL A 77 5.81 37.10 -14.47
N TYR A 78 6.90 37.81 -14.71
CA TYR A 78 7.43 38.84 -13.82
C TYR A 78 7.32 40.17 -14.55
N PHE A 79 7.25 41.27 -13.80
CA PHE A 79 7.12 42.59 -14.39
C PHE A 79 7.80 43.63 -13.51
N ALA A 80 8.41 44.63 -14.16
CA ALA A 80 9.08 45.71 -13.43
C ALA A 80 9.02 46.98 -14.27
N SER A 81 8.92 48.11 -13.59
CA SER A 81 8.89 49.40 -14.27
C SER A 81 9.29 50.50 -13.31
N THR A 82 9.66 51.65 -13.88
CA THR A 82 9.98 52.83 -13.09
C THR A 82 8.86 53.85 -13.23
N GLU A 83 8.80 54.52 -14.37
CA GLU A 83 7.66 55.32 -14.79
C GLU A 83 7.30 56.38 -13.74
N LYS A 84 8.25 57.30 -13.50
CA LYS A 84 7.97 58.40 -12.54
C LYS A 84 6.61 58.98 -12.93
N SER A 85 6.38 59.22 -14.23
CA SER A 85 5.04 59.65 -14.69
C SER A 85 4.34 58.39 -15.20
N ASN A 86 3.25 57.99 -14.56
CA ASN A 86 2.63 56.70 -14.95
C ASN A 86 2.13 56.77 -16.39
N ILE A 87 2.36 55.72 -17.15
CA ILE A 87 1.79 55.64 -18.52
C ILE A 87 1.26 54.22 -18.57
N ILE A 88 1.54 53.45 -17.52
CA ILE A 88 1.15 52.05 -17.46
C ILE A 88 0.05 51.88 -16.43
N ARG A 89 -0.91 51.02 -16.74
CA ARG A 89 -2.07 50.88 -15.86
C ARG A 89 -2.28 49.40 -15.51
N GLY A 90 -2.51 48.56 -16.51
CA GLY A 90 -2.84 47.18 -16.27
C GLY A 90 -2.44 46.32 -17.45
N TRP A 91 -2.91 45.07 -17.44
CA TRP A 91 -2.54 44.10 -18.45
C TRP A 91 -3.79 43.38 -18.92
N ILE A 92 -3.71 42.79 -20.11
CA ILE A 92 -4.88 42.26 -20.82
C ILE A 92 -5.08 40.77 -20.60
N PHE A 93 -4.38 40.18 -19.61
CA PHE A 93 -4.07 38.75 -19.60
C PHE A 93 -5.26 37.90 -20.04
N GLY A 94 -4.97 36.93 -20.90
CA GLY A 94 -6.00 36.08 -21.46
C GLY A 94 -5.39 34.97 -22.28
N THR A 95 -6.22 34.39 -23.15
CA THR A 95 -5.73 33.34 -24.05
C THR A 95 -5.97 33.74 -25.51
N THR A 96 -7.23 33.82 -25.91
CA THR A 96 -7.55 34.23 -27.26
C THR A 96 -7.37 35.73 -27.46
N LEU A 97 -7.32 36.50 -26.36
CA LEU A 97 -7.24 37.95 -26.39
C LEU A 97 -8.47 38.51 -27.11
N ASP A 98 -9.59 37.84 -26.89
CA ASP A 98 -10.81 37.99 -27.68
C ASP A 98 -11.93 37.41 -26.83
N SER A 99 -13.11 37.24 -27.43
CA SER A 99 -14.13 36.41 -26.82
C SER A 99 -13.73 34.94 -26.96
N LYS A 100 -14.65 34.05 -26.56
CA LYS A 100 -14.53 32.60 -26.53
C LYS A 100 -13.74 32.14 -25.31
N THR A 101 -13.01 33.02 -24.63
CA THR A 101 -12.38 32.72 -23.35
C THR A 101 -12.69 33.87 -22.40
N GLN A 102 -12.38 33.67 -21.13
CA GLN A 102 -12.48 34.78 -20.22
C GLN A 102 -11.37 35.79 -20.52
N SER A 103 -11.37 36.89 -19.79
CA SER A 103 -10.34 37.90 -19.97
C SER A 103 -9.96 38.48 -18.61
N LEU A 104 -8.67 38.52 -18.34
CA LEU A 104 -8.22 39.23 -17.15
C LEU A 104 -7.87 40.67 -17.51
N LEU A 105 -8.70 41.59 -17.01
CA LEU A 105 -8.52 42.99 -17.36
C LEU A 105 -8.25 43.77 -16.09
N ILE A 106 -7.00 44.14 -15.92
CA ILE A 106 -6.65 44.92 -14.71
C ILE A 106 -6.64 46.39 -15.13
N VAL A 107 -7.58 47.17 -14.61
CA VAL A 107 -7.49 48.62 -14.92
C VAL A 107 -7.26 49.36 -13.62
N ASN A 108 -6.12 50.06 -13.54
CA ASN A 108 -5.82 51.16 -12.57
C ASN A 108 -6.53 52.45 -13.00
N ASN A 109 -7.10 53.18 -12.04
CA ASN A 109 -7.80 54.45 -12.36
C ASN A 109 -7.15 55.64 -11.62
N ALA A 110 -7.83 56.79 -11.69
CA ALA A 110 -7.71 57.87 -10.68
C ALA A 110 -8.86 57.72 -9.64
N THR A 111 -8.98 56.60 -8.93
CA THR A 111 -7.96 55.93 -8.08
C THR A 111 -8.38 54.49 -7.80
N ASN A 112 -9.62 54.15 -8.14
CA ASN A 112 -10.09 52.79 -7.77
C ASN A 112 -9.77 51.83 -8.90
N VAL A 113 -8.72 51.04 -8.72
CA VAL A 113 -8.44 50.00 -9.74
C VAL A 113 -9.68 49.11 -9.74
N VAL A 114 -10.24 48.85 -10.91
CA VAL A 114 -11.39 47.89 -10.94
C VAL A 114 -10.90 46.61 -11.62
N ILE A 115 -10.26 45.72 -10.86
CA ILE A 115 -9.90 44.48 -11.53
C ILE A 115 -11.13 43.90 -12.19
N LYS A 116 -10.94 43.32 -13.38
CA LYS A 116 -12.03 42.72 -14.12
C LYS A 116 -11.58 41.37 -14.68
N VAL A 117 -12.37 40.33 -14.37
CA VAL A 117 -12.27 39.06 -15.05
C VAL A 117 -13.59 38.88 -15.80
N CYS A 118 -13.56 39.01 -17.12
CA CYS A 118 -14.76 39.06 -17.92
C CYS A 118 -14.49 38.43 -19.27
N GLU A 119 -15.42 38.60 -20.21
CA GLU A 119 -15.21 38.30 -21.61
C GLU A 119 -15.30 39.61 -22.39
N PHE A 120 -14.18 40.03 -22.96
CA PHE A 120 -14.13 41.28 -23.71
C PHE A 120 -13.85 41.01 -25.18
N GLN A 121 -13.86 42.08 -25.96
CA GLN A 121 -13.29 42.08 -27.30
C GLN A 121 -12.12 43.06 -27.29
N PHE A 122 -10.90 42.55 -27.30
CA PHE A 122 -9.74 43.42 -27.30
C PHE A 122 -9.35 43.77 -28.73
N CYS A 123 -9.09 45.05 -28.94
CA CYS A 123 -8.81 45.55 -30.28
C CYS A 123 -7.44 45.08 -30.73
N ASN A 124 -7.06 45.47 -31.96
CA ASN A 124 -5.75 45.12 -32.48
C ASN A 124 -4.63 45.91 -31.81
N ASP A 125 -4.90 47.15 -31.36
CA ASP A 125 -3.92 47.99 -30.68
C ASP A 125 -4.55 48.52 -29.40
N PRO A 126 -4.79 47.66 -28.41
CA PRO A 126 -5.52 48.10 -27.22
C PRO A 126 -4.64 48.94 -26.29
N PHE A 127 -5.26 49.92 -25.65
CA PHE A 127 -4.66 50.75 -24.60
C PHE A 127 -5.75 51.70 -24.13
N LEU A 128 -5.56 52.23 -22.91
CA LEU A 128 -6.54 53.13 -22.31
C LEU A 128 -6.33 54.53 -22.84
N GLY A 129 -7.37 55.09 -23.46
CA GLY A 129 -7.32 56.48 -23.85
C GLY A 129 -7.68 57.39 -22.69
N VAL A 130 -7.01 58.54 -22.63
CA VAL A 130 -7.28 59.56 -21.63
C VAL A 130 -7.53 60.87 -22.37
N TYR A 131 -8.54 61.60 -21.93
CA TYR A 131 -8.90 62.87 -22.56
C TYR A 131 -9.32 63.83 -21.45
N TYR A 132 -9.81 64.99 -21.85
CA TYR A 132 -10.21 66.05 -20.93
C TYR A 132 -11.70 66.31 -21.06
N HIS A 133 -12.44 66.15 -19.95
CA HIS A 133 -13.93 66.20 -20.02
C HIS A 133 -14.52 67.60 -20.25
N LYS A 134 -13.89 68.67 -19.75
CA LYS A 134 -14.38 70.07 -19.95
C LYS A 134 -15.55 70.29 -19.00
N ASN A 135 -16.12 69.19 -18.48
CA ASN A 135 -17.21 69.28 -17.47
C ASN A 135 -16.58 68.86 -16.14
N ASN A 136 -16.41 69.80 -15.20
CA ASN A 136 -15.73 69.53 -13.90
C ASN A 136 -14.21 69.56 -14.11
N LYS A 137 -13.76 69.91 -15.33
CA LYS A 137 -12.31 70.06 -15.62
C LYS A 137 -11.52 68.81 -15.20
N SER A 138 -12.00 67.62 -15.54
CA SER A 138 -11.33 66.37 -15.09
C SER A 138 -10.85 65.52 -16.27
N TRP A 139 -9.65 64.93 -16.16
CA TRP A 139 -9.16 64.04 -17.20
C TRP A 139 -9.81 62.68 -17.02
N MET A 140 -10.74 62.33 -17.91
CA MET A 140 -11.33 61.00 -17.86
C MET A 140 -10.42 60.01 -18.55
N GLU A 141 -10.82 58.75 -18.50
CA GLU A 141 -10.12 57.68 -19.20
C GLU A 141 -11.15 56.94 -20.04
N SER A 142 -10.99 57.00 -21.35
CA SER A 142 -11.84 56.20 -22.23
C SER A 142 -11.27 54.79 -22.20
N GLU A 143 -12.07 53.86 -21.68
CA GLU A 143 -11.62 52.49 -21.48
C GLU A 143 -11.92 51.59 -22.66
N PHE A 144 -12.70 52.06 -23.62
CA PHE A 144 -13.04 51.22 -24.76
C PHE A 144 -12.09 51.44 -25.93
N ARG A 145 -11.07 52.29 -25.75
CA ARG A 145 -9.97 52.29 -26.70
C ARG A 145 -9.14 51.03 -26.54
N VAL A 146 -9.26 50.37 -25.38
CA VAL A 146 -8.70 49.05 -25.16
C VAL A 146 -9.55 48.04 -25.91
N TYR A 147 -10.79 47.89 -25.45
CA TYR A 147 -11.66 46.80 -25.86
C TYR A 147 -13.03 47.36 -26.28
N SER A 148 -13.61 46.76 -27.30
CA SER A 148 -14.92 47.20 -27.75
C SER A 148 -16.01 46.70 -26.82
N SER A 149 -16.24 45.39 -26.79
CA SER A 149 -17.34 44.80 -26.04
C SER A 149 -16.91 44.50 -24.61
N ALA A 150 -17.84 44.69 -23.69
CA ALA A 150 -17.75 44.19 -22.33
C ALA A 150 -19.07 43.52 -21.98
N ASN A 151 -19.05 42.21 -21.76
CA ASN A 151 -20.27 41.45 -21.52
C ASN A 151 -19.89 40.10 -20.93
N ASN A 152 -20.91 39.32 -20.56
CA ASN A 152 -20.76 37.95 -20.07
C ASN A 152 -20.00 37.88 -18.75
N CYS A 153 -19.56 39.02 -18.20
CA CYS A 153 -18.46 39.05 -17.26
C CYS A 153 -18.63 38.08 -16.10
N THR A 154 -17.58 37.32 -15.82
CA THR A 154 -17.53 36.35 -14.74
C THR A 154 -17.21 36.96 -13.39
N PHE A 155 -16.25 37.88 -13.30
CA PHE A 155 -15.79 38.35 -12.01
C PHE A 155 -15.46 39.83 -12.06
N GLU A 156 -15.57 40.48 -10.90
CA GLU A 156 -15.28 41.89 -10.75
C GLU A 156 -14.74 42.11 -9.33
N TYR A 157 -13.83 43.06 -9.21
CA TYR A 157 -13.27 43.40 -7.90
C TYR A 157 -12.69 44.80 -7.94
N VAL A 158 -12.58 45.41 -6.74
CA VAL A 158 -12.01 46.74 -6.57
C VAL A 158 -11.11 46.73 -5.34
N SER A 159 -10.03 47.49 -5.38
CA SER A 159 -9.13 47.59 -4.24
C SER A 159 -8.43 48.94 -4.29
N GLN A 160 -7.58 49.20 -3.28
CA GLN A 160 -6.72 50.36 -3.27
C GLN A 160 -5.65 50.26 -4.34
N PRO A 161 -5.27 51.38 -4.95
CA PRO A 161 -4.45 51.31 -6.16
C PRO A 161 -3.10 50.63 -5.93
N PHE A 162 -2.82 49.64 -6.76
CA PHE A 162 -1.53 48.97 -6.71
C PHE A 162 -0.43 49.91 -7.19
N LEU A 163 -0.63 50.48 -8.37
CA LEU A 163 0.18 51.57 -8.87
C LEU A 163 -0.04 52.77 -7.96
N MET A 164 1.06 53.35 -7.47
CA MET A 164 0.98 54.46 -6.56
C MET A 164 2.17 55.38 -6.82
N ASP A 165 1.96 56.68 -6.73
CA ASP A 165 3.06 57.61 -6.87
C ASP A 165 3.46 58.15 -5.50
N LEU A 166 4.58 58.86 -5.49
CA LEU A 166 5.03 59.65 -4.36
C LEU A 166 5.50 61.00 -4.90
N GLU A 167 6.53 60.92 -5.74
CA GLU A 167 7.13 61.99 -6.52
C GLU A 167 7.60 63.13 -5.61
N GLY A 168 7.55 64.37 -6.10
CA GLY A 168 8.26 65.47 -5.48
C GLY A 168 9.76 65.29 -5.41
N LYS A 169 10.30 64.19 -5.94
CA LYS A 169 11.68 63.78 -5.71
C LYS A 169 12.64 64.11 -6.85
N GLN A 170 12.15 64.74 -7.93
CA GLN A 170 12.95 65.08 -9.11
C GLN A 170 13.86 63.92 -9.52
N GLY A 171 13.32 62.71 -9.43
CA GLY A 171 14.10 61.51 -9.66
C GLY A 171 14.69 60.96 -8.36
N ASN A 172 15.81 60.27 -8.53
CA ASN A 172 16.57 59.67 -7.43
C ASN A 172 15.80 58.54 -6.76
N PHE A 173 14.51 58.43 -7.05
CA PHE A 173 13.71 57.25 -6.76
C PHE A 173 13.39 56.48 -8.02
N LYS A 174 12.72 57.13 -8.97
CA LYS A 174 12.18 56.54 -10.19
C LYS A 174 10.98 55.67 -9.83
N ASN A 175 10.77 55.45 -8.53
CA ASN A 175 9.70 54.63 -8.01
C ASN A 175 9.61 53.31 -8.77
N LEU A 176 10.67 52.51 -8.63
CA LEU A 176 10.69 51.23 -9.33
C LEU A 176 9.58 50.34 -8.79
N ARG A 177 8.74 49.85 -9.69
CA ARG A 177 7.53 49.13 -9.33
C ARG A 177 7.52 47.79 -10.02
N GLU A 178 7.31 46.72 -9.25
CA GLU A 178 7.37 45.36 -9.72
C GLU A 178 6.05 44.66 -9.45
N PHE A 179 5.64 43.80 -10.38
CA PHE A 179 4.42 43.04 -10.20
C PHE A 179 4.63 41.64 -10.75
N VAL A 180 4.36 40.64 -9.90
CA VAL A 180 4.50 39.25 -10.28
C VAL A 180 3.12 38.64 -10.43
N PHE A 181 2.96 37.83 -11.46
CA PHE A 181 1.68 37.27 -11.85
C PHE A 181 1.86 35.77 -12.05
N LYS A 182 1.22 34.98 -11.19
CA LYS A 182 1.36 33.53 -11.23
C LYS A 182 -0.03 32.90 -11.20
N ASN A 183 -0.31 32.06 -12.18
CA ASN A 183 -1.64 31.48 -12.35
C ASN A 183 -1.56 29.98 -12.07
N ILE A 184 -2.13 29.57 -10.94
CA ILE A 184 -2.12 28.19 -10.50
C ILE A 184 -3.43 27.89 -9.78
N ASP A 185 -3.80 26.61 -9.75
CA ASP A 185 -4.77 26.01 -8.84
C ASP A 185 -6.01 26.88 -8.59
N GLY A 186 -6.51 27.52 -9.63
CA GLY A 186 -7.66 28.38 -9.46
C GLY A 186 -7.38 29.71 -8.80
N TYR A 187 -6.17 29.91 -8.27
CA TYR A 187 -5.78 31.18 -7.67
C TYR A 187 -4.69 31.83 -8.50
N PHE A 188 -5.05 32.90 -9.19
CA PHE A 188 -4.08 33.79 -9.81
C PHE A 188 -3.80 34.90 -8.82
N LYS A 189 -2.57 34.91 -8.29
CA LYS A 189 -2.21 35.80 -7.20
C LYS A 189 -1.30 36.91 -7.70
N ILE A 190 -1.48 38.11 -7.16
CA ILE A 190 -0.74 39.28 -7.59
C ILE A 190 0.21 39.67 -6.48
N TYR A 191 1.40 40.12 -6.87
CA TYR A 191 2.44 40.54 -5.95
C TYR A 191 2.87 41.94 -6.35
N SER A 192 3.48 42.67 -5.43
CA SER A 192 3.83 44.06 -5.71
C SER A 192 5.02 44.46 -4.85
N LYS A 193 5.49 45.68 -5.05
CA LYS A 193 6.62 46.26 -4.35
C LYS A 193 6.80 47.67 -4.88
N HIS A 194 7.48 48.51 -4.09
CA HIS A 194 7.86 49.84 -4.53
C HIS A 194 9.25 50.13 -3.99
N THR A 195 10.16 50.53 -4.88
CA THR A 195 11.53 50.69 -4.48
C THR A 195 12.14 51.95 -5.09
N PRO A 196 12.95 52.67 -4.33
CA PRO A 196 13.77 53.74 -4.94
C PRO A 196 14.92 53.14 -5.74
N ILE A 197 15.23 53.77 -6.87
CA ILE A 197 16.42 53.41 -7.65
C ILE A 197 17.05 54.68 -8.19
N ASN A 198 18.34 54.85 -7.93
CA ASN A 198 19.10 55.99 -8.45
C ASN A 198 19.79 55.69 -9.77
N LEU A 199 19.83 54.43 -10.20
CA LEU A 199 20.52 54.10 -11.44
C LEU A 199 19.72 54.58 -12.64
N VAL A 200 20.42 54.76 -13.76
CA VAL A 200 19.80 55.35 -14.94
C VAL A 200 18.62 54.50 -15.42
N ARG A 201 18.84 53.20 -15.61
CA ARG A 201 17.76 52.32 -16.06
C ARG A 201 17.68 51.04 -15.25
N ASP A 202 18.67 50.16 -15.43
CA ASP A 202 18.54 48.77 -15.04
C ASP A 202 18.61 48.60 -13.52
N LEU A 203 18.51 47.36 -13.07
CA LEU A 203 18.16 47.00 -11.70
C LEU A 203 19.39 46.93 -10.81
N PRO A 204 19.22 47.16 -9.50
CA PRO A 204 20.35 47.05 -8.57
C PRO A 204 20.57 45.63 -8.09
N GLN A 205 21.46 45.48 -7.10
CA GLN A 205 21.79 44.19 -6.51
C GLN A 205 20.89 43.81 -5.34
N GLY A 206 19.98 44.69 -4.94
CA GLY A 206 19.18 44.47 -3.76
C GLY A 206 18.08 43.45 -3.96
N PHE A 207 17.60 42.90 -2.85
CA PHE A 207 16.50 41.94 -2.85
C PHE A 207 15.17 42.66 -2.74
N SER A 208 14.18 42.16 -3.47
CA SER A 208 12.84 42.74 -3.46
C SER A 208 11.85 41.68 -3.03
N ALA A 209 11.24 41.87 -1.86
CA ALA A 209 10.23 40.93 -1.39
C ALA A 209 8.84 41.43 -1.77
N LEU A 210 8.04 40.53 -2.33
CA LEU A 210 6.73 40.88 -2.86
C LEU A 210 5.66 40.14 -2.09
N GLU A 211 4.79 40.88 -1.42
CA GLU A 211 3.72 40.19 -0.72
C GLU A 211 2.60 39.88 -1.69
N PRO A 212 1.82 38.82 -1.45
CA PRO A 212 0.61 38.61 -2.26
C PRO A 212 -0.41 39.69 -1.96
N LEU A 213 -0.94 40.30 -3.01
CA LEU A 213 -1.96 41.31 -2.82
C LEU A 213 -3.32 40.66 -2.56
N VAL A 214 -3.88 40.01 -3.58
CA VAL A 214 -5.13 39.29 -3.46
C VAL A 214 -4.96 37.92 -4.10
N ASP A 215 -5.52 36.91 -3.44
CA ASP A 215 -5.55 35.56 -3.99
C ASP A 215 -6.93 35.31 -4.58
N LEU A 216 -7.06 35.39 -5.91
CA LEU A 216 -8.44 35.38 -6.47
C LEU A 216 -8.84 34.12 -7.22
N PRO A 217 -10.12 33.71 -7.15
CA PRO A 217 -10.62 32.59 -7.95
C PRO A 217 -10.61 33.05 -9.40
N ILE A 218 -9.72 32.49 -10.21
CA ILE A 218 -9.60 32.91 -11.62
C ILE A 218 -10.04 31.73 -12.49
N GLY A 219 -9.54 30.54 -12.19
CA GLY A 219 -9.92 29.33 -12.89
C GLY A 219 -9.69 29.29 -14.38
N ILE A 220 -9.06 30.33 -14.97
CA ILE A 220 -8.74 30.29 -16.39
C ILE A 220 -7.23 30.12 -16.57
N ASN A 221 -6.86 29.41 -17.64
CA ASN A 221 -5.49 29.39 -18.10
C ASN A 221 -5.23 30.63 -18.97
N ILE A 222 -4.16 31.34 -18.67
CA ILE A 222 -3.75 32.52 -19.42
C ILE A 222 -2.44 32.17 -20.11
N THR A 223 -2.48 32.04 -21.43
CA THR A 223 -1.27 31.73 -22.20
C THR A 223 -0.63 32.94 -22.88
N ARG A 224 -1.27 34.10 -22.87
CA ARG A 224 -0.72 35.23 -23.62
C ARG A 224 -1.33 36.52 -23.08
N PHE A 225 -0.65 37.63 -23.33
CA PHE A 225 -1.08 38.91 -22.77
C PHE A 225 -0.36 40.05 -23.49
N GLN A 226 -0.68 41.27 -23.06
CA GLN A 226 -0.01 42.51 -23.42
C GLN A 226 -0.33 43.51 -22.32
N THR A 227 0.49 44.55 -22.20
CA THR A 227 0.28 45.57 -21.17
C THR A 227 -0.75 46.58 -21.66
N LEU A 228 -1.03 47.57 -20.82
CA LEU A 228 -1.94 48.65 -21.16
C LEU A 228 -1.24 49.99 -20.99
N LEU A 229 -1.85 51.02 -21.56
CA LEU A 229 -1.21 52.31 -21.70
C LEU A 229 -2.20 53.41 -21.38
N ALA A 230 -1.66 54.59 -21.06
CA ALA A 230 -2.45 55.79 -20.87
C ALA A 230 -1.86 56.90 -21.74
N LEU A 231 -2.61 57.32 -22.74
CA LEU A 231 -2.17 58.35 -23.68
C LEU A 231 -3.24 59.44 -23.67
N HIS A 232 -3.02 60.52 -24.42
CA HIS A 232 -3.96 61.63 -24.40
C HIS A 232 -4.03 62.32 -25.75
N ARG A 233 -4.68 63.48 -25.77
CA ARG A 233 -4.82 64.25 -27.00
C ARG A 233 -4.10 65.59 -26.86
N SER A 234 -3.52 66.05 -27.95
CA SER A 234 -2.96 67.40 -28.00
C SER A 234 -3.71 68.22 -29.04
N TYR A 235 -3.33 69.50 -29.14
CA TYR A 235 -4.03 70.44 -30.01
C TYR A 235 -3.00 71.35 -30.67
N LEU A 236 -3.47 72.14 -31.65
CA LEU A 236 -2.66 72.40 -32.85
C LEU A 236 -1.26 72.87 -32.49
N THR A 237 -0.29 72.09 -32.95
CA THR A 237 1.15 72.34 -32.88
C THR A 237 1.77 71.72 -34.11
N PRO A 238 2.93 72.22 -34.57
CA PRO A 238 3.55 71.59 -35.73
C PRO A 238 4.12 70.21 -35.41
N SER A 243 -3.25 63.63 -34.30
CA SER A 243 -3.45 64.29 -32.98
C SER A 243 -2.29 63.92 -32.04
N GLY A 244 -2.21 64.56 -30.88
CA GLY A 244 -1.15 64.25 -29.90
C GLY A 244 -1.32 62.84 -29.34
N TRP A 245 -0.21 62.14 -29.06
CA TRP A 245 -0.25 60.75 -28.55
C TRP A 245 1.05 60.44 -27.82
N THR A 246 1.19 59.24 -27.26
CA THR A 246 2.48 58.79 -26.65
C THR A 246 3.02 59.75 -25.58
N ALA A 247 2.20 60.13 -24.60
CA ALA A 247 2.66 60.98 -23.47
C ALA A 247 3.97 60.46 -22.88
N GLY A 248 4.99 61.32 -22.72
CA GLY A 248 6.26 60.92 -22.15
C GLY A 248 6.90 59.72 -22.83
N ALA A 249 7.75 59.05 -22.06
CA ALA A 249 8.41 57.84 -22.51
C ALA A 249 7.93 56.68 -21.67
N ALA A 250 8.01 55.47 -22.21
CA ALA A 250 7.57 54.27 -21.53
C ALA A 250 8.51 53.11 -21.82
N ALA A 251 8.95 52.46 -20.75
CA ALA A 251 9.74 51.23 -20.85
C ALA A 251 9.52 50.41 -19.60
N TYR A 252 9.63 49.09 -19.73
CA TYR A 252 9.44 48.20 -18.60
C TYR A 252 10.26 46.94 -18.80
N TYR A 253 10.19 46.07 -17.79
CA TYR A 253 10.95 44.84 -17.72
C TYR A 253 10.02 43.65 -17.62
N VAL A 254 10.35 42.58 -18.34
CA VAL A 254 9.57 41.36 -18.31
C VAL A 254 10.52 40.17 -18.28
N GLY A 255 10.15 39.17 -17.49
CA GLY A 255 10.86 37.91 -17.45
C GLY A 255 9.88 36.80 -17.10
N TYR A 256 10.20 35.57 -17.45
CA TYR A 256 9.29 34.46 -17.26
C TYR A 256 9.70 33.65 -16.04
N LEU A 257 8.71 33.12 -15.34
CA LEU A 257 8.96 32.33 -14.14
C LEU A 257 9.38 30.92 -14.53
N GLN A 258 9.62 30.09 -13.51
CA GLN A 258 10.23 28.79 -13.68
C GLN A 258 10.32 28.09 -12.32
N PRO A 259 10.04 26.79 -12.25
CA PRO A 259 10.20 26.09 -10.96
C PRO A 259 11.66 26.02 -10.57
N ARG A 260 11.95 26.45 -9.34
CA ARG A 260 13.29 26.40 -8.77
C ARG A 260 13.17 26.29 -7.26
N THR A 261 14.18 25.70 -6.64
CA THR A 261 14.21 25.56 -5.19
C THR A 261 15.04 26.69 -4.61
N PHE A 262 14.40 27.57 -3.85
CA PHE A 262 15.08 28.64 -3.15
C PHE A 262 15.18 28.34 -1.67
N LEU A 263 16.32 28.70 -1.08
CA LEU A 263 16.44 28.78 0.36
C LEU A 263 16.12 30.21 0.77
N LEU A 264 15.21 30.36 1.72
CA LEU A 264 14.65 31.65 2.09
C LEU A 264 15.13 32.01 3.49
N LYS A 265 15.83 33.12 3.61
CA LYS A 265 16.29 33.59 4.91
C LYS A 265 15.39 34.72 5.38
N TYR A 266 14.54 34.41 6.35
CA TYR A 266 13.72 35.43 6.98
C TYR A 266 14.58 36.24 7.95
N ASN A 267 14.08 37.43 8.29
CA ASN A 267 14.76 38.24 9.28
C ASN A 267 14.05 38.10 10.63
N GLU A 268 14.59 38.74 11.67
CA GLU A 268 13.91 38.72 12.99
C GLU A 268 12.46 39.21 12.81
N ASN A 269 12.23 40.09 11.82
CA ASN A 269 10.86 40.63 11.57
C ASN A 269 10.19 39.89 10.41
N GLY A 270 10.83 38.84 9.89
CA GLY A 270 10.25 38.04 8.80
C GLY A 270 10.49 38.65 7.42
N THR A 271 11.31 39.70 7.35
CA THR A 271 11.64 40.34 6.04
C THR A 271 12.74 39.54 5.34
N ILE A 272 12.41 38.78 4.29
CA ILE A 272 13.39 37.98 3.60
C ILE A 272 14.40 38.88 2.90
N THR A 273 15.67 38.70 3.21
CA THR A 273 16.73 39.33 2.43
C THR A 273 17.37 38.34 1.47
N ASP A 274 18.23 37.46 1.98
CA ASP A 274 18.99 36.56 1.13
C ASP A 274 18.13 35.38 0.71
N ALA A 275 18.03 35.20 -0.60
CA ALA A 275 17.50 33.99 -1.20
C ALA A 275 18.56 33.43 -2.12
N VAL A 276 18.62 32.10 -2.24
CA VAL A 276 19.61 31.43 -3.05
C VAL A 276 18.92 30.34 -3.86
N ASP A 277 19.14 30.35 -5.16
CA ASP A 277 18.69 29.25 -6.01
C ASP A 277 19.64 28.07 -5.86
N CYS A 278 19.06 26.87 -5.85
CA CYS A 278 19.89 25.66 -5.76
C CYS A 278 20.51 25.25 -7.08
N ALA A 279 19.75 25.33 -8.17
CA ALA A 279 20.25 24.88 -9.48
C ALA A 279 21.09 25.95 -10.19
N LEU A 280 21.29 27.13 -9.59
CA LEU A 280 21.96 28.23 -10.35
C LEU A 280 23.34 27.80 -10.87
N ASP A 281 24.17 27.27 -9.99
CA ASP A 281 25.52 26.80 -10.42
C ASP A 281 25.88 25.60 -9.55
N PRO A 282 26.94 24.80 -9.85
CA PRO A 282 27.32 23.73 -8.93
C PRO A 282 27.70 24.23 -7.55
N LEU A 283 28.00 25.52 -7.41
CA LEU A 283 28.29 26.08 -6.10
C LEU A 283 27.01 26.37 -5.33
N SER A 284 25.98 26.84 -6.02
CA SER A 284 24.73 27.20 -5.37
C SER A 284 23.97 25.98 -4.86
N GLU A 285 24.20 24.80 -5.42
CA GLU A 285 23.42 23.63 -5.04
C GLU A 285 23.88 23.02 -3.72
N THR A 286 25.14 23.30 -3.35
CA THR A 286 25.71 22.82 -2.07
C THR A 286 25.18 23.67 -0.91
N LYS A 287 25.02 24.97 -1.13
CA LYS A 287 24.52 25.87 -0.07
C LYS A 287 23.09 25.46 0.28
N CYS A 288 22.46 24.64 -0.56
CA CYS A 288 21.06 24.30 -0.33
C CYS A 288 21.16 23.03 0.47
N THR A 289 22.30 22.35 0.37
CA THR A 289 22.50 21.14 1.19
C THR A 289 22.80 21.54 2.65
N LEU A 290 23.64 22.54 2.86
CA LEU A 290 23.91 22.98 4.24
C LEU A 290 22.79 23.90 4.78
N LYS A 291 21.87 24.37 3.94
CA LYS A 291 20.80 25.27 4.34
C LYS A 291 21.34 26.60 4.84
N SER A 292 22.66 26.80 4.88
CA SER A 292 23.26 27.99 5.43
C SER A 292 23.78 28.91 4.33
N PHE A 293 23.73 30.22 4.59
CA PHE A 293 24.41 31.17 3.73
C PHE A 293 25.89 31.27 4.02
N THR A 294 26.34 30.80 5.17
CA THR A 294 27.74 30.67 5.47
C THR A 294 28.15 29.25 5.14
N VAL A 295 29.21 29.10 4.36
CA VAL A 295 29.72 27.81 3.94
C VAL A 295 31.13 27.68 4.49
N GLU A 296 31.31 26.78 5.43
CA GLU A 296 32.58 26.63 6.11
C GLU A 296 33.62 26.06 5.16
N LYS A 297 34.87 26.43 5.38
CA LYS A 297 35.97 25.94 4.58
C LYS A 297 36.01 24.41 4.61
N GLY A 298 35.98 23.82 3.43
CA GLY A 298 36.01 22.38 3.33
C GLY A 298 35.37 21.91 2.05
N ILE A 299 35.20 20.60 1.95
CA ILE A 299 34.63 19.94 0.79
C ILE A 299 33.27 19.40 1.16
N TYR A 300 32.28 19.63 0.31
CA TYR A 300 30.92 19.22 0.54
C TYR A 300 30.43 18.46 -0.68
N GLN A 301 29.56 17.48 -0.46
CA GLN A 301 29.12 16.63 -1.55
C GLN A 301 27.75 17.11 -2.00
N THR A 302 27.72 17.76 -3.16
CA THR A 302 26.54 18.18 -3.89
C THR A 302 25.95 16.97 -4.61
N SER A 303 24.70 17.14 -5.06
CA SER A 303 23.97 16.06 -5.72
C SER A 303 24.78 15.45 -6.86
N ASN A 304 24.59 14.17 -7.06
CA ASN A 304 25.33 13.40 -8.03
C ASN A 304 24.97 13.83 -9.44
N PHE A 305 25.84 13.49 -10.39
CA PHE A 305 25.55 13.71 -11.79
C PHE A 305 25.58 12.37 -12.51
N ARG A 306 24.91 12.32 -13.64
CA ARG A 306 24.89 11.12 -14.48
C ARG A 306 25.15 11.54 -15.92
N VAL A 307 25.72 10.57 -16.61
CA VAL A 307 25.94 10.80 -18.04
C VAL A 307 24.62 10.32 -18.60
N GLN A 308 24.18 10.92 -19.68
CA GLN A 308 22.84 10.57 -20.16
C GLN A 308 22.97 9.91 -21.53
N PRO A 309 21.98 9.14 -22.02
CA PRO A 309 22.15 8.37 -23.26
C PRO A 309 21.91 9.23 -24.48
N THR A 310 22.74 8.99 -25.50
CA THR A 310 22.58 9.70 -26.77
C THR A 310 21.40 9.16 -27.57
N GLU A 311 21.28 7.84 -27.67
CA GLU A 311 20.35 7.22 -28.60
C GLU A 311 19.99 5.83 -28.11
N SER A 312 18.95 5.27 -28.72
CA SER A 312 18.57 3.89 -28.51
C SER A 312 19.13 3.02 -29.63
N ILE A 313 19.55 1.82 -29.29
CA ILE A 313 20.09 0.88 -30.25
C ILE A 313 19.21 -0.36 -30.23
N VAL A 314 18.37 -0.57 -31.23
CA VAL A 314 17.61 -1.86 -31.26
C VAL A 314 18.41 -2.80 -32.14
N LEU A 322 11.54 -17.55 -42.77
CA LEU A 322 10.43 -16.70 -43.29
C LEU A 322 9.24 -17.58 -43.63
N CYS A 323 8.03 -17.20 -43.18
CA CYS A 323 6.81 -17.96 -43.53
C CYS A 323 6.53 -17.78 -45.02
N PRO A 324 5.99 -18.79 -45.74
CA PRO A 324 5.78 -18.68 -47.18
C PRO A 324 4.47 -17.94 -47.50
N PHE A 325 4.51 -16.60 -47.50
CA PHE A 325 3.32 -15.78 -47.83
C PHE A 325 2.93 -16.01 -49.29
N GLY A 326 3.90 -16.39 -50.14
CA GLY A 326 3.61 -16.58 -51.57
C GLY A 326 2.56 -17.65 -51.80
N GLU A 327 2.64 -18.77 -51.07
CA GLU A 327 1.58 -19.80 -51.19
C GLU A 327 0.26 -19.23 -50.68
N VAL A 328 0.30 -18.48 -49.57
CA VAL A 328 -0.94 -17.95 -48.93
C VAL A 328 -1.65 -16.93 -49.83
N PHE A 329 -0.97 -15.98 -50.47
CA PHE A 329 -1.63 -14.90 -51.24
C PHE A 329 -1.23 -14.90 -52.73
N ASN A 330 0.04 -15.09 -53.05
CA ASN A 330 0.50 -14.96 -54.46
C ASN A 330 -0.14 -15.99 -55.38
N ALA A 331 -0.38 -17.22 -54.91
CA ALA A 331 -0.88 -18.29 -55.81
C ALA A 331 -2.19 -17.86 -56.50
N THR A 332 -2.26 -18.03 -57.83
CA THR A 332 -3.46 -17.64 -58.60
C THR A 332 -4.68 -18.46 -58.21
N ARG A 333 -4.51 -19.77 -57.99
CA ARG A 333 -5.67 -20.66 -57.73
C ARG A 333 -5.72 -21.05 -56.25
N PHE A 334 -6.92 -20.98 -55.65
CA PHE A 334 -7.08 -21.31 -54.20
C PHE A 334 -8.22 -22.32 -54.03
N ALA A 335 -8.24 -23.02 -52.89
CA ALA A 335 -9.27 -24.06 -52.65
C ALA A 335 -10.66 -23.41 -52.61
N SER A 336 -11.69 -24.13 -53.06
CA SER A 336 -13.07 -23.57 -53.11
C SER A 336 -13.59 -23.36 -51.69
N VAL A 337 -14.56 -22.46 -51.52
CA VAL A 337 -15.07 -22.14 -50.15
C VAL A 337 -15.70 -23.39 -49.51
N TYR A 338 -16.40 -24.23 -50.28
CA TYR A 338 -17.10 -25.41 -49.70
C TYR A 338 -16.09 -26.34 -49.04
N ALA A 339 -14.94 -26.60 -49.69
CA ALA A 339 -13.87 -27.41 -49.06
C ALA A 339 -12.58 -26.59 -49.10
N TRP A 340 -12.07 -26.17 -47.94
CA TRP A 340 -10.90 -25.25 -47.94
C TRP A 340 -9.69 -25.87 -47.24
N ASN A 341 -8.52 -25.81 -47.86
CA ASN A 341 -7.28 -26.30 -47.19
C ASN A 341 -6.94 -25.35 -46.04
N ARG A 342 -6.44 -25.89 -44.93
CA ARG A 342 -6.02 -25.03 -43.78
C ARG A 342 -4.50 -25.13 -43.65
N LYS A 343 -3.81 -23.99 -43.60
CA LYS A 343 -2.32 -24.01 -43.55
C LYS A 343 -1.85 -23.47 -42.20
N ARG A 344 -0.99 -24.21 -41.50
CA ARG A 344 -0.43 -23.72 -40.21
C ARG A 344 1.06 -23.41 -40.41
N ILE A 345 1.49 -22.20 -40.05
CA ILE A 345 2.93 -21.83 -40.15
C ILE A 345 3.49 -21.61 -38.75
N SER A 346 4.57 -22.31 -38.40
CA SER A 346 5.16 -22.19 -37.05
C SER A 346 6.69 -22.13 -37.15
N ASN A 347 7.34 -21.42 -36.22
CA ASN A 347 8.84 -21.35 -36.16
C ASN A 347 9.38 -20.51 -37.32
N CYS A 348 8.53 -19.72 -37.97
CA CYS A 348 9.00 -18.82 -39.06
C CYS A 348 8.65 -17.37 -38.71
N VAL A 349 9.61 -16.45 -38.86
CA VAL A 349 9.31 -15.01 -38.61
C VAL A 349 8.27 -14.56 -39.62
N ALA A 350 7.21 -13.87 -39.17
CA ALA A 350 6.14 -13.41 -40.09
C ALA A 350 5.99 -11.89 -39.98
N ASP A 351 6.03 -11.18 -41.11
CA ASP A 351 5.88 -9.70 -41.11
C ASP A 351 4.55 -9.33 -41.75
N TYR A 352 3.71 -8.59 -41.04
CA TYR A 352 2.42 -8.13 -41.61
C TYR A 352 2.57 -6.69 -42.11
N SER A 353 3.62 -6.00 -41.65
CA SER A 353 3.88 -4.62 -42.14
C SER A 353 4.20 -4.66 -43.63
N VAL A 354 5.00 -5.63 -44.07
CA VAL A 354 5.37 -5.75 -45.51
C VAL A 354 4.11 -6.00 -46.33
N LEU A 355 3.19 -6.82 -45.81
CA LEU A 355 1.92 -7.13 -46.53
C LEU A 355 1.16 -5.81 -46.72
N TYR A 356 1.08 -4.99 -45.67
CA TYR A 356 0.38 -3.67 -45.75
C TYR A 356 1.15 -2.73 -46.69
N ASN A 357 2.48 -2.73 -46.61
CA ASN A 357 3.30 -1.80 -47.43
C ASN A 357 3.12 -2.11 -48.92
N SER A 358 3.08 -3.40 -49.28
CA SER A 358 2.89 -3.80 -50.69
C SER A 358 1.51 -3.31 -51.15
N ALA A 359 0.49 -3.45 -50.30
CA ALA A 359 -0.89 -3.01 -50.63
C ALA A 359 -1.37 -3.75 -51.88
N SER A 360 -0.87 -4.98 -52.09
CA SER A 360 -1.33 -5.80 -53.24
C SER A 360 -2.81 -6.15 -53.05
N PHE A 361 -3.19 -6.25 -51.77
CA PHE A 361 -4.56 -6.67 -51.43
C PHE A 361 -5.51 -5.49 -51.55
N SER A 362 -6.62 -5.61 -52.29
CA SER A 362 -7.46 -4.40 -52.50
C SER A 362 -7.92 -3.86 -51.14
N THR A 363 -8.33 -4.76 -50.23
CA THR A 363 -8.71 -4.33 -48.85
C THR A 363 -7.97 -5.17 -47.82
N PHE A 364 -7.33 -4.53 -46.84
CA PHE A 364 -6.68 -5.28 -45.74
C PHE A 364 -7.52 -5.03 -44.48
N LYS A 365 -8.14 -6.08 -43.92
CA LYS A 365 -9.05 -5.84 -42.77
C LYS A 365 -8.74 -6.78 -41.61
N CYS A 366 -8.53 -6.22 -40.40
CA CYS A 366 -8.37 -7.07 -39.20
C CYS A 366 -9.45 -6.62 -38.21
N TYR A 367 -10.36 -7.52 -37.80
CA TYR A 367 -11.50 -7.11 -36.96
C TYR A 367 -11.05 -6.57 -35.59
N GLY A 368 -10.13 -7.26 -34.92
CA GLY A 368 -9.73 -6.84 -33.55
C GLY A 368 -8.24 -6.49 -33.45
N VAL A 369 -7.53 -6.43 -34.57
CA VAL A 369 -6.05 -6.21 -34.51
C VAL A 369 -5.61 -5.21 -35.59
N SER A 370 -4.37 -4.72 -35.49
CA SER A 370 -3.82 -3.80 -36.52
C SER A 370 -2.52 -4.42 -37.05
N PRO A 371 -2.11 -4.20 -38.31
CA PRO A 371 -0.92 -4.86 -38.86
C PRO A 371 0.34 -4.49 -38.08
N THR A 372 0.49 -3.22 -37.69
CA THR A 372 1.65 -2.80 -36.86
C THR A 372 1.60 -3.52 -35.51
N LYS A 373 0.40 -3.64 -34.92
CA LYS A 373 0.23 -4.37 -33.64
C LYS A 373 0.58 -5.85 -33.83
N LEU A 374 0.23 -6.43 -34.99
CA LEU A 374 0.50 -7.86 -35.25
C LEU A 374 2.02 -8.12 -35.23
N ASN A 375 2.80 -7.19 -35.80
CA ASN A 375 4.29 -7.34 -35.76
C ASN A 375 4.77 -7.32 -34.31
N ASP A 376 4.24 -6.40 -33.50
CA ASP A 376 4.65 -6.31 -32.06
C ASP A 376 4.22 -7.59 -31.34
N LEU A 377 3.01 -8.08 -31.61
CA LEU A 377 2.48 -9.28 -30.91
C LEU A 377 3.18 -10.55 -31.42
N CYS A 378 3.27 -11.58 -30.57
CA CYS A 378 3.88 -12.87 -31.00
C CYS A 378 2.85 -13.99 -30.84
N PHE A 379 2.65 -14.80 -31.90
CA PHE A 379 1.65 -15.89 -31.86
C PHE A 379 2.33 -17.23 -32.13
N THR A 380 2.10 -18.23 -31.26
CA THR A 380 2.74 -19.55 -31.43
C THR A 380 2.29 -20.21 -32.74
N ASN A 381 0.99 -20.14 -33.05
CA ASN A 381 0.46 -20.82 -34.26
C ASN A 381 -0.28 -19.79 -35.14
N VAL A 382 0.02 -19.77 -36.43
CA VAL A 382 -0.71 -18.87 -37.38
C VAL A 382 -1.45 -19.77 -38.38
N TYR A 383 -2.75 -19.57 -38.55
CA TYR A 383 -3.56 -20.44 -39.45
C TYR A 383 -4.10 -19.61 -40.62
N ALA A 384 -3.92 -20.09 -41.85
CA ALA A 384 -4.41 -19.35 -43.03
C ALA A 384 -5.48 -20.18 -43.75
N ASP A 385 -6.66 -19.59 -43.97
CA ASP A 385 -7.74 -20.29 -44.73
C ASP A 385 -7.93 -19.53 -46.04
N SER A 386 -7.78 -20.18 -47.19
CA SER A 386 -7.85 -19.43 -48.47
C SER A 386 -9.00 -19.93 -49.36
N PHE A 387 -9.88 -19.02 -49.80
CA PHE A 387 -11.02 -19.39 -50.69
C PHE A 387 -11.29 -18.22 -51.64
N VAL A 388 -11.82 -18.50 -52.84
CA VAL A 388 -12.17 -17.40 -53.78
C VAL A 388 -13.70 -17.24 -53.81
N ILE A 389 -14.20 -16.05 -53.44
CA ILE A 389 -15.67 -15.80 -53.37
C ILE A 389 -15.94 -14.41 -53.96
N ARG A 390 -17.18 -14.13 -54.35
CA ARG A 390 -17.54 -12.81 -54.95
C ARG A 390 -17.49 -11.74 -53.85
N GLY A 391 -17.38 -10.46 -54.23
CA GLY A 391 -17.22 -9.37 -53.25
C GLY A 391 -18.40 -9.27 -52.27
N ASP A 392 -19.62 -9.49 -52.74
CA ASP A 392 -20.80 -9.49 -51.83
C ASP A 392 -20.64 -10.60 -50.80
N GLU A 393 -20.15 -11.77 -51.23
CA GLU A 393 -19.91 -12.91 -50.30
C GLU A 393 -18.82 -12.54 -49.29
N VAL A 394 -17.81 -11.77 -49.71
CA VAL A 394 -16.73 -11.33 -48.76
C VAL A 394 -17.38 -10.49 -47.66
N ARG A 395 -18.34 -9.64 -48.02
CA ARG A 395 -19.07 -8.81 -47.01
C ARG A 395 -19.81 -9.76 -46.05
N GLN A 396 -20.39 -10.83 -46.57
CA GLN A 396 -21.13 -11.81 -45.73
C GLN A 396 -20.17 -12.45 -44.73
N ILE A 397 -18.93 -12.73 -45.13
CA ILE A 397 -17.99 -13.44 -44.21
C ILE A 397 -17.54 -12.48 -43.10
N ALA A 398 -17.85 -12.82 -41.84
CA ALA A 398 -17.38 -12.00 -40.69
C ALA A 398 -17.48 -12.87 -39.44
N PRO A 399 -16.63 -12.69 -38.40
CA PRO A 399 -16.80 -13.44 -37.15
C PRO A 399 -17.93 -12.79 -36.35
N GLY A 400 -18.92 -13.60 -35.93
CA GLY A 400 -20.07 -13.06 -35.17
C GLY A 400 -21.12 -12.44 -36.07
N GLN A 401 -20.95 -12.55 -37.41
CA GLN A 401 -21.97 -12.02 -38.35
C GLN A 401 -22.56 -13.18 -39.16
N THR A 402 -23.90 -13.30 -39.19
CA THR A 402 -24.55 -14.35 -40.00
C THR A 402 -24.43 -14.03 -41.49
N GLY A 403 -24.16 -15.03 -42.33
CA GLY A 403 -24.06 -14.83 -43.78
C GLY A 403 -24.51 -16.07 -44.52
N LYS A 404 -24.89 -15.95 -45.80
CA LYS A 404 -25.24 -17.17 -46.58
C LYS A 404 -24.00 -18.07 -46.64
N ILE A 405 -22.84 -17.48 -46.88
CA ILE A 405 -21.56 -18.25 -46.92
C ILE A 405 -21.33 -18.86 -45.53
N ALA A 406 -21.55 -18.07 -44.47
CA ALA A 406 -21.33 -18.54 -43.09
C ALA A 406 -22.25 -19.72 -42.78
N ASP A 407 -23.51 -19.64 -43.21
CA ASP A 407 -24.52 -20.69 -42.88
C ASP A 407 -24.16 -22.04 -43.50
N TYR A 408 -23.66 -22.06 -44.75
CA TYR A 408 -23.48 -23.39 -45.41
C TYR A 408 -22.02 -23.80 -45.63
N ASN A 409 -21.35 -23.28 -46.66
CA ASN A 409 -20.00 -23.78 -47.04
C ASN A 409 -18.92 -23.57 -45.97
N TYR A 410 -18.84 -22.40 -45.34
CA TYR A 410 -17.73 -22.14 -44.38
C TYR A 410 -18.26 -21.38 -43.16
N LYS A 411 -17.78 -21.71 -41.96
CA LYS A 411 -18.32 -21.05 -40.73
C LYS A 411 -17.18 -20.40 -39.93
N LEU A 412 -17.42 -19.20 -39.37
CA LEU A 412 -16.40 -18.50 -38.56
C LEU A 412 -16.84 -18.53 -37.09
N PRO A 413 -16.00 -18.95 -36.12
CA PRO A 413 -16.36 -18.89 -34.71
C PRO A 413 -16.58 -17.44 -34.28
N ASP A 414 -17.67 -17.17 -33.55
CA ASP A 414 -17.98 -15.78 -33.11
C ASP A 414 -16.89 -15.30 -32.14
N ASP A 415 -16.48 -16.15 -31.21
CA ASP A 415 -15.46 -15.78 -30.19
C ASP A 415 -14.11 -15.50 -30.87
N PHE A 416 -13.75 -16.28 -31.90
CA PHE A 416 -12.42 -16.14 -32.55
C PHE A 416 -12.29 -14.76 -33.20
N THR A 417 -11.09 -14.16 -33.12
CA THR A 417 -10.83 -12.87 -33.80
C THR A 417 -9.87 -13.14 -34.96
N GLY A 418 -10.23 -12.72 -36.18
CA GLY A 418 -9.37 -13.04 -37.34
C GLY A 418 -9.23 -11.90 -38.33
N CYS A 419 -8.18 -11.94 -39.14
CA CYS A 419 -8.00 -10.89 -40.20
C CYS A 419 -8.52 -11.44 -41.53
N VAL A 420 -9.47 -10.75 -42.15
CA VAL A 420 -9.99 -11.18 -43.48
C VAL A 420 -9.39 -10.26 -44.54
N ILE A 421 -8.62 -10.81 -45.48
CA ILE A 421 -7.95 -9.97 -46.51
C ILE A 421 -8.51 -10.36 -47.89
N ALA A 422 -9.02 -9.39 -48.65
CA ALA A 422 -9.64 -9.70 -49.96
C ALA A 422 -9.00 -8.89 -51.08
N TRP A 423 -8.71 -9.51 -52.22
CA TRP A 423 -8.07 -8.82 -53.37
C TRP A 423 -8.71 -9.26 -54.68
N ASN A 424 -9.22 -8.31 -55.46
CA ASN A 424 -10.00 -8.69 -56.67
C ASN A 424 -9.13 -9.58 -57.58
N SER A 425 -9.69 -10.69 -58.04
CA SER A 425 -8.94 -11.63 -58.92
C SER A 425 -9.58 -11.66 -60.31
N ASN A 426 -10.34 -10.62 -60.67
CA ASN A 426 -11.07 -10.63 -61.96
C ASN A 426 -10.06 -10.74 -63.12
N ASN A 427 -8.92 -10.06 -63.01
CA ASN A 427 -7.95 -10.07 -64.14
C ASN A 427 -7.47 -11.49 -64.41
N LEU A 428 -7.19 -12.28 -63.37
CA LEU A 428 -6.61 -13.64 -63.59
C LEU A 428 -7.67 -14.74 -63.42
N ASP A 429 -8.39 -14.76 -62.29
CA ASP A 429 -9.36 -15.86 -62.04
C ASP A 429 -10.52 -15.81 -63.05
N SER A 430 -11.05 -14.61 -63.32
CA SER A 430 -12.11 -14.50 -64.36
C SER A 430 -11.48 -14.67 -65.74
N LYS A 431 -12.14 -15.43 -66.63
CA LYS A 431 -11.57 -15.72 -67.97
C LYS A 431 -12.67 -15.67 -69.02
N VAL A 432 -12.30 -15.55 -70.29
CA VAL A 432 -13.32 -15.61 -71.39
C VAL A 432 -13.96 -17.01 -71.29
N GLY A 433 -13.15 -18.01 -70.96
CA GLY A 433 -13.67 -19.39 -70.79
C GLY A 433 -14.69 -19.46 -69.67
N GLY A 434 -14.56 -18.59 -68.65
CA GLY A 434 -15.48 -18.65 -67.49
C GLY A 434 -15.43 -20.00 -66.81
N ASN A 435 -14.23 -20.46 -66.44
CA ASN A 435 -14.07 -21.82 -65.84
C ASN A 435 -14.93 -21.93 -64.58
N TYR A 436 -15.56 -23.09 -64.37
CA TYR A 436 -16.48 -23.28 -63.22
C TYR A 436 -15.80 -24.09 -62.11
N ASN A 437 -14.47 -24.13 -62.09
CA ASN A 437 -13.74 -24.97 -61.09
C ASN A 437 -14.08 -24.52 -59.67
N TYR A 438 -14.16 -23.21 -59.42
CA TYR A 438 -14.57 -22.71 -58.07
C TYR A 438 -16.01 -23.15 -57.78
N LEU A 439 -16.30 -23.52 -56.53
CA LEU A 439 -17.65 -24.04 -56.19
C LEU A 439 -18.05 -23.58 -54.79
N TYR A 440 -19.36 -23.43 -54.53
CA TYR A 440 -19.85 -23.06 -53.17
C TYR A 440 -21.09 -23.89 -52.83
N ARG A 441 -21.43 -23.99 -51.55
CA ARG A 441 -22.61 -24.78 -51.13
C ARG A 441 -23.85 -23.88 -51.10
N LEU A 442 -24.78 -24.07 -52.04
CA LEU A 442 -26.04 -23.28 -52.08
C LEU A 442 -26.88 -23.57 -50.84
N PHE A 443 -27.00 -24.84 -50.44
CA PHE A 443 -27.90 -25.20 -49.30
C PHE A 443 -27.27 -26.31 -48.45
N ARG A 444 -27.56 -26.31 -47.14
CA ARG A 444 -27.09 -27.41 -46.25
C ARG A 444 -28.22 -27.74 -45.27
N LYS A 445 -28.35 -29.00 -44.87
CA LYS A 445 -29.43 -29.42 -43.94
C LYS A 445 -29.26 -28.71 -42.59
N SER A 446 -28.01 -28.59 -42.12
CA SER A 446 -27.73 -27.89 -40.83
C SER A 446 -26.57 -26.92 -41.04
N ASN A 447 -26.47 -25.89 -40.20
CA ASN A 447 -25.30 -24.96 -40.31
C ASN A 447 -24.02 -25.73 -39.99
N LEU A 448 -22.96 -25.49 -40.77
CA LEU A 448 -21.67 -26.22 -40.56
C LEU A 448 -21.04 -25.78 -39.24
N LYS A 449 -20.31 -26.69 -38.59
CA LYS A 449 -19.60 -26.34 -37.32
C LYS A 449 -18.48 -25.34 -37.65
N PRO A 450 -18.12 -24.42 -36.72
CA PRO A 450 -17.13 -23.39 -37.02
C PRO A 450 -15.77 -23.97 -37.41
N PHE A 451 -15.11 -23.36 -38.41
CA PHE A 451 -13.80 -23.84 -38.90
C PHE A 451 -13.87 -25.30 -39.38
N GLU A 452 -14.98 -25.67 -40.05
CA GLU A 452 -15.11 -27.04 -40.60
C GLU A 452 -15.60 -26.94 -42.05
N ARG A 453 -15.30 -27.96 -42.87
CA ARG A 453 -15.77 -27.99 -44.28
C ARG A 453 -16.58 -29.26 -44.50
N ASP A 454 -17.47 -29.26 -45.49
CA ASP A 454 -18.24 -30.49 -45.83
C ASP A 454 -18.10 -30.76 -47.33
N ILE A 455 -17.77 -32.01 -47.70
CA ILE A 455 -17.63 -32.39 -49.14
C ILE A 455 -18.85 -33.21 -49.58
N SER A 456 -19.87 -33.33 -48.73
CA SER A 456 -21.03 -34.20 -49.06
C SER A 456 -21.75 -33.69 -50.31
N THR A 457 -22.08 -34.60 -51.24
CA THR A 457 -22.81 -34.21 -52.48
C THR A 457 -24.27 -34.69 -52.39
N GLU A 458 -24.68 -35.23 -51.23
CA GLU A 458 -26.06 -35.79 -51.12
C GLU A 458 -27.06 -34.65 -51.33
N ILE A 459 -28.12 -34.89 -52.10
CA ILE A 459 -29.08 -33.80 -52.45
C ILE A 459 -29.71 -33.24 -51.16
N TYR A 460 -29.79 -31.91 -51.05
CA TYR A 460 -30.39 -31.27 -49.84
C TYR A 460 -31.86 -31.66 -49.76
N GLN A 461 -32.33 -32.07 -48.58
CA GLN A 461 -33.74 -32.54 -48.42
C GLN A 461 -34.66 -31.35 -48.12
N ALA A 462 -34.92 -30.48 -49.09
CA ALA A 462 -35.89 -29.39 -48.88
C ALA A 462 -37.28 -29.99 -48.70
N GLY A 463 -37.63 -31.00 -49.51
CA GLY A 463 -38.95 -31.66 -49.43
C GLY A 463 -39.03 -32.59 -48.23
N SER A 464 -40.25 -32.86 -47.75
CA SER A 464 -40.44 -33.83 -46.64
C SER A 464 -39.96 -35.21 -47.07
N THR A 465 -40.25 -35.59 -48.32
CA THR A 465 -39.78 -36.91 -48.85
C THR A 465 -38.25 -36.91 -48.92
N PRO A 466 -37.57 -38.00 -48.51
CA PRO A 466 -36.11 -38.08 -48.60
C PRO A 466 -35.60 -38.07 -50.04
N CYS A 467 -34.55 -37.31 -50.32
CA CYS A 467 -33.95 -37.29 -51.69
C CYS A 467 -33.37 -38.67 -52.01
N ASN A 468 -32.76 -39.33 -51.02
CA ASN A 468 -32.17 -40.70 -51.20
C ASN A 468 -30.89 -40.62 -52.05
N GLY A 469 -30.26 -39.45 -52.13
CA GLY A 469 -28.99 -39.31 -52.87
C GLY A 469 -29.20 -39.17 -54.37
N VAL A 470 -30.45 -39.06 -54.81
CA VAL A 470 -30.76 -38.89 -56.26
C VAL A 470 -31.64 -37.64 -56.42
N GLU A 471 -31.48 -36.92 -57.54
CA GLU A 471 -32.26 -35.67 -57.75
C GLU A 471 -33.75 -36.02 -57.82
N GLY A 472 -34.61 -35.21 -57.19
CA GLY A 472 -36.05 -35.51 -57.17
C GLY A 472 -36.86 -34.23 -57.05
N PHE A 473 -38.19 -34.32 -57.23
CA PHE A 473 -39.04 -33.12 -57.05
C PHE A 473 -38.90 -32.65 -55.59
N ASN A 474 -38.74 -31.33 -55.38
CA ASN A 474 -38.58 -30.74 -54.03
C ASN A 474 -37.19 -31.08 -53.46
N CYS A 475 -36.27 -31.56 -54.31
CA CYS A 475 -34.88 -31.82 -53.86
C CYS A 475 -33.92 -30.93 -54.66
N TYR A 476 -33.06 -30.17 -53.98
CA TYR A 476 -32.15 -29.22 -54.68
C TYR A 476 -30.70 -29.58 -54.35
N PHE A 477 -29.83 -29.62 -55.36
CA PHE A 477 -28.43 -30.05 -55.12
C PHE A 477 -27.77 -29.09 -54.12
N PRO A 478 -27.05 -29.60 -53.10
CA PRO A 478 -26.45 -28.75 -52.07
C PRO A 478 -25.36 -27.83 -52.63
N LEU A 479 -24.56 -28.32 -53.59
CA LEU A 479 -23.40 -27.53 -54.10
C LEU A 479 -23.77 -26.83 -55.41
N GLN A 480 -23.50 -25.52 -55.51
CA GLN A 480 -23.74 -24.78 -56.78
C GLN A 480 -22.38 -24.27 -57.30
N SER A 481 -22.05 -24.55 -58.56
CA SER A 481 -20.72 -24.15 -59.10
C SER A 481 -20.61 -22.63 -59.24
N TYR A 482 -19.47 -22.06 -58.84
CA TYR A 482 -19.23 -20.60 -59.00
C TYR A 482 -18.96 -20.28 -60.47
N GLY A 483 -19.48 -19.16 -60.97
CA GLY A 483 -19.15 -18.72 -62.34
C GLY A 483 -18.48 -17.36 -62.32
N PHE A 484 -17.25 -17.26 -62.83
CA PHE A 484 -16.51 -15.98 -62.78
C PHE A 484 -16.12 -15.54 -64.19
N GLN A 485 -16.48 -14.30 -64.56
CA GLN A 485 -16.22 -13.80 -65.95
C GLN A 485 -15.74 -12.34 -65.85
N PRO A 486 -15.07 -11.77 -66.88
CA PRO A 486 -14.66 -10.36 -66.88
C PRO A 486 -15.88 -9.43 -66.78
N THR A 487 -17.02 -9.84 -67.33
CA THR A 487 -18.26 -9.03 -67.32
C THR A 487 -18.74 -8.81 -65.88
N ASN A 488 -18.34 -9.69 -64.95
CA ASN A 488 -18.85 -9.60 -63.55
C ASN A 488 -18.56 -8.21 -62.96
N GLY A 489 -19.55 -7.64 -62.24
CA GLY A 489 -19.37 -6.33 -61.59
C GLY A 489 -18.50 -6.46 -60.36
N VAL A 490 -18.08 -5.35 -59.74
CA VAL A 490 -17.12 -5.45 -58.59
C VAL A 490 -17.75 -6.32 -57.49
N GLY A 491 -19.06 -6.18 -57.24
CA GLY A 491 -19.73 -7.04 -56.25
C GLY A 491 -19.69 -8.51 -56.68
N TYR A 492 -19.88 -8.79 -57.97
CA TYR A 492 -19.89 -10.20 -58.48
C TYR A 492 -18.46 -10.67 -58.78
N GLN A 493 -17.47 -9.76 -58.77
CA GLN A 493 -16.08 -10.12 -59.14
C GLN A 493 -15.49 -11.10 -58.12
N PRO A 494 -14.70 -12.11 -58.54
CA PRO A 494 -14.06 -13.02 -57.61
C PRO A 494 -13.02 -12.30 -56.74
N TYR A 495 -13.01 -12.58 -55.44
CA TYR A 495 -12.00 -11.99 -54.53
C TYR A 495 -11.32 -13.14 -53.78
N ARG A 496 -10.00 -13.22 -53.83
CA ARG A 496 -9.31 -14.27 -53.02
C ARG A 496 -9.35 -13.81 -51.57
N VAL A 497 -9.78 -14.69 -50.65
CA VAL A 497 -9.94 -14.25 -49.22
C VAL A 497 -9.06 -15.13 -48.32
N VAL A 498 -8.27 -14.49 -47.45
CA VAL A 498 -7.44 -15.27 -46.48
C VAL A 498 -7.91 -14.92 -45.06
N VAL A 499 -8.19 -15.95 -44.24
CA VAL A 499 -8.61 -15.72 -42.83
C VAL A 499 -7.44 -16.12 -41.92
N LEU A 500 -7.03 -15.25 -41.00
CA LEU A 500 -5.84 -15.54 -40.16
C LEU A 500 -6.26 -15.83 -38.72
N SER A 501 -5.81 -16.97 -38.18
CA SER A 501 -6.14 -17.34 -36.77
C SER A 501 -4.84 -17.36 -35.96
N PHE A 502 -4.82 -16.70 -34.80
CA PHE A 502 -3.55 -16.60 -34.03
C PHE A 502 -3.71 -17.23 -32.64
N GLU A 503 -2.78 -18.10 -32.25
CA GLU A 503 -2.79 -18.68 -30.87
C GLU A 503 -2.55 -17.55 -29.87
N LEU A 504 -1.71 -16.57 -30.22
CA LEU A 504 -1.40 -15.41 -29.35
C LEU A 504 -0.69 -15.86 -28.07
N LEU A 505 -1.18 -15.41 -26.90
CA LEU A 505 -0.49 -15.70 -25.61
C LEU A 505 -0.93 -17.06 -25.03
N HIS A 506 -0.47 -17.37 -23.81
CA HIS A 506 -0.82 -18.64 -23.09
C HIS A 506 0.10 -19.78 -23.54
N ALA A 507 1.07 -19.51 -24.41
CA ALA A 507 2.05 -20.54 -24.82
C ALA A 507 3.33 -19.84 -25.31
N PRO A 508 4.51 -20.48 -25.32
CA PRO A 508 5.72 -19.87 -25.88
C PRO A 508 5.43 -19.60 -27.36
N ALA A 509 5.80 -18.43 -27.87
CA ALA A 509 5.42 -18.09 -29.26
C ALA A 509 6.50 -18.53 -30.25
N THR A 510 6.19 -19.53 -31.09
CA THR A 510 7.14 -20.00 -32.13
C THR A 510 7.33 -18.87 -33.16
N VAL A 511 6.27 -18.16 -33.51
CA VAL A 511 6.34 -17.09 -34.55
C VAL A 511 6.35 -15.72 -33.87
N CYS A 512 7.36 -14.90 -34.16
CA CYS A 512 7.41 -13.52 -33.60
C CYS A 512 7.56 -12.52 -34.76
N ASN A 519 21.50 1.16 -36.08
CA ASN A 519 22.99 1.10 -36.13
C ASN A 519 23.56 1.10 -34.73
N LEU A 520 24.53 0.23 -34.49
CA LEU A 520 25.16 0.05 -33.16
C LEU A 520 26.03 1.27 -32.83
N VAL A 521 26.13 1.62 -31.55
CA VAL A 521 26.95 2.78 -31.09
C VAL A 521 28.16 2.24 -30.32
N LYS A 522 29.37 2.70 -30.66
CA LYS A 522 30.61 2.23 -29.99
C LYS A 522 31.31 3.39 -29.30
N ASN A 523 31.73 3.19 -28.04
CA ASN A 523 32.46 4.20 -27.23
C ASN A 523 31.61 5.46 -27.06
N LYS A 524 30.33 5.30 -26.71
CA LYS A 524 29.44 6.43 -26.51
C LYS A 524 28.23 5.94 -25.73
N CYS A 525 27.85 6.69 -24.69
CA CYS A 525 26.71 6.29 -23.88
C CYS A 525 25.47 6.15 -24.75
N VAL A 526 24.84 4.99 -24.69
CA VAL A 526 23.69 4.69 -25.51
C VAL A 526 22.70 3.86 -24.72
N ASN A 527 21.43 4.19 -24.82
CA ASN A 527 20.41 3.22 -24.50
C ASN A 527 20.47 2.12 -25.55
N PHE A 528 20.03 0.93 -25.19
CA PHE A 528 20.17 -0.17 -26.14
C PHE A 528 19.12 -1.23 -25.90
N ASN A 529 18.91 -2.03 -26.94
CA ASN A 529 18.24 -3.32 -26.85
C ASN A 529 18.97 -4.30 -27.75
N PHE A 530 19.33 -5.45 -27.20
CA PHE A 530 19.84 -6.59 -27.96
C PHE A 530 18.92 -7.77 -27.73
N ASN A 531 18.27 -8.24 -28.78
CA ASN A 531 17.47 -9.46 -28.73
C ASN A 531 16.40 -9.38 -27.66
N GLY A 532 15.96 -8.17 -27.33
CA GLY A 532 15.04 -7.94 -26.26
C GLY A 532 15.71 -7.60 -24.94
N LEU A 533 16.96 -8.01 -24.74
CA LEU A 533 17.71 -7.57 -23.58
C LEU A 533 17.89 -6.06 -23.64
N THR A 534 17.51 -5.37 -22.57
CA THR A 534 17.60 -3.91 -22.56
C THR A 534 18.40 -3.43 -21.37
N GLY A 535 19.07 -2.30 -21.59
CA GLY A 535 19.81 -1.62 -20.53
C GLY A 535 20.42 -0.36 -21.09
N THR A 536 21.31 0.24 -20.31
CA THR A 536 22.02 1.42 -20.79
C THR A 536 23.48 1.33 -20.38
N GLY A 537 24.36 1.49 -21.34
CA GLY A 537 25.77 1.33 -21.04
C GLY A 537 26.64 1.93 -22.11
N VAL A 538 27.93 1.65 -22.01
CA VAL A 538 28.93 2.07 -22.98
C VAL A 538 29.44 0.81 -23.65
N LEU A 539 29.07 0.63 -24.92
CA LEU A 539 29.41 -0.59 -25.64
C LEU A 539 30.80 -0.46 -26.24
N THR A 540 31.63 -1.46 -26.02
CA THR A 540 33.01 -1.45 -26.49
C THR A 540 33.35 -2.80 -27.11
N GLU A 541 34.49 -2.84 -27.79
CA GLU A 541 35.06 -4.11 -28.21
C GLU A 541 35.69 -4.80 -27.02
N SER A 542 35.48 -6.11 -26.92
CA SER A 542 35.96 -6.87 -25.78
C SER A 542 36.45 -8.23 -26.23
N ASN A 543 37.49 -8.73 -25.56
CA ASN A 543 38.18 -9.94 -25.95
C ASN A 543 37.73 -11.18 -25.19
N LYS A 544 36.80 -11.06 -24.24
CA LYS A 544 36.27 -12.24 -23.60
C LYS A 544 35.57 -13.12 -24.62
N LYS A 545 35.70 -14.42 -24.47
CA LYS A 545 35.45 -15.37 -25.56
C LYS A 545 34.30 -16.30 -25.18
N PHE A 546 33.20 -16.14 -25.92
CA PHE A 546 31.94 -16.88 -25.68
C PHE A 546 31.99 -18.21 -26.44
N LEU A 547 31.41 -19.25 -25.84
CA LEU A 547 31.08 -20.52 -26.56
C LEU A 547 29.91 -20.24 -27.52
N PRO A 548 29.85 -20.89 -28.70
CA PRO A 548 28.88 -20.55 -29.75
C PRO A 548 27.45 -20.26 -29.26
N PHE A 549 26.84 -21.19 -28.53
CA PHE A 549 25.40 -21.13 -28.29
C PHE A 549 25.02 -20.00 -27.35
N GLN A 550 25.98 -19.45 -26.64
CA GLN A 550 25.71 -18.52 -25.55
C GLN A 550 25.14 -17.20 -26.07
N GLN A 551 24.54 -16.46 -25.16
CA GLN A 551 24.04 -15.14 -25.47
C GLN A 551 24.74 -14.08 -24.62
N PHE A 552 24.32 -13.97 -23.36
CA PHE A 552 24.86 -12.98 -22.46
C PHE A 552 26.23 -13.38 -21.95
N GLY A 553 26.95 -12.40 -21.43
CA GLY A 553 27.85 -12.61 -20.33
C GLY A 553 27.24 -12.04 -19.07
N ARG A 554 27.83 -12.38 -17.94
CA ARG A 554 27.42 -11.80 -16.67
C ARG A 554 28.60 -11.69 -15.73
N ASP A 555 28.43 -10.84 -14.72
CA ASP A 555 29.45 -10.58 -13.72
C ASP A 555 29.03 -11.25 -12.41
N ILE A 556 29.85 -11.06 -11.38
CA ILE A 556 29.58 -11.65 -10.08
C ILE A 556 28.22 -11.22 -9.55
N ALA A 557 27.80 -10.00 -9.87
CA ALA A 557 26.67 -9.36 -9.22
C ALA A 557 25.34 -9.63 -9.92
N ASP A 558 25.31 -10.52 -10.92
CA ASP A 558 24.13 -10.80 -11.72
C ASP A 558 23.69 -9.59 -12.54
N THR A 559 24.60 -8.66 -12.77
CA THR A 559 24.42 -7.62 -13.77
C THR A 559 24.63 -8.23 -15.15
N THR A 560 24.20 -7.52 -16.19
CA THR A 560 24.53 -7.94 -17.54
C THR A 560 25.81 -7.23 -17.96
N ASP A 561 26.92 -7.95 -17.92
CA ASP A 561 28.24 -7.36 -18.13
C ASP A 561 28.63 -7.25 -19.60
N ALA A 562 28.41 -8.31 -20.37
CA ALA A 562 28.92 -8.38 -21.73
C ALA A 562 27.90 -9.09 -22.58
N VAL A 563 27.64 -8.56 -23.77
CA VAL A 563 26.68 -9.14 -24.68
C VAL A 563 27.31 -9.30 -26.04
N ARG A 564 26.73 -10.18 -26.84
CA ARG A 564 27.22 -10.45 -28.17
C ARG A 564 26.27 -9.85 -29.18
N ASP A 565 26.80 -9.08 -30.12
CA ASP A 565 25.98 -8.46 -31.13
C ASP A 565 25.35 -9.56 -31.96
N PRO A 566 23.99 -9.72 -32.01
CA PRO A 566 23.40 -10.75 -32.88
C PRO A 566 23.80 -10.70 -34.37
N GLN A 567 23.64 -9.55 -35.04
CA GLN A 567 23.89 -9.50 -36.51
C GLN A 567 25.35 -9.80 -36.87
N THR A 568 26.30 -9.15 -36.19
CA THR A 568 27.74 -9.45 -36.44
C THR A 568 28.30 -9.97 -35.13
N LEU A 569 28.61 -11.26 -35.06
CA LEU A 569 29.00 -11.79 -33.76
C LEU A 569 30.24 -11.07 -33.27
N GLU A 570 30.11 -10.37 -32.15
CA GLU A 570 31.25 -9.75 -31.52
C GLU A 570 30.94 -9.59 -30.04
N ILE A 571 31.98 -9.58 -29.24
CA ILE A 571 31.82 -9.56 -27.79
C ILE A 571 31.85 -8.11 -27.35
N LEU A 572 30.71 -7.62 -26.89
CA LEU A 572 30.56 -6.21 -26.56
C LEU A 572 30.39 -6.08 -25.05
N ASP A 573 31.31 -5.37 -24.42
CA ASP A 573 31.13 -5.05 -23.02
C ASP A 573 29.94 -4.12 -22.84
N ILE A 574 29.43 -4.10 -21.62
CA ILE A 574 28.46 -3.10 -21.20
C ILE A 574 29.01 -2.48 -19.93
N THR A 575 29.41 -1.22 -20.02
CA THR A 575 29.73 -0.43 -18.84
C THR A 575 28.72 0.71 -18.81
N PRO A 576 27.82 0.75 -17.85
CA PRO A 576 26.88 1.87 -17.79
C PRO A 576 27.65 3.17 -17.61
N CYS A 577 27.08 4.23 -18.18
CA CYS A 577 27.77 5.51 -18.26
C CYS A 577 28.24 5.93 -16.88
N SER A 578 29.43 6.51 -16.84
CA SER A 578 30.05 6.85 -15.57
C SER A 578 29.20 7.86 -14.81
N PHE A 579 29.33 7.83 -13.50
CA PHE A 579 28.67 8.80 -12.66
C PHE A 579 29.44 8.89 -11.35
N GLY A 580 29.24 9.98 -10.64
CA GLY A 580 29.97 10.17 -9.40
C GLY A 580 29.42 11.35 -8.65
N GLY A 581 29.79 11.44 -7.37
CA GLY A 581 29.38 12.56 -6.56
C GLY A 581 30.08 13.82 -6.99
N VAL A 582 29.30 14.87 -7.24
CA VAL A 582 29.89 16.20 -7.34
C VAL A 582 30.36 16.62 -5.95
N SER A 583 31.56 17.17 -5.88
CA SER A 583 32.07 17.71 -4.62
C SER A 583 32.47 19.15 -4.85
N VAL A 584 31.86 20.06 -4.12
CA VAL A 584 32.17 21.47 -4.24
C VAL A 584 33.27 21.78 -3.25
N ILE A 585 34.47 22.02 -3.75
CA ILE A 585 35.59 22.39 -2.90
C ILE A 585 35.60 23.90 -2.79
N THR A 586 35.52 24.39 -1.56
CA THR A 586 35.52 25.82 -1.37
C THR A 586 36.30 26.17 -0.10
N PRO A 587 37.01 27.29 -0.11
CA PRO A 587 37.38 27.90 1.16
C PRO A 587 36.11 28.41 1.79
N GLY A 588 36.17 28.97 3.00
CA GLY A 588 34.97 29.53 3.58
C GLY A 588 34.36 30.56 2.65
N THR A 589 33.04 30.58 2.58
CA THR A 589 32.38 31.66 1.85
C THR A 589 32.82 33.01 2.39
N ASN A 590 33.36 33.01 3.61
CA ASN A 590 33.98 34.19 4.18
C ASN A 590 35.05 34.75 3.27
N THR A 591 36.03 33.92 2.90
CA THR A 591 37.19 34.40 2.17
C THR A 591 36.90 34.60 0.68
N SER A 592 36.01 33.80 0.11
CA SER A 592 35.77 33.92 -1.32
C SER A 592 34.42 33.34 -1.70
N ASN A 593 33.95 33.73 -2.88
CA ASN A 593 32.82 33.13 -3.55
C ASN A 593 33.24 32.11 -4.58
N GLN A 594 34.53 31.85 -4.71
CA GLN A 594 35.04 31.01 -5.77
C GLN A 594 35.07 29.55 -5.32
N VAL A 595 34.60 28.66 -6.19
CA VAL A 595 34.58 27.25 -5.87
C VAL A 595 35.33 26.48 -6.95
N ALA A 596 35.88 25.34 -6.57
CA ALA A 596 36.53 24.42 -7.49
C ALA A 596 35.79 23.09 -7.38
N VAL A 597 35.11 22.71 -8.43
CA VAL A 597 34.27 21.52 -8.38
C VAL A 597 35.12 20.31 -8.69
N LEU A 598 34.89 19.24 -7.95
CA LEU A 598 35.50 17.95 -8.19
C LEU A 598 34.43 16.97 -8.61
N TYR A 599 34.46 16.55 -9.87
CA TYR A 599 33.67 15.41 -10.29
C TYR A 599 34.42 14.15 -9.91
N GLN A 600 33.83 13.32 -9.06
CA GLN A 600 34.53 12.16 -8.56
C GLN A 600 34.46 11.01 -9.53
N ASP A 601 35.61 10.39 -9.78
CA ASP A 601 35.69 9.10 -10.46
C ASP A 601 35.09 9.16 -11.86
N VAL A 602 35.52 10.15 -12.63
CA VAL A 602 35.29 10.12 -14.10
C VAL A 602 36.65 10.28 -14.79
N ASN A 603 36.72 9.95 -16.08
CA ASN A 603 37.72 10.60 -16.97
C ASN A 603 37.24 12.01 -17.26
N CYS A 604 38.16 12.90 -17.62
CA CYS A 604 37.67 14.24 -17.94
C CYS A 604 37.34 14.28 -19.41
N THR A 605 36.07 14.04 -19.73
CA THR A 605 35.45 14.35 -20.99
C THR A 605 34.04 14.85 -20.68
N GLU A 606 33.25 13.98 -20.05
CA GLU A 606 31.80 14.12 -19.90
C GLU A 606 31.37 15.41 -19.24
N VAL A 607 32.30 16.18 -18.70
CA VAL A 607 32.04 17.54 -18.32
C VAL A 607 31.26 18.30 -19.39
N ASN A 628 39.20 25.99 -16.25
CA ASN A 628 40.41 25.20 -16.19
C ASN A 628 40.14 23.78 -15.69
N VAL A 629 40.77 22.80 -16.32
CA VAL A 629 40.51 21.40 -16.03
C VAL A 629 41.81 20.72 -15.64
N PHE A 630 41.76 19.91 -14.58
CA PHE A 630 42.90 19.14 -14.11
C PHE A 630 42.43 17.74 -13.77
N GLN A 631 42.95 16.76 -14.48
CA GLN A 631 42.67 15.35 -14.17
C GLN A 631 43.43 14.95 -12.92
N THR A 632 42.83 14.05 -12.13
CA THR A 632 43.40 13.65 -10.87
C THR A 632 43.38 12.14 -10.76
N ARG A 633 43.85 11.65 -9.61
CA ARG A 633 43.61 10.27 -9.24
C ARG A 633 42.21 10.08 -8.67
N ALA A 634 41.68 11.10 -8.00
CA ALA A 634 40.37 10.97 -7.36
C ALA A 634 39.25 11.14 -8.37
N GLY A 635 39.38 12.10 -9.28
CA GLY A 635 38.32 12.37 -10.22
C GLY A 635 38.69 13.55 -11.09
N CYS A 636 37.68 14.13 -11.73
CA CYS A 636 37.89 15.25 -12.62
C CYS A 636 37.68 16.54 -11.83
N LEU A 637 38.75 17.29 -11.63
CA LEU A 637 38.74 18.47 -10.80
C LEU A 637 38.74 19.71 -11.68
N ILE A 638 37.68 20.50 -11.58
CA ILE A 638 37.47 21.68 -12.42
C ILE A 638 37.61 22.92 -11.56
N GLY A 639 38.41 23.86 -12.03
CA GLY A 639 38.41 25.18 -11.45
C GLY A 639 39.55 25.47 -10.49
N ALA A 640 40.53 24.59 -10.40
CA ALA A 640 41.70 24.86 -9.56
C ALA A 640 42.95 24.51 -10.34
N GLU A 641 43.80 25.49 -10.55
CA GLU A 641 45.04 25.26 -11.26
C GLU A 641 45.95 24.34 -10.46
N HIS A 642 46.57 23.39 -11.15
CA HIS A 642 47.49 22.47 -10.51
C HIS A 642 48.70 23.23 -9.97
N VAL A 643 49.29 22.72 -8.91
CA VAL A 643 50.53 23.27 -8.36
C VAL A 643 51.49 22.13 -8.09
N ASN A 644 52.75 22.33 -8.44
CA ASN A 644 53.77 21.34 -8.09
C ASN A 644 54.15 21.40 -6.63
N ASN A 645 54.77 22.48 -6.20
CA ASN A 645 55.39 22.54 -4.87
C ASN A 645 54.34 22.25 -3.82
N SER A 646 54.58 21.23 -3.02
CA SER A 646 53.57 20.64 -2.16
C SER A 646 53.65 21.20 -0.76
N TYR A 647 52.51 21.46 -0.17
CA TYR A 647 52.43 22.10 1.13
C TYR A 647 51.67 21.18 2.07
N GLU A 648 51.56 21.57 3.33
CA GLU A 648 50.81 20.74 4.25
C GLU A 648 49.34 20.74 3.85
N CYS A 649 48.66 19.64 4.19
CA CYS A 649 47.29 19.49 3.72
C CYS A 649 46.40 20.55 4.33
N ASP A 650 45.36 20.90 3.56
CA ASP A 650 44.48 21.98 3.96
C ASP A 650 43.03 21.53 3.89
N ILE A 651 42.55 21.29 2.68
CA ILE A 651 41.25 20.68 2.46
C ILE A 651 41.50 19.33 1.80
N PRO A 652 41.33 18.23 2.52
CA PRO A 652 41.54 16.92 1.90
C PRO A 652 40.55 16.69 0.77
N ILE A 653 40.98 15.93 -0.22
CA ILE A 653 40.13 15.62 -1.37
C ILE A 653 40.12 14.12 -1.57
N GLY A 654 41.28 13.57 -1.94
CA GLY A 654 41.44 12.15 -2.07
C GLY A 654 42.79 11.82 -2.66
N ALA A 655 43.27 10.60 -2.49
CA ALA A 655 44.53 10.16 -3.04
C ALA A 655 45.65 11.16 -2.76
N GLY A 656 45.60 11.78 -1.59
CA GLY A 656 46.62 12.74 -1.21
C GLY A 656 46.67 13.96 -2.08
N ILE A 657 45.51 14.54 -2.39
CA ILE A 657 45.41 15.80 -3.11
C ILE A 657 44.68 16.77 -2.19
N CYS A 658 45.38 17.82 -1.75
CA CYS A 658 44.81 18.76 -0.80
C CYS A 658 44.80 20.14 -1.43
N ALA A 659 43.63 20.79 -1.39
CA ALA A 659 43.42 22.08 -2.01
C ALA A 659 43.41 23.18 -0.95
N SER A 660 44.06 24.29 -1.26
CA SER A 660 44.04 25.46 -0.40
C SER A 660 43.82 26.69 -1.26
N TYR A 661 43.47 27.80 -0.61
CA TYR A 661 42.91 28.91 -1.36
C TYR A 661 43.97 29.80 -1.99
N GLN A 662 45.08 30.04 -1.30
CA GLN A 662 45.97 31.14 -1.66
C GLN A 662 46.60 30.92 -3.03
N THR A 663 47.11 32.01 -3.61
CA THR A 663 47.96 31.95 -4.81
C THR A 663 48.93 30.78 -4.77
N SER A 676 44.01 38.13 -7.89
CA SER A 676 45.23 37.50 -7.38
C SER A 676 45.00 36.03 -7.10
N GLN A 677 44.53 35.74 -5.89
CA GLN A 677 44.46 34.36 -5.44
C GLN A 677 43.44 33.56 -6.22
N SER A 678 43.68 32.24 -6.27
CA SER A 678 42.79 31.28 -6.90
C SER A 678 42.96 29.95 -6.19
N ILE A 679 41.87 29.19 -6.13
CA ILE A 679 41.92 27.86 -5.54
C ILE A 679 42.94 27.01 -6.28
N ILE A 680 43.85 26.39 -5.54
CA ILE A 680 44.82 25.51 -6.16
C ILE A 680 44.57 24.08 -5.69
N ALA A 681 45.33 23.15 -6.24
CA ALA A 681 45.27 21.75 -5.81
C ALA A 681 46.65 21.17 -6.04
N TYR A 682 47.09 20.32 -5.12
CA TYR A 682 48.45 19.83 -5.18
C TYR A 682 48.53 18.51 -4.43
N THR A 683 49.57 17.75 -4.74
CA THR A 683 49.81 16.52 -4.01
C THR A 683 50.09 16.85 -2.56
N MET A 684 49.34 16.20 -1.67
CA MET A 684 49.50 16.48 -0.25
C MET A 684 50.92 16.18 0.19
N SER A 685 51.57 17.16 0.79
CA SER A 685 52.87 16.94 1.39
C SER A 685 52.66 16.45 2.81
N LEU A 686 53.49 15.51 3.22
CA LEU A 686 53.38 14.91 4.54
C LEU A 686 54.41 15.58 5.44
N GLY A 687 53.94 16.39 6.36
CA GLY A 687 54.84 17.02 7.29
C GLY A 687 55.91 17.82 6.58
N ALA A 688 56.98 18.09 7.32
CA ALA A 688 58.16 18.75 6.79
C ALA A 688 59.34 17.80 6.96
N GLU A 689 60.08 17.59 5.87
CA GLU A 689 61.14 16.59 5.89
C GLU A 689 62.22 16.95 6.90
N ASN A 690 62.76 15.94 7.56
CA ASN A 690 63.95 16.05 8.37
C ASN A 690 64.77 14.79 8.21
N SER A 691 66.09 14.93 8.28
CA SER A 691 66.99 13.80 8.30
C SER A 691 67.86 13.98 9.53
N VAL A 692 67.69 13.11 10.52
CA VAL A 692 68.40 13.29 11.77
C VAL A 692 69.86 12.97 11.55
N ALA A 693 70.74 13.91 11.88
CA ALA A 693 72.16 13.62 11.76
C ALA A 693 72.51 12.60 12.81
N TYR A 694 73.02 11.46 12.37
CA TYR A 694 73.12 10.30 13.22
C TYR A 694 74.48 9.67 13.06
N SER A 695 75.08 9.30 14.18
CA SER A 695 76.26 8.47 14.14
C SER A 695 76.38 7.75 15.46
N ASN A 696 77.13 6.66 15.43
CA ASN A 696 77.17 5.73 16.55
C ASN A 696 77.74 6.35 17.83
N ASN A 697 78.48 7.44 17.72
CA ASN A 697 78.91 8.15 18.92
C ASN A 697 78.12 9.41 19.20
N SER A 698 77.09 9.71 18.41
CA SER A 698 76.45 11.02 18.47
C SER A 698 75.21 10.97 19.35
N ILE A 699 75.19 11.78 20.42
CA ILE A 699 74.00 11.91 21.26
C ILE A 699 73.63 13.38 21.37
N ALA A 700 72.34 13.64 21.50
CA ALA A 700 71.82 14.99 21.62
C ALA A 700 70.96 15.09 22.86
N ILE A 701 71.43 15.84 23.84
CA ILE A 701 70.76 16.00 25.13
C ILE A 701 70.15 17.40 25.17
N PRO A 702 68.86 17.53 25.47
CA PRO A 702 68.28 18.86 25.63
C PRO A 702 68.82 19.53 26.87
N THR A 703 69.18 20.81 26.73
CA THR A 703 69.79 21.62 27.82
C THR A 703 68.72 22.53 28.42
N ASN A 704 67.63 22.75 27.68
CA ASN A 704 66.51 23.62 28.15
C ASN A 704 65.20 22.83 28.02
N PHE A 705 64.08 23.49 28.32
CA PHE A 705 62.75 22.83 28.34
C PHE A 705 61.66 23.89 28.14
N THR A 706 60.43 23.42 27.90
CA THR A 706 59.26 24.26 27.97
C THR A 706 58.12 23.48 28.61
N ILE A 707 57.19 24.21 29.20
CA ILE A 707 56.03 23.63 29.84
C ILE A 707 54.82 24.07 29.06
N SER A 708 54.21 23.16 28.32
CA SER A 708 53.07 23.48 27.50
C SER A 708 51.80 22.98 28.15
N VAL A 709 50.73 23.74 28.00
CA VAL A 709 49.40 23.34 28.48
C VAL A 709 48.54 23.10 27.25
N THR A 710 48.09 21.88 27.07
CA THR A 710 47.36 21.49 25.87
C THR A 710 45.95 21.07 26.24
N THR A 711 44.97 21.85 25.80
CA THR A 711 43.58 21.48 25.97
C THR A 711 43.28 20.17 25.27
N GLU A 712 42.54 19.30 25.94
CA GLU A 712 42.05 18.08 25.35
C GLU A 712 40.57 17.95 25.68
N ILE A 713 39.76 17.73 24.66
CA ILE A 713 38.32 17.88 24.75
C ILE A 713 37.67 16.54 24.46
N LEU A 714 36.72 16.15 25.31
CA LEU A 714 36.07 14.86 25.17
C LEU A 714 34.58 15.02 25.42
N PRO A 715 33.74 14.31 24.67
CA PRO A 715 32.36 14.17 25.08
C PRO A 715 32.26 13.23 26.25
N VAL A 716 31.24 13.43 27.07
CA VAL A 716 31.04 12.57 28.23
C VAL A 716 29.63 12.02 28.20
N SER A 717 28.65 12.91 28.22
CA SER A 717 27.26 12.51 28.11
C SER A 717 26.65 13.16 26.89
N MET A 718 25.54 12.60 26.44
CA MET A 718 24.74 13.17 25.37
C MET A 718 23.38 13.51 25.94
N THR A 719 22.67 14.39 25.24
CA THR A 719 21.38 14.85 25.73
C THR A 719 20.44 13.68 25.94
N LYS A 720 19.91 13.56 27.16
CA LYS A 720 19.01 12.47 27.48
C LYS A 720 17.64 12.76 26.91
N THR A 721 17.19 11.90 26.01
CA THR A 721 15.87 12.06 25.42
C THR A 721 15.04 10.81 25.65
N SER A 722 13.74 11.01 25.77
CA SER A 722 12.80 9.92 25.90
C SER A 722 11.60 10.26 25.05
N VAL A 723 11.21 9.34 24.18
CA VAL A 723 10.16 9.56 23.21
C VAL A 723 8.94 8.77 23.60
N ASP A 724 7.77 9.36 23.42
CA ASP A 724 6.51 8.69 23.70
C ASP A 724 6.07 8.01 22.41
N CYS A 725 6.14 6.68 22.39
CA CYS A 725 5.94 5.95 21.16
C CYS A 725 4.50 6.03 20.69
N THR A 726 3.55 5.80 21.61
CA THR A 726 2.14 5.82 21.20
C THR A 726 1.74 7.19 20.70
N MET A 727 2.18 8.25 21.36
CA MET A 727 1.81 9.58 20.90
C MET A 727 2.52 9.94 19.62
N TYR A 728 3.85 9.80 19.60
CA TYR A 728 4.60 10.20 18.42
C TYR A 728 4.05 9.54 17.17
N ILE A 729 3.70 8.27 17.27
CA ILE A 729 3.13 7.59 16.12
C ILE A 729 1.70 8.06 15.90
N CYS A 730 0.84 7.82 16.87
CA CYS A 730 -0.58 8.18 16.75
C CYS A 730 -0.81 9.42 17.61
N GLY A 731 -0.95 10.57 16.97
CA GLY A 731 -1.36 11.76 17.68
C GLY A 731 -2.85 11.71 17.98
N ASP A 732 -3.22 11.84 19.26
CA ASP A 732 -4.60 12.14 19.65
C ASP A 732 -5.67 11.35 18.90
N SER A 733 -5.37 10.11 18.55
CA SER A 733 -6.32 9.29 17.82
C SER A 733 -6.33 7.89 18.43
N THR A 734 -7.47 7.50 18.98
CA THR A 734 -7.61 6.11 19.40
C THR A 734 -7.62 5.20 18.19
N GLU A 735 -8.19 5.67 17.08
CA GLU A 735 -8.24 4.88 15.86
C GLU A 735 -6.85 4.37 15.50
N CYS A 736 -5.90 5.29 15.40
CA CYS A 736 -4.51 4.88 15.18
C CYS A 736 -3.98 4.14 16.39
N SER A 737 -4.33 4.59 17.58
CA SER A 737 -3.76 4.00 18.79
C SER A 737 -4.12 2.53 18.90
N ASN A 738 -5.33 2.15 18.51
CA ASN A 738 -5.70 0.74 18.54
C ASN A 738 -4.88 -0.08 17.56
N LEU A 739 -4.69 0.43 16.35
CA LEU A 739 -3.87 -0.28 15.37
C LEU A 739 -2.48 -0.56 15.90
N LEU A 740 -1.90 0.41 16.63
CA LEU A 740 -0.55 0.22 17.13
C LEU A 740 -0.43 -1.01 18.01
N LEU A 741 -1.51 -1.36 18.71
CA LEU A 741 -1.51 -2.55 19.54
C LEU A 741 -1.25 -3.81 18.75
N GLN A 742 -1.53 -3.78 17.44
CA GLN A 742 -1.34 -4.96 16.62
C GLN A 742 0.10 -5.17 16.21
N TYR A 743 0.98 -4.21 16.49
CA TYR A 743 2.41 -4.41 16.36
C TYR A 743 3.06 -4.81 17.68
N GLY A 744 2.26 -4.98 18.72
CA GLY A 744 2.78 -5.56 19.94
C GLY A 744 3.72 -4.65 20.68
N SER A 745 4.89 -5.18 20.99
CA SER A 745 5.80 -4.60 21.97
C SER A 745 6.77 -3.59 21.37
N PHE A 746 6.65 -3.27 20.08
CA PHE A 746 7.49 -2.23 19.51
C PHE A 746 7.44 -0.97 20.35
N CYS A 747 6.24 -0.48 20.62
CA CYS A 747 6.08 0.76 21.37
C CYS A 747 6.82 0.67 22.71
N THR A 748 6.64 -0.43 23.44
CA THR A 748 7.27 -0.53 24.74
C THR A 748 8.77 -0.74 24.63
N GLN A 749 9.22 -1.63 23.74
CA GLN A 749 10.64 -1.93 23.67
C GLN A 749 11.46 -0.73 23.22
N LEU A 750 10.83 0.26 22.58
CA LEU A 750 11.55 1.48 22.27
C LEU A 750 11.86 2.26 23.54
N ASN A 751 10.86 2.43 24.41
CA ASN A 751 11.13 3.07 25.69
C ASN A 751 12.16 2.28 26.48
N ARG A 752 12.05 0.95 26.49
CA ARG A 752 13.07 0.15 27.14
C ARG A 752 14.44 0.40 26.53
N ALA A 753 14.49 0.64 25.22
CA ALA A 753 15.76 0.95 24.58
C ALA A 753 16.28 2.31 25.01
N LEU A 754 15.48 3.35 24.82
CA LEU A 754 15.96 4.70 25.09
C LEU A 754 16.27 4.90 26.56
N THR A 755 15.50 4.26 27.43
CA THR A 755 15.82 4.37 28.86
C THR A 755 17.19 3.80 29.16
N GLY A 756 17.54 2.67 28.53
CA GLY A 756 18.88 2.14 28.70
C GLY A 756 19.95 3.17 28.37
N ILE A 757 19.78 3.88 27.27
CA ILE A 757 20.63 5.04 26.98
C ILE A 757 20.53 6.05 28.12
N ALA A 758 19.33 6.59 28.30
CA ALA A 758 19.15 7.71 29.23
C ALA A 758 19.70 7.38 30.61
N VAL A 759 19.58 6.13 31.06
CA VAL A 759 20.13 5.77 32.35
C VAL A 759 21.65 5.92 32.36
N GLU A 760 22.32 5.24 31.44
CA GLU A 760 23.77 5.20 31.50
C GLU A 760 24.41 6.54 31.21
N GLN A 761 23.68 7.47 30.59
CA GLN A 761 24.22 8.81 30.43
C GLN A 761 24.58 9.42 31.77
N ASP A 762 23.67 9.31 32.73
CA ASP A 762 23.99 9.76 34.08
C ASP A 762 24.90 8.78 34.80
N LYS A 763 25.15 7.61 34.23
CA LYS A 763 26.23 6.76 34.73
C LYS A 763 27.56 7.22 34.19
N ASN A 764 27.62 7.59 32.91
CA ASN A 764 28.84 8.15 32.35
C ASN A 764 29.30 9.35 33.17
N THR A 765 28.47 10.39 33.20
CA THR A 765 28.78 11.58 33.98
C THR A 765 29.11 11.21 35.42
N GLN A 766 28.55 10.12 35.92
CA GLN A 766 28.88 9.69 37.27
C GLN A 766 30.29 9.12 37.34
N GLU A 767 30.64 8.25 36.39
CA GLU A 767 31.95 7.62 36.42
C GLU A 767 33.05 8.64 36.23
N VAL A 768 32.89 9.51 35.25
CA VAL A 768 33.90 10.50 34.92
C VAL A 768 34.14 11.42 36.12
N PHE A 769 33.14 12.23 36.46
CA PHE A 769 33.38 13.38 37.31
C PHE A 769 33.57 12.98 38.78
N ALA A 770 32.70 12.13 39.30
CA ALA A 770 32.82 11.83 40.72
C ALA A 770 33.54 10.49 40.84
N GLN A 771 34.85 10.58 40.98
CA GLN A 771 35.68 9.51 41.46
C GLN A 771 36.18 9.77 42.87
N VAL A 772 35.86 10.94 43.41
CA VAL A 772 36.44 11.41 44.65
C VAL A 772 35.41 11.27 45.75
N LYS A 773 35.85 10.79 46.91
CA LYS A 773 34.92 10.50 48.00
C LYS A 773 34.34 11.78 48.58
N GLN A 774 35.18 12.80 48.76
CA GLN A 774 34.79 14.02 49.45
C GLN A 774 34.89 15.19 48.49
N ILE A 775 34.22 16.28 48.82
CA ILE A 775 34.39 17.54 48.10
C ILE A 775 35.45 18.35 48.84
N TYR A 776 36.62 18.45 48.24
CA TYR A 776 37.66 19.33 48.73
C TYR A 776 37.41 20.74 48.22
N LYS A 777 37.91 21.72 48.95
CA LYS A 777 37.87 23.07 48.44
C LYS A 777 39.22 23.74 48.70
N THR A 778 39.62 24.58 47.76
CA THR A 778 40.90 25.24 47.86
C THR A 778 41.01 26.02 49.17
N PRO A 779 42.21 26.19 49.70
CA PRO A 779 42.37 26.99 50.90
C PRO A 779 41.99 28.43 50.63
N PRO A 780 41.76 29.23 51.66
CA PRO A 780 41.37 30.62 51.43
C PRO A 780 42.42 31.42 50.69
N ILE A 781 43.70 31.23 50.99
CA ILE A 781 44.77 32.03 50.43
C ILE A 781 45.59 31.18 49.47
N LYS A 782 45.92 31.76 48.33
CA LYS A 782 46.63 31.05 47.27
C LYS A 782 48.10 31.45 47.30
N ASP A 783 48.95 30.56 47.78
CA ASP A 783 50.38 30.63 47.52
C ASP A 783 50.82 29.26 47.02
N PHE A 784 51.04 29.16 45.72
CA PHE A 784 51.48 27.91 45.11
C PHE A 784 52.94 27.94 44.70
N GLY A 785 53.66 29.01 45.01
CA GLY A 785 55.02 29.15 44.54
C GLY A 785 55.14 29.92 43.25
N GLY A 786 54.12 30.71 42.91
CA GLY A 786 54.13 31.46 41.68
C GLY A 786 53.18 30.97 40.61
N PHE A 787 52.55 29.81 40.84
CA PHE A 787 51.58 29.24 39.88
C PHE A 787 50.17 29.75 40.20
N ASN A 788 49.80 30.92 39.70
CA ASN A 788 48.41 31.42 39.89
C ASN A 788 47.44 30.46 39.20
N PHE A 789 46.43 30.00 39.94
CA PHE A 789 45.39 29.12 39.35
C PHE A 789 44.04 29.86 39.34
N SER A 790 44.05 31.18 39.54
CA SER A 790 42.81 31.95 39.50
C SER A 790 42.10 31.77 38.17
N GLN A 791 42.86 31.47 37.11
CA GLN A 791 42.25 31.10 35.85
C GLN A 791 41.35 29.89 36.03
N ILE A 792 41.91 28.79 36.53
CA ILE A 792 41.22 27.50 36.53
C ILE A 792 40.44 27.22 37.80
N LEU A 793 40.60 28.00 38.83
CA LEU A 793 39.85 27.67 40.03
C LEU A 793 38.48 28.31 40.02
N PRO A 794 37.54 27.74 40.76
CA PRO A 794 36.19 28.30 40.77
C PRO A 794 36.20 29.79 41.06
N ASP A 795 35.33 30.51 40.37
CA ASP A 795 35.28 31.95 40.50
C ASP A 795 34.37 32.29 41.66
N PRO A 796 34.88 32.82 42.77
CA PRO A 796 34.01 33.06 43.93
C PRO A 796 32.93 34.09 43.67
N SER A 797 33.08 34.92 42.66
CA SER A 797 32.14 35.99 42.39
C SER A 797 31.09 35.63 41.34
N LYS A 798 31.13 34.47 40.81
CA LYS A 798 30.01 34.16 39.94
C LYS A 798 28.87 33.53 40.75
N PRO A 799 27.61 33.77 40.38
CA PRO A 799 26.51 33.12 41.11
C PRO A 799 26.57 31.61 41.02
N SER A 800 26.76 31.07 39.82
CA SER A 800 27.14 29.67 39.65
C SER A 800 28.65 29.66 39.59
N LYS A 801 29.29 29.07 40.59
CA LYS A 801 30.73 29.20 40.67
C LYS A 801 31.34 28.25 39.65
N ARG A 802 32.01 28.84 38.66
CA ARG A 802 32.66 28.12 37.59
C ARG A 802 33.90 28.90 37.21
N SER A 803 35.01 28.19 37.05
CA SER A 803 36.28 28.84 36.79
C SER A 803 36.20 29.71 35.56
N PHE A 804 37.01 30.78 35.56
CA PHE A 804 36.96 31.76 34.48
C PHE A 804 36.97 31.09 33.12
N ILE A 805 37.75 30.02 32.97
CA ILE A 805 37.84 29.33 31.69
C ILE A 805 36.50 28.73 31.32
N GLU A 806 35.87 28.02 32.26
CA GLU A 806 34.67 27.27 31.91
C GLU A 806 33.60 28.16 31.30
N ASP A 807 33.57 29.45 31.66
CA ASP A 807 32.61 30.35 31.04
C ASP A 807 32.91 30.53 29.57
N LEU A 808 34.18 30.59 29.19
CA LEU A 808 34.53 30.64 27.78
C LEU A 808 33.92 29.46 27.04
N LEU A 809 33.87 28.30 27.70
CA LEU A 809 33.36 27.10 27.05
C LEU A 809 31.85 27.15 26.92
N PHE A 810 31.14 27.48 27.99
CA PHE A 810 29.69 27.48 27.95
C PHE A 810 29.14 28.51 27.00
N ASN A 811 29.93 29.50 26.60
CA ASN A 811 29.47 30.44 25.61
C ASN A 811 29.60 29.86 24.21
N LYS A 812 30.72 29.18 23.93
CA LYS A 812 30.93 28.61 22.60
C LYS A 812 29.85 27.59 22.28
N VAL A 813 29.72 26.57 23.11
CA VAL A 813 28.70 25.56 22.89
C VAL A 813 27.31 26.18 23.09
N THR A 814 26.33 25.61 22.39
CA THR A 814 24.96 26.07 22.54
C THR A 814 24.03 24.90 22.88
N ASP A 835 11.58 27.04 18.51
CA ASP A 835 12.95 26.54 18.62
C ASP A 835 12.96 25.02 18.79
N LEU A 836 14.09 24.47 19.23
CA LEU A 836 14.11 23.02 19.54
C LEU A 836 13.63 22.88 20.99
N ILE A 837 13.36 24.02 21.64
CA ILE A 837 12.98 24.02 23.09
C ILE A 837 11.63 23.30 23.32
N CYS A 838 10.61 23.54 22.48
CA CYS A 838 9.28 22.95 22.76
C CYS A 838 8.73 22.21 21.54
N ALA A 839 9.19 22.56 20.34
CA ALA A 839 8.79 21.92 19.09
C ALA A 839 8.87 20.39 19.20
N GLN A 840 10.07 19.88 19.43
CA GLN A 840 10.23 18.46 19.74
C GLN A 840 9.23 18.06 20.82
N LYS A 841 9.16 18.85 21.89
CA LYS A 841 8.31 18.56 23.02
C LYS A 841 6.82 18.60 22.66
N PHE A 842 6.49 19.04 21.45
CA PHE A 842 5.11 18.90 20.99
C PHE A 842 4.72 17.43 20.91
N ASN A 843 5.47 16.66 20.14
CA ASN A 843 5.01 15.36 19.66
C ASN A 843 5.37 14.21 20.58
N GLY A 844 5.92 14.50 21.74
CA GLY A 844 6.38 13.45 22.62
C GLY A 844 7.87 13.24 22.60
N LEU A 845 8.62 14.14 21.99
CA LEU A 845 10.06 14.11 22.07
C LEU A 845 10.46 14.96 23.26
N THR A 846 10.93 14.32 24.31
CA THR A 846 11.20 15.00 25.55
C THR A 846 12.70 15.00 25.82
N VAL A 847 13.16 16.07 26.45
CA VAL A 847 14.55 16.18 26.87
C VAL A 847 14.55 16.13 28.39
N LEU A 848 15.01 15.03 28.92
CA LEU A 848 15.00 14.92 30.37
C LEU A 848 16.21 15.65 30.94
N PRO A 849 16.08 16.22 32.13
CA PRO A 849 17.19 16.94 32.72
C PRO A 849 18.29 15.97 33.12
N PRO A 850 19.54 16.29 32.83
CA PRO A 850 20.64 15.46 33.32
C PRO A 850 20.64 15.46 34.84
N LEU A 851 20.82 14.27 35.41
CA LEU A 851 20.72 14.13 36.86
C LEU A 851 21.56 15.17 37.59
N LEU A 852 22.75 15.45 37.08
CA LEU A 852 23.68 16.37 37.74
C LEU A 852 23.57 17.73 37.07
N THR A 853 23.18 18.74 37.84
CA THR A 853 23.18 20.09 37.31
C THR A 853 24.61 20.54 37.03
N ASP A 854 24.72 21.49 36.09
CA ASP A 854 26.04 22.00 35.75
C ASP A 854 26.76 22.55 36.96
N GLU A 855 26.03 23.18 37.87
CA GLU A 855 26.67 23.70 39.08
C GLU A 855 27.29 22.58 39.90
N MET A 856 26.68 21.41 39.88
CA MET A 856 27.28 20.29 40.58
C MET A 856 28.53 19.80 39.87
N ILE A 857 28.45 19.67 38.54
CA ILE A 857 29.62 19.27 37.77
C ILE A 857 30.79 20.18 38.09
N ALA A 858 30.52 21.47 38.26
CA ALA A 858 31.56 22.41 38.63
C ALA A 858 32.02 22.26 40.06
N GLN A 859 31.27 21.56 40.91
CA GLN A 859 31.81 21.29 42.23
C GLN A 859 32.76 20.10 42.22
N TYR A 860 32.40 19.04 41.51
CA TYR A 860 33.35 17.95 41.29
C TYR A 860 34.65 18.49 40.71
N THR A 861 34.59 19.04 39.51
CA THR A 861 35.79 19.56 38.88
C THR A 861 36.44 20.64 39.71
N SER A 862 35.78 21.16 40.74
CA SER A 862 36.49 21.92 41.75
C SER A 862 37.22 21.00 42.71
N ALA A 863 36.51 19.99 43.22
CA ALA A 863 37.13 19.04 44.14
C ALA A 863 38.36 18.41 43.51
N LEU A 864 38.16 17.67 42.41
CA LEU A 864 39.27 17.05 41.70
C LEU A 864 40.40 18.04 41.50
N LEU A 865 40.07 19.27 41.16
CA LEU A 865 41.09 20.28 40.99
C LEU A 865 41.57 20.83 42.32
N ALA A 866 40.75 20.80 43.37
CA ALA A 866 41.24 21.26 44.65
C ALA A 866 42.19 20.25 45.27
N GLY A 867 41.89 18.96 45.15
CA GLY A 867 42.78 17.96 45.71
C GLY A 867 44.05 17.81 44.90
N THR A 868 43.95 17.92 43.58
CA THR A 868 45.13 17.83 42.75
C THR A 868 46.17 18.86 43.15
N ILE A 869 45.72 20.07 43.43
CA ILE A 869 46.62 21.15 43.75
C ILE A 869 47.24 20.95 45.11
N THR A 870 46.40 20.80 46.13
CA THR A 870 46.90 20.74 47.49
C THR A 870 47.50 19.37 47.81
N SER A 871 46.76 18.31 47.53
CA SER A 871 47.04 16.99 48.07
C SER A 871 47.87 16.11 47.14
N GLY A 872 48.32 16.64 46.00
CA GLY A 872 49.07 15.79 45.10
C GLY A 872 48.17 14.78 44.43
N TRP A 873 48.69 13.58 44.24
CA TRP A 873 47.90 12.50 43.67
C TRP A 873 47.31 11.57 44.72
N THR A 874 47.62 11.78 46.00
CA THR A 874 47.24 10.80 47.00
C THR A 874 45.76 10.78 47.27
N PHE A 875 45.01 11.81 46.88
CA PHE A 875 43.60 11.82 47.24
C PHE A 875 42.82 10.78 46.45
N GLY A 876 43.36 10.32 45.33
CA GLY A 876 42.72 9.23 44.62
C GLY A 876 42.94 7.88 45.26
N ALA A 877 44.01 7.74 46.04
CA ALA A 877 44.32 6.48 46.71
C ALA A 877 43.82 6.41 48.14
N GLY A 878 43.10 7.42 48.62
CA GLY A 878 42.70 7.41 50.00
C GLY A 878 42.47 8.83 50.48
N ALA A 879 42.64 9.01 51.79
CA ALA A 879 42.54 10.33 52.39
C ALA A 879 43.57 11.26 51.76
N ALA A 880 43.13 12.45 51.37
CA ALA A 880 44.03 13.42 50.76
C ALA A 880 45.11 13.81 51.75
N LEU A 881 46.31 14.05 51.23
CA LEU A 881 47.46 14.39 52.06
C LEU A 881 47.99 15.74 51.63
N GLN A 882 47.84 16.75 52.47
CA GLN A 882 48.36 18.06 52.10
C GLN A 882 49.85 17.97 51.88
N ILE A 883 50.32 18.52 50.77
CA ILE A 883 51.74 18.53 50.47
C ILE A 883 52.05 19.86 49.78
N PRO A 884 53.19 20.47 50.06
CA PRO A 884 53.49 21.74 49.40
C PRO A 884 53.52 21.58 47.90
N PHE A 885 52.79 22.44 47.20
CA PHE A 885 52.64 22.24 45.77
C PHE A 885 54.00 22.20 45.08
N ALA A 886 54.90 23.10 45.47
CA ALA A 886 56.23 23.06 44.89
C ALA A 886 56.96 21.77 45.20
N MET A 887 56.62 21.12 46.31
CA MET A 887 57.16 19.79 46.58
C MET A 887 56.34 18.71 45.93
N GLN A 888 55.17 19.03 45.41
CA GLN A 888 54.50 18.09 44.52
C GLN A 888 55.24 17.99 43.20
N MET A 889 55.49 19.14 42.57
CA MET A 889 56.14 19.15 41.27
C MET A 889 57.55 18.58 41.30
N ALA A 890 58.16 18.44 42.47
CA ALA A 890 59.43 17.72 42.48
C ALA A 890 59.21 16.25 42.20
N TYR A 891 58.08 15.69 42.65
CA TYR A 891 57.80 14.31 42.32
C TYR A 891 57.48 14.16 40.84
N ARG A 892 56.55 14.96 40.35
CA ARG A 892 56.10 14.82 38.98
C ARG A 892 57.24 15.00 37.98
N PHE A 893 58.35 15.59 38.39
CA PHE A 893 59.55 15.50 37.56
C PHE A 893 60.24 14.15 37.72
N ASN A 894 60.38 13.66 38.95
CA ASN A 894 60.91 12.32 39.11
C ASN A 894 60.10 11.30 38.32
N GLY A 895 58.79 11.55 38.16
CA GLY A 895 58.00 10.67 37.35
C GLY A 895 58.47 10.60 35.92
N ILE A 896 58.85 11.74 35.34
CA ILE A 896 59.28 11.80 33.96
C ILE A 896 60.80 11.68 33.82
N GLY A 897 61.50 11.44 34.91
CA GLY A 897 62.92 11.21 34.83
C GLY A 897 63.80 12.43 35.00
N VAL A 898 63.21 13.61 35.12
CA VAL A 898 63.97 14.82 35.39
C VAL A 898 64.18 14.92 36.90
N THR A 899 65.43 14.91 37.33
CA THR A 899 65.71 14.99 38.75
C THR A 899 65.16 16.27 39.33
N GLN A 900 64.62 16.17 40.55
CA GLN A 900 63.93 17.27 41.19
C GLN A 900 64.79 18.50 41.36
N ASN A 901 66.12 18.36 41.38
CA ASN A 901 66.95 19.55 41.53
C ASN A 901 66.75 20.52 40.39
N VAL A 902 66.13 20.07 39.29
CA VAL A 902 65.83 21.04 38.20
C VAL A 902 64.77 22.03 38.70
N LEU A 903 63.64 21.53 39.23
CA LEU A 903 62.54 22.44 39.65
C LEU A 903 62.96 23.37 40.79
N TYR A 904 63.66 22.85 41.81
CA TYR A 904 63.99 23.69 42.99
C TYR A 904 64.88 24.86 42.55
N GLU A 905 65.53 24.72 41.40
CA GLU A 905 66.41 25.74 40.86
C GLU A 905 65.69 26.59 39.81
N ASN A 906 64.83 25.99 39.01
CA ASN A 906 64.14 26.69 37.94
C ASN A 906 62.74 27.14 38.33
N GLN A 907 62.37 27.03 39.60
CA GLN A 907 60.97 27.23 39.99
C GLN A 907 60.40 28.53 39.42
N LYS A 908 61.08 29.65 39.67
CA LYS A 908 60.57 30.93 39.20
C LYS A 908 60.31 30.90 37.70
N LEU A 909 61.28 30.42 36.93
CA LEU A 909 61.09 30.29 35.49
C LEU A 909 59.88 29.42 35.19
N ILE A 910 59.83 28.22 35.77
CA ILE A 910 58.72 27.30 35.49
C ILE A 910 57.40 27.95 35.85
N ALA A 911 57.40 28.80 36.88
CA ALA A 911 56.19 29.52 37.22
C ALA A 911 55.68 30.33 36.05
N ASN A 912 56.53 31.17 35.47
CA ASN A 912 56.10 32.04 34.39
C ASN A 912 55.66 31.23 33.18
N GLN A 913 56.45 30.24 32.79
CA GLN A 913 56.07 29.40 31.67
C GLN A 913 54.71 28.78 31.89
N PHE A 914 54.42 28.36 33.12
CA PHE A 914 53.10 27.83 33.40
C PHE A 914 52.05 28.89 33.19
N ASN A 915 52.18 30.01 33.90
CA ASN A 915 51.15 31.06 33.86
C ASN A 915 50.94 31.55 32.45
N SER A 916 52.02 31.91 31.77
CA SER A 916 51.90 32.38 30.39
C SER A 916 51.32 31.31 29.49
N ALA A 917 51.48 30.04 29.85
CA ALA A 917 50.83 29.00 29.09
C ALA A 917 49.33 28.99 29.36
N ILE A 918 48.93 29.18 30.62
CA ILE A 918 47.51 29.21 30.94
C ILE A 918 46.82 30.34 30.19
N GLY A 919 47.46 31.51 30.13
CA GLY A 919 46.85 32.64 29.46
C GLY A 919 46.43 32.32 28.05
N LYS A 920 47.35 31.77 27.26
CA LYS A 920 47.04 31.46 25.87
C LYS A 920 45.93 30.45 25.73
N ILE A 921 45.64 29.67 26.78
CA ILE A 921 44.53 28.74 26.70
C ILE A 921 43.22 29.50 26.57
N GLN A 922 43.15 30.67 27.21
CA GLN A 922 41.98 31.52 27.06
C GLN A 922 41.74 31.85 25.59
N ASP A 923 42.75 32.46 24.95
CA ASP A 923 42.58 32.91 23.58
C ASP A 923 42.46 31.75 22.62
N SER A 924 43.17 30.66 22.89
CA SER A 924 42.97 29.44 22.11
C SER A 924 41.51 29.07 22.04
N LEU A 925 40.81 29.18 23.17
CA LEU A 925 39.37 29.02 23.18
C LEU A 925 38.66 30.29 22.74
N SER A 926 39.15 31.44 23.19
CA SER A 926 38.40 32.68 23.01
C SER A 926 38.32 33.06 21.54
N SER A 927 39.41 32.90 20.80
CA SER A 927 39.52 33.43 19.45
C SER A 927 39.17 32.43 18.36
N THR A 928 38.87 31.18 18.71
CA THR A 928 38.53 30.16 17.72
C THR A 928 37.41 29.30 18.27
N ALA A 929 36.35 29.13 17.47
CA ALA A 929 35.18 28.37 17.87
C ALA A 929 35.21 26.92 17.41
N SER A 930 36.26 26.50 16.70
CA SER A 930 36.34 25.14 16.20
C SER A 930 37.02 24.17 17.16
N ALA A 931 37.63 24.66 18.25
CA ALA A 931 38.28 23.76 19.19
C ALA A 931 37.28 22.82 19.84
N LEU A 932 36.07 23.31 20.08
CA LEU A 932 35.03 22.54 20.76
C LEU A 932 34.20 21.71 19.80
N GLY A 933 34.61 21.62 18.54
CA GLY A 933 33.82 20.88 17.56
C GLY A 933 33.37 19.52 18.04
N LYS A 934 34.25 18.80 18.75
CA LYS A 934 33.89 17.48 19.26
C LYS A 934 32.60 17.54 20.05
N LEU A 935 32.54 18.40 21.06
CA LEU A 935 31.29 18.66 21.76
C LEU A 935 30.23 19.17 20.80
N GLN A 936 30.58 20.20 20.02
CA GLN A 936 29.60 20.82 19.15
C GLN A 936 29.01 19.82 18.18
N ASP A 937 29.81 18.85 17.73
CA ASP A 937 29.28 17.83 16.83
C ASP A 937 28.29 16.94 17.53
N VAL A 938 28.58 16.54 18.77
CA VAL A 938 27.66 15.70 19.53
C VAL A 938 26.31 16.40 19.66
N VAL A 939 26.32 17.66 20.12
CA VAL A 939 25.07 18.37 20.35
C VAL A 939 24.30 18.51 19.05
N ASN A 940 24.99 18.82 17.96
CA ASN A 940 24.32 18.98 16.68
C ASN A 940 23.67 17.68 16.24
N GLN A 941 24.44 16.59 16.21
CA GLN A 941 23.91 15.33 15.72
C GLN A 941 22.66 14.90 16.49
N ASN A 942 22.65 15.16 17.80
CA ASN A 942 21.44 14.89 18.57
C ASN A 942 20.29 15.74 18.08
N ALA A 943 20.47 17.06 18.09
CA ALA A 943 19.44 17.94 17.58
C ALA A 943 19.19 17.69 16.11
N GLN A 944 20.19 17.20 15.38
CA GLN A 944 19.97 16.83 13.99
C GLN A 944 18.89 15.77 13.86
N ALA A 945 19.15 14.58 14.38
CA ALA A 945 18.22 13.47 14.18
C ALA A 945 16.83 13.81 14.70
N LEU A 946 16.75 14.60 15.78
CA LEU A 946 15.45 15.03 16.28
C LEU A 946 14.70 15.79 15.21
N ASN A 947 15.34 16.78 14.58
CA ASN A 947 14.72 17.46 13.45
C ASN A 947 14.26 16.46 12.40
N THR A 948 15.18 15.60 11.96
CA THR A 948 14.81 14.58 11.00
C THR A 948 13.65 13.73 11.51
N LEU A 949 13.73 13.31 12.77
CA LEU A 949 12.65 12.50 13.33
C LEU A 949 11.33 13.25 13.30
N VAL A 950 11.37 14.55 13.57
CA VAL A 950 10.15 15.34 13.50
C VAL A 950 9.66 15.45 12.07
N LYS A 951 10.55 15.84 11.16
CA LYS A 951 10.14 16.02 9.77
C LYS A 951 9.54 14.76 9.19
N GLN A 952 9.88 13.59 9.75
CA GLN A 952 9.24 12.37 9.28
C GLN A 952 7.76 12.36 9.56
N LEU A 953 7.27 13.17 10.50
CA LEU A 953 5.84 13.23 10.73
C LEU A 953 5.10 13.81 9.54
N SER A 954 5.75 14.67 8.78
CA SER A 954 5.08 15.35 7.68
C SER A 954 5.18 14.60 6.35
N SER A 955 5.73 13.39 6.35
CA SER A 955 5.89 12.64 5.12
C SER A 955 4.71 11.71 4.89
N ASN A 956 4.31 11.56 3.63
CA ASN A 956 3.12 10.79 3.32
C ASN A 956 3.34 9.31 3.56
N PHE A 957 4.55 8.81 3.29
CA PHE A 957 4.85 7.38 3.40
C PHE A 957 3.88 6.55 2.57
N GLY A 958 3.41 7.11 1.47
CA GLY A 958 2.44 6.45 0.63
C GLY A 958 1.01 6.67 1.04
N ALA A 959 0.76 7.12 2.26
CA ALA A 959 -0.60 7.43 2.67
C ALA A 959 -1.05 8.73 2.02
N ILE A 960 -2.37 8.94 2.01
CA ILE A 960 -2.95 10.07 1.31
C ILE A 960 -2.56 11.40 1.92
N SER A 961 -2.25 11.45 3.22
CA SER A 961 -1.79 12.69 3.82
C SER A 961 -1.01 12.37 5.09
N SER A 962 -0.25 13.35 5.54
CA SER A 962 0.57 13.19 6.73
C SER A 962 -0.14 13.62 8.00
N VAL A 963 -1.33 14.19 7.90
CA VAL A 963 -2.12 14.53 9.08
C VAL A 963 -2.98 13.33 9.42
N LEU A 964 -2.76 12.77 10.60
CA LEU A 964 -3.42 11.52 10.98
C LEU A 964 -4.93 11.67 10.99
N ASN A 965 -5.43 12.87 11.24
CA ASN A 965 -6.87 13.06 11.30
C ASN A 965 -7.49 13.17 9.91
N ASP A 966 -6.78 13.75 8.96
CA ASP A 966 -7.33 13.92 7.61
C ASP A 966 -7.71 12.58 7.00
N ILE A 967 -6.84 11.58 7.15
CA ILE A 967 -7.19 10.24 6.68
C ILE A 967 -8.45 9.77 7.38
N LEU A 968 -8.62 10.11 8.64
CA LEU A 968 -9.84 9.75 9.33
C LEU A 968 -11.00 10.64 8.90
N SER A 969 -10.72 11.90 8.58
CA SER A 969 -11.81 12.81 8.21
C SER A 969 -12.36 12.47 6.83
N ARG A 970 -11.47 12.36 5.84
CA ARG A 970 -11.94 12.17 4.47
C ARG A 970 -12.57 10.81 4.29
N LEU A 971 -11.88 9.77 4.70
CA LEU A 971 -12.22 8.41 4.31
C LEU A 971 -13.00 7.71 5.41
N ASP A 972 -13.92 6.85 4.99
CA ASP A 972 -14.52 5.90 5.91
C ASP A 972 -13.44 5.01 6.49
N LYS A 973 -13.53 4.67 7.77
CA LYS A 973 -12.44 3.93 8.44
C LYS A 973 -12.02 2.67 7.70
N VAL A 974 -12.95 1.82 7.24
CA VAL A 974 -12.51 0.51 6.72
C VAL A 974 -11.39 0.59 5.70
N GLU A 975 -11.41 1.59 4.84
CA GLU A 975 -10.26 1.82 3.97
C GLU A 975 -9.17 2.58 4.71
N ALA A 976 -9.55 3.59 5.50
CA ALA A 976 -8.56 4.39 6.20
C ALA A 976 -7.64 3.54 7.08
N GLU A 977 -8.10 2.35 7.47
CA GLU A 977 -7.22 1.43 8.20
C GLU A 977 -5.95 1.17 7.40
N VAL A 978 -6.10 0.79 6.14
CA VAL A 978 -4.94 0.46 5.33
C VAL A 978 -4.05 1.68 5.16
N GLN A 979 -4.65 2.86 5.01
CA GLN A 979 -3.86 4.08 4.90
C GLN A 979 -3.00 4.29 6.14
N ILE A 980 -3.63 4.29 7.32
CA ILE A 980 -2.91 4.59 8.54
C ILE A 980 -1.76 3.61 8.76
N ASP A 981 -1.89 2.39 8.25
CA ASP A 981 -0.76 1.47 8.27
C ASP A 981 0.46 2.11 7.64
N ARG A 982 0.33 2.60 6.42
CA ARG A 982 1.47 3.21 5.76
C ARG A 982 2.04 4.38 6.56
N LEU A 983 1.19 5.10 7.28
CA LEU A 983 1.73 6.07 8.23
C LEU A 983 2.44 5.35 9.37
N ILE A 984 1.74 4.45 10.05
CA ILE A 984 2.33 3.78 11.20
C ILE A 984 3.58 3.03 10.77
N THR A 985 3.45 2.12 9.82
CA THR A 985 4.61 1.38 9.33
C THR A 985 5.74 2.32 9.00
N GLY A 986 5.43 3.42 8.34
CA GLY A 986 6.45 4.40 8.06
C GLY A 986 7.01 5.02 9.32
N ARG A 987 6.13 5.59 10.15
CA ARG A 987 6.60 6.26 11.35
C ARG A 987 7.24 5.28 12.32
N LEU A 988 6.54 4.18 12.61
CA LEU A 988 7.07 3.20 13.54
C LEU A 988 8.45 2.72 13.12
N GLN A 989 8.64 2.49 11.82
CA GLN A 989 9.98 2.25 11.32
C GLN A 989 10.88 3.43 11.61
N SER A 990 10.39 4.64 11.32
CA SER A 990 11.22 5.82 11.44
C SER A 990 11.71 6.04 12.86
N LEU A 991 10.99 5.50 13.86
CA LEU A 991 11.53 5.52 15.20
C LEU A 991 12.71 4.57 15.32
N GLN A 992 12.52 3.32 14.89
CA GLN A 992 13.59 2.34 15.03
C GLN A 992 14.86 2.83 14.36
N THR A 993 14.72 3.53 13.24
CA THR A 993 15.88 4.20 12.67
C THR A 993 16.50 5.15 13.69
N TYR A 994 15.69 6.06 14.23
CA TYR A 994 16.21 7.01 15.20
C TYR A 994 16.76 6.31 16.42
N VAL A 995 16.02 5.35 16.95
CA VAL A 995 16.47 4.65 18.15
C VAL A 995 17.79 3.96 17.89
N THR A 996 17.87 3.22 16.79
CA THR A 996 19.11 2.52 16.48
C THR A 996 20.28 3.47 16.36
N GLN A 997 20.05 4.63 15.76
CA GLN A 997 21.11 5.63 15.68
C GLN A 997 21.58 6.01 17.07
N GLN A 998 20.64 6.31 17.97
CA GLN A 998 21.01 6.73 19.31
C GLN A 998 21.81 5.64 20.01
N LEU A 999 21.34 4.39 19.92
CA LEU A 999 22.08 3.28 20.52
C LEU A 999 23.51 3.25 20.01
N ILE A 1000 23.66 3.28 18.69
CA ILE A 1000 25.00 3.26 18.11
C ILE A 1000 25.78 4.48 18.56
N ARG A 1001 25.16 5.66 18.46
CA ARG A 1001 25.86 6.87 18.83
C ARG A 1001 26.21 6.89 20.31
N ALA A 1002 25.29 6.43 21.16
CA ALA A 1002 25.60 6.36 22.58
C ALA A 1002 26.76 5.42 22.84
N ALA A 1003 26.81 4.31 22.10
CA ALA A 1003 27.90 3.37 22.29
C ALA A 1003 29.24 4.01 21.96
N GLU A 1004 29.24 5.00 21.08
CA GLU A 1004 30.46 5.77 20.87
C GLU A 1004 30.77 6.62 22.08
N ILE A 1005 29.80 7.41 22.53
CA ILE A 1005 29.98 8.21 23.73
C ILE A 1005 30.38 7.33 24.90
N ARG A 1006 29.70 6.20 25.06
CA ARG A 1006 30.08 5.25 26.10
C ARG A 1006 31.55 4.89 26.01
N ALA A 1007 32.07 4.78 24.80
CA ALA A 1007 33.50 4.54 24.65
C ALA A 1007 34.30 5.78 24.99
N SER A 1008 33.84 6.94 24.54
CA SER A 1008 34.54 8.17 24.86
C SER A 1008 34.48 8.47 26.35
N ALA A 1009 33.38 8.14 27.00
CA ALA A 1009 33.27 8.37 28.43
C ALA A 1009 34.35 7.62 29.19
N ASN A 1010 34.54 6.34 28.85
CA ASN A 1010 35.59 5.56 29.51
C ASN A 1010 36.96 6.18 29.27
N LEU A 1011 37.19 6.68 28.06
CA LEU A 1011 38.45 7.36 27.80
C LEU A 1011 38.66 8.52 28.75
N ALA A 1012 37.60 9.29 28.99
CA ALA A 1012 37.69 10.35 30.00
C ALA A 1012 37.94 9.76 31.36
N ALA A 1013 37.05 8.87 31.81
CA ALA A 1013 37.20 8.26 33.12
C ALA A 1013 38.55 7.60 33.28
N THR A 1014 39.14 7.13 32.18
CA THR A 1014 40.50 6.63 32.25
C THR A 1014 41.48 7.77 32.47
N LYS A 1015 41.38 8.82 31.66
CA LYS A 1015 42.25 9.97 31.85
C LYS A 1015 42.04 10.58 33.21
N MET A 1016 40.78 10.86 33.57
CA MET A 1016 40.48 11.45 34.86
C MET A 1016 41.14 10.67 35.98
N SER A 1017 41.07 9.34 35.92
CA SER A 1017 41.71 8.54 36.96
C SER A 1017 43.22 8.56 36.82
N GLU A 1018 43.73 8.24 35.64
CA GLU A 1018 45.17 8.10 35.50
C GLU A 1018 45.85 9.44 35.39
N CYS A 1019 45.33 10.30 34.53
CA CYS A 1019 46.04 11.54 34.19
C CYS A 1019 45.87 12.56 35.31
N VAL A 1020 44.63 12.95 35.60
CA VAL A 1020 44.37 13.92 36.66
C VAL A 1020 44.78 13.36 38.02
N LEU A 1021 44.16 12.26 38.43
CA LEU A 1021 44.36 11.78 39.79
C LEU A 1021 45.76 11.25 40.01
N GLY A 1022 46.35 10.60 39.01
CA GLY A 1022 47.71 10.15 39.14
C GLY A 1022 48.65 10.93 38.26
N GLN A 1023 49.77 10.32 37.89
CA GLN A 1023 50.62 10.83 36.83
C GLN A 1023 50.82 9.72 35.82
N SER A 1024 50.60 10.01 34.55
CA SER A 1024 50.58 8.99 33.53
C SER A 1024 51.97 8.73 32.98
N LYS A 1025 52.34 7.46 32.89
CA LYS A 1025 53.55 7.03 32.21
C LYS A 1025 53.29 6.62 30.77
N ARG A 1026 52.05 6.71 30.32
CA ARG A 1026 51.68 6.26 28.98
C ARG A 1026 52.00 7.39 28.01
N VAL A 1027 52.90 7.13 27.07
CA VAL A 1027 53.36 8.20 26.19
C VAL A 1027 52.22 8.68 25.32
N ASP A 1028 52.00 10.00 25.33
CA ASP A 1028 51.01 10.67 24.49
C ASP A 1028 49.61 10.14 24.72
N PHE A 1029 49.35 9.57 25.90
CA PHE A 1029 47.98 9.34 26.30
C PHE A 1029 47.37 10.61 26.86
N CYS A 1030 48.14 11.37 27.63
CA CYS A 1030 47.71 12.65 28.16
C CYS A 1030 48.03 13.80 27.23
N GLY A 1031 48.49 13.53 26.02
CA GLY A 1031 48.86 14.62 25.14
C GLY A 1031 50.37 14.75 25.02
N LYS A 1032 50.78 15.31 23.90
CA LYS A 1032 52.17 15.26 23.48
C LYS A 1032 53.10 15.80 24.56
N GLY A 1033 54.18 15.07 24.81
CA GLY A 1033 55.18 15.44 25.78
C GLY A 1033 55.12 14.57 27.01
N TYR A 1034 56.17 14.68 27.82
CA TYR A 1034 56.15 14.08 29.14
C TYR A 1034 55.10 14.78 29.99
N HIS A 1035 54.28 14.01 30.67
CA HIS A 1035 53.13 14.55 31.37
C HIS A 1035 53.45 14.87 32.82
N LEU A 1036 53.04 16.05 33.26
CA LEU A 1036 53.19 16.42 34.66
C LEU A 1036 51.89 16.27 35.41
N MET A 1037 50.87 17.06 35.06
CA MET A 1037 49.61 16.98 35.76
C MET A 1037 48.52 17.43 34.80
N SER A 1038 47.28 17.12 35.14
CA SER A 1038 46.14 17.51 34.32
C SER A 1038 45.09 18.18 35.18
N PHE A 1039 44.41 19.14 34.58
CA PHE A 1039 43.38 19.91 35.25
C PHE A 1039 42.06 19.69 34.55
N PRO A 1040 41.10 19.00 35.15
CA PRO A 1040 39.81 18.82 34.49
C PRO A 1040 39.04 20.12 34.48
N GLN A 1041 38.26 20.31 33.43
CA GLN A 1041 37.36 21.44 33.33
C GLN A 1041 36.09 20.96 32.67
N SER A 1042 34.95 21.34 33.22
CA SER A 1042 33.69 20.88 32.66
C SER A 1042 33.34 21.68 31.42
N ALA A 1043 32.61 21.04 30.52
CA ALA A 1043 32.06 21.70 29.35
C ALA A 1043 30.75 21.00 29.04
N PRO A 1044 29.83 21.67 28.34
CA PRO A 1044 28.46 21.14 28.25
C PRO A 1044 28.46 19.75 27.65
N HIS A 1045 27.88 18.80 28.37
CA HIS A 1045 27.84 17.41 27.96
C HIS A 1045 29.23 16.93 27.54
N GLY A 1046 30.24 17.33 28.30
CA GLY A 1046 31.59 16.95 27.95
C GLY A 1046 32.53 17.31 29.08
N VAL A 1047 33.82 17.13 28.82
CA VAL A 1047 34.85 17.50 29.78
C VAL A 1047 36.08 17.93 29.01
N VAL A 1048 36.85 18.83 29.62
CA VAL A 1048 38.03 19.40 28.99
C VAL A 1048 39.18 19.32 29.98
N PHE A 1049 40.28 18.74 29.54
CA PHE A 1049 41.47 18.57 30.37
C PHE A 1049 42.51 19.57 29.94
N LEU A 1050 43.19 20.15 30.90
CA LEU A 1050 44.36 20.98 30.63
C LEU A 1050 45.58 20.17 31.06
N HIS A 1051 46.31 19.67 30.09
CA HIS A 1051 47.45 18.81 30.38
C HIS A 1051 48.70 19.66 30.48
N VAL A 1052 49.31 19.68 31.65
CA VAL A 1052 50.56 20.41 31.83
C VAL A 1052 51.69 19.44 31.56
N THR A 1053 52.39 19.65 30.46
CA THR A 1053 53.35 18.68 29.97
C THR A 1053 54.72 19.31 29.88
N TYR A 1054 55.74 18.46 29.84
CA TYR A 1054 57.13 18.86 29.89
C TYR A 1054 57.77 18.55 28.55
N VAL A 1055 58.09 19.57 27.78
CA VAL A 1055 58.65 19.39 26.45
C VAL A 1055 60.06 19.96 26.44
N PRO A 1056 61.09 19.16 26.17
CA PRO A 1056 62.46 19.68 26.11
C PRO A 1056 62.64 20.59 24.91
N ALA A 1057 63.68 21.42 24.98
CA ALA A 1057 63.86 22.45 23.95
C ALA A 1057 65.20 22.39 23.24
N GLN A 1058 66.25 22.87 23.88
CA GLN A 1058 67.50 23.22 23.21
C GLN A 1058 68.50 22.09 23.31
N GLU A 1059 69.06 21.70 22.17
CA GLU A 1059 69.93 20.54 22.07
C GLU A 1059 71.37 20.97 21.92
N LYS A 1060 72.28 20.11 22.40
CA LYS A 1060 73.73 20.22 22.06
C LYS A 1060 74.21 18.85 21.56
N ASN A 1061 75.09 18.84 20.56
CA ASN A 1061 75.53 17.58 19.90
C ASN A 1061 76.76 17.06 20.63
N PHE A 1062 76.55 16.14 21.58
CA PHE A 1062 77.66 15.59 22.40
C PHE A 1062 78.19 14.31 21.76
N THR A 1063 79.50 14.11 21.82
CA THR A 1063 80.10 12.80 21.66
C THR A 1063 79.84 11.99 22.91
N THR A 1064 79.38 10.77 22.73
CA THR A 1064 79.00 9.91 23.84
C THR A 1064 79.78 8.62 23.80
N ALA A 1065 79.77 7.92 24.92
CA ALA A 1065 80.33 6.58 24.99
C ALA A 1065 79.45 5.75 25.92
N PRO A 1066 79.20 4.49 25.58
CA PRO A 1066 78.36 3.67 26.45
C PRO A 1066 79.03 3.30 27.76
N ALA A 1067 80.34 3.38 27.85
CA ALA A 1067 81.05 2.91 29.02
C ALA A 1067 82.40 3.58 29.08
N ILE A 1068 83.05 3.48 30.23
CA ILE A 1068 84.37 4.07 30.40
C ILE A 1068 85.29 3.07 31.08
N CYS A 1069 86.36 2.68 30.40
CA CYS A 1069 87.41 1.92 31.06
C CYS A 1069 88.10 2.79 32.09
N HIS A 1070 88.29 2.28 33.30
CA HIS A 1070 89.18 3.00 34.19
C HIS A 1070 90.46 2.22 34.36
N ASP A 1071 90.42 1.19 35.17
CA ASP A 1071 91.58 0.35 35.40
C ASP A 1071 91.61 -0.86 34.49
N GLY A 1072 90.69 -0.93 33.55
CA GLY A 1072 90.36 -2.16 32.85
C GLY A 1072 89.03 -2.71 33.26
N LYS A 1073 88.53 -2.31 34.41
CA LYS A 1073 87.11 -2.47 34.69
C LYS A 1073 86.33 -1.53 33.80
N ALA A 1074 85.06 -1.82 33.63
CA ALA A 1074 84.16 -0.95 32.91
C ALA A 1074 83.26 -0.25 33.90
N HIS A 1075 82.92 1.01 33.61
CA HIS A 1075 82.02 1.78 34.46
C HIS A 1075 80.81 2.19 33.64
N PHE A 1076 79.64 1.83 34.11
CA PHE A 1076 78.51 2.27 33.32
C PHE A 1076 77.70 3.27 34.13
N PRO A 1077 77.02 4.21 33.48
CA PRO A 1077 76.26 5.21 34.22
C PRO A 1077 75.16 4.54 35.03
N ARG A 1078 75.08 4.87 36.31
CA ARG A 1078 74.01 4.30 37.12
C ARG A 1078 72.65 4.75 36.61
N GLU A 1079 72.50 6.04 36.35
CA GLU A 1079 71.29 6.59 35.76
C GLU A 1079 71.69 7.68 34.79
N GLY A 1080 71.05 7.71 33.64
CA GLY A 1080 71.48 8.60 32.59
C GLY A 1080 72.62 7.99 31.79
N VAL A 1081 73.44 8.85 31.19
CA VAL A 1081 74.50 8.41 30.30
C VAL A 1081 75.73 9.29 30.39
N PHE A 1082 76.83 8.76 29.89
CA PHE A 1082 78.06 9.50 29.73
C PHE A 1082 77.97 10.38 28.50
N VAL A 1083 78.52 11.58 28.59
CA VAL A 1083 78.73 12.43 27.43
C VAL A 1083 80.04 13.17 27.64
N SER A 1084 80.51 13.75 26.52
CA SER A 1084 81.43 14.91 26.46
C SER A 1084 81.08 15.73 25.22
N ASN A 1085 81.47 17.02 25.15
CA ASN A 1085 81.39 17.75 23.85
C ASN A 1085 82.78 17.78 23.21
N GLY A 1086 83.74 17.12 23.84
CA GLY A 1086 85.11 17.05 23.31
C GLY A 1086 86.11 16.56 24.35
N THR A 1087 86.10 17.17 25.54
CA THR A 1087 87.29 17.10 26.39
C THR A 1087 87.04 16.25 27.62
N HIS A 1088 86.14 16.65 28.50
CA HIS A 1088 85.92 16.01 29.77
C HIS A 1088 84.66 15.18 29.71
N TRP A 1089 84.75 13.94 30.17
CA TRP A 1089 83.60 13.07 30.12
C TRP A 1089 82.66 13.36 31.27
N PHE A 1090 81.39 13.49 30.95
CA PHE A 1090 80.37 13.87 31.90
C PHE A 1090 79.26 12.86 31.89
N VAL A 1091 78.93 12.34 33.04
CA VAL A 1091 77.71 11.59 33.23
C VAL A 1091 76.60 12.60 33.49
N THR A 1092 75.41 12.33 32.98
CA THR A 1092 74.31 13.24 33.20
C THR A 1092 73.00 12.49 33.04
N GLN A 1093 71.94 13.10 33.57
CA GLN A 1093 70.61 12.57 33.38
C GLN A 1093 70.17 12.74 31.94
N ARG A 1094 69.22 11.91 31.53
CA ARG A 1094 68.91 11.80 30.11
C ARG A 1094 68.18 13.04 29.59
N ASN A 1095 67.08 13.42 30.22
CA ASN A 1095 66.13 14.36 29.62
C ASN A 1095 66.44 15.81 29.95
N PHE A 1096 67.52 16.10 30.64
CA PHE A 1096 67.94 17.47 30.87
C PHE A 1096 69.44 17.47 31.04
N TYR A 1097 70.09 18.53 30.63
CA TYR A 1097 71.53 18.57 30.61
C TYR A 1097 72.02 19.17 31.93
N GLU A 1098 72.63 18.33 32.75
CA GLU A 1098 73.25 18.78 34.00
C GLU A 1098 74.55 18.00 34.14
N PRO A 1099 75.62 18.47 33.52
CA PRO A 1099 76.87 17.70 33.52
C PRO A 1099 77.41 17.56 34.93
N GLN A 1100 77.99 16.41 35.21
CA GLN A 1100 78.51 16.11 36.53
C GLN A 1100 79.80 15.35 36.40
N ILE A 1101 80.79 15.71 37.21
CA ILE A 1101 82.04 14.97 37.20
C ILE A 1101 81.76 13.51 37.52
N ILE A 1102 82.49 12.63 36.87
CA ILE A 1102 82.23 11.21 36.98
C ILE A 1102 82.94 10.66 38.21
N THR A 1103 82.17 10.11 39.13
CA THR A 1103 82.72 9.44 40.30
C THR A 1103 82.03 8.10 40.46
N THR A 1104 82.65 7.22 41.23
CA THR A 1104 82.12 5.88 41.39
C THR A 1104 80.69 5.88 41.92
N ASP A 1105 80.27 6.94 42.59
CA ASP A 1105 78.88 6.99 43.00
C ASP A 1105 77.94 7.28 41.85
N ASN A 1106 78.48 7.65 40.69
CA ASN A 1106 77.65 7.77 39.50
C ASN A 1106 77.63 6.52 38.65
N THR A 1107 78.50 5.56 38.92
CA THR A 1107 78.73 4.45 38.00
C THR A 1107 78.94 3.15 38.75
N PHE A 1108 78.34 2.08 38.25
CA PHE A 1108 78.57 0.75 38.77
C PHE A 1108 79.48 -0.01 37.83
N VAL A 1109 80.35 -0.81 38.40
CA VAL A 1109 81.32 -1.56 37.62
C VAL A 1109 80.69 -2.84 37.10
N SER A 1110 81.06 -3.26 35.89
CA SER A 1110 80.63 -4.56 35.41
C SER A 1110 81.65 -5.09 34.41
N GLY A 1111 81.83 -6.41 34.43
CA GLY A 1111 82.72 -7.06 33.48
C GLY A 1111 84.09 -6.44 33.44
N ASN A 1112 84.62 -6.30 32.23
CA ASN A 1112 85.84 -5.57 31.98
C ASN A 1112 85.83 -5.09 30.54
N CYS A 1113 86.95 -4.55 30.08
CA CYS A 1113 86.93 -3.69 28.89
C CYS A 1113 86.73 -4.42 27.58
N ASP A 1114 87.40 -5.55 27.36
CA ASP A 1114 87.53 -6.07 26.01
C ASP A 1114 86.22 -6.35 25.31
N VAL A 1115 85.10 -6.36 26.01
CA VAL A 1115 83.81 -6.72 25.44
C VAL A 1115 83.06 -5.50 24.94
N VAL A 1116 82.74 -4.57 25.84
CA VAL A 1116 81.82 -3.50 25.51
C VAL A 1116 82.30 -2.74 24.28
N ILE A 1117 81.42 -2.64 23.28
CA ILE A 1117 81.77 -1.93 22.06
C ILE A 1117 81.82 -0.43 22.32
N GLY A 1118 82.86 0.22 21.82
CA GLY A 1118 82.90 1.66 21.90
C GLY A 1118 83.22 2.23 23.26
N ILE A 1119 83.68 1.42 24.19
CA ILE A 1119 84.11 1.95 25.47
C ILE A 1119 85.33 2.83 25.27
N VAL A 1120 85.47 3.85 26.10
CA VAL A 1120 86.52 4.85 25.92
C VAL A 1120 87.34 4.98 27.18
N ASN A 1121 88.54 5.51 27.04
CA ASN A 1121 89.39 5.75 28.20
C ASN A 1121 88.95 6.99 28.95
N ASN A 1122 89.13 6.96 30.26
CA ASN A 1122 89.03 8.14 31.11
C ASN A 1122 89.49 7.70 32.50
N THR A 1123 89.47 8.65 33.44
CA THR A 1123 89.74 8.37 34.83
C THR A 1123 88.50 8.74 35.63
N VAL A 1124 87.91 7.76 36.31
CA VAL A 1124 86.71 8.00 37.10
C VAL A 1124 87.16 8.43 38.48
N TYR A 1125 86.87 9.67 38.82
CA TYR A 1125 87.34 10.25 40.06
C TYR A 1125 86.75 9.49 41.24
N ASP A 1126 87.53 9.40 42.31
CA ASP A 1126 87.06 8.76 43.53
C ASP A 1126 86.62 9.79 44.53
N PRO A 1127 85.41 9.67 45.08
CA PRO A 1127 85.07 10.49 46.25
C PRO A 1127 85.98 10.22 47.42
N LEU A 1128 86.28 8.94 47.66
CA LEU A 1128 86.95 8.57 48.89
C LEU A 1128 88.43 8.93 48.89
N GLN A 1129 89.15 8.59 47.82
CA GLN A 1129 90.60 8.79 47.74
C GLN A 1129 91.08 10.14 48.25
N PRO A 1130 90.50 11.28 47.86
CA PRO A 1130 90.99 12.55 48.41
C PRO A 1130 90.76 12.65 49.91
N GLU A 1131 89.60 12.16 50.38
CA GLU A 1131 89.31 12.22 51.81
C GLU A 1131 90.42 11.57 52.62
N LEU A 1132 91.10 10.60 52.03
CA LEU A 1132 92.13 9.88 52.77
C LEU A 1132 93.22 10.80 53.29
N ASP A 1133 93.97 11.43 52.37
CA ASP A 1133 95.41 11.58 52.58
C ASP A 1133 95.76 12.13 53.94
N SER A 1134 94.90 12.93 54.53
CA SER A 1134 95.14 13.32 55.90
C SER A 1134 94.83 12.14 56.81
N GLN B 1 -50.83 -16.72 41.28
CA GLN B 1 -50.23 -16.28 42.54
C GLN B 1 -49.97 -14.78 42.52
N CYS B 2 -48.69 -14.42 42.36
CA CYS B 2 -48.24 -13.03 42.36
C CYS B 2 -48.68 -12.30 43.63
N VAL B 3 -48.71 -13.01 44.75
CA VAL B 3 -48.96 -12.37 46.03
C VAL B 3 -47.82 -11.39 46.28
N ASN B 4 -48.18 -10.18 46.74
CA ASN B 4 -47.13 -9.13 46.82
C ASN B 4 -47.17 -8.30 48.11
N LEU B 5 -45.99 -8.00 48.68
CA LEU B 5 -45.90 -7.14 49.90
C LEU B 5 -44.72 -6.19 49.72
N THR B 6 -44.94 -5.03 49.08
CA THR B 6 -43.80 -4.12 48.77
C THR B 6 -43.10 -3.64 50.04
N THR B 7 -43.85 -3.19 51.06
CA THR B 7 -43.24 -2.79 52.36
C THR B 7 -42.04 -1.86 52.11
N ARG B 8 -42.21 -0.81 51.30
CA ARG B 8 -41.06 0.06 50.93
C ARG B 8 -40.47 0.73 52.17
N THR B 9 -39.14 0.85 52.23
CA THR B 9 -38.46 1.44 53.42
C THR B 9 -37.50 2.55 52.97
N GLN B 10 -37.27 3.55 53.82
CA GLN B 10 -36.39 4.70 53.48
C GLN B 10 -34.94 4.43 53.93
N LEU B 11 -34.09 5.47 53.99
CA LEU B 11 -32.67 5.38 54.45
C LEU B 11 -31.72 5.17 53.26
N PRO B 12 -30.44 5.60 53.33
CA PRO B 12 -29.50 5.47 52.21
C PRO B 12 -28.90 4.07 52.06
N PRO B 13 -28.56 3.54 50.84
CA PRO B 13 -27.94 2.21 50.77
C PRO B 13 -26.63 2.20 51.55
N ALA B 14 -26.52 1.25 52.47
CA ALA B 14 -25.33 1.17 53.31
C ALA B 14 -24.20 0.63 52.45
N TYR B 15 -23.14 1.42 52.31
CA TYR B 15 -22.07 1.04 51.41
C TYR B 15 -20.96 0.34 52.19
N THR B 16 -19.96 -0.10 51.45
CA THR B 16 -18.81 -0.77 52.03
C THR B 16 -17.67 -0.70 51.03
N ASN B 17 -16.55 -1.28 51.40
CA ASN B 17 -15.33 -1.19 50.62
C ASN B 17 -14.81 -2.61 50.40
N SER B 18 -14.84 -3.06 49.15
CA SER B 18 -14.24 -4.35 48.83
C SER B 18 -12.74 -4.17 48.75
N PHE B 19 -12.01 -4.84 49.64
CA PHE B 19 -10.60 -4.55 49.80
C PHE B 19 -9.81 -5.26 48.71
N THR B 20 -9.71 -6.57 48.84
CA THR B 20 -9.27 -7.45 47.77
C THR B 20 -10.39 -8.45 47.53
N ARG B 21 -11.07 -8.33 46.40
CA ARG B 21 -12.28 -9.11 46.22
C ARG B 21 -12.59 -9.26 44.75
N GLY B 22 -13.37 -10.28 44.44
CA GLY B 22 -13.87 -10.48 43.09
C GLY B 22 -12.83 -10.80 42.06
N VAL B 23 -11.83 -11.60 42.41
CA VAL B 23 -10.80 -12.04 41.46
C VAL B 23 -11.06 -13.50 41.13
N TYR B 24 -11.54 -13.75 39.93
CA TYR B 24 -11.83 -15.09 39.45
C TYR B 24 -10.71 -15.53 38.52
N TYR B 25 -10.83 -16.73 37.98
CA TYR B 25 -9.86 -17.23 37.02
C TYR B 25 -10.40 -17.01 35.62
N PRO B 26 -9.87 -16.06 34.87
CA PRO B 26 -10.41 -15.81 33.53
C PRO B 26 -9.76 -16.65 32.44
N ASP B 27 -9.66 -17.96 32.67
CA ASP B 27 -9.17 -18.99 31.74
C ASP B 27 -9.18 -20.33 32.46
N LYS B 28 -9.05 -21.41 31.68
CA LYS B 28 -8.93 -22.76 32.29
C LYS B 28 -7.45 -23.18 32.21
N VAL B 29 -6.60 -22.32 31.65
CA VAL B 29 -5.19 -22.67 31.50
C VAL B 29 -4.53 -22.69 32.86
N PHE B 30 -3.86 -23.79 33.16
CA PHE B 30 -3.16 -23.93 34.43
C PHE B 30 -1.81 -23.24 34.37
N ARG B 31 -1.59 -22.30 35.29
CA ARG B 31 -0.32 -21.60 35.38
C ARG B 31 0.19 -21.69 36.81
N SER B 32 1.52 -21.66 36.96
CA SER B 32 2.16 -21.90 38.24
C SER B 32 3.15 -20.78 38.53
N SER B 33 2.89 -20.02 39.60
CA SER B 33 3.83 -19.01 40.12
C SER B 33 4.35 -18.09 39.02
N VAL B 34 3.44 -17.51 38.26
CA VAL B 34 3.79 -16.54 37.23
C VAL B 34 2.92 -15.32 37.42
N LEU B 35 3.35 -14.18 36.86
CA LEU B 35 2.53 -12.98 36.91
C LEU B 35 1.88 -12.77 35.55
N HIS B 36 0.57 -13.01 35.48
CA HIS B 36 -0.17 -12.90 34.24
C HIS B 36 -1.04 -11.65 34.29
N SER B 37 -1.18 -10.98 33.15
CA SER B 37 -1.86 -9.69 33.09
C SER B 37 -2.86 -9.70 31.95
N THR B 38 -4.13 -9.50 32.28
CA THR B 38 -5.19 -9.31 31.30
C THR B 38 -6.04 -8.12 31.70
N GLN B 39 -6.67 -7.52 30.70
CA GLN B 39 -7.64 -6.45 30.89
C GLN B 39 -9.02 -7.03 30.62
N ASP B 40 -9.80 -7.21 31.69
CA ASP B 40 -11.09 -7.86 31.62
C ASP B 40 -12.03 -7.20 32.61
N LEU B 41 -13.32 -7.52 32.49
CA LEU B 41 -14.31 -7.05 33.45
C LEU B 41 -14.01 -7.62 34.82
N PHE B 42 -13.89 -6.75 35.82
CA PHE B 42 -13.74 -7.17 37.20
C PHE B 42 -14.44 -6.15 38.10
N LEU B 43 -14.46 -6.45 39.40
CA LEU B 43 -14.84 -5.47 40.39
C LEU B 43 -13.56 -4.84 40.92
N PRO B 44 -13.25 -3.59 40.56
CA PRO B 44 -11.95 -3.01 40.95
C PRO B 44 -11.84 -2.88 42.46
N PHE B 45 -10.61 -3.05 42.96
CA PHE B 45 -10.36 -3.04 44.43
C PHE B 45 -10.69 -1.68 45.06
N PHE B 46 -10.86 -1.67 46.38
CA PHE B 46 -11.21 -0.42 47.09
C PHE B 46 -12.45 0.17 46.43
N SER B 47 -13.50 -0.63 46.20
CA SER B 47 -14.74 -0.10 45.54
C SER B 47 -15.96 -0.07 46.47
N ASN B 48 -17.10 0.43 45.96
CA ASN B 48 -18.09 1.23 46.74
C ASN B 48 -19.26 0.35 47.23
N VAL B 49 -19.52 -0.78 46.56
CA VAL B 49 -20.23 -2.01 47.02
C VAL B 49 -21.35 -1.77 48.06
N THR B 50 -22.60 -2.09 47.70
CA THR B 50 -23.79 -1.77 48.51
C THR B 50 -24.17 -2.97 49.37
N TRP B 51 -24.05 -2.85 50.70
CA TRP B 51 -24.51 -3.93 51.61
C TRP B 51 -26.02 -3.80 51.71
N PHE B 52 -26.77 -4.48 50.83
CA PHE B 52 -28.26 -4.40 50.81
C PHE B 52 -28.85 -5.39 51.80
N HIS B 53 -30.11 -5.18 52.20
CA HIS B 53 -30.79 -6.18 53.06
C HIS B 53 -32.13 -6.57 52.41
N ALA B 54 -32.30 -7.83 52.01
CA ALA B 54 -33.59 -8.28 51.46
C ALA B 54 -34.67 -8.22 52.54
N ILE B 55 -34.36 -8.71 53.75
CA ILE B 55 -35.31 -8.62 54.90
C ILE B 55 -34.54 -7.98 56.05
N HIS B 56 -35.07 -6.93 56.68
CA HIS B 56 -34.24 -6.23 57.70
C HIS B 56 -35.03 -5.89 58.97
N VAL B 57 -34.81 -6.65 60.05
CA VAL B 57 -35.41 -6.27 61.32
C VAL B 57 -34.62 -5.14 61.96
N SER B 58 -35.28 -4.01 62.18
CA SER B 58 -34.79 -2.93 63.02
C SER B 58 -35.68 -2.92 64.24
N GLY B 59 -35.13 -3.33 65.38
CA GLY B 59 -35.96 -3.76 66.50
C GLY B 59 -36.82 -2.74 67.20
N THR B 60 -38.12 -3.00 67.21
CA THR B 60 -39.03 -2.55 68.25
C THR B 60 -39.85 -3.76 68.68
N ASN B 61 -40.69 -4.27 67.79
CA ASN B 61 -41.04 -5.68 67.77
C ASN B 61 -41.26 -6.06 66.31
N GLY B 62 -40.61 -7.12 65.86
CA GLY B 62 -40.76 -7.51 64.47
C GLY B 62 -40.18 -6.45 63.55
N THR B 63 -41.03 -5.91 62.68
CA THR B 63 -40.67 -4.90 61.67
C THR B 63 -39.63 -5.45 60.70
N LYS B 64 -40.09 -6.40 59.89
CA LYS B 64 -39.28 -6.96 58.82
C LYS B 64 -39.45 -6.13 57.55
N ARG B 65 -38.33 -5.64 57.02
CA ARG B 65 -38.34 -4.69 55.92
C ARG B 65 -37.90 -5.38 54.63
N PHE B 66 -38.85 -5.54 53.71
CA PHE B 66 -38.60 -6.17 52.41
C PHE B 66 -38.27 -5.06 51.43
N ASP B 67 -36.98 -4.87 51.15
CA ASP B 67 -36.52 -3.78 50.30
C ASP B 67 -35.99 -4.18 48.93
N ASN B 68 -35.82 -5.47 48.65
CA ASN B 68 -34.89 -5.82 47.58
C ASN B 68 -35.37 -5.30 46.22
N PRO B 69 -34.69 -4.33 45.62
CA PRO B 69 -35.16 -3.73 44.38
C PRO B 69 -34.78 -4.55 43.16
N VAL B 70 -35.52 -4.31 42.08
CA VAL B 70 -35.02 -4.67 40.76
C VAL B 70 -33.78 -3.84 40.48
N LEU B 71 -32.70 -4.50 40.10
CA LEU B 71 -31.46 -3.76 39.96
C LEU B 71 -30.90 -3.91 38.55
N PRO B 72 -30.37 -2.83 37.97
CA PRO B 72 -29.79 -2.94 36.63
C PRO B 72 -28.57 -3.84 36.66
N PHE B 73 -28.31 -4.50 35.53
CA PHE B 73 -27.11 -5.32 35.42
C PHE B 73 -25.88 -4.48 35.10
N ASN B 74 -26.04 -3.40 34.34
CA ASN B 74 -24.94 -2.51 33.92
C ASN B 74 -23.90 -3.35 33.18
N ASP B 75 -22.61 -3.16 33.45
CA ASP B 75 -21.56 -3.91 32.77
C ASP B 75 -21.48 -5.36 33.24
N GLY B 76 -21.16 -5.59 34.51
CA GLY B 76 -21.21 -6.91 35.08
C GLY B 76 -21.62 -6.79 36.53
N VAL B 77 -21.87 -7.95 37.14
CA VAL B 77 -22.44 -8.01 38.48
C VAL B 77 -21.62 -8.92 39.36
N TYR B 78 -21.39 -8.48 40.60
CA TYR B 78 -20.77 -9.26 41.65
C TYR B 78 -21.81 -9.48 42.74
N PHE B 79 -21.65 -10.54 43.52
CA PHE B 79 -22.60 -10.85 44.58
C PHE B 79 -21.89 -11.56 45.73
N ALA B 80 -22.34 -11.26 46.95
CA ALA B 80 -21.77 -11.88 48.14
C ALA B 80 -22.83 -11.95 49.23
N SER B 81 -22.77 -13.02 50.03
CA SER B 81 -23.71 -13.19 51.11
C SER B 81 -23.12 -14.14 52.15
N THR B 82 -23.70 -14.09 53.36
CA THR B 82 -23.33 -15.01 54.43
C THR B 82 -24.43 -16.04 54.62
N GLU B 83 -25.52 -15.63 55.25
CA GLU B 83 -26.77 -16.39 55.28
C GLU B 83 -26.55 -17.80 55.84
N LYS B 84 -26.11 -17.86 57.10
CA LYS B 84 -25.94 -19.19 57.75
C LYS B 84 -27.22 -19.98 57.47
N SER B 85 -28.38 -19.36 57.66
CA SER B 85 -29.65 -20.03 57.29
C SER B 85 -30.03 -19.48 55.91
N ASN B 86 -30.07 -20.34 54.90
CA ASN B 86 -30.30 -19.82 53.53
C ASN B 86 -31.68 -19.18 53.43
N ILE B 87 -31.76 -18.02 52.79
CA ILE B 87 -33.08 -17.40 52.52
C ILE B 87 -32.96 -17.00 51.06
N ILE B 88 -31.77 -17.17 50.50
CA ILE B 88 -31.49 -16.74 49.13
C ILE B 88 -31.32 -17.98 48.26
N ARG B 89 -31.84 -17.91 47.04
CA ARG B 89 -31.82 -19.08 46.18
C ARG B 89 -31.20 -18.75 44.83
N GLY B 90 -31.80 -17.79 44.11
CA GLY B 90 -31.36 -17.48 42.77
C GLY B 90 -31.71 -16.06 42.41
N TRP B 91 -31.56 -15.74 41.13
CA TRP B 91 -31.77 -14.38 40.64
C TRP B 91 -32.62 -14.43 39.38
N ILE B 92 -33.26 -13.31 39.05
CA ILE B 92 -34.29 -13.26 38.03
C ILE B 92 -33.75 -12.79 36.68
N PHE B 93 -32.43 -12.78 36.50
CA PHE B 93 -31.76 -11.92 35.52
C PHE B 93 -32.50 -11.90 34.19
N GLY B 94 -32.65 -10.70 33.64
CA GLY B 94 -33.39 -10.51 32.42
C GLY B 94 -33.27 -9.07 31.94
N THR B 95 -34.20 -8.69 31.08
CA THR B 95 -34.25 -7.31 30.59
C THR B 95 -35.59 -6.66 30.90
N THR B 96 -36.66 -7.15 30.29
CA THR B 96 -37.99 -6.63 30.57
C THR B 96 -38.51 -7.12 31.91
N LEU B 97 -37.92 -8.18 32.46
CA LEU B 97 -38.39 -8.81 33.70
C LEU B 97 -39.82 -9.30 33.51
N ASP B 98 -40.09 -9.76 32.30
CA ASP B 98 -41.44 -10.00 31.80
C ASP B 98 -41.28 -10.93 30.60
N SER B 99 -42.36 -11.13 29.85
CA SER B 99 -42.23 -11.72 28.52
C SER B 99 -41.62 -10.69 27.57
N LYS B 100 -41.58 -11.06 26.29
CA LYS B 100 -41.00 -10.32 25.17
C LYS B 100 -39.48 -10.45 25.13
N THR B 101 -38.85 -10.91 26.20
CA THR B 101 -37.43 -11.27 26.20
C THR B 101 -37.29 -12.62 26.87
N GLN B 102 -36.10 -13.20 26.76
CA GLN B 102 -35.87 -14.41 27.53
C GLN B 102 -35.76 -14.05 29.00
N SER B 103 -35.58 -15.07 29.84
CA SER B 103 -35.43 -14.84 31.26
C SER B 103 -34.41 -15.80 31.82
N LEU B 104 -33.45 -15.28 32.58
CA LEU B 104 -32.54 -16.15 33.30
C LEU B 104 -33.08 -16.40 34.70
N LEU B 105 -33.51 -17.64 34.93
CA LEU B 105 -34.12 -17.98 36.20
C LEU B 105 -33.28 -19.06 36.86
N ILE B 106 -32.54 -18.63 37.88
CA ILE B 106 -31.70 -19.61 38.60
C ILE B 106 -32.49 -20.03 39.83
N VAL B 107 -32.91 -21.29 39.89
CA VAL B 107 -33.56 -21.72 41.15
C VAL B 107 -32.71 -22.82 41.75
N ASN B 108 -32.21 -22.56 42.97
CA ASN B 108 -31.68 -23.55 43.95
C ASN B 108 -32.84 -24.29 44.62
N ASN B 109 -32.71 -25.61 44.80
CA ASN B 109 -33.77 -26.41 45.47
C ASN B 109 -33.24 -27.10 46.73
N ALA B 110 -34.07 -27.99 47.29
CA ALA B 110 -33.61 -29.12 48.14
C ALA B 110 -33.47 -30.38 47.27
N THR B 111 -32.64 -30.40 46.21
CA THR B 111 -31.20 -30.06 46.18
C THR B 111 -30.76 -29.80 44.74
N ASN B 112 -31.63 -30.12 43.78
CA ASN B 112 -31.18 -29.98 42.37
C ASN B 112 -31.52 -28.58 41.89
N VAL B 113 -30.50 -27.73 41.82
CA VAL B 113 -30.74 -26.39 41.24
C VAL B 113 -31.18 -26.66 39.81
N VAL B 114 -32.29 -26.07 39.37
CA VAL B 114 -32.68 -26.25 37.94
C VAL B 114 -32.48 -24.91 37.23
N ILE B 115 -31.25 -24.62 36.81
CA ILE B 115 -31.10 -23.37 36.07
C ILE B 115 -32.14 -23.35 34.96
N LYS B 116 -32.71 -22.17 34.71
CA LYS B 116 -33.70 -22.02 33.66
C LYS B 116 -33.40 -20.74 32.88
N VAL B 117 -33.30 -20.90 31.56
CA VAL B 117 -33.33 -19.78 30.64
C VAL B 117 -34.58 -19.94 29.80
N CYS B 118 -35.59 -19.11 30.06
CA CYS B 118 -36.91 -19.29 29.48
C CYS B 118 -37.54 -17.93 29.24
N GLU B 119 -38.83 -17.91 28.94
CA GLU B 119 -39.64 -16.71 28.95
C GLU B 119 -40.71 -16.87 30.03
N PHE B 120 -40.62 -16.06 31.08
CA PHE B 120 -41.54 -16.13 32.19
C PHE B 120 -42.38 -14.85 32.27
N GLN B 121 -43.32 -14.85 33.21
CA GLN B 121 -43.97 -13.64 33.67
C GLN B 121 -43.60 -13.45 35.13
N PHE B 122 -42.72 -12.50 35.41
CA PHE B 122 -42.33 -12.25 36.79
C PHE B 122 -43.26 -11.25 37.43
N CYS B 123 -43.69 -11.57 38.64
CA CYS B 123 -44.68 -10.76 39.34
C CYS B 123 -44.05 -9.44 39.79
N ASN B 124 -44.86 -8.60 40.42
CA ASN B 124 -44.36 -7.34 40.96
C ASN B 124 -43.47 -7.54 42.18
N ASP B 125 -43.71 -8.57 42.98
CA ASP B 125 -42.90 -8.87 44.16
C ASP B 125 -42.50 -10.35 44.11
N PRO B 126 -41.64 -10.72 43.18
CA PRO B 126 -41.32 -12.15 43.01
C PRO B 126 -40.39 -12.66 44.11
N PHE B 127 -40.61 -13.93 44.49
CA PHE B 127 -39.76 -14.67 45.41
C PHE B 127 -40.36 -16.07 45.52
N LEU B 128 -39.53 -17.02 45.94
CA LEU B 128 -39.94 -18.41 46.05
C LEU B 128 -40.69 -18.62 47.37
N GLY B 129 -41.93 -19.07 47.29
CA GLY B 129 -42.66 -19.44 48.49
C GLY B 129 -42.31 -20.86 48.91
N VAL B 130 -42.24 -21.07 50.21
CA VAL B 130 -42.01 -22.38 50.80
C VAL B 130 -43.13 -22.65 51.78
N TYR B 131 -43.64 -23.87 51.76
CA TYR B 131 -44.73 -24.26 52.64
C TYR B 131 -44.47 -25.71 53.09
N TYR B 132 -45.44 -26.28 53.79
CA TYR B 132 -45.35 -27.62 54.33
C TYR B 132 -46.40 -28.51 53.69
N HIS B 133 -45.97 -29.60 53.04
CA HIS B 133 -46.90 -30.43 52.23
C HIS B 133 -47.88 -31.27 53.05
N LYS B 134 -47.50 -31.76 54.23
CA LYS B 134 -48.39 -32.59 55.12
C LYS B 134 -48.44 -33.99 54.53
N ASN B 135 -48.04 -34.14 53.25
CA ASN B 135 -47.96 -35.47 52.62
C ASN B 135 -46.47 -35.80 52.51
N ASN B 136 -45.99 -36.79 53.28
CA ASN B 136 -44.53 -37.13 53.33
C ASN B 136 -43.82 -36.14 54.25
N LYS B 137 -44.56 -35.23 54.90
CA LYS B 137 -43.98 -34.28 55.89
C LYS B 137 -42.79 -33.51 55.29
N SER B 138 -42.93 -32.99 54.06
CA SER B 138 -41.79 -32.31 53.40
C SER B 138 -42.10 -30.85 53.10
N TRP B 139 -41.12 -29.95 53.28
CA TRP B 139 -41.31 -28.55 52.94
C TRP B 139 -41.12 -28.38 51.45
N MET B 140 -42.20 -28.16 50.71
CA MET B 140 -42.07 -27.89 49.29
C MET B 140 -41.72 -26.44 49.07
N GLU B 141 -41.50 -26.10 47.81
CA GLU B 141 -41.26 -24.72 47.41
C GLU B 141 -42.24 -24.39 46.30
N SER B 142 -43.13 -23.45 46.55
CA SER B 142 -44.02 -22.95 45.51
C SER B 142 -43.20 -21.99 44.67
N GLU B 143 -42.98 -22.34 43.41
CA GLU B 143 -42.11 -21.56 42.55
C GLU B 143 -42.87 -20.52 41.75
N PHE B 144 -44.19 -20.54 41.77
CA PHE B 144 -44.96 -19.57 41.00
C PHE B 144 -45.33 -18.36 41.84
N ARG B 145 -44.87 -18.30 43.09
CA ARG B 145 -44.93 -17.04 43.82
C ARG B 145 -43.91 -16.07 43.25
N VAL B 146 -42.91 -16.60 42.54
CA VAL B 146 -41.99 -15.79 41.76
C VAL B 146 -42.71 -15.29 40.52
N TYR B 147 -43.05 -16.23 39.65
CA TYR B 147 -43.51 -15.94 38.31
C TYR B 147 -44.79 -16.70 38.02
N SER B 148 -45.70 -16.06 37.28
CA SER B 148 -46.95 -16.73 36.93
C SER B 148 -46.74 -17.73 35.81
N SER B 149 -46.41 -17.24 34.62
CA SER B 149 -46.32 -18.10 33.43
C SER B 149 -44.91 -18.65 33.30
N ALA B 150 -44.84 -19.90 32.83
CA ALA B 150 -43.60 -20.50 32.35
C ALA B 150 -43.91 -21.18 31.02
N ASN B 151 -43.31 -20.68 29.95
CA ASN B 151 -43.60 -21.17 28.60
C ASN B 151 -42.49 -20.69 27.66
N ASN B 152 -42.55 -21.15 26.41
CA ASN B 152 -41.66 -20.74 25.33
C ASN B 152 -40.21 -21.15 25.58
N CYS B 153 -39.93 -21.81 26.71
CA CYS B 153 -38.59 -21.84 27.29
C CYS B 153 -37.52 -22.24 26.29
N THR B 154 -36.44 -21.46 26.24
CA THR B 154 -35.30 -21.69 25.38
C THR B 154 -34.30 -22.71 25.94
N PHE B 155 -33.99 -22.64 27.23
CA PHE B 155 -32.91 -23.48 27.75
C PHE B 155 -33.25 -23.97 29.15
N GLU B 156 -32.67 -25.11 29.50
CA GLU B 156 -32.85 -25.73 30.80
C GLU B 156 -31.56 -26.46 31.16
N TYR B 157 -31.24 -26.48 32.45
CA TYR B 157 -30.05 -27.20 32.91
C TYR B 157 -30.21 -27.53 34.39
N VAL B 158 -29.46 -28.54 34.84
CA VAL B 158 -29.43 -28.96 36.23
C VAL B 158 -27.99 -29.27 36.62
N SER B 159 -27.64 -29.00 37.87
CA SER B 159 -26.30 -29.28 38.36
C SER B 159 -26.36 -29.51 39.87
N GLN B 160 -25.21 -29.82 40.46
CA GLN B 160 -25.07 -29.90 41.91
C GLN B 160 -25.20 -28.52 42.53
N PRO B 161 -25.79 -28.43 43.72
CA PRO B 161 -26.18 -27.12 44.25
C PRO B 161 -25.00 -26.19 44.45
N PHE B 162 -25.12 -25.00 43.89
CA PHE B 162 -24.11 -23.98 44.08
C PHE B 162 -24.13 -23.48 45.51
N LEU B 163 -25.31 -23.08 45.97
CA LEU B 163 -25.56 -22.80 47.38
C LEU B 163 -25.41 -24.11 48.14
N MET B 164 -24.59 -24.09 49.20
CA MET B 164 -24.33 -25.28 49.97
C MET B 164 -24.13 -24.86 51.42
N ASP B 165 -24.61 -25.67 52.34
CA ASP B 165 -24.37 -25.40 53.75
C ASP B 165 -23.30 -26.34 54.29
N LEU B 166 -22.86 -26.05 55.51
CA LEU B 166 -22.03 -26.93 56.32
C LEU B 166 -22.61 -26.93 57.72
N GLU B 167 -22.59 -25.75 58.33
CA GLU B 167 -23.17 -25.41 59.62
C GLU B 167 -22.59 -26.29 60.74
N GLY B 168 -23.39 -26.60 61.76
CA GLY B 168 -22.87 -27.13 63.01
C GLY B 168 -21.89 -26.23 63.71
N LYS B 169 -21.59 -25.04 63.18
CA LYS B 169 -20.48 -24.21 63.61
C LYS B 169 -20.87 -23.07 64.53
N GLN B 170 -22.15 -22.93 64.86
CA GLN B 170 -22.67 -21.84 65.71
C GLN B 170 -22.06 -20.49 65.33
N GLY B 171 -21.91 -20.28 64.04
CA GLY B 171 -21.23 -19.11 63.52
C GLY B 171 -19.75 -19.38 63.30
N ASN B 172 -18.98 -18.29 63.38
CA ASN B 172 -17.52 -18.31 63.24
C ASN B 172 -17.10 -18.65 61.81
N PHE B 173 -18.04 -19.14 61.02
CA PHE B 173 -17.91 -19.22 59.57
C PHE B 173 -18.78 -18.19 58.87
N LYS B 174 -20.09 -18.25 59.11
CA LYS B 174 -21.11 -17.47 58.43
C LYS B 174 -21.27 -17.98 57.00
N ASN B 175 -20.36 -18.85 56.59
CA ASN B 175 -20.33 -19.42 55.24
C ASN B 175 -20.50 -18.33 54.20
N LEU B 176 -19.52 -17.44 54.14
CA LEU B 176 -19.61 -16.35 53.18
C LEU B 176 -19.57 -16.91 51.76
N ARG B 177 -20.56 -16.55 50.97
CA ARG B 177 -20.77 -17.14 49.65
C ARG B 177 -20.84 -16.03 48.62
N GLU B 178 -20.04 -16.16 47.57
CA GLU B 178 -19.92 -15.15 46.53
C GLU B 178 -20.26 -15.76 45.17
N PHE B 179 -20.91 -14.95 44.33
CA PHE B 179 -21.24 -15.41 43.00
C PHE B 179 -21.06 -14.25 42.03
N VAL B 180 -20.26 -14.50 40.99
CA VAL B 180 -20.00 -13.49 39.96
C VAL B 180 -20.73 -13.89 38.69
N PHE B 181 -21.31 -12.89 38.05
CA PHE B 181 -22.17 -13.10 36.88
C PHE B 181 -21.72 -12.16 35.79
N LYS B 182 -21.20 -12.70 34.70
CA LYS B 182 -20.67 -11.91 33.60
C LYS B 182 -21.25 -12.42 32.29
N ASN B 183 -21.86 -11.52 31.53
CA ASN B 183 -22.58 -11.89 30.31
C ASN B 183 -21.84 -11.32 29.12
N ILE B 184 -21.20 -12.20 28.35
CA ILE B 184 -20.40 -11.82 27.19
C ILE B 184 -20.56 -12.91 26.13
N ASP B 185 -20.33 -12.52 24.87
CA ASP B 185 -20.03 -13.40 23.74
C ASP B 185 -20.86 -14.68 23.71
N GLY B 186 -22.13 -14.58 24.05
CA GLY B 186 -22.97 -15.76 24.07
C GLY B 186 -22.75 -16.69 25.25
N TYR B 187 -21.72 -16.44 26.05
CA TYR B 187 -21.46 -17.23 27.25
C TYR B 187 -21.65 -16.37 28.48
N PHE B 188 -22.72 -16.61 29.22
CA PHE B 188 -22.90 -16.08 30.56
C PHE B 188 -22.36 -17.12 31.53
N LYS B 189 -21.27 -16.78 32.19
CA LYS B 189 -20.54 -17.73 33.02
C LYS B 189 -20.75 -17.39 34.49
N ILE B 190 -20.84 -18.44 35.30
CA ILE B 190 -21.10 -18.30 36.73
C ILE B 190 -19.85 -18.68 37.50
N TYR B 191 -19.59 -17.94 38.57
CA TYR B 191 -18.44 -18.19 39.42
C TYR B 191 -18.95 -18.34 40.86
N SER B 192 -18.15 -18.96 41.71
CA SER B 192 -18.60 -19.23 43.07
C SER B 192 -17.39 -19.31 43.99
N LYS B 193 -17.68 -19.50 45.27
CA LYS B 193 -16.68 -19.61 46.33
C LYS B 193 -17.44 -19.82 47.63
N HIS B 194 -16.73 -20.36 48.62
CA HIS B 194 -17.27 -20.50 49.97
C HIS B 194 -16.15 -20.19 50.95
N THR B 195 -16.39 -19.28 51.88
CA THR B 195 -15.34 -18.84 52.77
C THR B 195 -15.86 -18.69 54.19
N PRO B 196 -15.06 -19.07 55.18
CA PRO B 196 -15.38 -18.72 56.57
C PRO B 196 -15.10 -17.25 56.81
N ILE B 197 -15.95 -16.60 57.61
CA ILE B 197 -15.70 -15.25 58.07
C ILE B 197 -16.16 -15.13 59.52
N ASN B 198 -15.26 -14.64 60.38
CA ASN B 198 -15.58 -14.41 61.78
C ASN B 198 -16.05 -13.00 62.06
N LEU B 199 -15.93 -12.08 61.11
CA LEU B 199 -16.32 -10.71 61.35
C LEU B 199 -17.85 -10.60 61.40
N VAL B 200 -18.32 -9.53 62.05
CA VAL B 200 -19.76 -9.38 62.28
C VAL B 200 -20.51 -9.33 60.95
N ARG B 201 -20.10 -8.45 60.04
CA ARG B 201 -20.77 -8.35 58.76
C ARG B 201 -19.81 -8.32 57.59
N ASP B 202 -19.07 -7.23 57.46
CA ASP B 202 -18.39 -6.88 56.21
C ASP B 202 -17.18 -7.77 55.98
N LEU B 203 -16.50 -7.53 54.87
CA LEU B 203 -15.57 -8.47 54.25
C LEU B 203 -14.16 -8.33 54.81
N PRO B 204 -13.38 -9.42 54.78
CA PRO B 204 -11.99 -9.34 55.25
C PRO B 204 -11.03 -8.85 54.17
N GLN B 205 -9.73 -8.93 54.47
CA GLN B 205 -8.69 -8.52 53.55
C GLN B 205 -8.22 -9.63 52.62
N GLY B 206 -8.75 -10.84 52.78
CA GLY B 206 -8.27 -11.98 52.03
C GLY B 206 -8.74 -11.97 50.58
N PHE B 207 -8.02 -12.73 49.76
CA PHE B 207 -8.34 -12.90 48.35
C PHE B 207 -9.28 -14.08 48.16
N SER B 208 -10.23 -13.91 47.25
CA SER B 208 -11.21 -14.95 46.95
C SER B 208 -11.12 -15.31 45.47
N ALA B 209 -10.68 -16.52 45.17
CA ALA B 209 -10.62 -16.97 43.79
C ALA B 209 -11.87 -17.74 43.44
N LEU B 210 -12.47 -17.39 42.29
CA LEU B 210 -13.75 -17.95 41.88
C LEU B 210 -13.55 -18.73 40.59
N GLU B 211 -13.83 -20.01 40.62
CA GLU B 211 -13.71 -20.77 39.38
C GLU B 211 -14.99 -20.61 38.57
N PRO B 212 -14.91 -20.71 37.24
CA PRO B 212 -16.14 -20.76 36.45
C PRO B 212 -16.88 -22.05 36.72
N LEU B 213 -18.17 -21.95 37.02
CA LEU B 213 -18.97 -23.14 37.24
C LEU B 213 -19.35 -23.78 35.90
N VAL B 214 -20.22 -23.10 35.15
CA VAL B 214 -20.65 -23.55 33.83
C VAL B 214 -20.56 -22.37 32.87
N ASP B 215 -20.07 -22.64 31.66
CA ASP B 215 -20.05 -21.65 30.61
C ASP B 215 -21.22 -21.92 29.66
N LEU B 216 -22.30 -21.14 29.78
CA LEU B 216 -23.51 -21.56 29.03
C LEU B 216 -23.90 -20.68 27.85
N PRO B 217 -24.46 -21.25 26.77
CA PRO B 217 -24.96 -20.48 25.65
C PRO B 217 -26.20 -19.73 26.16
N ILE B 218 -26.08 -18.41 26.30
CA ILE B 218 -27.21 -17.60 26.85
C ILE B 218 -27.70 -16.71 25.72
N GLY B 219 -26.79 -16.05 25.00
CA GLY B 219 -27.15 -15.22 23.87
C GLY B 219 -28.09 -14.07 24.12
N ILE B 220 -28.50 -13.82 25.36
CA ILE B 220 -29.35 -12.67 25.66
C ILE B 220 -28.54 -11.61 26.40
N ASN B 221 -28.88 -10.35 26.14
CA ASN B 221 -28.40 -9.24 26.96
C ASN B 221 -29.30 -9.11 28.18
N ILE B 222 -28.68 -9.05 29.36
CA ILE B 222 -29.40 -8.88 30.61
C ILE B 222 -29.02 -7.50 31.15
N THR B 223 -29.97 -6.57 31.14
CA THR B 223 -29.72 -5.24 31.65
C THR B 223 -30.25 -4.99 33.06
N ARG B 224 -31.01 -5.92 33.66
CA ARG B 224 -31.60 -5.65 34.95
C ARG B 224 -31.99 -6.97 35.61
N PHE B 225 -32.14 -6.95 36.93
CA PHE B 225 -32.40 -8.18 37.66
C PHE B 225 -32.88 -7.84 39.08
N GLN B 226 -33.16 -8.89 39.84
CA GLN B 226 -33.42 -8.86 41.27
C GLN B 226 -33.14 -10.26 41.80
N THR B 227 -32.91 -10.38 43.10
CA THR B 227 -32.61 -11.66 43.70
C THR B 227 -33.91 -12.41 43.98
N LEU B 228 -33.78 -13.61 44.55
CA LEU B 228 -34.91 -14.42 44.94
C LEU B 228 -34.82 -14.76 46.41
N LEU B 229 -35.95 -15.23 46.95
CA LEU B 229 -36.09 -15.39 48.39
C LEU B 229 -36.80 -16.70 48.69
N ALA B 230 -36.64 -17.16 49.92
CA ALA B 230 -37.36 -18.32 50.43
C ALA B 230 -38.02 -17.93 51.75
N LEU B 231 -39.34 -17.90 51.77
CA LEU B 231 -40.12 -17.52 52.94
C LEU B 231 -41.10 -18.65 53.20
N HIS B 232 -41.87 -18.55 54.29
CA HIS B 232 -42.77 -19.63 54.65
C HIS B 232 -44.04 -19.09 55.30
N ARG B 233 -44.82 -20.02 55.86
CA ARG B 233 -46.06 -19.64 56.53
C ARG B 233 -45.99 -19.97 58.01
N SER B 234 -46.60 -19.12 58.84
CA SER B 234 -46.75 -19.43 60.24
C SER B 234 -48.23 -19.55 60.60
N TYR B 235 -48.50 -19.89 61.86
CA TYR B 235 -49.85 -20.14 62.30
C TYR B 235 -50.05 -19.56 63.70
N LEU B 236 -51.30 -19.55 64.17
CA LEU B 236 -51.80 -18.42 64.95
C LEU B 236 -50.87 -18.08 66.11
N THR B 237 -50.38 -16.84 66.07
CA THR B 237 -49.57 -16.20 67.09
C THR B 237 -49.90 -14.71 67.05
N PRO B 238 -49.73 -14.00 68.17
CA PRO B 238 -50.02 -12.56 68.12
C PRO B 238 -48.99 -11.79 67.30
N SER B 243 -50.34 -13.58 57.61
CA SER B 243 -49.69 -14.89 57.91
C SER B 243 -48.19 -14.68 58.19
N GLY B 244 -47.49 -15.71 58.65
CA GLY B 244 -46.05 -15.61 58.91
C GLY B 244 -45.27 -15.41 57.62
N TRP B 245 -44.18 -14.63 57.67
CA TRP B 245 -43.37 -14.32 56.45
C TRP B 245 -41.97 -13.91 56.88
N THR B 246 -41.07 -13.64 55.92
CA THR B 246 -39.72 -13.09 56.24
C THR B 246 -38.92 -13.96 57.24
N ALA B 247 -38.80 -15.27 56.98
CA ALA B 247 -37.98 -16.16 57.83
C ALA B 247 -36.60 -15.56 58.10
N GLY B 248 -36.18 -15.49 59.37
CA GLY B 248 -34.88 -14.97 59.73
C GLY B 248 -34.61 -13.56 59.19
N ALA B 249 -33.31 -13.28 59.05
CA ALA B 249 -32.86 -12.01 58.49
C ALA B 249 -32.13 -12.30 57.19
N ALA B 250 -32.10 -11.31 56.30
CA ALA B 250 -31.45 -11.44 55.00
C ALA B 250 -30.74 -10.16 54.63
N ALA B 251 -29.46 -10.30 54.25
CA ALA B 251 -28.68 -9.20 53.71
C ALA B 251 -27.60 -9.77 52.80
N TYR B 252 -27.22 -8.97 51.81
CA TYR B 252 -26.20 -9.42 50.86
C TYR B 252 -25.44 -8.21 50.33
N TYR B 253 -24.45 -8.51 49.49
CA TYR B 253 -23.54 -7.53 48.92
C TYR B 253 -23.63 -7.57 47.40
N VAL B 254 -23.61 -6.38 46.80
CA VAL B 254 -23.65 -6.25 45.34
C VAL B 254 -22.68 -5.17 44.92
N GLY B 255 -21.98 -5.42 43.82
CA GLY B 255 -21.13 -4.45 43.19
C GLY B 255 -21.07 -4.71 41.71
N TYR B 256 -20.74 -3.68 40.92
CA TYR B 256 -20.77 -3.81 39.48
C TYR B 256 -19.36 -4.00 38.94
N LEU B 257 -19.25 -4.79 37.87
CA LEU B 257 -17.96 -5.06 37.26
C LEU B 257 -17.53 -3.88 36.39
N GLN B 258 -16.36 -4.03 35.77
CA GLN B 258 -15.70 -2.94 35.06
C GLN B 258 -14.41 -3.46 34.42
N PRO B 259 -14.09 -3.05 33.19
CA PRO B 259 -12.82 -3.49 32.60
C PRO B 259 -11.65 -2.88 33.34
N ARG B 260 -10.71 -3.73 33.74
CA ARG B 260 -9.48 -3.33 34.42
C ARG B 260 -8.41 -4.35 34.11
N THR B 261 -7.16 -3.91 34.16
CA THR B 261 -6.02 -4.78 33.92
C THR B 261 -5.48 -5.25 35.26
N PHE B 262 -5.59 -6.55 35.53
CA PHE B 262 -5.02 -7.13 36.74
C PHE B 262 -3.77 -7.91 36.41
N LEU B 263 -2.77 -7.83 37.30
CA LEU B 263 -1.67 -8.77 37.30
C LEU B 263 -2.03 -9.92 38.25
N LEU B 264 -1.91 -11.13 37.75
CA LEU B 264 -2.39 -12.32 38.44
C LEU B 264 -1.19 -13.15 38.88
N LYS B 265 -1.06 -13.36 40.18
CA LYS B 265 0.02 -14.19 40.70
C LYS B 265 -0.53 -15.56 41.05
N TYR B 266 -0.22 -16.55 40.22
CA TYR B 266 -0.56 -17.92 40.52
C TYR B 266 0.38 -18.46 41.59
N ASN B 267 -0.04 -19.55 42.23
CA ASN B 267 0.81 -20.22 43.20
C ASN B 267 1.44 -21.45 42.54
N GLU B 268 2.32 -22.14 43.28
CA GLU B 268 2.90 -23.40 42.74
C GLU B 268 1.75 -24.33 42.33
N ASN B 269 0.60 -24.24 43.00
CA ASN B 269 -0.57 -25.11 42.69
C ASN B 269 -1.57 -24.36 41.80
N GLY B 270 -1.24 -23.14 41.37
CA GLY B 270 -2.14 -22.36 40.48
C GLY B 270 -3.20 -21.60 41.25
N THR B 271 -3.12 -21.58 42.57
CA THR B 271 -4.10 -20.83 43.40
C THR B 271 -3.71 -19.35 43.46
N ILE B 272 -4.44 -18.49 42.76
CA ILE B 272 -4.10 -17.08 42.72
C ILE B 272 -4.32 -16.47 44.10
N THR B 273 -3.28 -15.86 44.65
CA THR B 273 -3.45 -15.04 45.86
C THR B 273 -3.45 -13.56 45.50
N ASP B 274 -2.29 -12.99 45.24
CA ASP B 274 -2.17 -11.56 45.02
C ASP B 274 -2.60 -11.20 43.60
N ALA B 275 -3.57 -10.30 43.53
CA ALA B 275 -3.92 -9.62 42.29
C ALA B 275 -3.79 -8.13 42.53
N VAL B 276 -3.41 -7.40 41.50
CA VAL B 276 -3.20 -5.95 41.60
C VAL B 276 -3.84 -5.29 40.38
N ASP B 277 -4.69 -4.29 40.65
CA ASP B 277 -5.21 -3.46 39.58
C ASP B 277 -4.16 -2.45 39.14
N CYS B 278 -4.10 -2.20 37.83
CA CYS B 278 -3.15 -1.23 37.32
C CYS B 278 -3.61 0.22 37.46
N ALA B 279 -4.89 0.46 37.19
CA ALA B 279 -5.42 1.84 37.25
C ALA B 279 -5.80 2.28 38.66
N LEU B 280 -5.63 1.43 39.67
CA LEU B 280 -6.17 1.80 41.03
C LEU B 280 -5.59 3.13 41.51
N ASP B 281 -4.27 3.27 41.48
CA ASP B 281 -3.65 4.55 41.91
C ASP B 281 -2.39 4.76 41.06
N PRO B 282 -1.73 5.94 41.06
CA PRO B 282 -0.48 6.06 40.31
C PRO B 282 0.60 5.11 40.80
N LEU B 283 0.45 4.57 42.01
CA LEU B 283 1.41 3.60 42.52
C LEU B 283 1.14 2.22 41.94
N SER B 284 -0.14 1.86 41.79
CA SER B 284 -0.51 0.54 41.30
C SER B 284 -0.19 0.34 39.84
N GLU B 285 -0.08 1.41 39.06
CA GLU B 285 0.14 1.28 37.63
C GLU B 285 1.58 0.96 37.27
N THR B 286 2.49 1.29 38.19
CA THR B 286 3.94 1.00 37.99
C THR B 286 4.21 -0.48 38.27
N LYS B 287 3.52 -1.06 39.26
CA LYS B 287 3.72 -2.48 39.61
C LYS B 287 3.27 -3.33 38.42
N CYS B 288 2.55 -2.73 37.47
CA CYS B 288 2.01 -3.52 36.38
C CYS B 288 3.08 -3.40 35.32
N THR B 289 3.90 -2.36 35.43
CA THR B 289 5.02 -2.22 34.48
C THR B 289 6.14 -3.19 34.84
N LEU B 290 6.47 -3.33 36.12
CA LEU B 290 7.50 -4.32 36.50
C LEU B 290 6.92 -5.74 36.55
N LYS B 291 5.61 -5.94 36.48
CA LYS B 291 4.98 -7.26 36.57
C LYS B 291 5.23 -7.91 37.92
N SER B 292 5.98 -7.28 38.82
CA SER B 292 6.34 -7.88 40.09
C SER B 292 5.54 -7.29 41.24
N PHE B 293 5.26 -8.13 42.25
CA PHE B 293 4.71 -7.61 43.50
C PHE B 293 5.76 -7.01 44.40
N THR B 294 7.04 -7.31 44.17
CA THR B 294 8.13 -6.63 44.85
C THR B 294 8.59 -5.50 43.95
N VAL B 295 8.68 -4.31 44.52
CA VAL B 295 9.10 -3.11 43.79
C VAL B 295 10.38 -2.62 44.45
N GLU B 296 11.48 -2.71 43.72
CA GLU B 296 12.77 -2.36 44.27
C GLU B 296 12.87 -0.86 44.49
N LYS B 297 13.65 -0.49 45.49
CA LYS B 297 13.86 0.91 45.79
C LYS B 297 14.41 1.64 44.58
N GLY B 298 13.72 2.70 44.19
CA GLY B 298 14.14 3.48 43.04
C GLY B 298 12.96 4.19 42.42
N ILE B 299 13.23 4.80 41.27
CA ILE B 299 12.24 5.56 40.51
C ILE B 299 11.90 4.79 39.25
N TYR B 300 10.62 4.69 38.96
CA TYR B 300 10.12 3.96 37.81
C TYR B 300 9.19 4.85 37.03
N GLN B 301 9.16 4.68 35.72
CA GLN B 301 8.36 5.56 34.87
C GLN B 301 7.07 4.86 34.52
N THR B 302 5.99 5.29 35.14
CA THR B 302 4.62 4.91 34.87
C THR B 302 4.13 5.64 33.62
N SER B 303 3.01 5.15 33.08
CA SER B 303 2.45 5.69 31.85
C SER B 303 2.29 7.19 31.93
N ASN B 304 2.45 7.84 30.78
CA ASN B 304 2.43 9.28 30.68
C ASN B 304 1.02 9.81 30.95
N PHE B 305 0.95 11.09 31.28
CA PHE B 305 -0.34 11.76 31.41
C PHE B 305 -0.40 12.90 30.42
N ARG B 306 -1.62 13.30 30.09
CA ARG B 306 -1.86 14.42 29.19
C ARG B 306 -2.90 15.32 29.81
N VAL B 307 -2.76 16.58 29.41
CA VAL B 307 -3.77 17.54 29.86
C VAL B 307 -4.80 17.40 28.76
N GLN B 308 -6.06 17.58 29.10
CA GLN B 308 -7.08 17.31 28.09
C GLN B 308 -7.81 18.60 27.76
N PRO B 309 -8.49 18.74 26.61
CA PRO B 309 -9.05 20.02 26.20
C PRO B 309 -10.38 20.30 26.88
N THR B 310 -10.57 21.56 27.26
CA THR B 310 -11.83 21.98 27.85
C THR B 310 -12.94 22.10 26.81
N GLU B 311 -12.64 22.74 25.68
CA GLU B 311 -13.68 23.12 24.73
C GLU B 311 -13.07 23.26 23.35
N SER B 312 -13.95 23.34 22.36
CA SER B 312 -13.56 23.65 20.99
C SER B 312 -13.77 25.13 20.72
N ILE B 313 -12.88 25.71 19.95
CA ILE B 313 -12.97 27.12 19.58
C ILE B 313 -13.05 27.19 18.06
N VAL B 314 -14.22 27.49 17.50
CA VAL B 314 -14.26 27.68 16.03
C VAL B 314 -14.13 29.19 15.80
N ARG B 315 -13.23 29.62 14.91
CA ARG B 315 -13.12 31.07 14.60
C ARG B 315 -13.07 31.32 13.10
N ILE B 319 -19.44 36.80 8.81
CA ILE B 319 -20.26 37.03 7.58
C ILE B 319 -19.53 37.81 6.49
N THR B 320 -19.50 39.16 6.58
CA THR B 320 -18.89 40.03 5.52
C THR B 320 -19.60 39.82 4.18
N ASN B 321 -18.86 39.52 3.10
CA ASN B 321 -19.47 39.37 1.75
C ASN B 321 -20.79 38.61 1.81
N LEU B 322 -21.84 39.14 1.19
CA LEU B 322 -23.18 38.49 1.23
C LEU B 322 -23.64 38.15 -0.19
N CYS B 323 -23.72 36.86 -0.51
CA CYS B 323 -24.23 36.48 -1.85
C CYS B 323 -25.55 37.22 -2.08
N PRO B 324 -25.80 37.84 -3.26
CA PRO B 324 -27.00 38.67 -3.44
C PRO B 324 -28.27 37.85 -3.70
N PHE B 325 -28.66 37.01 -2.74
CA PHE B 325 -29.93 36.25 -2.86
C PHE B 325 -31.11 37.22 -2.75
N GLY B 326 -30.92 38.35 -2.07
CA GLY B 326 -32.05 39.27 -1.82
C GLY B 326 -32.67 39.80 -3.10
N GLU B 327 -31.85 40.15 -4.10
CA GLU B 327 -32.41 40.60 -5.40
C GLU B 327 -33.21 39.44 -6.01
N VAL B 328 -32.68 38.23 -5.96
CA VAL B 328 -33.35 37.03 -6.55
C VAL B 328 -34.66 36.72 -5.81
N PHE B 329 -34.67 36.81 -4.47
CA PHE B 329 -35.88 36.38 -3.72
C PHE B 329 -36.87 37.52 -3.45
N ASN B 330 -36.46 38.79 -3.61
CA ASN B 330 -37.38 39.91 -3.30
C ASN B 330 -37.42 40.91 -4.46
N ALA B 331 -38.09 40.56 -5.56
CA ALA B 331 -38.24 41.52 -6.69
C ALA B 331 -39.73 41.66 -7.03
N THR B 332 -40.19 42.90 -7.26
CA THR B 332 -41.63 43.15 -7.55
C THR B 332 -42.02 42.42 -8.85
N ARG B 333 -41.15 42.47 -9.86
CA ARG B 333 -41.43 41.81 -11.16
C ARG B 333 -40.28 40.86 -11.50
N PHE B 334 -40.57 39.77 -12.22
CA PHE B 334 -39.53 38.75 -12.53
C PHE B 334 -39.53 38.43 -14.03
N ALA B 335 -38.42 37.91 -14.54
CA ALA B 335 -38.33 37.54 -15.96
C ALA B 335 -39.35 36.44 -16.26
N SER B 336 -39.97 36.49 -17.45
CA SER B 336 -41.00 35.49 -17.82
C SER B 336 -40.36 34.11 -18.01
N VAL B 337 -41.15 33.04 -17.86
CA VAL B 337 -40.59 31.66 -18.01
C VAL B 337 -40.07 31.46 -19.43
N TYR B 338 -40.75 32.01 -20.45
CA TYR B 338 -40.33 31.79 -21.86
C TYR B 338 -38.92 32.37 -22.07
N ALA B 339 -38.64 33.56 -21.55
CA ALA B 339 -37.27 34.12 -21.63
C ALA B 339 -36.83 34.49 -20.21
N TRP B 340 -35.89 33.75 -19.63
CA TRP B 340 -35.51 34.01 -18.21
C TRP B 340 -34.04 34.47 -18.11
N ASN B 341 -33.78 35.51 -17.33
CA ASN B 341 -32.37 35.95 -17.08
C ASN B 341 -31.68 34.89 -16.21
N ARG B 342 -30.40 34.62 -16.47
CA ARG B 342 -29.64 33.67 -15.63
C ARG B 342 -28.61 34.45 -14.82
N LYS B 343 -28.59 34.27 -13.50
CA LYS B 343 -27.68 35.06 -12.63
C LYS B 343 -26.61 34.15 -12.03
N ARG B 344 -25.34 34.53 -12.14
CA ARG B 344 -24.24 33.72 -11.56
C ARG B 344 -23.84 34.34 -10.21
N ILE B 345 -23.80 33.53 -9.16
CA ILE B 345 -23.42 34.02 -7.80
C ILE B 345 -22.02 33.48 -7.51
N SER B 346 -21.04 34.37 -7.31
CA SER B 346 -19.63 33.91 -7.11
C SER B 346 -18.86 34.89 -6.23
N ASN B 347 -17.74 34.45 -5.64
CA ASN B 347 -16.88 35.34 -4.82
C ASN B 347 -17.67 35.99 -3.68
N CYS B 348 -18.53 35.22 -3.00
CA CYS B 348 -19.27 35.77 -1.84
C CYS B 348 -19.46 34.67 -0.78
N VAL B 349 -19.84 35.06 0.45
CA VAL B 349 -20.13 34.06 1.52
C VAL B 349 -21.65 33.78 1.48
N ALA B 350 -22.04 32.50 1.38
CA ALA B 350 -23.48 32.17 1.22
C ALA B 350 -24.02 31.47 2.48
N ASP B 351 -25.06 32.04 3.09
CA ASP B 351 -25.69 31.37 4.25
C ASP B 351 -27.11 30.95 3.83
N TYR B 352 -27.39 29.65 3.84
CA TYR B 352 -28.75 29.14 3.47
C TYR B 352 -29.54 28.83 4.74
N SER B 353 -28.85 28.81 5.89
CA SER B 353 -29.53 28.47 7.17
C SER B 353 -30.61 29.52 7.48
N VAL B 354 -30.28 30.80 7.26
CA VAL B 354 -31.24 31.90 7.58
C VAL B 354 -32.48 31.75 6.69
N LEU B 355 -32.29 31.43 5.41
CA LEU B 355 -33.44 31.31 4.47
C LEU B 355 -34.35 30.18 4.95
N TYR B 356 -33.76 29.03 5.31
CA TYR B 356 -34.55 27.87 5.79
C TYR B 356 -35.23 28.17 7.13
N ASN B 357 -34.49 28.81 8.05
CA ASN B 357 -35.04 29.08 9.41
C ASN B 357 -36.25 30.02 9.30
N SER B 358 -36.14 31.05 8.46
CA SER B 358 -37.26 32.02 8.29
C SER B 358 -38.49 31.31 7.73
N ALA B 359 -38.28 30.42 6.75
CA ALA B 359 -39.40 29.67 6.11
C ALA B 359 -40.41 30.67 5.55
N SER B 360 -39.93 31.83 5.07
CA SER B 360 -40.84 32.83 4.44
C SER B 360 -41.43 32.20 3.17
N PHE B 361 -40.61 31.45 2.43
CA PHE B 361 -41.09 30.77 1.20
C PHE B 361 -42.10 29.69 1.60
N SER B 362 -43.16 29.53 0.80
CA SER B 362 -44.23 28.54 1.15
C SER B 362 -43.63 27.14 1.16
N THR B 363 -42.78 26.81 0.18
CA THR B 363 -42.10 25.49 0.19
C THR B 363 -40.60 25.64 -0.08
N PHE B 364 -39.76 25.00 0.74
CA PHE B 364 -38.29 25.00 0.46
C PHE B 364 -37.96 23.57 0.01
N LYS B 365 -37.51 23.40 -1.24
CA LYS B 365 -37.30 22.01 -1.73
C LYS B 365 -35.91 21.85 -2.36
N CYS B 366 -35.16 20.83 -1.95
CA CYS B 366 -33.87 20.51 -2.62
C CYS B 366 -33.94 19.03 -3.02
N TYR B 367 -33.85 18.73 -4.31
CA TYR B 367 -34.04 17.33 -4.77
C TYR B 367 -32.95 16.39 -4.25
N GLY B 368 -31.68 16.79 -4.33
CA GLY B 368 -30.57 15.90 -3.93
C GLY B 368 -29.74 16.46 -2.80
N VAL B 369 -30.15 17.58 -2.19
CA VAL B 369 -29.30 18.24 -1.15
C VAL B 369 -30.16 18.59 0.07
N SER B 370 -29.51 18.89 1.20
CA SER B 370 -30.24 19.31 2.42
C SER B 370 -30.01 20.81 2.66
N PRO B 371 -31.04 21.61 3.02
CA PRO B 371 -30.87 23.06 3.16
C PRO B 371 -29.84 23.43 4.24
N THR B 372 -29.83 22.72 5.37
CA THR B 372 -28.81 22.97 6.43
C THR B 372 -27.42 22.66 5.87
N LYS B 373 -27.32 21.59 5.07
CA LYS B 373 -26.02 21.22 4.45
C LYS B 373 -25.55 22.29 3.47
N LEU B 374 -26.46 22.99 2.80
CA LEU B 374 -26.06 23.95 1.73
C LEU B 374 -25.14 25.04 2.30
N ASN B 375 -25.47 25.61 3.46
CA ASN B 375 -24.63 26.72 3.99
C ASN B 375 -23.23 26.20 4.32
N ASP B 376 -23.15 25.02 4.94
CA ASP B 376 -21.83 24.40 5.29
C ASP B 376 -21.08 24.07 3.99
N LEU B 377 -21.79 23.55 2.98
CA LEU B 377 -21.14 23.16 1.70
C LEU B 377 -20.73 24.42 0.93
N CYS B 378 -19.65 24.33 0.14
CA CYS B 378 -19.21 25.49 -0.68
C CYS B 378 -19.40 25.16 -2.16
N PHE B 379 -20.12 26.02 -2.89
CA PHE B 379 -20.27 25.83 -4.36
C PHE B 379 -19.57 26.99 -5.04
N THR B 380 -18.58 26.71 -5.89
CA THR B 380 -17.78 27.80 -6.50
C THR B 380 -18.68 28.70 -7.35
N ASN B 381 -19.56 28.11 -8.15
CA ASN B 381 -20.52 28.90 -8.96
C ASN B 381 -21.95 28.51 -8.58
N VAL B 382 -22.79 29.49 -8.24
CA VAL B 382 -24.23 29.20 -7.95
C VAL B 382 -25.05 29.89 -9.02
N TYR B 383 -25.94 29.17 -9.71
CA TYR B 383 -26.71 29.79 -10.82
C TYR B 383 -28.18 29.88 -10.41
N ALA B 384 -28.75 31.09 -10.45
CA ALA B 384 -30.15 31.28 -10.01
C ALA B 384 -31.03 31.58 -11.22
N ASP B 385 -32.06 30.75 -11.44
CA ASP B 385 -33.01 31.02 -12.55
C ASP B 385 -34.33 31.44 -11.91
N SER B 386 -34.78 32.67 -12.17
CA SER B 386 -36.01 33.16 -11.48
C SER B 386 -37.12 33.46 -12.50
N PHE B 387 -38.29 32.86 -12.30
CA PHE B 387 -39.44 33.09 -13.21
C PHE B 387 -40.74 32.96 -12.40
N VAL B 388 -41.83 33.53 -12.92
CA VAL B 388 -43.15 33.39 -12.22
C VAL B 388 -44.01 32.41 -13.01
N ILE B 389 -44.44 31.32 -12.37
CA ILE B 389 -45.27 30.29 -13.04
C ILE B 389 -46.42 29.91 -12.10
N ARG B 390 -47.50 29.34 -12.64
CA ARG B 390 -48.65 28.92 -11.79
C ARG B 390 -48.24 27.72 -10.93
N GLY B 391 -48.94 27.46 -9.83
CA GLY B 391 -48.57 26.38 -8.91
C GLY B 391 -48.54 25.00 -9.57
N ASP B 392 -49.48 24.74 -10.48
CA ASP B 392 -49.49 23.45 -11.22
C ASP B 392 -48.19 23.34 -12.04
N GLU B 393 -47.76 24.44 -12.64
CA GLU B 393 -46.51 24.47 -13.45
C GLU B 393 -45.29 24.17 -12.55
N VAL B 394 -45.32 24.63 -11.30
CA VAL B 394 -44.18 24.40 -10.35
C VAL B 394 -44.01 22.88 -10.18
N ARG B 395 -45.12 22.14 -10.05
CA ARG B 395 -45.05 20.66 -9.92
C ARG B 395 -44.42 20.08 -11.18
N GLN B 396 -44.79 20.61 -12.36
CA GLN B 396 -44.24 20.12 -13.65
C GLN B 396 -42.73 20.34 -13.69
N ILE B 397 -42.24 21.45 -13.12
CA ILE B 397 -40.79 21.78 -13.23
C ILE B 397 -40.01 20.95 -12.20
N ALA B 398 -39.31 19.92 -12.65
CA ALA B 398 -38.43 19.11 -11.76
C ALA B 398 -37.38 18.43 -12.62
N PRO B 399 -36.14 18.18 -12.13
CA PRO B 399 -35.16 17.42 -12.91
C PRO B 399 -35.60 15.95 -12.97
N GLY B 400 -35.57 15.35 -14.15
CA GLY B 400 -35.94 13.92 -14.29
C GLY B 400 -37.45 13.71 -14.33
N GLN B 401 -38.24 14.79 -14.36
CA GLN B 401 -39.72 14.67 -14.46
C GLN B 401 -40.20 15.37 -15.73
N THR B 402 -41.01 14.68 -16.54
CA THR B 402 -41.59 15.32 -17.77
C THR B 402 -42.57 16.41 -17.34
N GLY B 403 -42.53 17.56 -18.02
CA GLY B 403 -43.46 18.66 -17.72
C GLY B 403 -43.85 19.40 -18.97
N LYS B 404 -45.01 20.08 -18.96
CA LYS B 404 -45.40 20.92 -20.14
C LYS B 404 -44.36 22.02 -20.28
N ILE B 405 -43.93 22.61 -19.15
CA ILE B 405 -42.88 23.67 -19.18
C ILE B 405 -41.58 23.06 -19.70
N ALA B 406 -41.25 21.83 -19.28
CA ALA B 406 -40.00 21.19 -19.70
C ALA B 406 -39.99 21.01 -21.22
N ASP B 407 -41.14 20.64 -21.79
CA ASP B 407 -41.25 20.44 -23.25
C ASP B 407 -41.01 21.76 -24.00
N TYR B 408 -41.49 22.89 -23.47
CA TYR B 408 -41.39 24.14 -24.28
C TYR B 408 -40.47 25.20 -23.67
N ASN B 409 -40.98 26.12 -22.84
CA ASN B 409 -40.19 27.29 -22.37
C ASN B 409 -38.95 26.96 -21.51
N TYR B 410 -39.04 26.07 -20.52
CA TYR B 410 -37.86 25.87 -19.64
C TYR B 410 -37.55 24.38 -19.47
N LYS B 411 -36.29 23.98 -19.72
CA LYS B 411 -35.93 22.53 -19.65
C LYS B 411 -34.90 22.31 -18.53
N LEU B 412 -35.10 21.27 -17.70
CA LEU B 412 -34.15 20.95 -16.61
C LEU B 412 -33.35 19.70 -16.98
N PRO B 413 -32.01 19.72 -16.94
CA PRO B 413 -31.22 18.51 -17.21
C PRO B 413 -31.48 17.45 -16.13
N ASP B 414 -31.69 16.20 -16.55
CA ASP B 414 -31.97 15.09 -15.59
C ASP B 414 -30.74 14.86 -14.72
N ASP B 415 -29.54 14.88 -15.30
CA ASP B 415 -28.28 14.64 -14.54
C ASP B 415 -28.09 15.76 -13.50
N PHE B 416 -28.43 17.00 -13.85
CA PHE B 416 -28.21 18.15 -12.94
C PHE B 416 -29.07 18.01 -11.68
N THR B 417 -28.52 18.39 -10.52
CA THR B 417 -29.29 18.37 -9.26
C THR B 417 -29.42 19.82 -8.76
N GLY B 418 -30.64 20.30 -8.50
CA GLY B 418 -30.82 21.71 -8.12
C GLY B 418 -31.84 21.90 -7.03
N CYS B 419 -31.79 23.04 -6.33
CA CYS B 419 -32.82 23.33 -5.29
C CYS B 419 -33.88 24.26 -5.90
N VAL B 420 -35.15 23.83 -5.88
CA VAL B 420 -36.25 24.68 -6.41
C VAL B 420 -37.05 25.22 -5.22
N ILE B 421 -37.10 26.54 -5.07
CA ILE B 421 -37.81 27.17 -3.91
C ILE B 421 -38.99 27.96 -4.46
N ALA B 422 -40.20 27.69 -3.95
CA ALA B 422 -41.41 28.37 -4.49
C ALA B 422 -42.18 29.08 -3.37
N TRP B 423 -42.56 30.34 -3.59
CA TRP B 423 -43.38 31.06 -2.59
C TRP B 423 -44.57 31.71 -3.31
N ASN B 424 -45.75 31.75 -2.69
CA ASN B 424 -46.95 32.27 -3.39
C ASN B 424 -46.75 33.76 -3.71
N SER B 425 -47.08 34.16 -4.95
CA SER B 425 -46.98 35.59 -5.34
C SER B 425 -48.40 36.11 -5.62
N ASN B 426 -49.42 35.42 -5.10
CA ASN B 426 -50.83 35.80 -5.39
C ASN B 426 -51.10 37.22 -4.90
N ASN B 427 -50.57 37.60 -3.75
CA ASN B 427 -50.89 38.94 -3.17
C ASN B 427 -50.41 40.05 -4.10
N LEU B 428 -49.21 39.94 -4.68
CA LEU B 428 -48.68 41.07 -5.51
C LEU B 428 -48.85 40.80 -7.01
N ASP B 429 -48.42 39.63 -7.49
CA ASP B 429 -48.46 39.36 -8.96
C ASP B 429 -49.90 39.35 -9.50
N SER B 430 -50.82 38.72 -8.77
CA SER B 430 -52.21 38.60 -9.28
C SER B 430 -52.91 39.96 -9.31
N LYS B 431 -53.68 40.24 -10.36
CA LYS B 431 -54.42 41.52 -10.47
C LYS B 431 -55.87 41.18 -10.85
N VAL B 432 -56.84 42.05 -10.54
CA VAL B 432 -58.24 41.79 -10.98
C VAL B 432 -58.25 41.78 -12.51
N GLY B 433 -57.58 42.74 -13.15
CA GLY B 433 -57.45 42.73 -14.62
C GLY B 433 -56.62 41.54 -15.07
N GLY B 434 -55.60 41.19 -14.28
CA GLY B 434 -54.68 40.10 -14.64
C GLY B 434 -53.34 40.67 -15.06
N ASN B 435 -52.25 39.93 -14.88
CA ASN B 435 -50.93 40.51 -15.18
C ASN B 435 -50.42 39.93 -16.50
N TYR B 436 -50.31 40.76 -17.54
CA TYR B 436 -49.88 40.28 -18.87
C TYR B 436 -48.37 40.46 -19.01
N ASN B 437 -47.72 41.03 -18.01
CA ASN B 437 -46.24 41.20 -18.05
C ASN B 437 -45.60 39.81 -18.09
N TYR B 438 -46.11 38.88 -17.28
CA TYR B 438 -45.60 37.49 -17.31
C TYR B 438 -46.09 36.80 -18.59
N LEU B 439 -45.25 35.94 -19.18
CA LEU B 439 -45.62 35.27 -20.45
C LEU B 439 -45.09 33.83 -20.45
N TYR B 440 -45.76 32.92 -21.16
CA TYR B 440 -45.30 31.51 -21.23
C TYR B 440 -45.37 31.02 -22.69
N ARG B 441 -44.62 29.97 -23.02
CA ARG B 441 -44.63 29.43 -24.39
C ARG B 441 -45.72 28.36 -24.50
N LEU B 442 -46.79 28.64 -25.23
CA LEU B 442 -47.89 27.67 -25.42
C LEU B 442 -47.39 26.45 -26.21
N PHE B 443 -46.61 26.68 -27.29
CA PHE B 443 -46.18 25.54 -28.15
C PHE B 443 -44.78 25.79 -28.74
N ARG B 444 -44.03 24.73 -29.00
CA ARG B 444 -42.71 24.88 -29.67
C ARG B 444 -42.54 23.71 -30.65
N LYS B 445 -41.87 23.94 -31.78
CA LYS B 445 -41.68 22.87 -32.81
C LYS B 445 -40.83 21.74 -32.22
N SER B 446 -39.79 22.07 -31.44
CA SER B 446 -38.90 21.04 -30.84
C SER B 446 -38.70 21.37 -29.36
N ASN B 447 -38.35 20.36 -28.55
CA ASN B 447 -38.06 20.63 -27.12
C ASN B 447 -36.84 21.55 -27.01
N LEU B 448 -36.91 22.55 -26.12
CA LEU B 448 -35.77 23.50 -25.95
C LEU B 448 -34.59 22.79 -25.29
N LYS B 449 -33.37 23.22 -25.62
CA LYS B 449 -32.16 22.63 -24.99
C LYS B 449 -32.17 22.99 -23.49
N PRO B 450 -31.63 22.14 -22.59
CA PRO B 450 -31.68 22.41 -21.15
C PRO B 450 -30.98 23.72 -20.79
N PHE B 451 -31.56 24.48 -19.85
CA PHE B 451 -30.99 25.79 -19.43
C PHE B 451 -30.88 26.76 -20.62
N GLU B 452 -31.86 26.74 -21.52
CA GLU B 452 -31.87 27.69 -22.68
C GLU B 452 -33.27 28.28 -22.84
N ARG B 453 -33.37 29.45 -23.48
CA ARG B 453 -34.69 30.11 -23.70
C ARG B 453 -34.81 30.51 -25.18
N ASP B 454 -36.04 30.59 -25.69
CA ASP B 454 -36.27 30.95 -27.11
C ASP B 454 -37.19 32.18 -27.17
N ILE B 455 -36.82 33.19 -27.97
CA ILE B 455 -37.63 34.43 -28.10
C ILE B 455 -38.40 34.43 -29.43
N SER B 456 -38.36 33.32 -30.19
CA SER B 456 -38.99 33.31 -31.53
C SER B 456 -40.50 33.55 -31.43
N THR B 457 -41.04 34.42 -32.29
CA THR B 457 -42.51 34.69 -32.30
C THR B 457 -43.16 34.02 -33.52
N GLU B 458 -42.38 33.24 -34.29
CA GLU B 458 -42.93 32.62 -35.52
C GLU B 458 -44.05 31.65 -35.14
N ILE B 459 -45.18 31.67 -35.85
CA ILE B 459 -46.36 30.84 -35.47
C ILE B 459 -45.97 29.36 -35.52
N TYR B 460 -46.35 28.58 -34.50
CA TYR B 460 -46.06 27.13 -34.48
C TYR B 460 -46.87 26.45 -35.59
N GLN B 461 -46.21 25.63 -36.41
CA GLN B 461 -46.90 24.99 -37.57
C GLN B 461 -47.51 23.64 -37.16
N ALA B 462 -48.59 23.65 -36.37
CA ALA B 462 -49.28 22.38 -36.04
C ALA B 462 -49.88 21.79 -37.33
N GLY B 463 -50.49 22.64 -38.17
CA GLY B 463 -51.10 22.19 -39.43
C GLY B 463 -50.05 21.82 -40.47
N SER B 464 -50.38 20.90 -41.37
CA SER B 464 -49.44 20.54 -42.47
C SER B 464 -49.18 21.76 -43.35
N THR B 465 -50.23 22.54 -43.64
CA THR B 465 -50.07 23.78 -44.44
C THR B 465 -49.22 24.79 -43.65
N PRO B 466 -48.27 25.50 -44.29
CA PRO B 466 -47.41 26.44 -43.58
C PRO B 466 -48.18 27.63 -42.99
N CYS B 467 -47.84 28.03 -41.76
CA CYS B 467 -48.49 29.21 -41.13
C CYS B 467 -48.15 30.47 -41.93
N ASN B 468 -46.92 30.58 -42.44
CA ASN B 468 -46.47 31.73 -43.26
C ASN B 468 -46.29 32.98 -42.38
N GLY B 469 -46.12 32.79 -41.06
CA GLY B 469 -45.87 33.93 -40.16
C GLY B 469 -47.14 34.68 -39.80
N VAL B 470 -48.30 34.14 -40.17
CA VAL B 470 -49.61 34.79 -39.85
C VAL B 470 -50.52 33.76 -39.18
N GLU B 471 -51.44 34.23 -38.33
CA GLU B 471 -52.38 33.30 -37.62
C GLU B 471 -53.28 32.61 -38.65
N GLY B 472 -53.55 31.32 -38.46
CA GLY B 472 -54.37 30.54 -39.41
C GLY B 472 -55.03 29.37 -38.72
N PHE B 473 -55.98 28.71 -39.37
CA PHE B 473 -56.58 27.49 -38.77
C PHE B 473 -55.49 26.44 -38.59
N ASN B 474 -55.43 25.81 -37.41
CA ASN B 474 -54.39 24.77 -37.11
C ASN B 474 -53.02 25.45 -36.93
N CYS B 475 -52.99 26.78 -36.77
CA CYS B 475 -51.71 27.48 -36.48
C CYS B 475 -51.85 28.17 -35.13
N TYR B 476 -50.93 27.90 -34.20
CA TYR B 476 -51.06 28.47 -32.83
C TYR B 476 -49.83 29.32 -32.52
N PHE B 477 -50.03 30.52 -31.99
CA PHE B 477 -48.89 31.41 -31.66
C PHE B 477 -48.02 30.69 -30.62
N PRO B 478 -46.68 30.69 -30.77
CA PRO B 478 -45.80 29.98 -29.85
C PRO B 478 -45.89 30.54 -28.43
N LEU B 479 -46.00 31.86 -28.28
CA LEU B 479 -45.98 32.49 -26.93
C LEU B 479 -47.39 32.97 -26.56
N GLN B 480 -47.88 32.57 -25.38
CA GLN B 480 -49.21 33.05 -24.92
C GLN B 480 -49.02 33.84 -23.61
N SER B 481 -49.61 35.04 -23.53
CA SER B 481 -49.44 35.89 -22.33
C SER B 481 -50.09 35.23 -21.11
N TYR B 482 -49.41 35.27 -19.96
CA TYR B 482 -49.96 34.68 -18.71
C TYR B 482 -51.12 35.53 -18.19
N GLY B 483 -52.13 34.90 -17.60
CA GLY B 483 -53.21 35.66 -16.94
C GLY B 483 -53.31 35.28 -15.48
N PHE B 484 -53.10 36.23 -14.56
CA PHE B 484 -53.08 35.87 -13.12
C PHE B 484 -54.12 36.71 -12.36
N GLN B 485 -55.04 36.05 -11.65
CA GLN B 485 -56.12 36.76 -10.92
C GLN B 485 -56.18 36.27 -9.47
N PRO B 486 -56.66 37.09 -8.49
CA PRO B 486 -56.80 36.63 -7.11
C PRO B 486 -57.84 35.50 -6.96
N THR B 487 -58.96 35.59 -7.68
CA THR B 487 -60.05 34.58 -7.56
C THR B 487 -59.63 33.24 -8.18
N ASN B 488 -58.48 33.20 -8.86
CA ASN B 488 -57.96 31.93 -9.44
C ASN B 488 -57.66 30.92 -8.32
N GLY B 489 -57.65 29.63 -8.65
CA GLY B 489 -57.33 28.60 -7.65
C GLY B 489 -55.86 28.58 -7.28
N VAL B 490 -55.48 27.91 -6.19
CA VAL B 490 -54.07 27.96 -5.72
C VAL B 490 -53.15 27.45 -6.84
N GLY B 491 -53.55 26.38 -7.53
CA GLY B 491 -52.75 25.89 -8.67
C GLY B 491 -52.66 26.93 -9.78
N TYR B 492 -53.78 27.59 -10.09
CA TYR B 492 -53.79 28.68 -11.10
C TYR B 492 -52.97 29.88 -10.62
N GLN B 493 -53.00 30.18 -9.31
CA GLN B 493 -52.31 31.38 -8.76
C GLN B 493 -50.80 31.28 -8.98
N PRO B 494 -50.12 32.41 -9.31
CA PRO B 494 -48.68 32.40 -9.59
C PRO B 494 -47.77 32.14 -8.39
N TYR B 495 -46.67 31.39 -8.61
CA TYR B 495 -45.68 31.16 -7.54
C TYR B 495 -44.30 31.57 -8.08
N ARG B 496 -43.58 32.44 -7.37
CA ARG B 496 -42.21 32.81 -7.82
C ARG B 496 -41.30 31.60 -7.57
N VAL B 497 -40.49 31.22 -8.56
CA VAL B 497 -39.65 29.99 -8.42
C VAL B 497 -38.18 30.32 -8.69
N VAL B 498 -37.28 29.86 -7.80
CA VAL B 498 -35.81 30.06 -8.02
C VAL B 498 -35.15 28.68 -8.15
N VAL B 499 -34.36 28.47 -9.20
CA VAL B 499 -33.66 27.15 -9.39
C VAL B 499 -32.16 27.39 -9.16
N LEU B 500 -31.51 26.56 -8.33
CA LEU B 500 -30.09 26.80 -7.99
C LEU B 500 -29.20 25.72 -8.61
N SER B 501 -28.16 26.11 -9.34
CA SER B 501 -27.21 25.12 -9.94
C SER B 501 -25.84 25.29 -9.27
N PHE B 502 -25.23 24.19 -8.81
CA PHE B 502 -23.96 24.31 -8.03
C PHE B 502 -22.80 23.65 -8.76
N GLU B 503 -21.72 24.39 -9.03
CA GLU B 503 -20.50 23.79 -9.64
C GLU B 503 -19.88 22.79 -8.65
N LEU B 504 -19.91 23.12 -7.36
CA LEU B 504 -19.38 22.22 -6.29
C LEU B 504 -17.88 21.97 -6.46
N LEU B 505 -17.45 20.71 -6.40
CA LEU B 505 -15.99 20.36 -6.44
C LEU B 505 -15.44 20.41 -7.86
N HIS B 506 -14.11 20.30 -8.01
CA HIS B 506 -13.44 20.28 -9.34
C HIS B 506 -13.32 21.69 -9.94
N ALA B 507 -13.54 22.72 -9.12
CA ALA B 507 -13.38 24.12 -9.60
C ALA B 507 -12.67 24.96 -8.52
N PRO B 508 -12.00 26.07 -8.87
CA PRO B 508 -11.38 26.94 -7.85
C PRO B 508 -12.52 27.43 -6.94
N ALA B 509 -12.31 27.46 -5.62
CA ALA B 509 -13.43 27.79 -4.69
C ALA B 509 -13.62 29.31 -4.57
N THR B 510 -14.33 29.92 -5.52
CA THR B 510 -14.64 31.37 -5.44
C THR B 510 -15.52 31.60 -4.21
N VAL B 511 -16.47 30.71 -3.94
CA VAL B 511 -17.39 30.85 -2.78
C VAL B 511 -16.99 29.85 -1.70
N CYS B 512 -16.82 30.32 -0.46
CA CYS B 512 -16.48 29.41 0.67
C CYS B 512 -17.62 29.44 1.70
N GLY B 513 -18.10 28.27 2.12
CA GLY B 513 -19.19 28.19 3.10
C GLY B 513 -18.78 28.77 4.45
N THR B 518 -16.89 30.70 17.69
CA THR B 518 -17.07 30.41 19.14
C THR B 518 -16.10 31.23 19.97
N ASN B 519 -16.53 31.67 21.16
CA ASN B 519 -15.68 32.58 21.98
C ASN B 519 -14.30 31.98 22.17
N LEU B 520 -13.27 32.79 22.01
CA LEU B 520 -11.86 32.34 22.09
C LEU B 520 -11.51 32.04 23.55
N VAL B 521 -10.62 31.06 23.77
CA VAL B 521 -10.18 30.68 25.15
C VAL B 521 -8.72 31.10 25.32
N LYS B 522 -8.41 31.81 26.42
CA LYS B 522 -7.03 32.30 26.69
C LYS B 522 -6.49 31.68 27.98
N ASN B 523 -5.25 31.17 27.93
CA ASN B 523 -4.56 30.56 29.09
C ASN B 523 -5.35 29.36 29.62
N LYS B 524 -5.79 28.47 28.72
CA LYS B 524 -6.52 27.28 29.11
C LYS B 524 -6.50 26.32 27.95
N CYS B 525 -6.20 25.05 28.23
CA CYS B 525 -6.15 24.04 27.18
C CYS B 525 -7.46 23.98 26.44
N VAL B 526 -7.41 24.15 25.13
CA VAL B 526 -8.61 24.18 24.30
C VAL B 526 -8.31 23.48 22.98
N ASN B 527 -9.25 22.65 22.54
CA ASN B 527 -9.30 22.34 21.13
C ASN B 527 -9.68 23.60 20.37
N PHE B 528 -9.27 23.68 19.11
CA PHE B 528 -9.54 24.92 18.39
C PHE B 528 -9.62 24.67 16.90
N ASN B 529 -10.25 25.63 16.22
CA ASN B 529 -10.16 25.80 14.78
C ASN B 529 -10.07 27.29 14.49
N PHE B 530 -9.07 27.69 13.71
CA PHE B 530 -8.96 29.03 13.16
C PHE B 530 -8.93 28.91 11.64
N ASN B 531 -9.95 29.47 10.98
CA ASN B 531 -9.97 29.57 9.53
C ASN B 531 -9.84 28.20 8.88
N GLY B 532 -10.26 27.15 9.57
CA GLY B 532 -10.07 25.80 9.13
C GLY B 532 -8.82 25.14 9.67
N LEU B 533 -7.81 25.92 10.03
CA LEU B 533 -6.65 25.35 10.71
C LEU B 533 -7.08 24.78 12.05
N THR B 534 -6.75 23.52 12.31
CA THR B 534 -7.17 22.85 13.53
C THR B 534 -5.97 22.29 14.28
N GLY B 535 -6.11 22.28 15.59
CA GLY B 535 -5.12 21.67 16.46
C GLY B 535 -5.60 21.78 17.90
N THR B 536 -4.69 21.50 18.82
CA THR B 536 -5.02 21.64 20.24
C THR B 536 -3.83 22.23 20.96
N GLY B 537 -4.07 23.31 21.69
CA GLY B 537 -2.97 23.99 22.35
C GLY B 537 -3.45 24.91 23.43
N VAL B 538 -2.51 25.71 23.93
CA VAL B 538 -2.78 26.73 24.93
C VAL B 538 -2.57 28.08 24.27
N LEU B 539 -3.66 28.79 24.04
CA LEU B 539 -3.59 30.06 23.31
C LEU B 539 -3.27 31.19 24.26
N THR B 540 -2.27 32.00 23.90
CA THR B 540 -1.82 33.09 24.74
C THR B 540 -1.65 34.34 23.90
N GLU B 541 -1.45 35.47 24.59
CA GLU B 541 -1.01 36.68 23.92
C GLU B 541 0.47 36.57 23.61
N SER B 542 0.86 37.02 22.42
CA SER B 542 2.23 36.89 21.96
C SER B 542 2.63 38.13 21.17
N ASN B 543 3.90 38.52 21.31
CA ASN B 543 4.41 39.75 20.75
C ASN B 543 5.12 39.58 19.42
N LYS B 544 5.23 38.35 18.90
CA LYS B 544 5.79 38.19 17.57
C LYS B 544 4.90 38.90 16.55
N LYS B 545 5.53 39.50 15.54
CA LYS B 545 4.89 40.53 14.74
C LYS B 545 4.79 40.06 13.29
N PHE B 546 3.54 39.86 12.86
CA PHE B 546 3.23 39.34 11.50
C PHE B 546 3.14 40.51 10.53
N LEU B 547 3.58 40.28 9.29
CA LEU B 547 3.27 41.18 8.14
C LEU B 547 1.79 41.01 7.78
N PRO B 548 1.09 42.09 7.32
CA PRO B 548 -0.37 42.06 7.15
C PRO B 548 -0.95 40.78 6.52
N PHE B 549 -0.46 40.39 5.34
CA PHE B 549 -1.14 39.39 4.54
C PHE B 549 -1.05 38.00 5.16
N GLN B 550 -0.13 37.81 6.09
CA GLN B 550 0.20 36.49 6.58
C GLN B 550 -0.96 35.87 7.37
N GLN B 551 -0.87 34.56 7.55
CA GLN B 551 -1.84 33.86 8.38
C GLN B 551 -1.14 33.17 9.54
N PHE B 552 -0.50 32.05 9.28
CA PHE B 552 0.16 31.27 10.32
C PHE B 552 1.48 31.92 10.73
N GLY B 553 1.95 31.51 11.89
CA GLY B 553 3.37 31.39 12.13
C GLY B 553 3.76 29.92 12.12
N ARG B 554 5.05 29.67 12.08
CA ARG B 554 5.56 28.31 12.19
C ARG B 554 6.91 28.31 12.88
N ASP B 555 7.28 27.13 13.37
CA ASP B 555 8.52 26.92 14.07
C ASP B 555 9.46 26.12 13.17
N ILE B 556 10.65 25.81 13.69
CA ILE B 556 11.65 25.07 12.93
C ILE B 556 11.10 23.74 12.46
N ALA B 557 10.21 23.13 13.23
CA ALA B 557 9.81 21.75 13.04
C ALA B 557 8.61 21.58 12.13
N ASP B 558 8.14 22.66 11.48
CA ASP B 558 6.94 22.65 10.64
C ASP B 558 5.69 22.37 11.46
N THR B 559 5.75 22.59 12.76
CA THR B 559 4.56 22.66 13.60
C THR B 559 3.86 23.99 13.35
N THR B 560 2.61 24.09 13.79
CA THR B 560 1.94 25.40 13.76
C THR B 560 2.16 26.06 15.11
N ASP B 561 3.08 27.02 15.15
CA ASP B 561 3.49 27.63 16.42
C ASP B 561 2.61 28.78 16.87
N ALA B 562 2.26 29.68 15.95
CA ALA B 562 1.57 30.91 16.31
C ALA B 562 0.57 31.23 15.22
N VAL B 563 -0.62 31.62 15.63
CA VAL B 563 -1.68 31.95 14.69
C VAL B 563 -2.25 33.30 15.05
N ARG B 564 -2.90 33.92 14.07
CA ARG B 564 -3.51 35.22 14.26
C ARG B 564 -5.01 35.07 14.29
N ASP B 565 -5.64 35.63 15.32
CA ASP B 565 -7.08 35.54 15.44
C ASP B 565 -7.70 36.26 14.26
N PRO B 566 -8.48 35.60 13.37
CA PRO B 566 -9.13 36.33 12.27
C PRO B 566 -10.02 37.53 12.68
N GLN B 567 -10.98 37.33 13.59
CA GLN B 567 -11.94 38.43 13.90
C GLN B 567 -11.24 39.65 14.53
N THR B 568 -10.40 39.43 15.54
CA THR B 568 -9.64 40.56 16.15
C THR B 568 -8.16 40.25 15.92
N LEU B 569 -7.51 41.00 15.05
CA LEU B 569 -6.15 40.59 14.72
C LEU B 569 -5.30 40.64 15.98
N GLU B 570 -4.77 39.48 16.36
CA GLU B 570 -3.84 39.42 17.47
C GLU B 570 -2.99 38.18 17.27
N ILE B 571 -1.77 38.23 17.80
CA ILE B 571 -0.81 37.17 17.59
C ILE B 571 -0.94 36.19 18.74
N LEU B 572 -1.44 35.00 18.45
CA LEU B 572 -1.75 34.01 19.47
C LEU B 572 -0.79 32.86 19.35
N ASP B 573 0.01 32.62 20.39
CA ASP B 573 0.82 31.43 20.41
C ASP B 573 -0.05 30.19 20.47
N ILE B 574 0.54 29.07 20.08
CA ILE B 574 -0.05 27.77 20.30
C ILE B 574 1.00 26.92 21.00
N THR B 575 0.77 26.61 22.25
CA THR B 575 1.57 25.63 22.98
C THR B 575 0.62 24.49 23.32
N PRO B 576 0.78 23.30 22.74
CA PRO B 576 -0.09 22.20 23.12
C PRO B 576 0.06 21.89 24.59
N CYS B 577 -1.04 21.45 25.19
CA CYS B 577 -1.10 21.28 26.63
C CYS B 577 0.04 20.42 27.11
N SER B 578 0.59 20.79 28.27
CA SER B 578 1.78 20.14 28.78
C SER B 578 1.50 18.66 29.02
N PHE B 579 2.57 17.87 28.95
CA PHE B 579 2.48 16.47 29.30
C PHE B 579 3.86 15.99 29.68
N GLY B 580 3.92 14.89 30.39
CA GLY B 580 5.20 14.38 30.84
C GLY B 580 5.04 12.99 31.42
N GLY B 581 6.17 12.33 31.59
CA GLY B 581 6.16 11.01 32.18
C GLY B 581 5.83 11.10 33.65
N VAL B 582 4.85 10.31 34.09
CA VAL B 582 4.69 10.07 35.51
C VAL B 582 5.85 9.22 35.99
N SER B 583 6.42 9.57 37.13
CA SER B 583 7.48 8.78 37.73
C SER B 583 7.07 8.48 39.16
N VAL B 584 6.96 7.19 39.48
CA VAL B 584 6.58 6.78 40.82
C VAL B 584 7.86 6.60 41.61
N ILE B 585 8.12 7.49 42.54
CA ILE B 585 9.28 7.39 43.40
C ILE B 585 8.86 6.59 44.62
N THR B 586 9.57 5.49 44.87
CA THR B 586 9.25 4.67 46.01
C THR B 586 10.52 4.12 46.62
N PRO B 587 10.57 3.99 47.93
CA PRO B 587 11.52 3.06 48.53
C PRO B 587 11.06 1.66 48.15
N GLY B 588 11.81 0.64 48.52
CA GLY B 588 11.36 -0.70 48.24
C GLY B 588 9.97 -0.93 48.81
N THR B 589 9.13 -1.65 48.08
CA THR B 589 7.86 -2.05 48.65
C THR B 589 8.06 -2.81 49.94
N ASN B 590 9.29 -3.32 50.14
CA ASN B 590 9.69 -3.91 51.40
C ASN B 590 9.46 -2.96 52.57
N THR B 591 10.03 -1.75 52.48
CA THR B 591 10.00 -0.84 53.61
C THR B 591 8.67 -0.12 53.74
N SER B 592 7.99 0.15 52.64
CA SER B 592 6.76 0.91 52.73
C SER B 592 5.88 0.67 51.52
N ASN B 593 4.59 1.01 51.69
CA ASN B 593 3.64 1.09 50.60
C ASN B 593 3.46 2.52 50.11
N GLN B 594 4.21 3.45 50.65
CA GLN B 594 4.00 4.87 50.36
C GLN B 594 4.83 5.28 49.15
N VAL B 595 4.21 6.01 48.24
CA VAL B 595 4.89 6.48 47.04
C VAL B 595 4.79 7.98 46.97
N ALA B 596 5.77 8.59 46.31
CA ALA B 596 5.77 10.01 46.02
C ALA B 596 5.85 10.16 44.51
N VAL B 597 4.79 10.65 43.91
CA VAL B 597 4.74 10.72 42.46
C VAL B 597 5.41 11.98 41.98
N LEU B 598 6.17 11.86 40.91
CA LEU B 598 6.79 12.99 40.24
C LEU B 598 6.16 13.14 38.86
N TYR B 599 5.38 14.20 38.66
CA TYR B 599 4.99 14.57 37.32
C TYR B 599 6.12 15.35 36.69
N GLN B 600 6.67 14.84 35.60
CA GLN B 600 7.84 15.46 35.01
C GLN B 600 7.46 16.63 34.12
N ASP B 601 8.16 17.75 34.30
CA ASP B 601 8.13 18.86 33.36
C ASP B 601 6.72 19.42 33.20
N VAL B 602 6.10 19.76 34.33
CA VAL B 602 4.84 20.58 34.33
C VAL B 602 5.02 21.72 35.32
N ASN B 603 4.23 22.79 35.15
CA ASN B 603 3.91 23.71 36.28
C ASN B 603 2.97 22.95 37.22
N CYS B 604 3.02 23.22 38.53
CA CYS B 604 2.07 22.52 39.37
C CYS B 604 0.79 23.29 39.37
N THR B 605 -0.12 22.90 38.48
CA THR B 605 -1.54 23.23 38.48
C THR B 605 -2.29 21.99 38.06
N GLU B 606 -2.00 21.52 36.83
CA GLU B 606 -2.79 20.54 36.10
C GLU B 606 -2.98 19.23 36.84
N VAL B 607 -2.29 19.03 37.95
CA VAL B 607 -2.61 17.97 38.88
C VAL B 607 -4.10 17.88 39.14
N ASN B 628 0.35 16.62 49.65
CA ASN B 628 1.37 17.66 49.70
C ASN B 628 2.03 17.84 48.35
N VAL B 629 2.27 19.10 47.97
CA VAL B 629 2.80 19.43 46.65
C VAL B 629 4.08 20.23 46.81
N PHE B 630 5.09 19.89 46.03
CA PHE B 630 6.36 20.60 46.02
C PHE B 630 6.80 20.77 44.57
N GLN B 631 6.91 22.01 44.13
CA GLN B 631 7.43 22.31 42.80
C GLN B 631 8.94 22.12 42.78
N THR B 632 9.45 21.67 41.65
CA THR B 632 10.87 21.35 41.53
C THR B 632 11.43 21.98 40.27
N ARG B 633 12.71 21.72 40.04
CA ARG B 633 13.30 22.01 38.73
C ARG B 633 12.97 20.92 37.73
N ALA B 634 12.81 19.68 38.19
CA ALA B 634 12.55 18.58 37.28
C ALA B 634 11.09 18.51 36.86
N GLY B 635 10.19 18.73 37.81
CA GLY B 635 8.77 18.63 37.51
C GLY B 635 7.96 18.86 38.75
N CYS B 636 6.71 18.43 38.71
CA CYS B 636 5.79 18.61 39.82
C CYS B 636 5.83 17.35 40.67
N LEU B 637 6.37 17.47 41.88
CA LEU B 637 6.59 16.33 42.77
C LEU B 637 5.52 16.32 43.85
N ILE B 638 4.71 15.27 43.87
CA ILE B 638 3.59 15.15 44.80
C ILE B 638 3.89 14.07 45.81
N GLY B 639 3.70 14.38 47.08
CA GLY B 639 3.71 13.36 48.10
C GLY B 639 4.99 13.23 48.89
N ALA B 640 5.92 14.16 48.73
CA ALA B 640 7.13 14.13 49.54
C ALA B 640 7.41 15.54 50.05
N GLU B 641 7.43 15.69 51.36
CA GLU B 641 7.71 16.98 51.95
C GLU B 641 9.14 17.40 51.64
N HIS B 642 9.30 18.67 51.30
CA HIS B 642 10.63 19.21 51.01
C HIS B 642 11.48 19.18 52.27
N VAL B 643 12.79 19.05 52.10
CA VAL B 643 13.73 19.12 53.20
C VAL B 643 14.88 20.04 52.80
N ASN B 644 15.30 20.91 53.72
CA ASN B 644 16.47 21.72 53.46
C ASN B 644 17.76 20.94 53.59
N ASN B 645 18.09 20.48 54.80
CA ASN B 645 19.41 19.92 55.07
C ASN B 645 19.66 18.75 54.13
N SER B 646 20.74 18.85 53.37
CA SER B 646 20.97 17.99 52.23
C SER B 646 21.88 16.84 52.60
N TYR B 647 21.55 15.65 52.10
CA TYR B 647 22.25 14.43 52.45
C TYR B 647 22.80 13.83 51.16
N GLU B 648 23.54 12.74 51.31
CA GLU B 648 24.06 12.09 50.12
C GLU B 648 22.90 11.52 49.30
N CYS B 649 23.11 11.43 48.00
CA CYS B 649 22.01 11.04 47.13
C CYS B 649 21.58 9.62 47.42
N ASP B 650 20.30 9.36 47.19
CA ASP B 650 19.71 8.07 47.53
C ASP B 650 18.95 7.51 46.33
N ILE B 651 17.85 8.15 45.98
CA ILE B 651 17.12 7.85 44.76
C ILE B 651 17.23 9.09 43.86
N PRO B 652 18.03 9.05 42.80
CA PRO B 652 18.13 10.20 41.92
C PRO B 652 16.79 10.50 41.27
N ILE B 653 16.55 11.77 40.98
CA ILE B 653 15.31 12.20 40.36
C ILE B 653 15.64 13.06 39.15
N GLY B 654 16.23 14.22 39.40
CA GLY B 654 16.71 15.08 38.34
C GLY B 654 17.16 16.41 38.92
N ALA B 655 17.98 17.14 38.17
CA ALA B 655 18.46 18.45 38.60
C ALA B 655 19.01 18.42 40.02
N GLY B 656 19.63 17.30 40.38
CA GLY B 656 20.19 17.19 41.72
C GLY B 656 19.17 17.20 42.83
N ILE B 657 18.07 16.47 42.66
CA ILE B 657 17.07 16.29 43.69
C ILE B 657 17.01 14.80 43.98
N CYS B 658 17.40 14.40 45.18
CA CYS B 658 17.45 12.99 45.54
C CYS B 658 16.52 12.73 46.72
N ALA B 659 15.66 11.73 46.56
CA ALA B 659 14.65 11.40 47.56
C ALA B 659 15.06 10.17 48.35
N SER B 660 14.85 10.22 49.65
CA SER B 660 15.09 9.07 50.51
C SER B 660 13.90 8.93 51.46
N TYR B 661 13.82 7.76 52.09
CA TYR B 661 12.57 7.41 52.76
C TYR B 661 12.44 8.02 54.15
N GLN B 662 13.52 8.07 54.92
CA GLN B 662 13.41 8.29 56.35
C GLN B 662 12.84 9.67 56.66
N THR B 663 12.37 9.81 57.90
CA THR B 663 11.99 11.13 58.45
C THR B 663 12.99 12.22 58.06
N SER B 676 5.37 7.97 61.51
CA SER B 676 6.66 8.62 61.65
C SER B 676 7.22 9.01 60.29
N GLN B 677 7.93 8.08 59.66
CA GLN B 677 8.68 8.39 58.46
C GLN B 677 7.76 8.72 57.29
N SER B 678 8.31 9.53 56.38
CA SER B 678 7.63 9.90 55.15
C SER B 678 8.69 10.16 54.09
N ILE B 679 8.34 9.87 52.84
CA ILE B 679 9.26 10.14 51.74
C ILE B 679 9.59 11.61 51.69
N ILE B 680 10.87 11.93 51.63
CA ILE B 680 11.27 13.33 51.54
C ILE B 680 11.93 13.56 50.20
N ALA B 681 12.28 14.81 49.91
CA ALA B 681 13.04 15.16 48.72
C ALA B 681 13.87 16.38 49.05
N TYR B 682 15.08 16.42 48.53
CA TYR B 682 15.99 17.48 48.91
C TYR B 682 17.03 17.65 47.82
N THR B 683 17.66 18.81 47.82
CA THR B 683 18.75 19.06 46.89
C THR B 683 19.89 18.09 47.18
N MET B 684 20.31 17.37 46.15
CA MET B 684 21.36 16.39 46.33
C MET B 684 22.62 17.04 46.86
N SER B 685 23.12 16.55 47.97
CA SER B 685 24.40 16.99 48.49
C SER B 685 25.49 16.16 47.82
N LEU B 686 26.60 16.81 47.50
CA LEU B 686 27.70 16.17 46.82
C LEU B 686 28.74 15.83 47.87
N GLY B 687 28.89 14.55 48.17
CA GLY B 687 29.89 14.14 49.11
C GLY B 687 29.74 14.84 50.45
N ALA B 688 30.82 14.82 51.21
CA ALA B 688 30.91 15.54 52.48
C ALA B 688 32.03 16.56 52.36
N GLU B 689 31.74 17.80 52.71
CA GLU B 689 32.71 18.87 52.52
C GLU B 689 33.96 18.64 53.34
N ASN B 690 35.10 18.99 52.76
CA ASN B 690 36.36 19.07 53.46
C ASN B 690 37.14 20.26 52.92
N SER B 691 37.92 20.89 53.79
CA SER B 691 38.85 21.93 53.37
C SER B 691 40.20 21.54 53.91
N VAL B 692 41.13 21.19 53.01
CA VAL B 692 42.41 20.67 53.44
C VAL B 692 43.21 21.81 54.05
N ALA B 693 43.65 21.64 55.28
CA ALA B 693 44.50 22.66 55.88
C ALA B 693 45.82 22.66 55.14
N TYR B 694 46.15 23.78 54.55
CA TYR B 694 47.22 23.83 53.58
C TYR B 694 48.13 25.01 53.87
N SER B 695 49.43 24.78 53.80
CA SER B 695 50.36 25.89 53.81
C SER B 695 51.64 25.41 53.18
N ASN B 696 52.42 26.38 52.72
CA ASN B 696 53.58 26.11 51.88
C ASN B 696 54.65 25.28 52.58
N ASN B 697 54.65 25.25 53.91
CA ASN B 697 55.56 24.36 54.62
C ASN B 697 54.88 23.11 55.18
N SER B 698 53.60 22.91 54.90
CA SER B 698 52.84 21.88 55.59
C SER B 698 52.76 20.60 54.75
N ILE B 699 53.28 19.50 55.29
CA ILE B 699 53.17 18.20 54.64
C ILE B 699 52.55 17.21 55.62
N ALA B 700 51.79 16.26 55.07
CA ALA B 700 51.12 15.23 55.86
C ALA B 700 51.51 13.86 55.34
N ILE B 701 52.26 13.12 56.12
CA ILE B 701 52.76 11.80 55.75
C ILE B 701 51.98 10.75 56.52
N PRO B 702 51.41 9.76 55.86
CA PRO B 702 50.74 8.68 56.60
C PRO B 702 51.75 7.84 57.34
N THR B 703 51.45 7.54 58.59
CA THR B 703 52.31 6.69 59.39
C THR B 703 51.90 5.23 59.34
N ASN B 704 50.76 4.91 58.74
CA ASN B 704 50.23 3.57 58.86
C ASN B 704 49.23 3.36 57.73
N PHE B 705 48.95 2.11 57.45
CA PHE B 705 48.22 1.76 56.25
C PHE B 705 47.17 0.72 56.56
N THR B 706 46.30 0.51 55.59
CA THR B 706 45.38 -0.60 55.60
C THR B 706 45.45 -1.31 54.26
N ILE B 707 45.10 -2.59 54.26
CA ILE B 707 45.08 -3.40 53.05
C ILE B 707 43.64 -3.77 52.79
N SER B 708 43.05 -3.19 51.77
CA SER B 708 41.65 -3.45 51.46
C SER B 708 41.56 -4.37 50.26
N VAL B 709 40.57 -5.25 50.27
CA VAL B 709 40.27 -6.12 49.15
C VAL B 709 38.94 -5.68 48.57
N THR B 710 38.94 -5.23 47.33
CA THR B 710 37.75 -4.66 46.71
C THR B 710 37.33 -5.51 45.53
N THR B 711 36.18 -6.15 45.64
CA THR B 711 35.61 -6.89 44.53
C THR B 711 35.35 -5.96 43.36
N GLU B 712 35.69 -6.41 42.16
CA GLU B 712 35.37 -5.70 40.93
C GLU B 712 34.79 -6.70 39.95
N ILE B 713 33.63 -6.38 39.41
CA ILE B 713 32.80 -7.34 38.70
C ILE B 713 32.65 -6.88 37.26
N LEU B 714 32.84 -7.79 36.31
CA LEU B 714 32.79 -7.46 34.91
C LEU B 714 32.04 -8.54 34.15
N PRO B 715 31.23 -8.18 33.18
CA PRO B 715 30.75 -9.18 32.22
C PRO B 715 31.88 -9.57 31.30
N VAL B 716 31.81 -10.79 30.79
CA VAL B 716 32.84 -11.27 29.87
C VAL B 716 32.16 -11.78 28.62
N SER B 717 31.31 -12.78 28.77
CA SER B 717 30.55 -13.31 27.66
C SER B 717 29.07 -13.15 27.95
N MET B 718 28.28 -13.22 26.91
CA MET B 718 26.84 -13.24 27.01
C MET B 718 26.33 -14.55 26.44
N THR B 719 25.12 -14.91 26.83
CA THR B 719 24.56 -16.19 26.41
C THR B 719 24.56 -16.31 24.90
N LYS B 720 25.17 -17.37 24.38
CA LYS B 720 25.26 -17.57 22.95
C LYS B 720 23.93 -18.11 22.45
N THR B 721 23.28 -17.36 21.57
CA THR B 721 22.02 -17.79 21.01
C THR B 721 22.11 -17.82 19.50
N SER B 722 21.36 -18.74 18.91
CA SER B 722 21.27 -18.84 17.46
C SER B 722 19.82 -19.12 17.13
N VAL B 723 19.26 -18.31 16.24
CA VAL B 723 17.84 -18.37 15.92
C VAL B 723 17.68 -18.95 14.52
N ASP B 724 16.67 -19.79 14.36
CA ASP B 724 16.34 -20.36 13.06
C ASP B 724 15.36 -19.43 12.37
N CYS B 725 15.83 -18.73 11.33
CA CYS B 725 15.04 -17.67 10.74
C CYS B 725 13.81 -18.23 10.02
N THR B 726 14.01 -19.27 9.21
CA THR B 726 12.89 -19.81 8.45
C THR B 726 11.81 -20.37 9.38
N MET B 727 12.23 -21.06 10.43
CA MET B 727 11.22 -21.60 11.34
C MET B 727 10.58 -20.51 12.18
N TYR B 728 11.39 -19.68 12.83
CA TYR B 728 10.83 -18.65 13.68
C TYR B 728 9.80 -17.82 12.95
N ILE B 729 10.08 -17.47 11.70
CA ILE B 729 9.13 -16.71 10.93
C ILE B 729 7.96 -17.60 10.52
N CYS B 730 8.25 -18.62 9.73
CA CYS B 730 7.22 -19.52 9.24
C CYS B 730 7.30 -20.82 10.02
N GLY B 731 6.37 -21.02 10.95
CA GLY B 731 6.26 -22.30 11.61
C GLY B 731 5.62 -23.33 10.69
N ASP B 732 6.30 -24.45 10.46
CA ASP B 732 5.69 -25.65 9.88
C ASP B 732 4.77 -25.39 8.69
N SER B 733 5.09 -24.38 7.89
CA SER B 733 4.27 -24.05 6.73
C SER B 733 5.17 -23.79 5.54
N THR B 734 5.04 -24.62 4.52
CA THR B 734 5.71 -24.32 3.27
C THR B 734 5.12 -23.08 2.63
N GLU B 735 3.81 -22.88 2.80
CA GLU B 735 3.14 -21.71 2.24
C GLU B 735 3.86 -20.44 2.64
N CYS B 736 4.04 -20.26 3.95
CA CYS B 736 4.82 -19.14 4.44
C CYS B 736 6.28 -19.28 4.03
N SER B 737 6.81 -20.50 4.08
CA SER B 737 8.23 -20.70 3.81
C SER B 737 8.58 -20.26 2.40
N ASN B 738 7.71 -20.51 1.43
CA ASN B 738 7.98 -20.08 0.07
C ASN B 738 8.00 -18.56 -0.02
N LEU B 739 7.06 -17.89 0.62
CA LEU B 739 7.04 -16.43 0.59
C LEU B 739 8.34 -15.86 1.12
N LEU B 740 8.91 -16.47 2.16
CA LEU B 740 10.13 -15.96 2.74
C LEU B 740 11.25 -15.87 1.71
N LEU B 741 11.26 -16.80 0.75
CA LEU B 741 12.27 -16.77 -0.29
C LEU B 741 12.24 -15.49 -1.10
N GLN B 742 11.11 -14.79 -1.10
CA GLN B 742 11.00 -13.58 -1.88
C GLN B 742 11.61 -12.38 -1.19
N TYR B 743 12.02 -12.52 0.08
CA TYR B 743 12.83 -11.52 0.74
C TYR B 743 14.31 -11.84 0.66
N GLY B 744 14.67 -12.91 -0.03
CA GLY B 744 16.07 -13.16 -0.32
C GLY B 744 16.87 -13.55 0.90
N SER B 745 17.96 -12.83 1.11
CA SER B 745 19.02 -13.24 2.00
C SER B 745 18.83 -12.77 3.44
N PHE B 746 17.70 -12.13 3.75
CA PHE B 746 17.42 -11.77 5.13
C PHE B 746 17.60 -12.97 6.05
N CYS B 747 16.93 -14.08 5.73
CA CYS B 747 16.98 -15.26 6.58
C CYS B 747 18.43 -15.68 6.81
N THR B 748 19.23 -15.74 5.74
CA THR B 748 20.61 -16.21 5.90
C THR B 748 21.47 -15.17 6.60
N GLN B 749 21.37 -13.90 6.21
CA GLN B 749 22.26 -12.91 6.80
C GLN B 749 22.01 -12.72 8.28
N LEU B 750 20.84 -13.11 8.78
CA LEU B 750 20.63 -13.08 10.23
C LEU B 750 21.49 -14.13 10.92
N ASN B 751 21.49 -15.35 10.41
CA ASN B 751 22.39 -16.36 10.95
C ASN B 751 23.84 -15.92 10.83
N ARG B 752 24.21 -15.35 9.68
CA ARG B 752 25.56 -14.82 9.55
C ARG B 752 25.83 -13.76 10.61
N ALA B 753 24.81 -12.97 10.95
CA ALA B 753 24.98 -11.96 11.99
C ALA B 753 25.16 -12.61 13.34
N LEU B 754 24.21 -13.44 13.76
CA LEU B 754 24.24 -13.99 15.11
C LEU B 754 25.45 -14.89 15.31
N THR B 755 25.86 -15.60 14.27
CA THR B 755 27.05 -16.43 14.40
C THR B 755 28.27 -15.57 14.70
N GLY B 756 28.38 -14.42 14.05
CA GLY B 756 29.47 -13.51 14.36
C GLY B 756 29.52 -13.18 15.84
N ILE B 757 28.36 -12.87 16.42
CA ILE B 757 28.28 -12.75 17.89
C ILE B 757 28.72 -14.05 18.53
N ALA B 758 27.99 -15.13 18.28
CA ALA B 758 28.19 -16.38 18.98
C ALA B 758 29.64 -16.83 18.92
N VAL B 759 30.31 -16.59 17.79
CA VAL B 759 31.72 -16.96 17.68
C VAL B 759 32.56 -16.18 18.67
N GLU B 760 32.49 -14.86 18.60
CA GLU B 760 33.42 -14.06 19.39
C GLU B 760 33.13 -14.14 20.88
N GLN B 761 31.94 -14.59 21.27
CA GLN B 761 31.69 -14.81 22.69
C GLN B 761 32.70 -15.80 23.25
N ASP B 762 32.91 -16.90 22.57
CA ASP B 762 33.94 -17.83 22.98
C ASP B 762 35.33 -17.33 22.65
N LYS B 763 35.44 -16.24 21.88
CA LYS B 763 36.72 -15.56 21.77
C LYS B 763 36.97 -14.65 22.96
N ASN B 764 35.92 -13.95 23.41
CA ASN B 764 36.04 -13.15 24.62
C ASN B 764 36.52 -14.00 25.78
N THR B 765 35.71 -15.00 26.15
CA THR B 765 36.09 -15.92 27.22
C THR B 765 37.47 -16.51 26.99
N GLN B 766 37.86 -16.63 25.72
CA GLN B 766 39.20 -17.14 25.42
C GLN B 766 40.26 -16.12 25.77
N GLU B 767 40.06 -14.86 25.35
CA GLU B 767 41.05 -13.84 25.58
C GLU B 767 41.23 -13.58 27.07
N VAL B 768 40.12 -13.42 27.78
CA VAL B 768 40.15 -13.11 29.20
C VAL B 768 40.87 -14.20 29.97
N PHE B 769 40.27 -15.39 30.02
CA PHE B 769 40.67 -16.37 31.01
C PHE B 769 41.98 -17.05 30.66
N ALA B 770 42.15 -17.49 29.42
CA ALA B 770 43.36 -18.22 29.10
C ALA B 770 44.31 -17.26 28.42
N GLN B 771 45.15 -16.64 29.23
CA GLN B 771 46.36 -15.97 28.80
C GLN B 771 47.60 -16.75 29.17
N VAL B 772 47.43 -17.86 29.87
CA VAL B 772 48.53 -18.58 30.47
C VAL B 772 48.79 -19.84 29.66
N LYS B 773 50.06 -20.13 29.43
CA LYS B 773 50.40 -21.25 28.56
C LYS B 773 50.08 -22.58 29.21
N GLN B 774 50.36 -22.72 30.49
CA GLN B 774 50.23 -23.98 31.20
C GLN B 774 49.21 -23.84 32.31
N ILE B 775 48.69 -24.97 32.78
CA ILE B 775 47.86 -24.99 33.96
C ILE B 775 48.75 -25.27 35.15
N TYR B 776 48.97 -24.25 35.97
CA TYR B 776 49.66 -24.41 37.24
C TYR B 776 48.67 -24.88 38.29
N LYS B 777 49.18 -25.56 39.30
CA LYS B 777 48.33 -25.89 40.43
C LYS B 777 49.09 -25.62 41.71
N THR B 778 48.36 -25.16 42.71
CA THR B 778 48.96 -24.82 43.99
C THR B 778 49.74 -26.00 44.55
N PRO B 779 50.78 -25.76 45.33
CA PRO B 779 51.50 -26.84 45.96
C PRO B 779 50.60 -27.57 46.94
N PRO B 780 50.97 -28.77 47.36
CA PRO B 780 50.11 -29.50 48.29
C PRO B 780 49.91 -28.80 49.61
N ILE B 781 50.95 -28.18 50.16
CA ILE B 781 50.90 -27.58 51.48
C ILE B 781 50.96 -26.07 51.35
N LYS B 782 50.12 -25.39 52.13
CA LYS B 782 49.99 -23.94 52.05
C LYS B 782 50.74 -23.31 53.22
N ASP B 783 51.89 -22.72 52.94
CA ASP B 783 52.52 -21.76 53.85
C ASP B 783 52.85 -20.53 53.04
N PHE B 784 52.06 -19.49 53.19
CA PHE B 784 52.28 -18.23 52.49
C PHE B 784 52.83 -17.13 53.39
N GLY B 785 53.13 -17.44 54.64
CA GLY B 785 53.53 -16.42 55.58
C GLY B 785 52.40 -15.87 56.40
N GLY B 786 51.29 -16.59 56.49
CA GLY B 786 50.13 -16.13 57.22
C GLY B 786 48.95 -15.73 56.38
N PHE B 787 49.11 -15.74 55.05
CA PHE B 787 47.96 -15.42 54.14
C PHE B 787 47.14 -16.69 53.85
N ASN B 788 46.03 -16.88 54.57
CA ASN B 788 45.03 -17.92 54.22
C ASN B 788 44.48 -17.62 52.81
N PHE B 789 44.66 -18.56 51.89
CA PHE B 789 44.05 -18.44 50.54
C PHE B 789 43.00 -19.55 50.36
N SER B 790 42.72 -20.31 51.42
CA SER B 790 41.71 -21.36 51.32
C SER B 790 40.37 -20.79 50.90
N GLN B 791 40.12 -19.52 51.19
CA GLN B 791 38.97 -18.84 50.65
C GLN B 791 38.95 -18.89 49.13
N ILE B 792 40.02 -18.38 48.51
CA ILE B 792 40.04 -18.16 47.08
C ILE B 792 40.61 -19.31 46.28
N LEU B 793 41.22 -20.28 46.92
CA LEU B 793 41.78 -21.35 46.10
C LEU B 793 40.74 -22.43 45.83
N PRO B 794 40.92 -23.20 44.75
CA PRO B 794 39.95 -24.24 44.44
C PRO B 794 39.69 -25.14 45.63
N ASP B 795 38.43 -25.52 45.79
CA ASP B 795 38.01 -26.33 46.91
C ASP B 795 38.22 -27.79 46.55
N PRO B 796 39.18 -28.48 47.17
CA PRO B 796 39.44 -29.87 46.77
C PRO B 796 38.28 -30.81 47.00
N SER B 797 37.34 -30.44 47.86
CA SER B 797 36.24 -31.31 48.22
C SER B 797 34.97 -31.04 47.43
N LYS B 798 34.97 -30.11 46.55
CA LYS B 798 33.78 -30.02 45.73
C LYS B 798 33.92 -30.90 44.49
N PRO B 799 32.83 -31.49 44.01
CA PRO B 799 32.93 -32.29 42.77
C PRO B 799 33.40 -31.48 41.58
N SER B 800 32.79 -30.31 41.36
CA SER B 800 33.35 -29.31 40.47
C SER B 800 34.20 -28.39 41.33
N LYS B 801 35.51 -28.42 41.12
CA LYS B 801 36.38 -27.71 42.04
C LYS B 801 36.29 -26.23 41.72
N ARG B 802 35.76 -25.47 42.67
CA ARG B 802 35.59 -24.04 42.57
C ARG B 802 35.79 -23.46 43.95
N SER B 803 36.54 -22.37 44.02
CA SER B 803 36.89 -21.79 45.30
C SER B 803 35.64 -21.43 46.09
N PHE B 804 35.77 -21.48 47.41
CA PHE B 804 34.62 -21.25 48.29
C PHE B 804 33.84 -20.02 47.88
N ILE B 805 34.54 -18.96 47.47
CA ILE B 805 33.88 -17.74 47.08
C ILE B 805 33.01 -17.96 45.85
N GLU B 806 33.56 -18.60 44.83
CA GLU B 806 32.85 -18.71 43.56
C GLU B 806 31.48 -19.33 43.73
N ASP B 807 31.31 -20.20 44.73
CA ASP B 807 29.99 -20.77 44.97
C ASP B 807 29.02 -19.70 45.43
N LEU B 808 29.47 -18.75 46.24
CA LEU B 808 28.61 -17.64 46.61
C LEU B 808 28.10 -16.92 45.37
N LEU B 809 28.94 -16.83 44.34
CA LEU B 809 28.55 -16.12 43.13
C LEU B 809 27.54 -16.91 42.31
N PHE B 810 27.83 -18.19 42.08
CA PHE B 810 26.93 -19.00 41.24
C PHE B 810 25.57 -19.18 41.86
N ASN B 811 25.42 -18.93 43.16
CA ASN B 811 24.08 -18.98 43.75
C ASN B 811 23.32 -17.69 43.49
N LYS B 812 24.01 -16.54 43.61
CA LYS B 812 23.35 -15.27 43.39
C LYS B 812 22.80 -15.17 41.96
N VAL B 813 23.67 -15.32 40.98
CA VAL B 813 23.24 -15.27 39.59
C VAL B 813 22.37 -16.48 39.28
N THR B 814 21.46 -16.31 38.33
CA THR B 814 20.61 -17.40 37.89
C THR B 814 20.71 -17.60 36.39
N ASP B 835 9.46 -22.81 31.38
CA ASP B 835 10.50 -21.86 31.75
C ASP B 835 11.14 -21.24 30.50
N LEU B 836 12.31 -20.62 30.67
CA LEU B 836 13.02 -20.12 29.47
C LEU B 836 13.85 -21.30 28.95
N ILE B 837 13.81 -22.44 29.66
CA ILE B 837 14.65 -23.62 29.30
C ILE B 837 14.27 -24.20 27.93
N CYS B 838 12.97 -24.33 27.60
CA CYS B 838 12.59 -25.00 26.33
C CYS B 838 11.61 -24.14 25.53
N ALA B 839 10.88 -23.24 26.19
CA ALA B 839 9.93 -22.34 25.55
C ALA B 839 10.55 -21.62 24.36
N GLN B 840 11.61 -20.85 24.60
CA GLN B 840 12.39 -20.29 23.52
C GLN B 840 12.73 -21.39 22.51
N LYS B 841 13.23 -22.51 23.02
CA LYS B 841 13.66 -23.62 22.17
C LYS B 841 12.50 -24.24 21.40
N PHE B 842 11.27 -23.85 21.67
CA PHE B 842 10.17 -24.25 20.81
C PHE B 842 10.35 -23.72 19.40
N ASN B 843 10.48 -22.40 19.28
CA ASN B 843 10.28 -21.72 18.01
C ASN B 843 11.55 -21.58 17.19
N GLY B 844 12.64 -22.18 17.63
CA GLY B 844 13.91 -22.00 16.96
C GLY B 844 14.84 -21.04 17.64
N LEU B 845 14.53 -20.63 18.86
CA LEU B 845 15.45 -19.85 19.67
C LEU B 845 16.28 -20.83 20.47
N THR B 846 17.54 -20.96 20.12
CA THR B 846 18.40 -21.96 20.70
C THR B 846 19.47 -21.28 21.55
N VAL B 847 19.86 -21.94 22.63
CA VAL B 847 20.95 -21.49 23.47
C VAL B 847 22.09 -22.47 23.28
N LEU B 848 23.13 -22.05 22.60
CA LEU B 848 24.22 -22.95 22.37
C LEU B 848 25.11 -23.00 23.60
N PRO B 849 25.73 -24.14 23.89
CA PRO B 849 26.58 -24.25 25.05
C PRO B 849 27.83 -23.42 24.85
N PRO B 850 28.25 -22.68 25.86
CA PRO B 850 29.54 -21.98 25.77
C PRO B 850 30.66 -22.99 25.63
N LEU B 851 31.57 -22.71 24.71
CA LEU B 851 32.65 -23.65 24.40
C LEU B 851 33.33 -24.16 25.66
N LEU B 852 33.57 -23.28 26.62
CA LEU B 852 34.28 -23.64 27.83
C LEU B 852 33.28 -23.90 28.94
N THR B 853 33.29 -25.11 29.47
CA THR B 853 32.45 -25.41 30.62
C THR B 853 32.93 -24.63 31.83
N ASP B 854 32.00 -24.39 32.76
CA ASP B 854 32.35 -23.65 33.96
C ASP B 854 33.48 -24.31 34.71
N GLU B 855 33.52 -25.65 34.71
CA GLU B 855 34.62 -26.33 35.39
C GLU B 855 35.97 -25.99 34.76
N MET B 856 35.97 -25.75 33.46
CA MET B 856 37.21 -25.35 32.82
C MET B 856 37.59 -23.93 33.21
N ILE B 857 36.61 -23.03 33.18
CA ILE B 857 36.85 -21.65 33.61
C ILE B 857 37.47 -21.64 34.99
N ALA B 858 37.01 -22.52 35.87
CA ALA B 858 37.59 -22.62 37.19
C ALA B 858 38.97 -23.25 37.20
N GLN B 859 39.39 -23.90 36.13
CA GLN B 859 40.78 -24.35 36.09
C GLN B 859 41.71 -23.23 35.67
N TYR B 860 41.32 -22.44 34.65
CA TYR B 860 42.07 -21.24 34.34
C TYR B 860 42.24 -20.38 35.57
N THR B 861 41.13 -19.87 36.10
CA THR B 861 41.21 -19.01 37.28
C THR B 861 41.85 -19.71 38.46
N SER B 862 42.04 -21.03 38.40
CA SER B 862 42.96 -21.66 39.33
C SER B 862 44.39 -21.44 38.91
N ALA B 863 44.69 -21.70 37.63
CA ALA B 863 46.05 -21.51 37.13
C ALA B 863 46.51 -20.08 37.38
N LEU B 864 45.83 -19.11 36.77
CA LEU B 864 46.16 -17.71 36.97
C LEU B 864 46.34 -17.40 38.44
N LEU B 865 45.50 -17.96 39.28
CA LEU B 865 45.64 -17.75 40.70
C LEU B 865 46.73 -18.62 41.31
N ALA B 866 47.03 -19.77 40.71
CA ALA B 866 48.11 -20.57 41.24
C ALA B 866 49.46 -19.96 40.91
N GLY B 867 49.62 -19.43 39.71
CA GLY B 867 50.88 -18.82 39.35
C GLY B 867 51.09 -17.49 40.03
N THR B 868 50.01 -16.71 40.18
CA THR B 868 50.12 -15.44 40.86
C THR B 868 50.68 -15.61 42.27
N ILE B 869 50.22 -16.63 42.96
CA ILE B 869 50.64 -16.84 44.34
C ILE B 869 52.08 -17.32 44.40
N THR B 870 52.39 -18.40 43.69
CA THR B 870 53.71 -19.00 43.79
C THR B 870 54.75 -18.20 43.00
N SER B 871 54.45 -17.94 41.74
CA SER B 871 55.44 -17.49 40.78
C SER B 871 55.53 -15.99 40.63
N GLY B 872 54.80 -15.22 41.41
CA GLY B 872 54.84 -13.78 41.25
C GLY B 872 54.16 -13.37 39.97
N TRP B 873 54.72 -12.37 39.31
CA TRP B 873 54.19 -11.92 38.04
C TRP B 873 54.92 -12.51 36.85
N THR B 874 55.97 -13.28 37.07
CA THR B 874 56.82 -13.70 35.96
C THR B 874 56.16 -14.72 35.06
N PHE B 875 55.09 -15.38 35.51
CA PHE B 875 54.51 -16.43 34.67
C PHE B 875 53.83 -15.85 33.45
N GLY B 876 53.45 -14.57 33.50
CA GLY B 876 52.91 -13.94 32.30
C GLY B 876 53.96 -13.59 31.28
N ALA B 877 55.22 -13.45 31.69
CA ALA B 877 56.31 -13.10 30.80
C ALA B 877 57.09 -14.32 30.32
N GLY B 878 56.69 -15.51 30.68
CA GLY B 878 57.48 -16.67 30.31
C GLY B 878 57.24 -17.80 31.28
N ALA B 879 58.24 -18.66 31.40
CA ALA B 879 58.18 -19.74 32.37
C ALA B 879 58.02 -19.19 33.77
N ALA B 880 57.08 -19.75 34.52
CA ALA B 880 56.85 -19.29 35.88
C ALA B 880 58.09 -19.53 36.74
N LEU B 881 58.33 -18.61 37.67
CA LEU B 881 59.50 -18.68 38.53
C LEU B 881 59.04 -18.73 39.97
N GLN B 882 59.25 -19.87 40.63
CA GLN B 882 58.84 -19.94 42.03
C GLN B 882 59.60 -18.91 42.82
N ILE B 883 58.88 -18.17 43.65
CA ILE B 883 59.48 -17.16 44.50
C ILE B 883 58.72 -17.16 45.82
N PRO B 884 59.38 -16.99 46.95
CA PRO B 884 58.66 -16.99 48.22
C PRO B 884 57.63 -15.89 48.24
N PHE B 885 56.40 -16.25 48.59
CA PHE B 885 55.32 -15.29 48.48
C PHE B 885 55.61 -14.04 49.29
N ALA B 886 56.14 -14.21 50.50
CA ALA B 886 56.51 -13.04 51.30
C ALA B 886 57.59 -12.22 50.63
N MET B 887 58.42 -12.84 49.80
CA MET B 887 59.37 -12.08 49.00
C MET B 887 58.77 -11.59 47.71
N GLN B 888 57.58 -12.07 47.34
CA GLN B 888 56.85 -11.41 46.29
C GLN B 888 56.34 -10.06 46.76
N MET B 889 55.64 -10.04 47.90
CA MET B 889 55.06 -8.81 48.39
C MET B 889 56.10 -7.74 48.73
N ALA B 890 57.37 -8.10 48.86
CA ALA B 890 58.36 -7.06 49.00
C ALA B 890 58.51 -6.29 47.71
N TYR B 891 58.36 -6.96 46.57
CA TYR B 891 58.42 -6.24 45.32
C TYR B 891 57.19 -5.37 45.15
N ARG B 892 56.01 -5.96 45.31
CA ARG B 892 54.78 -5.22 45.06
C ARG B 892 54.64 -4.01 45.95
N PHE B 893 55.42 -3.92 47.05
CA PHE B 893 55.54 -2.64 47.74
C PHE B 893 56.49 -1.71 47.02
N ASN B 894 57.64 -2.20 46.58
CA ASN B 894 58.52 -1.36 45.78
C ASN B 894 57.79 -0.82 44.56
N GLY B 895 56.83 -1.58 44.03
CA GLY B 895 56.05 -1.06 42.93
C GLY B 895 55.30 0.19 43.28
N ILE B 896 54.72 0.24 44.48
CA ILE B 896 53.93 1.39 44.91
C ILE B 896 54.76 2.39 45.70
N GLY B 897 56.06 2.18 45.81
CA GLY B 897 56.91 3.16 46.43
C GLY B 897 57.14 2.96 47.91
N VAL B 898 56.50 1.98 48.53
CA VAL B 898 56.76 1.66 49.92
C VAL B 898 57.96 0.73 49.98
N THR B 899 59.00 1.15 50.65
CA THR B 899 60.20 0.33 50.74
C THR B 899 59.89 -0.99 51.41
N GLN B 900 60.49 -2.06 50.90
CA GLN B 900 60.20 -3.41 51.34
C GLN B 900 60.44 -3.63 52.83
N ASN B 901 61.27 -2.81 53.47
CA ASN B 901 61.48 -3.00 54.90
C ASN B 901 60.20 -2.82 55.68
N VAL B 902 59.18 -2.23 55.07
CA VAL B 902 57.87 -2.14 55.78
C VAL B 902 57.29 -3.55 55.94
N LEU B 903 57.18 -4.31 54.84
CA LEU B 903 56.54 -5.65 54.90
C LEU B 903 57.34 -6.62 55.79
N TYR B 904 58.67 -6.66 55.67
CA TYR B 904 59.46 -7.66 56.43
C TYR B 904 59.26 -7.42 57.93
N GLU B 905 58.84 -6.21 58.31
CA GLU B 905 58.62 -5.85 59.69
C GLU B 905 57.15 -5.96 60.07
N ASN B 906 56.25 -5.63 59.15
CA ASN B 906 54.83 -5.65 59.42
C ASN B 906 54.14 -6.91 58.96
N GLN B 907 54.89 -7.92 58.53
CA GLN B 907 54.31 -9.07 57.87
C GLN B 907 53.13 -9.64 58.64
N LYS B 908 53.32 -9.96 59.92
CA LYS B 908 52.26 -10.55 60.72
C LYS B 908 51.01 -9.69 60.69
N LEU B 909 51.18 -8.39 60.92
CA LEU B 909 50.04 -7.48 60.84
C LEU B 909 49.39 -7.54 59.47
N ILE B 910 50.18 -7.40 58.41
CA ILE B 910 49.63 -7.39 57.07
C ILE B 910 48.90 -8.70 56.79
N ALA B 911 49.39 -9.79 57.38
CA ALA B 911 48.69 -11.06 57.24
C ALA B 911 47.25 -10.95 57.72
N ASN B 912 47.05 -10.48 58.95
CA ASN B 912 45.72 -10.42 59.51
C ASN B 912 44.83 -9.48 58.71
N GLN B 913 45.33 -8.29 58.40
CA GLN B 913 44.56 -7.35 57.60
C GLN B 913 44.12 -7.99 56.30
N PHE B 914 45.01 -8.76 55.67
CA PHE B 914 44.61 -9.45 54.45
C PHE B 914 43.48 -10.42 54.74
N ASN B 915 43.71 -11.36 55.66
CA ASN B 915 42.75 -12.42 55.92
C ASN B 915 41.41 -11.83 56.33
N SER B 916 41.42 -10.93 57.31
CA SER B 916 40.18 -10.32 57.76
C SER B 916 39.52 -9.53 56.64
N ALA B 917 40.31 -9.06 55.66
CA ALA B 917 39.69 -8.43 54.50
C ALA B 917 39.02 -9.46 53.62
N ILE B 918 39.65 -10.62 53.43
CA ILE B 918 39.04 -11.66 52.60
C ILE B 918 37.71 -12.09 53.20
N GLY B 919 37.66 -12.24 54.51
CA GLY B 919 36.44 -12.70 55.16
C GLY B 919 35.26 -11.84 54.78
N LYS B 920 35.39 -10.53 54.93
CA LYS B 920 34.29 -9.63 54.64
C LYS B 920 33.87 -9.68 53.18
N ILE B 921 34.72 -10.16 52.29
CA ILE B 921 34.32 -10.31 50.90
C ILE B 921 33.21 -11.33 50.80
N GLN B 922 33.25 -12.36 51.63
CA GLN B 922 32.16 -13.33 51.67
C GLN B 922 30.84 -12.64 51.95
N ASP B 923 30.76 -11.94 53.07
CA ASP B 923 29.50 -11.34 53.48
C ASP B 923 29.09 -10.21 52.56
N SER B 924 30.07 -9.46 52.04
CA SER B 924 29.78 -8.47 51.02
C SER B 924 28.99 -9.08 49.88
N LEU B 925 29.37 -10.28 49.47
CA LEU B 925 28.59 -11.04 48.50
C LEU B 925 27.43 -11.75 49.17
N SER B 926 27.67 -12.33 50.34
CA SER B 926 26.69 -13.22 50.94
C SER B 926 25.43 -12.47 51.34
N SER B 927 25.58 -11.28 51.91
CA SER B 927 24.48 -10.57 52.53
C SER B 927 23.79 -9.57 51.61
N THR B 928 24.30 -9.37 50.40
CA THR B 928 23.68 -8.42 49.47
C THR B 928 23.71 -9.01 48.07
N ALA B 929 22.56 -8.99 47.40
CA ALA B 929 22.42 -9.57 46.07
C ALA B 929 22.58 -8.55 44.96
N SER B 930 22.82 -7.28 45.28
CA SER B 930 22.93 -6.24 44.26
C SER B 930 24.36 -6.03 43.77
N ALA B 931 25.36 -6.65 44.42
CA ALA B 931 26.74 -6.47 43.97
C ALA B 931 26.94 -7.03 42.58
N LEU B 932 26.24 -8.11 42.25
CA LEU B 932 26.38 -8.78 40.98
C LEU B 932 25.46 -8.22 39.91
N GLY B 933 24.79 -7.10 40.19
CA GLY B 933 23.85 -6.55 39.23
C GLY B 933 24.40 -6.47 37.81
N LYS B 934 25.67 -6.10 37.67
CA LYS B 934 26.27 -6.01 36.35
C LYS B 934 26.07 -7.30 35.58
N LEU B 935 26.51 -8.43 36.16
CA LEU B 935 26.19 -9.72 35.58
C LEU B 935 24.70 -9.92 35.47
N GLN B 936 23.98 -9.71 36.58
CA GLN B 936 22.56 -9.98 36.60
C GLN B 936 21.83 -9.19 35.54
N ASP B 937 22.29 -7.97 35.26
CA ASP B 937 21.65 -7.17 34.22
C ASP B 937 21.88 -7.79 32.85
N VAL B 938 23.10 -8.26 32.58
CA VAL B 938 23.39 -8.89 31.30
C VAL B 938 22.47 -10.08 31.07
N VAL B 939 22.40 -10.98 32.05
CA VAL B 939 21.60 -12.19 31.90
C VAL B 939 20.14 -11.83 31.69
N ASN B 940 19.64 -10.86 32.45
CA ASN B 940 18.25 -10.46 32.31
C ASN B 940 17.97 -9.92 30.91
N GLN B 941 18.75 -8.94 30.47
CA GLN B 941 18.49 -8.30 29.19
C GLN B 941 18.48 -9.33 28.07
N ASN B 942 19.34 -10.34 28.14
CA ASN B 942 19.30 -11.40 27.16
C ASN B 942 17.98 -12.14 27.24
N ALA B 943 17.67 -12.68 28.42
CA ALA B 943 16.38 -13.34 28.59
C ALA B 943 15.23 -12.39 28.37
N GLN B 944 15.44 -11.09 28.62
CA GLN B 944 14.42 -10.11 28.32
C GLN B 944 14.03 -10.15 26.86
N ALA B 945 14.95 -9.77 25.98
CA ALA B 945 14.63 -9.64 24.57
C ALA B 945 14.07 -10.94 24.00
N LEU B 946 14.57 -12.08 24.49
CA LEU B 946 14.03 -13.35 24.04
C LEU B 946 12.54 -13.44 24.34
N ASN B 947 12.14 -13.12 25.57
CA ASN B 947 10.72 -13.05 25.87
C ASN B 947 10.00 -12.13 24.90
N THR B 948 10.49 -10.90 24.76
CA THR B 948 9.91 -9.98 23.80
C THR B 948 9.88 -10.59 22.41
N LEU B 949 11.00 -11.17 21.99
CA LEU B 949 11.05 -11.77 20.66
C LEU B 949 10.00 -12.86 20.51
N VAL B 950 9.79 -13.65 21.57
CA VAL B 950 8.76 -14.68 21.52
C VAL B 950 7.39 -14.05 21.46
N LYS B 951 7.10 -13.13 22.38
CA LYS B 951 5.78 -12.52 22.42
C LYS B 951 5.41 -11.87 21.10
N GLN B 952 6.40 -11.48 20.29
CA GLN B 952 6.09 -10.95 18.98
C GLN B 952 5.42 -11.99 18.09
N LEU B 953 5.57 -13.27 18.39
CA LEU B 953 4.89 -14.27 17.59
C LEU B 953 3.37 -14.17 17.74
N SER B 954 2.90 -13.71 18.90
CA SER B 954 1.47 -13.69 19.16
C SER B 954 0.80 -12.39 18.74
N SER B 955 1.52 -11.49 18.07
CA SER B 955 0.95 -10.22 17.67
C SER B 955 0.40 -10.30 16.26
N ASN B 956 -0.72 -9.61 16.02
CA ASN B 956 -1.39 -9.70 14.75
C ASN B 956 -0.60 -9.03 13.64
N PHE B 957 0.08 -7.93 13.96
CA PHE B 957 0.81 -7.14 12.95
C PHE B 957 -0.10 -6.74 11.80
N GLY B 958 -1.37 -6.54 12.09
CA GLY B 958 -2.35 -6.22 11.07
C GLY B 958 -2.98 -7.42 10.40
N ALA B 959 -2.35 -8.59 10.50
CA ALA B 959 -2.95 -9.78 9.94
C ALA B 959 -4.13 -10.22 10.79
N ILE B 960 -4.98 -11.07 10.20
CA ILE B 960 -6.21 -11.48 10.86
C ILE B 960 -5.97 -12.30 12.12
N SER B 961 -4.84 -13.01 12.20
CA SER B 961 -4.54 -13.75 13.42
C SER B 961 -3.05 -14.00 13.49
N SER B 962 -2.58 -14.33 14.68
CA SER B 962 -1.16 -14.59 14.91
C SER B 962 -0.79 -16.05 14.73
N VAL B 963 -1.75 -16.93 14.53
CA VAL B 963 -1.45 -18.32 14.24
C VAL B 963 -1.30 -18.47 12.74
N LEU B 964 -0.12 -18.87 12.29
CA LEU B 964 0.18 -18.89 10.87
C LEU B 964 -0.74 -19.83 10.11
N ASN B 965 -1.25 -20.87 10.78
CA ASN B 965 -2.13 -21.81 10.10
C ASN B 965 -3.54 -21.30 9.97
N ASP B 966 -4.03 -20.53 10.94
CA ASP B 966 -5.40 -20.04 10.89
C ASP B 966 -5.62 -19.19 9.64
N ILE B 967 -4.68 -18.32 9.31
CA ILE B 967 -4.79 -17.57 8.06
C ILE B 967 -4.87 -18.52 6.89
N LEU B 968 -4.13 -19.63 6.95
CA LEU B 968 -4.24 -20.62 5.89
C LEU B 968 -5.52 -21.41 5.99
N SER B 969 -6.07 -21.73 7.16
CA SER B 969 -7.25 -22.63 7.26
C SER B 969 -8.56 -21.83 7.22
N ARG B 970 -8.51 -20.49 7.32
CA ARG B 970 -9.70 -19.61 7.35
C ARG B 970 -9.68 -18.61 6.18
N LEU B 971 -8.94 -18.88 5.11
CA LEU B 971 -8.81 -17.92 3.99
C LEU B 971 -8.19 -18.60 2.76
N ASP B 972 -8.88 -18.64 1.60
CA ASP B 972 -8.25 -19.16 0.40
C ASP B 972 -6.89 -18.49 0.23
N LYS B 973 -5.87 -19.23 -0.22
CA LYS B 973 -4.50 -18.71 -0.25
C LYS B 973 -4.38 -17.36 -0.96
N VAL B 974 -5.00 -17.18 -2.15
CA VAL B 974 -4.69 -15.96 -2.91
C VAL B 974 -4.80 -14.68 -2.11
N GLU B 975 -5.79 -14.60 -1.22
CA GLU B 975 -5.83 -13.47 -0.31
C GLU B 975 -4.89 -13.70 0.88
N ALA B 976 -4.86 -14.92 1.41
CA ALA B 976 -4.01 -15.22 2.56
C ALA B 976 -2.56 -14.87 2.31
N GLU B 977 -2.13 -14.83 1.05
CA GLU B 977 -0.79 -14.38 0.74
C GLU B 977 -0.54 -13.00 1.33
N VAL B 978 -1.44 -12.05 1.05
CA VAL B 978 -1.25 -10.69 1.54
C VAL B 978 -1.25 -10.66 3.05
N GLN B 979 -2.10 -11.47 3.67
CA GLN B 979 -2.12 -11.53 5.13
C GLN B 979 -0.77 -11.96 5.67
N ILE B 980 -0.26 -13.10 5.20
CA ILE B 980 0.97 -13.66 5.75
C ILE B 980 2.12 -12.68 5.59
N ASP B 981 2.06 -11.83 4.57
CA ASP B 981 3.05 -10.76 4.47
C ASP B 981 3.10 -9.95 5.75
N ARG B 982 1.94 -9.44 6.19
CA ARG B 982 1.93 -8.63 7.40
C ARG B 982 2.47 -9.41 8.59
N LEU B 983 2.27 -10.73 8.64
CA LEU B 983 2.98 -11.51 9.65
C LEU B 983 4.47 -11.52 9.36
N ILE B 984 4.85 -11.94 8.16
CA ILE B 984 6.26 -12.05 7.85
C ILE B 984 6.94 -10.70 8.00
N THR B 985 6.45 -9.70 7.26
CA THR B 985 7.03 -8.36 7.37
C THR B 985 7.13 -7.94 8.83
N GLY B 986 6.10 -8.21 9.60
CA GLY B 986 6.16 -7.91 11.01
C GLY B 986 7.22 -8.73 11.71
N ARG B 987 7.13 -10.06 11.60
CA ARG B 987 8.08 -10.91 12.31
C ARG B 987 9.49 -10.72 11.78
N LEU B 988 9.65 -10.78 10.45
CA LEU B 988 10.97 -10.63 9.87
C LEU B 988 11.63 -9.33 10.32
N GLN B 989 10.86 -8.25 10.34
CA GLN B 989 11.36 -7.04 10.97
C GLN B 989 11.71 -7.29 12.42
N SER B 990 10.81 -7.96 13.15
CA SER B 990 11.01 -8.13 14.58
C SER B 990 12.27 -8.90 14.91
N LEU B 991 12.76 -9.71 13.97
CA LEU B 991 14.07 -10.31 14.16
C LEU B 991 15.16 -9.26 14.05
N GLN B 992 15.14 -8.49 12.97
CA GLN B 992 16.19 -7.49 12.77
C GLN B 992 16.29 -6.56 13.96
N THR B 993 15.14 -6.23 14.56
CA THR B 993 15.19 -5.51 15.82
C THR B 993 15.98 -6.29 16.86
N TYR B 994 15.61 -7.56 17.07
CA TYR B 994 16.31 -8.35 18.06
C TYR B 994 17.78 -8.53 17.69
N VAL B 995 18.06 -8.84 16.43
CA VAL B 995 19.43 -9.05 16.02
C VAL B 995 20.24 -7.79 16.24
N THR B 996 19.72 -6.65 15.79
CA THR B 996 20.45 -5.41 15.95
C THR B 996 20.73 -5.12 17.41
N GLN B 997 19.77 -5.39 18.28
CA GLN B 997 20.02 -5.23 19.71
C GLN B 997 21.20 -6.07 20.15
N GLN B 998 21.20 -7.34 19.78
CA GLN B 998 22.28 -8.23 20.20
C GLN B 998 23.62 -7.72 19.71
N LEU B 999 23.70 -7.34 18.44
CA LEU B 999 24.93 -6.77 17.89
C LEU B 999 25.40 -5.60 18.74
N ILE B 1000 24.51 -4.65 18.97
CA ILE B 1000 24.87 -3.50 19.78
C ILE B 1000 25.26 -3.93 21.18
N ARG B 1001 24.44 -4.79 21.79
CA ARG B 1001 24.72 -5.21 23.15
C ARG B 1001 26.01 -6.01 23.22
N ALA B 1002 26.26 -6.88 22.25
CA ALA B 1002 27.51 -7.62 22.23
C ALA B 1002 28.69 -6.68 22.09
N ALA B 1003 28.54 -5.63 21.30
CA ALA B 1003 29.63 -4.68 21.14
C ALA B 1003 29.97 -4.00 22.46
N GLU B 1004 28.98 -3.88 23.36
CA GLU B 1004 29.30 -3.42 24.69
C GLU B 1004 30.11 -4.46 25.45
N ILE B 1005 29.59 -5.70 25.49
CA ILE B 1005 30.32 -6.78 26.14
C ILE B 1005 31.71 -6.91 25.54
N ARG B 1006 31.81 -6.86 24.21
CA ARG B 1006 33.10 -6.89 23.56
C ARG B 1006 34.02 -5.82 24.11
N ALA B 1007 33.48 -4.65 24.45
CA ALA B 1007 34.29 -3.62 25.08
C ALA B 1007 34.60 -3.98 26.52
N SER B 1008 33.61 -4.51 27.24
CA SER B 1008 33.85 -4.91 28.62
C SER B 1008 34.83 -6.08 28.68
N ALA B 1009 34.76 -6.99 27.72
CA ALA B 1009 35.68 -8.11 27.72
C ALA B 1009 37.13 -7.64 27.64
N ASN B 1010 37.41 -6.70 26.76
CA ASN B 1010 38.77 -6.16 26.66
C ASN B 1010 39.19 -5.52 27.97
N LEU B 1011 38.27 -4.82 28.62
CA LEU B 1011 38.59 -4.25 29.93
C LEU B 1011 39.03 -5.33 30.89
N ALA B 1012 38.34 -6.46 30.89
CA ALA B 1012 38.78 -7.58 31.71
C ALA B 1012 40.14 -8.08 31.24
N ALA B 1013 40.24 -8.45 29.97
CA ALA B 1013 41.49 -8.95 29.43
C ALA B 1013 42.63 -7.96 29.66
N THR B 1014 42.31 -6.67 29.72
CA THR B 1014 43.33 -5.71 30.09
C THR B 1014 43.69 -5.84 31.55
N LYS B 1015 42.68 -5.85 32.43
CA LYS B 1015 42.96 -6.04 33.84
C LYS B 1015 43.64 -7.37 34.10
N MET B 1016 43.08 -8.45 33.56
CA MET B 1016 43.66 -9.77 33.75
C MET B 1016 45.13 -9.77 33.38
N SER B 1017 45.48 -9.13 32.27
CA SER B 1017 46.88 -9.07 31.89
C SER B 1017 47.66 -8.13 32.79
N GLU B 1018 47.20 -6.90 32.93
CA GLU B 1018 47.99 -5.92 33.65
C GLU B 1018 47.86 -6.09 35.15
N CYS B 1019 46.64 -6.23 35.64
CA CYS B 1019 46.40 -6.20 37.07
C CYS B 1019 46.79 -7.53 37.71
N VAL B 1020 46.14 -8.62 37.29
CA VAL B 1020 46.46 -9.94 37.82
C VAL B 1020 47.89 -10.34 37.48
N LEU B 1021 48.19 -10.44 36.18
CA LEU B 1021 49.47 -11.01 35.79
C LEU B 1021 50.63 -10.10 36.13
N GLY B 1022 50.45 -8.79 36.04
CA GLY B 1022 51.50 -7.87 36.44
C GLY B 1022 51.14 -7.13 37.69
N GLN B 1023 51.72 -5.95 37.88
CA GLN B 1023 51.27 -5.00 38.89
C GLN B 1023 51.02 -3.69 38.19
N SER B 1024 49.85 -3.10 38.43
CA SER B 1024 49.43 -1.94 37.67
C SER B 1024 49.93 -0.66 38.31
N LYS B 1025 50.49 0.22 37.50
CA LYS B 1025 50.84 1.56 37.90
C LYS B 1025 49.76 2.57 37.56
N ARG B 1026 48.67 2.13 36.96
CA ARG B 1026 47.61 3.03 36.52
C ARG B 1026 46.70 3.31 37.70
N VAL B 1027 46.62 4.58 38.10
CA VAL B 1027 45.90 4.91 39.32
C VAL B 1027 44.42 4.61 39.14
N ASP B 1028 43.86 3.85 40.07
CA ASP B 1028 42.45 3.53 40.13
C ASP B 1028 41.96 2.83 38.88
N PHE B 1029 42.86 2.18 38.16
CA PHE B 1029 42.44 1.23 37.14
C PHE B 1029 42.07 -0.10 37.78
N CYS B 1030 42.85 -0.53 38.76
CA CYS B 1030 42.57 -1.75 39.50
C CYS B 1030 41.69 -1.50 40.71
N GLY B 1031 41.15 -0.30 40.87
CA GLY B 1031 40.36 -0.02 42.05
C GLY B 1031 41.11 0.85 43.04
N LYS B 1032 40.33 1.56 43.84
CA LYS B 1032 40.87 2.66 44.64
C LYS B 1032 42.03 2.22 45.51
N GLY B 1033 43.09 3.01 45.51
CA GLY B 1033 44.27 2.75 46.29
C GLY B 1033 45.44 2.31 45.42
N TYR B 1034 46.61 2.31 46.04
CA TYR B 1034 47.78 1.72 45.41
C TYR B 1034 47.56 0.23 45.31
N HIS B 1035 47.84 -0.33 44.14
CA HIS B 1035 47.50 -1.71 43.86
C HIS B 1035 48.65 -2.65 44.16
N LEU B 1036 48.34 -3.76 44.85
CA LEU B 1036 49.34 -4.77 45.11
C LEU B 1036 49.18 -5.94 44.16
N MET B 1037 48.07 -6.67 44.27
CA MET B 1037 47.85 -7.82 43.41
C MET B 1037 46.37 -8.02 43.23
N SER B 1038 45.99 -8.80 42.24
CA SER B 1038 44.60 -9.09 41.98
C SER B 1038 44.38 -10.58 41.84
N PHE B 1039 43.23 -11.03 42.28
CA PHE B 1039 42.86 -12.44 42.26
C PHE B 1039 41.64 -12.61 41.39
N PRO B 1040 41.75 -13.22 40.22
CA PRO B 1040 40.57 -13.43 39.40
C PRO B 1040 39.68 -14.48 40.02
N GLN B 1041 38.38 -14.33 39.82
CA GLN B 1041 37.40 -15.32 40.23
C GLN B 1041 36.32 -15.37 39.17
N SER B 1042 35.93 -16.57 38.77
CA SER B 1042 34.94 -16.69 37.73
C SER B 1042 33.55 -16.45 38.30
N ALA B 1043 32.67 -15.96 37.44
CA ALA B 1043 31.26 -15.80 37.76
C ALA B 1043 30.49 -16.01 36.49
N PRO B 1044 29.21 -16.39 36.57
CA PRO B 1044 28.53 -16.85 35.35
C PRO B 1044 28.53 -15.78 34.28
N HIS B 1045 29.04 -16.15 33.11
CA HIS B 1045 29.16 -15.22 32.00
C HIS B 1045 29.83 -13.93 32.43
N GLY B 1046 30.85 -14.05 33.27
CA GLY B 1046 31.51 -12.87 33.77
C GLY B 1046 32.79 -13.24 34.50
N VAL B 1047 33.41 -12.26 35.12
CA VAL B 1047 34.60 -12.49 35.92
C VAL B 1047 34.61 -11.49 37.05
N VAL B 1048 35.22 -11.88 38.17
CA VAL B 1048 35.27 -11.06 39.36
C VAL B 1048 36.70 -11.03 39.86
N PHE B 1049 37.22 -9.83 40.06
CA PHE B 1049 38.57 -9.62 40.53
C PHE B 1049 38.55 -9.21 41.98
N LEU B 1050 39.46 -9.74 42.76
CA LEU B 1050 39.68 -9.31 44.13
C LEU B 1050 40.97 -8.51 44.12
N HIS B 1051 40.86 -7.20 44.23
CA HIS B 1051 42.01 -6.33 44.16
C HIS B 1051 42.55 -6.10 45.56
N VAL B 1052 43.76 -6.54 45.82
CA VAL B 1052 44.40 -6.30 47.11
C VAL B 1052 45.18 -5.00 46.99
N THR B 1053 44.71 -3.96 47.67
CA THR B 1053 45.24 -2.63 47.48
C THR B 1053 45.77 -2.10 48.80
N TYR B 1054 46.61 -1.09 48.68
CA TYR B 1054 47.34 -0.51 49.80
C TYR B 1054 46.82 0.89 50.04
N VAL B 1055 46.10 1.10 51.13
CA VAL B 1055 45.51 2.39 51.44
C VAL B 1055 46.15 2.94 52.70
N PRO B 1056 46.82 4.08 52.67
CA PRO B 1056 47.40 4.65 53.88
C PRO B 1056 46.33 5.13 54.84
N ALA B 1057 46.72 5.27 56.11
CA ALA B 1057 45.72 5.57 57.14
C ALA B 1057 46.00 6.84 57.93
N GLN B 1058 46.94 6.77 58.86
CA GLN B 1058 47.05 7.76 59.92
C GLN B 1058 48.09 8.81 59.56
N GLU B 1059 47.71 10.08 59.69
CA GLU B 1059 48.52 11.19 59.25
C GLU B 1059 49.14 11.91 60.44
N LYS B 1060 50.29 12.51 60.22
CA LYS B 1060 50.88 13.41 61.21
C LYS B 1060 51.40 14.65 60.50
N ASN B 1061 50.82 15.81 60.83
CA ASN B 1061 51.28 17.06 60.27
C ASN B 1061 52.75 17.25 60.54
N PHE B 1062 53.51 17.55 59.49
CA PHE B 1062 54.94 17.79 59.60
C PHE B 1062 55.30 19.07 58.88
N THR B 1063 56.08 19.91 59.54
CA THR B 1063 56.75 20.99 58.85
C THR B 1063 57.79 20.39 57.91
N THR B 1064 57.78 20.83 56.66
CA THR B 1064 58.66 20.28 55.65
C THR B 1064 59.51 21.38 55.04
N ALA B 1065 60.58 20.96 54.37
CA ALA B 1065 61.38 21.87 53.59
C ALA B 1065 61.83 21.15 52.33
N PRO B 1066 61.85 21.83 51.19
CA PRO B 1066 62.27 21.17 49.96
C PRO B 1066 63.75 20.86 49.91
N ALA B 1067 64.56 21.51 50.72
CA ALA B 1067 66.00 21.34 50.64
C ALA B 1067 66.62 21.76 51.96
N ILE B 1068 67.88 21.41 52.15
CA ILE B 1068 68.59 21.77 53.36
C ILE B 1068 69.97 22.31 53.00
N CYS B 1069 70.23 23.56 53.38
CA CYS B 1069 71.59 24.08 53.28
C CYS B 1069 72.46 23.37 54.30
N HIS B 1070 73.62 22.93 53.87
CA HIS B 1070 74.57 22.50 54.88
C HIS B 1070 75.71 23.48 54.98
N ASP B 1071 76.62 23.42 54.03
CA ASP B 1071 77.75 24.33 54.00
C ASP B 1071 77.49 25.53 53.11
N GLY B 1072 76.28 25.67 52.61
CA GLY B 1072 75.98 26.54 51.50
C GLY B 1072 75.68 25.77 50.24
N LYS B 1073 76.10 24.52 50.18
CA LYS B 1073 75.53 23.60 49.21
C LYS B 1073 74.09 23.30 49.61
N ALA B 1074 73.33 22.83 48.65
CA ALA B 1074 71.97 22.38 48.92
C ALA B 1074 71.94 20.86 48.88
N HIS B 1075 71.13 20.26 49.73
CA HIS B 1075 70.97 18.81 49.77
C HIS B 1075 69.52 18.48 49.47
N PHE B 1076 69.29 17.66 48.46
CA PHE B 1076 67.90 17.34 48.25
C PHE B 1076 67.69 15.86 48.52
N PRO B 1077 66.50 15.46 48.96
CA PRO B 1077 66.28 14.05 49.27
C PRO B 1077 66.44 13.21 48.02
N ARG B 1078 67.24 12.14 48.12
CA ARG B 1078 67.39 11.27 46.96
C ARG B 1078 66.06 10.62 46.60
N GLU B 1079 65.36 10.08 47.58
CA GLU B 1079 64.03 9.53 47.39
C GLU B 1079 63.19 9.88 48.60
N GLY B 1080 61.95 10.27 48.37
CA GLY B 1080 61.14 10.79 49.44
C GLY B 1080 61.42 12.26 49.67
N VAL B 1081 61.18 12.71 50.89
CA VAL B 1081 61.30 14.13 51.23
C VAL B 1081 61.78 14.34 52.64
N PHE B 1082 62.25 15.56 52.89
CA PHE B 1082 62.60 16.02 54.22
C PHE B 1082 61.35 16.36 54.99
N VAL B 1083 61.35 16.04 56.28
CA VAL B 1083 60.34 16.52 57.20
C VAL B 1083 61.01 16.77 58.54
N SER B 1084 60.30 17.49 59.42
CA SER B 1084 60.76 17.67 60.81
C SER B 1084 59.72 17.11 61.78
N ASN B 1085 60.14 16.83 63.02
CA ASN B 1085 59.19 16.67 64.16
C ASN B 1085 59.19 17.95 64.99
N GLY B 1086 59.33 19.10 64.31
CA GLY B 1086 59.43 20.41 64.97
C GLY B 1086 60.86 20.75 65.34
N THR B 1087 61.70 19.72 65.46
CA THR B 1087 63.05 19.86 66.01
C THR B 1087 64.10 19.31 65.06
N HIS B 1088 64.07 18.01 64.79
CA HIS B 1088 65.12 17.35 64.02
C HIS B 1088 64.60 17.06 62.63
N TRP B 1089 65.39 17.40 61.63
CA TRP B 1089 64.96 17.20 60.26
C TRP B 1089 65.17 15.76 59.85
N PHE B 1090 64.14 15.18 59.25
CA PHE B 1090 64.12 13.78 58.89
C PHE B 1090 63.79 13.64 57.43
N VAL B 1091 64.62 12.94 56.72
CA VAL B 1091 64.29 12.46 55.39
C VAL B 1091 63.50 11.18 55.54
N THR B 1092 62.51 10.98 54.69
CA THR B 1092 61.73 9.76 54.78
C THR B 1092 61.09 9.49 53.43
N GLN B 1093 60.66 8.25 53.27
CA GLN B 1093 59.91 7.86 52.09
C GLN B 1093 58.53 8.48 52.11
N ARG B 1094 57.95 8.61 50.94
CA ARG B 1094 56.75 9.43 50.80
C ARG B 1094 55.53 8.78 51.43
N ASN B 1095 55.21 7.54 51.05
CA ASN B 1095 53.90 6.96 51.34
C ASN B 1095 53.84 6.21 52.66
N PHE B 1096 54.91 6.24 53.45
CA PHE B 1096 54.87 5.66 54.78
C PHE B 1096 55.88 6.41 55.62
N TYR B 1097 55.60 6.53 56.90
CA TYR B 1097 56.43 7.35 57.77
C TYR B 1097 57.49 6.47 58.41
N GLU B 1098 58.73 6.66 58.00
CA GLU B 1098 59.87 5.99 58.61
C GLU B 1098 61.00 7.00 58.71
N PRO B 1099 61.02 7.80 59.75
CA PRO B 1099 62.00 8.87 59.85
C PRO B 1099 63.41 8.31 59.91
N GLN B 1100 64.33 8.99 59.27
CA GLN B 1100 65.71 8.55 59.21
C GLN B 1100 66.63 9.76 59.34
N ILE B 1101 67.69 9.60 60.13
CA ILE B 1101 68.66 10.67 60.25
C ILE B 1101 69.21 11.00 58.88
N ILE B 1102 69.45 12.28 58.63
CA ILE B 1102 69.84 12.74 57.32
C ILE B 1102 71.35 12.58 57.16
N THR B 1103 71.76 11.80 56.18
CA THR B 1103 73.16 11.65 55.84
C THR B 1103 73.32 11.79 54.34
N THR B 1104 74.55 12.05 53.92
CA THR B 1104 74.80 12.28 52.50
C THR B 1104 74.35 11.12 51.64
N ASP B 1105 74.24 9.92 52.18
CA ASP B 1105 73.72 8.83 51.40
C ASP B 1105 72.22 8.93 51.20
N ASN B 1106 71.55 9.83 51.91
CA ASN B 1106 70.15 10.09 51.66
C ASN B 1106 69.93 11.25 50.70
N THR B 1107 70.96 12.03 50.40
CA THR B 1107 70.77 13.30 49.72
C THR B 1107 71.87 13.53 48.70
N PHE B 1108 71.50 14.05 47.55
CA PHE B 1108 72.45 14.46 46.54
C PHE B 1108 72.55 15.98 46.52
N VAL B 1109 73.75 16.48 46.33
CA VAL B 1109 73.98 17.92 46.35
C VAL B 1109 73.66 18.51 44.99
N SER B 1110 73.13 19.72 44.97
CA SER B 1110 72.93 20.44 43.72
C SER B 1110 72.98 21.93 43.97
N GLY B 1111 73.53 22.65 43.00
CA GLY B 1111 73.56 24.11 43.06
C GLY B 1111 74.13 24.62 44.35
N ASN B 1112 73.50 25.66 44.88
CA ASN B 1112 73.80 26.18 46.21
C ASN B 1112 72.57 26.90 46.73
N CYS B 1113 72.72 27.59 47.86
CA CYS B 1113 71.54 27.95 48.66
C CYS B 1113 70.70 29.07 48.07
N ASP B 1114 71.29 30.13 47.55
CA ASP B 1114 70.55 31.37 47.34
C ASP B 1114 69.35 31.21 46.42
N VAL B 1115 69.21 30.10 45.70
CA VAL B 1115 68.15 29.93 44.72
C VAL B 1115 66.94 29.25 45.33
N VAL B 1116 67.10 28.02 45.81
CA VAL B 1116 65.96 27.21 46.20
C VAL B 1116 65.09 27.94 47.20
N ILE B 1117 63.81 28.05 46.88
CA ILE B 1117 62.88 28.73 47.77
C ILE B 1117 62.61 27.87 48.99
N GLY B 1118 62.63 28.48 50.16
CA GLY B 1118 62.24 27.75 51.35
C GLY B 1118 63.24 26.76 51.87
N ILE B 1119 64.48 26.80 51.39
CA ILE B 1119 65.50 25.92 51.95
C ILE B 1119 65.77 26.33 53.39
N VAL B 1120 66.13 25.37 54.22
CA VAL B 1120 66.29 25.62 55.65
C VAL B 1120 67.66 25.17 56.10
N ASN B 1121 68.09 25.69 57.24
CA ASN B 1121 69.37 25.29 57.82
C ASN B 1121 69.25 23.95 58.50
N ASN B 1122 70.33 23.19 58.46
CA ASN B 1122 70.52 21.99 59.26
C ASN B 1122 71.96 21.54 59.05
N THR B 1123 72.33 20.45 59.71
CA THR B 1123 73.61 19.81 59.51
C THR B 1123 73.35 18.39 59.02
N VAL B 1124 73.82 18.08 57.82
CA VAL B 1124 73.63 16.76 57.26
C VAL B 1124 74.77 15.88 57.73
N TYR B 1125 74.44 14.90 58.56
CA TYR B 1125 75.44 14.06 59.18
C TYR B 1125 76.22 13.29 58.11
N ASP B 1126 77.49 13.06 58.38
CA ASP B 1126 78.34 12.30 57.48
C ASP B 1126 78.48 10.87 57.97
N PRO B 1127 78.20 9.88 57.13
CA PRO B 1127 78.60 8.51 57.49
C PRO B 1127 80.09 8.39 57.68
N LEU B 1128 80.86 9.01 56.80
CA LEU B 1128 82.30 8.75 56.75
C LEU B 1128 83.04 9.42 57.90
N GLN B 1129 82.79 10.71 58.13
CA GLN B 1129 83.51 11.49 59.14
C GLN B 1129 83.73 10.78 60.47
N PRO B 1130 82.73 10.16 61.09
CA PRO B 1130 83.01 9.45 62.35
C PRO B 1130 83.94 8.28 62.16
N GLU B 1131 83.76 7.54 61.07
CA GLU B 1131 84.63 6.39 60.80
C GLU B 1131 86.09 6.79 60.84
N LEU B 1132 86.39 8.04 60.49
CA LEU B 1132 87.78 8.48 60.43
C LEU B 1132 88.49 8.31 61.76
N ASP B 1133 88.06 9.06 62.78
CA ASP B 1133 89.00 9.68 63.71
C ASP B 1133 90.04 8.70 64.23
N SER B 1134 89.69 7.43 64.33
CA SER B 1134 90.71 6.46 64.66
C SER B 1134 91.61 6.23 63.44
N GLN C 1 3.99 -52.24 -42.43
CA GLN C 1 5.14 -52.94 -41.86
C GLN C 1 4.80 -53.50 -40.48
N CYS C 2 5.31 -52.85 -39.45
CA CYS C 2 5.13 -53.27 -38.06
C CYS C 2 5.58 -54.72 -37.85
N VAL C 3 6.62 -55.13 -38.56
CA VAL C 3 7.23 -56.43 -38.30
C VAL C 3 7.76 -56.42 -36.88
N ASN C 4 7.43 -57.47 -36.12
CA ASN C 4 7.65 -57.49 -34.69
C ASN C 4 8.49 -58.70 -34.31
N LEU C 5 9.48 -58.49 -33.44
CA LEU C 5 10.17 -59.56 -32.75
C LEU C 5 10.30 -59.13 -31.30
N THR C 6 9.75 -59.92 -30.37
CA THR C 6 9.73 -59.46 -28.94
C THR C 6 10.54 -60.38 -28.02
N THR C 7 10.84 -61.60 -28.45
CA THR C 7 11.63 -62.57 -27.62
C THR C 7 10.94 -62.84 -26.28
N ARG C 8 11.68 -62.83 -25.17
CA ARG C 8 11.14 -63.14 -23.85
C ARG C 8 11.68 -62.28 -22.71
N THR C 9 12.98 -62.39 -22.44
CA THR C 9 13.50 -62.14 -21.11
C THR C 9 13.66 -60.67 -20.82
N GLN C 10 13.66 -60.35 -19.53
CA GLN C 10 14.05 -59.04 -19.02
C GLN C 10 15.44 -59.13 -18.39
N LEU C 11 15.61 -60.02 -17.41
CA LEU C 11 16.74 -60.13 -16.49
C LEU C 11 16.63 -59.01 -15.47
N PRO C 12 17.21 -59.16 -14.28
CA PRO C 12 17.35 -58.01 -13.40
C PRO C 12 18.15 -56.93 -14.10
N PRO C 13 17.63 -55.71 -14.15
CA PRO C 13 18.37 -54.65 -14.86
C PRO C 13 19.72 -54.42 -14.20
N ALA C 14 20.77 -54.50 -15.00
CA ALA C 14 22.12 -54.33 -14.47
C ALA C 14 22.31 -52.86 -14.17
N TYR C 15 22.57 -52.55 -12.91
CA TYR C 15 22.66 -51.16 -12.51
C TYR C 15 24.11 -50.70 -12.51
N THR C 16 24.29 -49.41 -12.22
CA THR C 16 25.61 -48.83 -12.16
C THR C 16 25.51 -47.54 -11.34
N ASN C 17 26.63 -46.86 -11.21
CA ASN C 17 26.74 -45.69 -10.36
C ASN C 17 27.33 -44.57 -11.19
N SER C 18 26.54 -43.53 -11.44
CA SER C 18 27.07 -42.36 -12.12
C SER C 18 27.82 -41.52 -11.10
N PHE C 19 29.13 -41.37 -11.31
CA PHE C 19 29.98 -40.82 -10.28
C PHE C 19 29.85 -39.30 -10.30
N THR C 20 30.43 -38.69 -11.33
CA THR C 20 30.19 -37.29 -11.66
C THR C 20 29.67 -37.30 -13.09
N ARG C 21 28.39 -36.99 -13.28
CA ARG C 21 27.81 -37.19 -14.59
C ARG C 21 26.57 -36.32 -14.74
N GLY C 22 26.21 -36.07 -15.99
CA GLY C 22 24.98 -35.37 -16.30
C GLY C 22 24.92 -33.93 -15.85
N VAL C 23 26.03 -33.19 -15.96
CA VAL C 23 26.06 -31.77 -15.64
C VAL C 23 26.14 -31.00 -16.94
N TYR C 24 25.05 -30.35 -17.29
CA TYR C 24 24.96 -29.53 -18.49
C TYR C 24 25.05 -28.08 -18.11
N TYR C 25 24.97 -27.20 -19.11
CA TYR C 25 24.99 -25.77 -18.86
C TYR C 25 23.56 -25.26 -18.84
N PRO C 26 23.00 -24.92 -17.69
CA PRO C 26 21.60 -24.48 -17.67
C PRO C 26 21.45 -22.98 -17.87
N ASP C 27 22.10 -22.43 -18.90
CA ASP C 27 22.02 -21.04 -19.36
C ASP C 27 22.98 -20.86 -20.52
N LYS C 28 22.76 -19.79 -21.28
CA LYS C 28 23.68 -19.35 -22.31
C LYS C 28 24.75 -18.40 -21.77
N VAL C 29 24.55 -17.89 -20.57
CA VAL C 29 25.36 -16.82 -20.02
C VAL C 29 26.78 -17.32 -19.80
N PHE C 30 27.74 -16.61 -20.33
CA PHE C 30 29.15 -16.97 -20.18
C PHE C 30 29.66 -16.50 -18.84
N ARG C 31 30.17 -17.44 -18.04
CA ARG C 31 30.76 -17.11 -16.75
C ARG C 31 32.15 -17.72 -16.68
N SER C 32 33.02 -17.08 -15.91
CA SER C 32 34.44 -17.43 -15.86
C SER C 32 34.88 -17.60 -14.41
N SER C 33 35.27 -18.82 -14.05
CA SER C 33 35.89 -19.13 -12.76
C SER C 33 35.08 -18.56 -11.59
N VAL C 34 33.78 -18.86 -11.56
CA VAL C 34 32.91 -18.44 -10.47
C VAL C 34 32.14 -19.67 -9.99
N LEU C 35 31.63 -19.61 -8.78
CA LEU C 35 30.79 -20.69 -8.28
C LEU C 35 29.33 -20.27 -8.33
N HIS C 36 28.59 -20.85 -9.28
CA HIS C 36 27.20 -20.51 -9.48
C HIS C 36 26.33 -21.64 -8.97
N SER C 37 25.19 -21.30 -8.39
CA SER C 37 24.32 -22.28 -7.73
C SER C 37 22.89 -22.09 -8.20
N THR C 38 22.33 -23.14 -8.81
CA THR C 38 20.92 -23.18 -9.15
C THR C 38 20.33 -24.51 -8.72
N GLN C 39 19.02 -24.50 -8.49
CA GLN C 39 18.26 -25.71 -8.21
C GLN C 39 17.44 -26.04 -9.45
N ASP C 40 17.82 -27.10 -10.14
CA ASP C 40 17.23 -27.48 -11.41
C ASP C 40 17.21 -28.99 -11.51
N LEU C 41 16.47 -29.49 -12.50
CA LEU C 41 16.45 -30.91 -12.78
C LEU C 41 17.82 -31.38 -13.23
N PHE C 42 18.36 -32.38 -12.54
CA PHE C 42 19.62 -33.01 -12.94
C PHE C 42 19.54 -34.49 -12.60
N LEU C 43 20.59 -35.22 -12.99
CA LEU C 43 20.79 -36.58 -12.51
C LEU C 43 21.73 -36.50 -11.31
N PRO C 44 21.24 -36.70 -10.10
CA PRO C 44 22.11 -36.50 -8.92
C PRO C 44 23.25 -37.49 -8.90
N PHE C 45 24.41 -37.04 -8.40
CA PHE C 45 25.64 -37.86 -8.42
C PHE C 45 25.51 -39.11 -7.54
N PHE C 46 26.38 -40.09 -7.76
CA PHE C 46 26.36 -41.34 -6.95
C PHE C 46 24.95 -41.93 -7.02
N SER C 47 24.36 -41.94 -8.22
CA SER C 47 22.96 -42.42 -8.34
C SER C 47 22.90 -43.77 -9.06
N ASN C 48 21.72 -44.37 -9.12
CA ASN C 48 21.50 -45.68 -9.75
C ASN C 48 21.14 -45.46 -11.21
N VAL C 49 21.96 -45.98 -12.10
CA VAL C 49 21.70 -45.83 -13.54
C VAL C 49 21.55 -47.24 -14.12
N THR C 50 20.49 -47.49 -14.86
CA THR C 50 20.29 -48.86 -15.37
C THR C 50 21.09 -49.05 -16.66
N TRP C 51 22.12 -49.90 -16.63
CA TRP C 51 22.87 -50.23 -17.87
C TRP C 51 22.02 -51.23 -18.65
N PHE C 52 21.28 -50.79 -19.66
CA PHE C 52 20.32 -51.67 -20.39
C PHE C 52 20.97 -52.58 -21.43
N HIS C 53 20.18 -53.49 -22.02
CA HIS C 53 20.70 -54.43 -23.06
C HIS C 53 19.74 -54.49 -24.26
N ALA C 54 20.26 -54.55 -25.49
CA ALA C 54 19.42 -54.74 -26.69
C ALA C 54 20.26 -55.50 -27.73
N ILE C 55 19.65 -56.28 -28.63
CA ILE C 55 20.49 -57.10 -29.56
C ILE C 55 21.69 -57.59 -28.74
N HIS C 56 21.40 -58.23 -27.60
CA HIS C 56 22.43 -58.66 -26.67
C HIS C 56 22.80 -60.11 -26.93
N VAL C 57 24.10 -60.39 -26.95
CA VAL C 57 24.57 -61.76 -27.12
C VAL C 57 25.15 -62.28 -25.81
N SER C 58 24.55 -63.35 -25.30
CA SER C 58 25.13 -64.15 -24.22
C SER C 58 25.50 -65.48 -24.85
N GLY C 59 26.81 -65.72 -24.99
CA GLY C 59 27.30 -66.71 -25.92
C GLY C 59 26.99 -68.17 -25.66
N THR C 60 26.31 -68.79 -26.62
CA THR C 60 26.41 -70.21 -26.88
C THR C 60 26.65 -70.38 -28.38
N ASN C 61 25.65 -70.03 -29.19
CA ASN C 61 25.87 -69.53 -30.54
C ASN C 61 24.79 -68.50 -30.81
N GLY C 62 25.18 -67.31 -31.25
CA GLY C 62 24.18 -66.29 -31.52
C GLY C 62 23.49 -65.87 -30.23
N THR C 63 22.17 -66.04 -30.19
CA THR C 63 21.30 -65.66 -29.07
C THR C 63 21.38 -64.15 -28.82
N LYS C 64 20.81 -63.41 -29.77
CA LYS C 64 20.66 -61.98 -29.66
C LYS C 64 19.35 -61.64 -28.95
N ARG C 65 19.46 -60.89 -27.85
CA ARG C 65 18.33 -60.64 -26.97
C ARG C 65 17.85 -59.19 -27.15
N PHE C 66 16.66 -59.05 -27.73
CA PHE C 66 16.05 -57.74 -27.97
C PHE C 66 15.14 -57.45 -26.77
N ASP C 67 15.64 -56.61 -25.85
CA ASP C 67 14.92 -56.33 -24.62
C ASP C 67 14.33 -54.93 -24.51
N ASN C 68 14.64 -54.02 -25.43
CA ASN C 68 14.50 -52.60 -25.06
C ASN C 68 13.05 -52.23 -24.78
N PRO C 69 12.70 -51.92 -23.53
CA PRO C 69 11.30 -51.66 -23.19
C PRO C 69 10.88 -50.24 -23.51
N VAL C 70 9.56 -50.06 -23.63
CA VAL C 70 9.00 -48.73 -23.50
C VAL C 70 9.23 -48.25 -22.09
N LEU C 71 9.80 -47.05 -21.96
CA LEU C 71 10.19 -46.61 -20.64
C LEU C 71 9.51 -45.30 -20.29
N PRO C 72 9.05 -45.14 -19.06
CA PRO C 72 8.43 -43.87 -18.67
C PRO C 72 9.45 -42.74 -18.70
N PHE C 73 8.97 -41.53 -18.97
CA PHE C 73 9.85 -40.37 -18.95
C PHE C 73 10.07 -39.86 -17.52
N ASN C 74 9.06 -39.97 -16.66
CA ASN C 74 9.10 -39.51 -15.26
C ASN C 74 9.44 -38.02 -15.27
N ASP C 75 10.34 -37.55 -14.40
CA ASP C 75 10.69 -36.14 -14.34
C ASP C 75 11.55 -35.70 -15.51
N GLY C 76 12.74 -36.24 -15.64
CA GLY C 76 13.57 -36.01 -16.81
C GLY C 76 14.38 -37.25 -17.09
N VAL C 77 15.05 -37.23 -18.25
CA VAL C 77 15.74 -38.42 -18.75
C VAL C 77 17.17 -38.08 -19.11
N TYR C 78 18.08 -38.99 -18.75
CA TYR C 78 19.47 -38.94 -19.13
C TYR C 78 19.75 -40.15 -20.01
N PHE C 79 20.76 -40.05 -20.87
CA PHE C 79 21.10 -41.14 -21.77
C PHE C 79 22.59 -41.16 -22.06
N ALA C 80 23.14 -42.37 -22.20
CA ALA C 80 24.56 -42.53 -22.49
C ALA C 80 24.77 -43.81 -23.28
N SER C 81 25.74 -43.79 -24.18
CA SER C 81 26.06 -44.96 -24.98
C SER C 81 27.47 -44.85 -25.51
N THR C 82 28.02 -45.99 -25.93
CA THR C 82 29.33 -46.04 -26.56
C THR C 82 29.16 -46.30 -28.06
N GLU C 83 28.85 -47.54 -28.42
CA GLU C 83 28.40 -47.91 -29.76
C GLU C 83 29.39 -47.45 -30.83
N LYS C 84 30.59 -48.04 -30.78
CA LYS C 84 31.59 -47.74 -31.84
C LYS C 84 30.87 -47.94 -33.18
N SER C 85 30.16 -49.08 -33.33
CA SER C 85 29.33 -49.27 -34.53
C SER C 85 27.92 -48.81 -34.15
N ASN C 86 27.46 -47.69 -34.71
CA ASN C 86 26.15 -47.16 -34.23
C ASN C 86 25.04 -48.13 -34.57
N ILE C 87 24.15 -48.37 -33.61
CA ILE C 87 22.96 -49.21 -33.89
C ILE C 87 21.82 -48.36 -33.36
N ILE C 88 22.16 -47.22 -32.77
CA ILE C 88 21.17 -46.36 -32.13
C ILE C 88 21.03 -45.09 -32.95
N ARG C 89 19.79 -44.61 -33.07
CA ARG C 89 19.53 -43.46 -33.92
C ARG C 89 18.78 -42.38 -33.14
N GLY C 90 17.59 -42.71 -32.65
CA GLY C 90 16.75 -41.73 -32.00
C GLY C 90 15.82 -42.39 -31.01
N TRP C 91 14.85 -41.61 -30.54
CA TRP C 91 13.93 -42.07 -29.51
C TRP C 91 12.51 -41.70 -29.91
N ILE C 92 11.53 -42.39 -29.34
CA ILE C 92 10.15 -42.33 -29.79
C ILE C 92 9.31 -41.36 -28.97
N PHE C 93 9.95 -40.49 -28.17
CA PHE C 93 9.33 -39.88 -26.99
C PHE C 93 7.89 -39.44 -27.26
N GLY C 94 7.02 -39.74 -26.31
CA GLY C 94 5.61 -39.45 -26.46
C GLY C 94 4.86 -39.76 -25.18
N THR C 95 3.55 -39.92 -25.32
CA THR C 95 2.73 -40.29 -24.17
C THR C 95 1.96 -41.59 -24.45
N THR C 96 1.03 -41.54 -25.40
CA THR C 96 0.29 -42.75 -25.77
C THR C 96 1.15 -43.70 -26.60
N LEU C 97 2.24 -43.20 -27.18
CA LEU C 97 3.09 -43.97 -28.09
C LEU C 97 2.28 -44.43 -29.29
N ASP C 98 1.37 -43.57 -29.70
CA ASP C 98 0.28 -43.88 -30.62
C ASP C 98 -0.23 -42.54 -31.16
N SER C 99 -1.36 -42.57 -31.86
CA SER C 99 -2.07 -41.34 -32.14
C SER C 99 -2.75 -40.85 -30.86
N LYS C 100 -3.57 -39.81 -31.00
CA LYS C 100 -4.30 -39.10 -29.95
C LYS C 100 -3.40 -38.14 -29.18
N THR C 101 -2.07 -38.26 -29.31
CA THR C 101 -1.14 -37.28 -28.77
C THR C 101 -0.12 -36.98 -29.85
N GLN C 102 0.68 -35.95 -29.63
CA GLN C 102 1.79 -35.73 -30.54
C GLN C 102 2.83 -36.82 -30.35
N SER C 103 3.88 -36.77 -31.16
CA SER C 103 4.95 -37.75 -31.04
C SER C 103 6.28 -37.05 -31.29
N LEU C 104 7.23 -37.28 -30.39
CA LEU C 104 8.58 -36.80 -30.65
C LEU C 104 9.40 -37.91 -31.30
N LEU C 105 9.44 -37.83 -32.63
CA LEU C 105 10.17 -38.86 -33.37
C LEU C 105 11.50 -38.24 -33.79
N ILE C 106 12.45 -38.04 -32.87
CA ILE C 106 13.78 -37.54 -33.31
C ILE C 106 14.43 -38.72 -34.03
N VAL C 107 14.72 -38.61 -35.33
CA VAL C 107 15.45 -39.65 -36.10
C VAL C 107 16.68 -39.00 -36.73
N ASN C 108 17.85 -39.59 -36.52
CA ASN C 108 19.05 -39.10 -37.25
C ASN C 108 18.83 -39.37 -38.74
N ASN C 109 18.29 -40.52 -39.12
CA ASN C 109 18.19 -40.87 -40.57
C ASN C 109 19.64 -40.97 -41.10
N ALA C 110 20.64 -40.90 -40.23
CA ALA C 110 22.07 -41.05 -40.59
C ALA C 110 22.62 -39.87 -41.42
N THR C 111 22.06 -39.59 -42.59
CA THR C 111 22.65 -38.53 -43.46
C THR C 111 22.64 -37.18 -42.73
N ASN C 112 21.55 -36.86 -42.03
CA ASN C 112 21.44 -35.58 -41.30
C ASN C 112 20.29 -35.74 -40.32
N VAL C 113 20.48 -35.36 -39.05
CA VAL C 113 19.38 -35.65 -38.09
C VAL C 113 18.10 -34.96 -38.58
N VAL C 114 17.00 -35.70 -38.68
CA VAL C 114 15.70 -35.05 -39.03
C VAL C 114 14.80 -35.12 -37.79
N ILE C 115 14.53 -33.98 -37.16
CA ILE C 115 13.73 -34.00 -35.91
C ILE C 115 12.27 -33.97 -36.33
N LYS C 116 11.48 -34.89 -35.77
CA LYS C 116 10.06 -34.84 -36.11
C LYS C 116 9.24 -34.78 -34.83
N VAL C 117 8.38 -33.76 -34.76
CA VAL C 117 7.31 -33.73 -33.76
C VAL C 117 6.01 -33.80 -34.54
N CYS C 118 5.34 -34.96 -34.47
CA CYS C 118 4.19 -35.24 -35.32
C CYS C 118 3.21 -36.11 -34.55
N GLU C 119 2.23 -36.65 -35.26
CA GLU C 119 1.37 -37.71 -34.74
C GLU C 119 1.60 -38.95 -35.59
N PHE C 120 2.17 -39.99 -34.99
CA PHE C 120 2.48 -41.22 -35.69
C PHE C 120 1.64 -42.37 -35.14
N GLN C 121 1.79 -43.52 -35.78
CA GLN C 121 1.36 -44.79 -35.21
C GLN C 121 2.60 -45.64 -35.00
N PHE C 122 3.02 -45.79 -33.75
CA PHE C 122 4.20 -46.58 -33.46
C PHE C 122 3.80 -48.04 -33.24
N CYS C 123 4.56 -48.93 -33.88
CA CYS C 123 4.23 -50.34 -33.86
C CYS C 123 4.51 -50.93 -32.47
N ASN C 124 4.24 -52.21 -32.32
CA ASN C 124 4.52 -52.90 -31.06
C ASN C 124 6.02 -53.11 -30.83
N ASP C 125 6.81 -53.26 -31.89
CA ASP C 125 8.25 -53.43 -31.80
C ASP C 125 8.93 -52.46 -32.76
N PRO C 126 8.86 -51.16 -32.47
CA PRO C 126 9.38 -50.18 -33.43
C PRO C 126 10.91 -50.12 -33.43
N PHE C 127 11.47 -49.89 -34.62
CA PHE C 127 12.89 -49.63 -34.82
C PHE C 127 13.08 -49.37 -36.32
N LEU C 128 14.18 -48.71 -36.65
CA LEU C 128 14.46 -48.35 -38.03
C LEU C 128 15.08 -49.54 -38.75
N GLY C 129 14.43 -49.98 -39.83
CA GLY C 129 15.01 -51.00 -40.67
C GLY C 129 15.99 -50.39 -41.67
N VAL C 130 17.07 -51.12 -41.93
CA VAL C 130 18.06 -50.73 -42.93
C VAL C 130 18.23 -51.89 -43.89
N TYR C 131 18.30 -51.57 -45.17
CA TYR C 131 18.45 -52.58 -46.21
C TYR C 131 19.39 -52.03 -47.26
N TYR C 132 19.56 -52.80 -48.35
CA TYR C 132 20.44 -52.38 -49.46
C TYR C 132 19.55 -51.93 -50.62
N HIS C 133 19.68 -50.67 -51.05
CA HIS C 133 18.79 -50.11 -52.11
C HIS C 133 18.96 -50.86 -53.44
N LYS C 134 20.18 -51.23 -53.82
CA LYS C 134 20.48 -51.95 -55.10
C LYS C 134 20.40 -50.91 -56.22
N ASN C 135 20.02 -49.68 -55.87
CA ASN C 135 20.01 -48.54 -56.83
C ASN C 135 20.99 -47.58 -56.19
N ASN C 136 21.97 -47.07 -56.95
CA ASN C 136 23.05 -46.26 -56.31
C ASN C 136 23.80 -47.23 -55.39
N LYS C 137 23.28 -48.46 -55.22
CA LYS C 137 23.99 -49.48 -54.46
C LYS C 137 24.33 -49.01 -53.05
N SER C 138 23.37 -48.36 -52.40
CA SER C 138 23.61 -47.82 -51.07
C SER C 138 22.73 -48.56 -50.07
N TRP C 139 22.87 -48.18 -48.81
CA TRP C 139 22.05 -48.74 -47.74
C TRP C 139 21.00 -47.72 -47.35
N MET C 140 19.75 -47.96 -47.72
CA MET C 140 18.68 -47.08 -47.28
C MET C 140 18.26 -47.44 -45.87
N GLU C 141 17.33 -46.66 -45.34
CA GLU C 141 16.73 -46.92 -44.04
C GLU C 141 15.23 -46.91 -44.22
N SER C 142 14.59 -48.05 -44.01
CA SER C 142 13.13 -48.10 -44.01
C SER C 142 12.68 -47.56 -42.67
N GLU C 143 11.98 -46.43 -42.70
CA GLU C 143 11.60 -45.73 -41.48
C GLU C 143 10.23 -46.15 -40.97
N PHE C 144 9.47 -46.91 -41.77
CA PHE C 144 8.14 -47.31 -41.35
C PHE C 144 8.16 -48.66 -40.66
N ARG C 145 9.34 -49.27 -40.48
CA ARG C 145 9.44 -50.39 -39.56
C ARG C 145 9.31 -49.90 -38.13
N VAL C 146 9.53 -48.60 -37.90
CA VAL C 146 9.24 -47.96 -36.63
C VAL C 146 7.73 -47.80 -36.53
N TYR C 147 7.18 -46.95 -37.39
CA TYR C 147 5.82 -46.47 -37.29
C TYR C 147 5.10 -46.65 -38.62
N SER C 148 3.81 -46.99 -38.54
CA SER C 148 3.03 -47.15 -39.76
C SER C 148 2.64 -45.80 -40.35
N SER C 149 1.80 -45.05 -39.64
CA SER C 149 1.24 -43.81 -40.16
C SER C 149 2.15 -42.64 -39.79
N ALA C 150 2.23 -41.69 -40.71
CA ALA C 150 2.79 -40.37 -40.44
C ALA C 150 1.85 -39.34 -41.03
N ASN C 151 1.24 -38.53 -40.16
CA ASN C 151 0.23 -37.56 -40.60
C ASN C 151 0.03 -36.54 -39.49
N ASN C 152 -0.80 -35.53 -39.77
CA ASN C 152 -1.20 -34.50 -38.80
C ASN C 152 -0.03 -33.64 -38.33
N CYS C 153 1.18 -33.91 -38.82
CA CYS C 153 2.40 -33.51 -38.13
C CYS C 153 2.41 -32.04 -37.74
N THR C 154 2.76 -31.78 -36.48
CA THR C 154 2.86 -30.44 -35.91
C THR C 154 4.18 -29.75 -36.23
N PHE C 155 5.31 -30.44 -36.13
CA PHE C 155 6.59 -29.77 -36.24
C PHE C 155 7.59 -30.65 -36.97
N GLU C 156 8.57 -29.99 -37.60
CA GLU C 156 9.64 -30.65 -38.34
C GLU C 156 10.89 -29.79 -38.23
N TYR C 157 12.04 -30.45 -38.19
CA TYR C 157 13.31 -29.73 -38.15
C TYR C 157 14.43 -30.64 -38.64
N VAL C 158 15.52 -30.02 -39.08
CA VAL C 158 16.71 -30.72 -39.56
C VAL C 158 17.94 -30.00 -39.02
N SER C 159 18.99 -30.76 -38.71
CA SER C 159 20.24 -30.17 -38.23
C SER C 159 21.39 -31.09 -38.61
N GLN C 160 22.61 -30.68 -38.26
CA GLN C 160 23.79 -31.51 -38.38
C GLN C 160 23.73 -32.67 -37.40
N PRO C 161 24.25 -33.84 -37.79
CA PRO C 161 23.99 -35.05 -37.01
C PRO C 161 24.53 -34.96 -35.60
N PHE C 162 23.65 -35.24 -34.63
CA PHE C 162 24.06 -35.28 -33.24
C PHE C 162 24.96 -36.49 -33.00
N LEU C 163 24.48 -37.66 -33.39
CA LEU C 163 25.29 -38.87 -33.45
C LEU C 163 26.37 -38.65 -34.50
N MET C 164 27.61 -38.89 -34.13
CA MET C 164 28.73 -38.67 -35.03
C MET C 164 29.79 -39.71 -34.71
N ASP C 165 30.47 -40.21 -35.75
CA ASP C 165 31.56 -41.14 -35.52
C ASP C 165 32.89 -40.42 -35.73
N LEU C 166 33.96 -41.13 -35.38
CA LEU C 166 35.33 -40.74 -35.69
C LEU C 166 36.04 -41.99 -36.17
N GLU C 167 36.12 -42.96 -35.26
CA GLU C 167 36.64 -44.31 -35.45
C GLU C 167 38.09 -44.30 -35.94
N GLY C 168 38.48 -45.28 -36.75
CA GLY C 168 39.87 -45.54 -37.01
C GLY C 168 40.70 -45.89 -35.78
N LYS C 169 40.08 -45.95 -34.60
CA LYS C 169 40.79 -46.00 -33.33
C LYS C 169 40.89 -47.39 -32.72
N GLN C 170 40.34 -48.41 -33.38
CA GLN C 170 40.31 -49.79 -32.88
C GLN C 170 39.96 -49.84 -31.40
N GLY C 171 39.01 -49.01 -31.00
CA GLY C 171 38.65 -48.85 -29.61
C GLY C 171 39.43 -47.74 -28.95
N ASN C 172 39.60 -47.88 -27.64
CA ASN C 172 40.35 -46.94 -26.80
C ASN C 172 39.64 -45.59 -26.69
N PHE C 173 38.65 -45.36 -27.56
CA PHE C 173 37.69 -44.29 -27.39
C PHE C 173 36.33 -44.83 -26.98
N LYS C 174 35.75 -45.71 -27.81
CA LYS C 174 34.39 -46.22 -27.69
C LYS C 174 33.40 -45.12 -28.05
N ASN C 175 33.91 -43.91 -28.19
CA ASN C 175 33.11 -42.72 -28.51
C ASN C 175 31.88 -42.66 -27.62
N LEU C 176 32.13 -42.49 -26.32
CA LEU C 176 31.02 -42.44 -25.38
C LEU C 176 30.17 -41.21 -25.68
N ARG C 177 28.87 -41.43 -25.87
CA ARG C 177 27.96 -40.40 -26.34
C ARG C 177 26.80 -40.29 -25.37
N GLU C 178 26.52 -39.07 -24.91
CA GLU C 178 25.51 -38.81 -23.92
C GLU C 178 24.49 -37.82 -24.47
N PHE C 179 23.23 -38.02 -24.10
CA PHE C 179 22.18 -37.11 -24.53
C PHE C 179 21.20 -36.92 -23.38
N VAL C 180 20.96 -35.67 -23.03
CA VAL C 180 20.04 -35.33 -21.95
C VAL C 180 18.79 -34.71 -22.56
N PHE C 181 17.64 -35.10 -22.03
CA PHE C 181 16.34 -34.72 -22.58
C PHE C 181 15.49 -34.21 -21.43
N LYS C 182 15.16 -32.92 -21.47
CA LYS C 182 14.40 -32.27 -20.40
C LYS C 182 13.25 -31.50 -21.03
N ASN C 183 12.04 -31.79 -20.57
CA ASN C 183 10.83 -31.21 -21.16
C ASN C 183 10.19 -30.28 -20.14
N ILE C 184 10.28 -28.98 -20.41
CA ILE C 184 9.75 -27.94 -19.53
C ILE C 184 9.23 -26.80 -20.39
N ASP C 185 8.29 -26.02 -19.82
CA ASP C 185 7.91 -24.68 -20.24
C ASP C 185 7.82 -24.51 -21.76
N GLY C 186 7.30 -25.51 -22.45
CA GLY C 186 7.20 -25.42 -23.89
C GLY C 186 8.49 -25.62 -24.63
N TYR C 187 9.63 -25.68 -23.92
CA TYR C 187 10.93 -25.95 -24.54
C TYR C 187 11.45 -27.29 -24.05
N PHE C 188 11.45 -28.26 -24.96
CA PHE C 188 12.16 -29.51 -24.77
C PHE C 188 13.54 -29.34 -25.39
N LYS C 189 14.57 -29.32 -24.56
CA LYS C 189 15.92 -28.99 -24.99
C LYS C 189 16.78 -30.24 -24.99
N ILE C 190 17.67 -30.32 -25.98
CA ILE C 190 18.52 -31.48 -26.17
C ILE C 190 19.95 -31.09 -25.83
N TYR C 191 20.67 -32.00 -25.19
CA TYR C 191 22.05 -31.79 -24.81
C TYR C 191 22.87 -32.95 -25.36
N SER C 192 24.17 -32.76 -25.50
CA SER C 192 25.00 -33.78 -26.13
C SER C 192 26.42 -33.66 -25.59
N LYS C 193 27.28 -34.58 -26.03
CA LYS C 193 28.68 -34.66 -25.65
C LYS C 193 29.28 -35.84 -26.40
N HIS C 194 30.60 -35.83 -26.52
CA HIS C 194 31.33 -36.97 -27.07
C HIS C 194 32.62 -37.12 -26.30
N THR C 195 32.87 -38.32 -25.79
CA THR C 195 34.00 -38.52 -24.92
C THR C 195 34.71 -39.82 -25.24
N PRO C 196 36.04 -39.84 -25.19
CA PRO C 196 36.78 -41.10 -25.22
C PRO C 196 36.65 -41.83 -23.89
N ILE C 197 36.53 -43.16 -23.94
CA ILE C 197 36.58 -43.98 -22.75
C ILE C 197 37.35 -45.25 -23.06
N ASN C 198 38.36 -45.55 -22.24
CA ASN C 198 39.15 -46.76 -22.37
C ASN C 198 38.63 -47.91 -21.53
N LEU C 199 37.69 -47.66 -20.62
CA LEU C 199 37.20 -48.72 -19.74
C LEU C 199 36.31 -49.67 -20.54
N VAL C 200 36.17 -50.89 -20.02
CA VAL C 200 35.45 -51.93 -20.74
C VAL C 200 34.01 -51.51 -21.00
N ARG C 201 33.29 -51.11 -19.96
CA ARG C 201 31.91 -50.69 -20.13
C ARG C 201 31.58 -49.37 -19.43
N ASP C 202 31.57 -49.41 -18.10
CA ASP C 202 30.93 -48.37 -17.31
C ASP C 202 31.76 -47.09 -17.31
N LEU C 203 31.26 -46.07 -16.62
CA LEU C 203 31.63 -44.68 -16.79
C LEU C 203 32.84 -44.31 -15.91
N PRO C 204 33.63 -43.32 -16.34
CA PRO C 204 34.77 -42.87 -15.53
C PRO C 204 34.37 -41.85 -14.47
N GLN C 205 35.37 -41.27 -13.81
CA GLN C 205 35.16 -40.26 -12.79
C GLN C 205 35.11 -38.84 -13.33
N GLY C 206 35.31 -38.66 -14.63
CA GLY C 206 35.39 -37.33 -15.20
C GLY C 206 34.03 -36.64 -15.32
N PHE C 207 34.09 -35.32 -15.44
CA PHE C 207 32.90 -34.50 -15.61
C PHE C 207 32.60 -34.32 -17.09
N SER C 208 31.31 -34.36 -17.42
CA SER C 208 30.85 -34.20 -18.80
C SER C 208 29.91 -33.01 -18.88
N ALA C 209 30.34 -31.97 -19.58
CA ALA C 209 29.49 -30.80 -19.76
C ALA C 209 28.74 -30.91 -21.08
N LEU C 210 27.43 -30.66 -21.03
CA LEU C 210 26.54 -30.85 -22.17
C LEU C 210 25.95 -29.51 -22.56
N GLU C 211 26.24 -29.06 -23.76
CA GLU C 211 25.63 -27.81 -24.18
C GLU C 211 24.23 -28.07 -24.70
N PRO C 212 23.31 -27.12 -24.60
CA PRO C 212 22.02 -27.27 -25.28
C PRO C 212 22.20 -27.24 -26.78
N LEU C 213 21.63 -28.22 -27.46
CA LEU C 213 21.71 -28.24 -28.92
C LEU C 213 20.69 -27.27 -29.52
N VAL C 214 19.41 -27.59 -29.39
CA VAL C 214 18.33 -26.75 -29.86
C VAL C 214 17.28 -26.65 -28.76
N ASP C 215 16.75 -25.43 -28.58
CA ASP C 215 15.66 -25.21 -27.65
C ASP C 215 14.37 -25.11 -28.44
N LEU C 216 13.57 -26.19 -28.44
CA LEU C 216 12.43 -26.21 -29.39
C LEU C 216 11.05 -26.01 -28.76
N PRO C 217 10.11 -25.35 -29.46
CA PRO C 217 8.73 -25.24 -28.98
C PRO C 217 8.11 -26.63 -29.16
N ILE C 218 7.89 -27.32 -28.04
CA ILE C 218 7.36 -28.71 -28.12
C ILE C 218 5.94 -28.68 -27.58
N GLY C 219 5.74 -28.09 -26.41
CA GLY C 219 4.43 -27.93 -25.83
C GLY C 219 3.69 -29.20 -25.47
N ILE C 220 4.30 -30.38 -25.62
CA ILE C 220 3.65 -31.62 -25.21
C ILE C 220 4.33 -32.16 -23.95
N ASN C 221 3.55 -32.80 -23.10
CA ASN C 221 4.06 -33.61 -22.01
C ASN C 221 4.41 -34.99 -22.55
N ILE C 222 5.62 -35.45 -22.26
CA ILE C 222 6.09 -36.78 -22.66
C ILE C 222 6.26 -37.58 -21.38
N THR C 223 5.40 -38.58 -21.17
CA THR C 223 5.50 -39.42 -19.99
C THR C 223 6.16 -40.77 -20.24
N ARG C 224 6.46 -41.14 -21.49
CA ARG C 224 6.99 -42.47 -21.75
C ARG C 224 7.67 -42.48 -23.11
N PHE C 225 8.55 -43.45 -23.31
CA PHE C 225 9.35 -43.48 -24.54
C PHE C 225 10.00 -44.85 -24.68
N GLN C 226 10.75 -45.01 -25.77
CA GLN C 226 11.64 -46.12 -26.04
C GLN C 226 12.66 -45.62 -27.07
N THR C 227 13.81 -46.29 -27.16
CA THR C 227 14.85 -45.89 -28.10
C THR C 227 14.53 -46.46 -29.48
N LEU C 228 15.41 -46.17 -30.44
CA LEU C 228 15.29 -46.69 -31.79
C LEU C 228 16.56 -47.44 -32.17
N LEU C 229 16.45 -48.21 -33.25
CA LEU C 229 17.49 -49.16 -33.60
C LEU C 229 17.72 -49.12 -35.11
N ALA C 230 18.88 -49.62 -35.51
CA ALA C 230 19.21 -49.81 -36.92
C ALA C 230 19.67 -51.24 -37.11
N LEU C 231 18.90 -52.02 -37.86
CA LEU C 231 19.20 -53.43 -38.11
C LEU C 231 19.19 -53.61 -39.62
N HIS C 232 19.50 -54.81 -40.08
CA HIS C 232 19.59 -55.05 -41.52
C HIS C 232 19.16 -56.47 -41.88
N ARG C 233 19.42 -56.83 -43.13
CA ARG C 233 19.07 -58.16 -43.62
C ARG C 233 20.33 -58.93 -43.98
N SER C 234 20.31 -60.24 -43.73
CA SER C 234 21.36 -61.11 -44.20
C SER C 234 20.80 -62.14 -45.19
N TYR C 235 21.68 -62.96 -45.75
CA TYR C 235 21.30 -63.90 -46.79
C TYR C 235 22.04 -65.22 -46.56
N LEU C 236 21.65 -66.25 -47.32
CA LEU C 236 21.58 -67.60 -46.77
C LEU C 236 22.87 -68.00 -46.08
N THR C 237 22.74 -68.30 -44.79
CA THR C 237 23.77 -68.82 -43.90
C THR C 237 23.06 -69.71 -42.90
N PRO C 238 23.77 -70.70 -42.32
CA PRO C 238 23.10 -71.53 -41.31
C PRO C 238 22.83 -70.77 -40.01
N SER C 243 14.58 -64.52 -41.23
CA SER C 243 15.34 -63.55 -42.05
C SER C 243 16.57 -63.06 -41.27
N GLY C 244 17.60 -62.54 -41.94
CA GLY C 244 18.78 -61.98 -41.24
C GLY C 244 18.43 -60.75 -40.44
N TRP C 245 18.98 -60.60 -39.22
CA TRP C 245 18.64 -59.46 -38.32
C TRP C 245 19.72 -59.26 -37.25
N THR C 246 19.52 -58.32 -36.31
CA THR C 246 20.43 -58.14 -35.14
C THR C 246 21.90 -57.84 -35.45
N ALA C 247 22.20 -56.66 -35.99
CA ALA C 247 23.61 -56.25 -36.26
C ALA C 247 24.39 -55.94 -34.98
N GLY C 248 25.64 -56.42 -34.85
CA GLY C 248 26.49 -56.16 -33.70
C GLY C 248 25.80 -56.33 -32.36
N ALA C 249 26.36 -55.65 -31.38
CA ALA C 249 25.80 -55.63 -30.02
C ALA C 249 25.36 -54.22 -29.71
N ALA C 250 24.40 -54.10 -28.80
CA ALA C 250 23.85 -52.81 -28.40
C ALA C 250 23.58 -52.77 -26.91
N ALA C 251 24.09 -51.73 -26.26
CA ALA C 251 23.80 -51.46 -24.85
C ALA C 251 23.93 -49.97 -24.61
N TYR C 252 23.17 -49.48 -23.64
CA TYR C 252 23.20 -48.06 -23.31
C TYR C 252 22.86 -47.86 -21.84
N TYR C 253 22.90 -46.60 -21.44
CA TYR C 253 22.70 -46.17 -20.05
C TYR C 253 21.54 -45.21 -19.99
N VAL C 254 20.71 -45.37 -18.96
CA VAL C 254 19.57 -44.50 -18.72
C VAL C 254 19.47 -44.19 -17.24
N GLY C 255 19.15 -42.94 -16.94
CA GLY C 255 18.86 -42.52 -15.58
C GLY C 255 17.88 -41.37 -15.61
N TYR C 256 17.16 -41.17 -14.51
CA TYR C 256 16.11 -40.16 -14.49
C TYR C 256 16.60 -38.91 -13.77
N LEU C 257 16.11 -37.76 -14.24
CA LEU C 257 16.51 -36.50 -13.65
C LEU C 257 15.73 -36.24 -12.37
N GLN C 258 15.99 -35.10 -11.75
CA GLN C 258 15.51 -34.78 -10.42
C GLN C 258 15.95 -33.37 -10.03
N PRO C 259 15.09 -32.57 -9.39
CA PRO C 259 15.54 -31.24 -8.95
C PRO C 259 16.59 -31.35 -7.85
N ARG C 260 17.71 -30.67 -8.05
CA ARG C 260 18.79 -30.62 -7.09
C ARG C 260 19.53 -29.29 -7.27
N THR C 261 20.15 -28.83 -6.20
CA THR C 261 20.92 -27.60 -6.23
C THR C 261 22.39 -27.95 -6.43
N PHE C 262 22.94 -27.56 -7.57
CA PHE C 262 24.36 -27.75 -7.85
C PHE C 262 25.10 -26.43 -7.72
N LEU C 263 26.31 -26.49 -7.18
CA LEU C 263 27.27 -25.40 -7.31
C LEU C 263 28.13 -25.67 -8.53
N LEU C 264 28.22 -24.68 -9.41
CA LEU C 264 28.84 -24.84 -10.72
C LEU C 264 30.13 -24.04 -10.75
N LYS C 265 31.25 -24.71 -11.01
CA LYS C 265 32.56 -23.99 -11.10
C LYS C 265 33.00 -23.89 -12.56
N TYR C 266 33.00 -22.66 -13.11
CA TYR C 266 33.35 -22.44 -14.53
C TYR C 266 34.86 -22.24 -14.69
N ASN C 267 35.27 -21.65 -15.83
CA ASN C 267 36.71 -21.51 -16.17
C ASN C 267 36.89 -20.21 -16.96
N GLU C 268 38.09 -19.61 -16.89
CA GLU C 268 38.45 -18.38 -17.66
C GLU C 268 37.82 -18.45 -19.06
N ASN C 269 38.13 -19.50 -19.82
CA ASN C 269 37.25 -19.92 -20.95
C ASN C 269 36.98 -21.43 -20.83
N GLY C 270 35.75 -21.85 -21.06
CA GLY C 270 34.54 -21.13 -20.61
C GLY C 270 33.77 -21.94 -19.59
N THR C 271 33.36 -23.15 -19.99
CA THR C 271 33.68 -24.47 -19.37
C THR C 271 33.32 -24.48 -17.88
N ILE C 272 32.23 -25.17 -17.52
CA ILE C 272 32.19 -25.81 -16.17
C ILE C 272 33.30 -26.86 -16.13
N THR C 273 33.88 -27.08 -14.96
CA THR C 273 34.94 -28.12 -14.75
C THR C 273 34.59 -28.99 -13.54
N ASP C 274 33.70 -28.54 -12.67
CA ASP C 274 33.39 -29.31 -11.42
C ASP C 274 32.00 -28.92 -10.91
N ALA C 275 31.28 -29.85 -10.27
CA ALA C 275 29.94 -29.57 -9.80
C ALA C 275 29.71 -30.39 -8.53
N VAL C 276 28.93 -29.84 -7.62
CA VAL C 276 28.65 -30.48 -6.34
C VAL C 276 27.17 -30.39 -6.04
N ASP C 277 26.55 -31.51 -5.75
CA ASP C 277 25.18 -31.52 -5.26
C ASP C 277 25.14 -31.12 -3.80
N CYS C 278 24.13 -30.34 -3.42
CA CYS C 278 23.99 -29.94 -2.03
C CYS C 278 23.43 -31.08 -1.19
N ALA C 279 22.29 -31.63 -1.64
CA ALA C 279 21.62 -32.71 -0.87
C ALA C 279 22.22 -34.07 -1.24
N LEU C 280 23.52 -34.11 -1.54
CA LEU C 280 24.16 -35.42 -1.80
C LEU C 280 24.37 -36.13 -0.46
N ASP C 281 25.01 -35.44 0.48
CA ASP C 281 25.21 -35.97 1.86
C ASP C 281 25.45 -34.73 2.75
N PRO C 282 25.22 -34.78 4.08
CA PRO C 282 25.54 -33.63 4.94
C PRO C 282 26.97 -33.16 4.63
N LEU C 283 27.80 -34.05 4.11
CA LEU C 283 29.22 -33.71 3.78
C LEU C 283 29.29 -32.62 2.71
N SER C 284 28.49 -32.74 1.63
CA SER C 284 28.58 -31.79 0.51
C SER C 284 27.85 -30.49 0.88
N GLU C 285 26.80 -30.59 1.68
CA GLU C 285 26.07 -29.41 2.18
C GLU C 285 27.04 -28.37 2.76
N THR C 286 28.23 -28.76 3.26
CA THR C 286 29.09 -27.68 3.81
C THR C 286 29.75 -26.90 2.68
N LYS C 287 30.19 -27.58 1.62
CA LYS C 287 30.77 -26.86 0.46
C LYS C 287 29.67 -26.00 -0.13
N CYS C 288 28.45 -26.56 -0.27
CA CYS C 288 27.28 -25.79 -0.81
C CYS C 288 26.96 -24.59 0.09
N THR C 289 26.80 -24.80 1.40
CA THR C 289 26.39 -23.70 2.32
C THR C 289 27.48 -22.61 2.34
N LEU C 290 28.76 -23.02 2.37
CA LEU C 290 29.89 -22.04 2.33
C LEU C 290 29.84 -21.29 0.99
N LYS C 291 29.43 -21.97 -0.09
CA LYS C 291 29.45 -21.37 -1.45
C LYS C 291 30.90 -21.36 -1.92
N SER C 292 31.77 -22.13 -1.25
CA SER C 292 33.23 -22.14 -1.57
C SER C 292 33.75 -23.59 -1.65
N PHE C 293 34.51 -23.92 -2.70
CA PHE C 293 35.01 -25.30 -2.89
C PHE C 293 36.00 -25.73 -1.79
N THR C 294 36.94 -24.86 -1.43
CA THR C 294 37.97 -25.26 -0.44
C THR C 294 37.34 -25.17 0.95
N VAL C 295 37.15 -26.29 1.64
CA VAL C 295 36.47 -26.15 2.92
C VAL C 295 37.55 -26.11 3.99
N GLU C 296 37.69 -24.96 4.63
CA GLU C 296 38.74 -24.76 5.58
C GLU C 296 38.48 -25.57 6.84
N LYS C 297 39.57 -25.97 7.49
CA LYS C 297 39.47 -26.73 8.72
C LYS C 297 38.65 -25.99 9.75
N GLY C 298 37.61 -26.63 10.26
CA GLY C 298 36.76 -26.00 11.25
C GLY C 298 35.38 -26.61 11.22
N ILE C 299 34.49 -25.98 11.99
CA ILE C 299 33.11 -26.41 12.11
C ILE C 299 32.21 -25.39 11.43
N TYR C 300 31.27 -25.88 10.63
CA TYR C 300 30.37 -25.06 9.87
C TYR C 300 28.94 -25.51 10.15
N GLN C 301 28.02 -24.56 10.13
CA GLN C 301 26.64 -24.88 10.47
C GLN C 301 25.83 -25.04 9.19
N THR C 302 25.54 -26.28 8.86
CA THR C 302 24.64 -26.69 7.79
C THR C 302 23.19 -26.50 8.23
N SER C 303 22.29 -26.54 7.26
CA SER C 303 20.88 -26.30 7.49
C SER C 303 20.35 -27.18 8.62
N ASN C 304 19.39 -26.64 9.35
CA ASN C 304 18.83 -27.29 10.52
C ASN C 304 18.04 -28.52 10.12
N PHE C 305 17.82 -29.40 11.08
CA PHE C 305 16.95 -30.54 10.87
C PHE C 305 15.80 -30.49 11.87
N ARG C 306 14.72 -31.15 11.53
CA ARG C 306 13.55 -31.23 12.38
C ARG C 306 13.11 -32.68 12.46
N VAL C 307 12.26 -33.07 13.40
CA VAL C 307 11.93 -34.54 13.36
C VAL C 307 10.59 -34.77 12.67
N GLN C 308 10.55 -35.73 11.74
CA GLN C 308 9.44 -35.83 10.75
C GLN C 308 8.24 -36.51 11.40
N PRO C 309 7.04 -35.91 11.35
CA PRO C 309 5.82 -36.53 11.90
C PRO C 309 5.61 -37.94 11.34
N THR C 310 5.46 -38.93 12.23
CA THR C 310 5.28 -40.33 11.79
C THR C 310 3.86 -40.51 11.21
N GLU C 311 2.85 -39.97 11.90
CA GLU C 311 1.45 -40.11 11.43
C GLU C 311 0.63 -38.89 11.90
N SER C 312 -0.54 -38.66 11.27
CA SER C 312 -1.42 -37.54 11.68
C SER C 312 -2.49 -38.08 12.65
N ILE C 313 -2.66 -37.41 13.80
CA ILE C 313 -3.62 -37.89 14.84
C ILE C 313 -4.64 -36.79 15.14
N VAL C 314 -5.52 -36.47 14.20
CA VAL C 314 -6.56 -35.42 14.45
C VAL C 314 -7.48 -35.96 15.55
N ARG C 315 -7.85 -35.10 16.51
CA ARG C 315 -8.73 -35.55 17.63
C ARG C 315 -10.01 -34.72 17.66
N PHE C 316 -11.16 -35.40 17.53
CA PHE C 316 -12.48 -34.72 17.56
C PHE C 316 -13.24 -35.32 18.75
N PRO C 317 -14.23 -34.63 19.34
CA PRO C 317 -14.89 -35.13 20.56
C PRO C 317 -15.65 -36.47 20.46
N THR C 320 -20.41 -37.55 18.26
CA THR C 320 -20.70 -37.19 16.84
C THR C 320 -22.08 -36.53 16.66
N ASN C 321 -23.18 -37.30 16.69
CA ASN C 321 -24.54 -36.76 16.47
C ASN C 321 -24.63 -36.19 15.04
N LEU C 322 -25.58 -35.30 14.74
CA LEU C 322 -25.73 -34.76 13.35
C LEU C 322 -26.24 -33.30 13.39
N CYS C 323 -25.71 -32.43 12.52
CA CYS C 323 -26.12 -31.00 12.59
C CYS C 323 -27.28 -30.76 11.63
N PRO C 324 -28.39 -30.13 12.07
CA PRO C 324 -29.58 -29.98 11.21
C PRO C 324 -29.46 -28.78 10.25
N PHE C 325 -28.46 -28.81 9.35
CA PHE C 325 -28.33 -27.74 8.32
C PHE C 325 -29.54 -27.81 7.38
N GLY C 326 -30.01 -29.02 7.09
CA GLY C 326 -31.11 -29.17 6.11
C GLY C 326 -32.34 -28.41 6.53
N GLU C 327 -32.68 -28.44 7.82
CA GLU C 327 -33.85 -27.67 8.32
C GLU C 327 -33.61 -26.17 8.10
N VAL C 328 -32.39 -25.68 8.36
CA VAL C 328 -32.11 -24.22 8.25
C VAL C 328 -32.27 -23.73 6.80
N PHE C 329 -31.70 -24.44 5.84
CA PHE C 329 -31.61 -23.91 4.46
C PHE C 329 -32.89 -24.26 3.68
N ASN C 330 -33.72 -25.12 4.26
CA ASN C 330 -34.96 -25.59 3.58
C ASN C 330 -36.16 -25.40 4.51
N ALA C 331 -36.15 -24.31 5.29
CA ALA C 331 -37.34 -23.90 6.08
C ALA C 331 -38.35 -23.22 5.15
N THR C 332 -39.58 -23.75 5.09
CA THR C 332 -40.63 -23.23 4.18
C THR C 332 -40.70 -21.71 4.27
N ARG C 333 -40.60 -21.17 5.48
CA ARG C 333 -40.73 -19.69 5.67
C ARG C 333 -39.44 -19.14 6.31
N PHE C 334 -39.02 -17.95 5.88
CA PHE C 334 -37.79 -17.32 6.45
C PHE C 334 -38.19 -16.05 7.20
N ALA C 335 -37.53 -15.77 8.33
CA ALA C 335 -37.86 -14.59 9.16
C ALA C 335 -37.45 -13.30 8.44
N SER C 336 -38.08 -12.17 8.79
CA SER C 336 -37.77 -10.87 8.16
C SER C 336 -36.35 -10.43 8.54
N VAL C 337 -35.71 -9.61 7.70
CA VAL C 337 -34.29 -9.23 7.98
C VAL C 337 -34.21 -8.44 9.29
N TYR C 338 -35.16 -7.53 9.54
CA TYR C 338 -35.10 -6.69 10.77
C TYR C 338 -35.25 -7.55 12.03
N ALA C 339 -36.17 -8.53 12.02
CA ALA C 339 -36.33 -9.43 13.18
C ALA C 339 -36.12 -10.87 12.73
N TRP C 340 -35.07 -11.53 13.24
CA TRP C 340 -34.74 -12.91 12.82
C TRP C 340 -34.49 -13.78 14.05
N ASN C 341 -34.71 -15.09 13.94
CA ASN C 341 -34.55 -15.99 15.12
C ASN C 341 -33.21 -16.71 14.99
N ARG C 342 -32.32 -16.52 15.98
CA ARG C 342 -31.01 -17.22 15.96
C ARG C 342 -31.25 -18.71 16.24
N LYS C 343 -30.58 -19.59 15.50
CA LYS C 343 -30.70 -21.04 15.74
C LYS C 343 -29.33 -21.58 16.17
N ARG C 344 -29.29 -22.34 17.27
CA ARG C 344 -27.98 -22.85 17.78
C ARG C 344 -27.75 -24.25 17.23
N ILE C 345 -26.66 -24.45 16.48
CA ILE C 345 -26.30 -25.81 15.99
C ILE C 345 -25.14 -26.27 16.86
N SER C 346 -25.35 -27.30 17.69
CA SER C 346 -24.29 -27.72 18.66
C SER C 346 -24.47 -29.19 19.03
N ASN C 347 -23.46 -29.78 19.69
CA ASN C 347 -23.52 -31.20 20.12
C ASN C 347 -23.77 -32.08 18.89
N CYS C 348 -23.13 -31.76 17.77
CA CYS C 348 -23.34 -32.52 16.51
C CYS C 348 -22.09 -32.43 15.63
N VAL C 349 -22.02 -33.22 14.55
CA VAL C 349 -20.85 -33.06 13.63
C VAL C 349 -21.36 -32.46 12.31
N ALA C 350 -20.68 -31.43 11.79
CA ALA C 350 -21.17 -30.73 10.57
C ALA C 350 -20.22 -30.97 9.40
N ASP C 351 -20.78 -31.36 8.24
CA ASP C 351 -19.94 -31.52 7.01
C ASP C 351 -20.33 -30.40 6.04
N TYR C 352 -19.35 -29.57 5.65
CA TYR C 352 -19.64 -28.44 4.72
C TYR C 352 -19.36 -28.86 3.28
N SER C 353 -18.65 -29.98 3.09
CA SER C 353 -18.35 -30.47 1.72
C SER C 353 -19.64 -30.87 1.03
N VAL C 354 -20.56 -31.53 1.76
CA VAL C 354 -21.84 -31.99 1.15
C VAL C 354 -22.65 -30.77 0.71
N LEU C 355 -22.67 -29.71 1.51
CA LEU C 355 -23.41 -28.47 1.15
C LEU C 355 -22.77 -27.87 -0.12
N TYR C 356 -21.44 -27.83 -0.18
CA TYR C 356 -20.73 -27.30 -1.36
C TYR C 356 -20.98 -28.20 -2.58
N ASN C 357 -20.96 -29.52 -2.39
CA ASN C 357 -21.15 -30.49 -3.51
C ASN C 357 -22.57 -30.34 -4.06
N SER C 358 -23.57 -30.20 -3.18
CA SER C 358 -24.98 -30.04 -3.63
C SER C 358 -25.11 -28.75 -4.44
N ALA C 359 -24.44 -27.67 -3.99
CA ALA C 359 -24.47 -26.37 -4.69
C ALA C 359 -25.93 -25.91 -4.87
N SER C 360 -26.78 -26.16 -3.87
CA SER C 360 -28.18 -25.69 -3.92
C SER C 360 -28.19 -24.16 -3.96
N PHE C 361 -27.29 -23.54 -3.18
CA PHE C 361 -27.18 -22.06 -3.16
C PHE C 361 -26.73 -21.57 -4.54
N SER C 362 -27.31 -20.46 -5.01
CA SER C 362 -26.92 -19.90 -6.33
C SER C 362 -25.45 -19.51 -6.30
N THR C 363 -25.00 -18.91 -5.20
CA THR C 363 -23.56 -18.55 -5.05
C THR C 363 -23.07 -18.99 -3.67
N PHE C 364 -21.80 -19.40 -3.57
CA PHE C 364 -21.23 -19.76 -2.24
C PHE C 364 -20.22 -18.67 -1.87
N LYS C 365 -20.45 -17.98 -0.74
CA LYS C 365 -19.57 -16.86 -0.35
C LYS C 365 -19.00 -17.11 1.05
N CYS C 366 -17.69 -16.93 1.23
CA CYS C 366 -17.07 -17.05 2.57
C CYS C 366 -16.11 -15.88 2.78
N TYR C 367 -16.51 -14.93 3.67
CA TYR C 367 -15.72 -13.68 3.90
C TYR C 367 -14.69 -14.14 4.87
N GLY C 368 -15.19 -14.87 5.86
CA GLY C 368 -14.29 -15.46 6.84
C GLY C 368 -13.67 -16.67 6.23
N VAL C 369 -14.29 -17.83 6.28
CA VAL C 369 -13.59 -19.12 6.00
C VAL C 369 -13.41 -19.47 4.56
N SER C 370 -12.49 -20.43 4.32
CA SER C 370 -12.60 -20.91 2.92
C SER C 370 -13.53 -22.12 2.88
N PRO C 371 -14.45 -22.26 1.89
CA PRO C 371 -15.41 -23.36 1.89
C PRO C 371 -14.73 -24.73 1.83
N THR C 372 -13.66 -24.87 1.04
CA THR C 372 -12.89 -26.14 1.00
C THR C 372 -12.26 -26.41 2.36
N LYS C 373 -11.78 -25.37 3.05
CA LYS C 373 -11.07 -25.55 4.35
C LYS C 373 -12.05 -25.59 5.53
N LEU C 374 -13.35 -25.42 5.27
CA LEU C 374 -14.35 -25.43 6.37
C LEU C 374 -14.32 -26.77 7.09
N ASN C 375 -14.17 -27.87 6.35
CA ASN C 375 -14.09 -29.22 6.96
C ASN C 375 -12.84 -29.32 7.84
N ASP C 376 -11.71 -28.81 7.36
CA ASP C 376 -10.43 -28.89 8.14
C ASP C 376 -10.58 -28.08 9.42
N LEU C 377 -11.17 -26.89 9.33
CA LEU C 377 -11.33 -26.00 10.52
C LEU C 377 -12.43 -26.56 11.43
N CYS C 378 -12.32 -26.30 12.74
CA CYS C 378 -13.36 -26.77 13.70
C CYS C 378 -14.03 -25.57 14.36
N PHE C 379 -15.36 -25.55 14.42
CA PHE C 379 -16.10 -24.45 15.11
C PHE C 379 -16.97 -25.07 16.20
N THR C 380 -16.79 -24.65 17.46
CA THR C 380 -17.54 -25.29 18.56
C THR C 380 -19.05 -25.05 18.41
N ASN C 381 -19.46 -23.83 18.07
CA ASN C 381 -20.90 -23.50 17.95
C ASN C 381 -21.18 -22.90 16.58
N VAL C 382 -22.22 -23.39 15.90
CA VAL C 382 -22.61 -22.81 14.58
C VAL C 382 -23.97 -22.11 14.75
N TYR C 383 -24.05 -20.83 14.42
CA TYR C 383 -25.31 -20.05 14.56
C TYR C 383 -25.75 -19.58 13.17
N ALA C 384 -27.03 -19.77 12.83
CA ALA C 384 -27.49 -19.43 11.47
C ALA C 384 -28.52 -18.29 11.50
N ASP C 385 -28.33 -17.28 10.66
CA ASP C 385 -29.30 -16.15 10.59
C ASP C 385 -30.13 -16.32 9.32
N SER C 386 -31.45 -16.46 9.44
CA SER C 386 -32.29 -16.72 8.24
C SER C 386 -33.12 -15.47 7.92
N PHE C 387 -32.91 -14.88 6.74
CA PHE C 387 -33.68 -13.69 6.31
C PHE C 387 -33.83 -13.66 4.79
N VAL C 388 -34.85 -12.96 4.30
CA VAL C 388 -35.06 -12.83 2.81
C VAL C 388 -34.81 -11.38 2.40
N ILE C 389 -33.89 -11.16 1.47
CA ILE C 389 -33.58 -9.79 0.97
C ILE C 389 -33.37 -9.86 -0.55
N ARG C 390 -33.48 -8.73 -1.24
CA ARG C 390 -33.27 -8.70 -2.72
C ARG C 390 -31.78 -8.95 -3.02
N GLY C 391 -31.47 -9.38 -4.24
CA GLY C 391 -30.06 -9.69 -4.60
C GLY C 391 -29.19 -8.45 -4.47
N ASP C 392 -29.71 -7.29 -4.87
CA ASP C 392 -28.96 -6.02 -4.70
C ASP C 392 -28.72 -5.78 -3.20
N GLU C 393 -29.71 -6.08 -2.36
CA GLU C 393 -29.58 -5.90 -0.89
C GLU C 393 -28.48 -6.80 -0.34
N VAL C 394 -28.33 -8.02 -0.87
CA VAL C 394 -27.25 -8.96 -0.41
C VAL C 394 -25.90 -8.30 -0.69
N ARG C 395 -25.76 -7.64 -1.84
CA ARG C 395 -24.49 -6.95 -2.21
C ARG C 395 -24.19 -5.85 -1.18
N GLN C 396 -25.22 -5.15 -0.70
CA GLN C 396 -25.01 -4.00 0.22
C GLN C 396 -24.29 -4.47 1.50
N ILE C 397 -24.65 -5.64 2.05
CA ILE C 397 -24.02 -6.06 3.34
C ILE C 397 -22.70 -6.77 3.04
N ALA C 398 -21.57 -6.12 3.35
CA ALA C 398 -20.24 -6.75 3.15
C ALA C 398 -19.31 -6.20 4.21
N PRO C 399 -18.26 -6.92 4.67
CA PRO C 399 -17.30 -6.35 5.62
C PRO C 399 -16.56 -5.18 4.98
N GLY C 400 -16.46 -4.05 5.70
CA GLY C 400 -15.73 -2.87 5.18
C GLY C 400 -16.57 -2.07 4.19
N GLN C 401 -17.83 -2.45 3.98
CA GLN C 401 -18.71 -1.74 3.02
C GLN C 401 -19.98 -1.28 3.72
N THR C 402 -20.35 -0.01 3.55
CA THR C 402 -21.63 0.51 4.13
C THR C 402 -22.79 0.14 3.21
N GLY C 403 -23.87 -0.40 3.76
CA GLY C 403 -25.05 -0.79 2.96
C GLY C 403 -26.34 -0.36 3.62
N LYS C 404 -27.42 -0.22 2.85
CA LYS C 404 -28.74 0.16 3.43
C LYS C 404 -29.17 -0.92 4.42
N ILE C 405 -28.96 -2.19 4.05
CA ILE C 405 -29.32 -3.31 4.98
C ILE C 405 -28.47 -3.17 6.25
N ALA C 406 -27.18 -2.87 6.09
CA ALA C 406 -26.27 -2.72 7.25
C ALA C 406 -26.73 -1.54 8.12
N ASP C 407 -27.19 -0.46 7.49
CA ASP C 407 -27.57 0.77 8.24
C ASP C 407 -28.75 0.54 9.18
N TYR C 408 -29.78 -0.22 8.78
CA TYR C 408 -30.98 -0.30 9.65
C TYR C 408 -31.35 -1.70 10.14
N ASN C 409 -31.88 -2.56 9.26
CA ASN C 409 -32.43 -3.87 9.70
C ASN C 409 -31.38 -4.83 10.30
N TYR C 410 -30.18 -4.93 9.72
CA TYR C 410 -29.21 -5.93 10.23
C TYR C 410 -27.80 -5.33 10.19
N LYS C 411 -26.86 -5.83 11.01
CA LYS C 411 -25.46 -5.34 10.94
C LYS C 411 -24.49 -6.53 10.87
N LEU C 412 -23.42 -6.40 10.08
CA LEU C 412 -22.38 -7.48 9.99
C LEU C 412 -21.07 -6.93 10.55
N PRO C 413 -20.41 -7.63 11.50
CA PRO C 413 -19.11 -7.20 12.01
C PRO C 413 -17.98 -7.52 11.02
N ASP C 414 -17.12 -6.53 10.74
CA ASP C 414 -15.95 -6.76 9.84
C ASP C 414 -15.02 -7.78 10.50
N ASP C 415 -14.82 -7.66 11.82
CA ASP C 415 -13.91 -8.58 12.56
C ASP C 415 -14.43 -10.02 12.50
N PHE C 416 -15.76 -10.20 12.56
CA PHE C 416 -16.36 -11.55 12.69
C PHE C 416 -15.98 -12.46 11.56
N THR C 417 -16.03 -13.76 11.84
CA THR C 417 -15.73 -14.81 10.86
C THR C 417 -17.06 -15.41 10.45
N GLY C 418 -17.27 -15.67 9.17
CA GLY C 418 -18.51 -16.35 8.78
C GLY C 418 -18.68 -16.58 7.29
N CYS C 419 -19.28 -17.70 6.90
CA CYS C 419 -19.64 -17.96 5.48
C CYS C 419 -21.10 -17.55 5.25
N VAL C 420 -21.35 -16.70 4.25
CA VAL C 420 -22.72 -16.22 3.96
C VAL C 420 -23.16 -16.83 2.63
N ILE C 421 -24.28 -17.57 2.62
CA ILE C 421 -24.70 -18.27 1.37
C ILE C 421 -26.04 -17.70 0.89
N ALA C 422 -26.12 -17.30 -0.38
CA ALA C 422 -27.36 -16.70 -0.93
C ALA C 422 -27.88 -17.56 -2.08
N TRP C 423 -29.17 -17.93 -2.04
CA TRP C 423 -29.77 -18.71 -3.14
C TRP C 423 -31.07 -18.01 -3.59
N ASN C 424 -31.35 -18.01 -4.89
CA ASN C 424 -32.55 -17.29 -5.37
C ASN C 424 -33.79 -17.96 -4.78
N SER C 425 -34.71 -17.16 -4.22
CA SER C 425 -35.97 -17.71 -3.68
C SER C 425 -37.13 -17.29 -4.60
N ASN C 426 -36.80 -16.86 -5.82
CA ASN C 426 -37.84 -16.37 -6.76
C ASN C 426 -38.85 -17.47 -7.06
N ASN C 427 -38.39 -18.71 -7.19
CA ASN C 427 -39.32 -19.81 -7.58
C ASN C 427 -40.42 -19.96 -6.52
N LEU C 428 -40.08 -19.88 -5.23
CA LEU C 428 -41.10 -20.11 -4.16
C LEU C 428 -41.62 -18.78 -3.60
N ASP C 429 -40.73 -17.87 -3.19
CA ASP C 429 -41.17 -16.61 -2.53
C ASP C 429 -41.95 -15.72 -3.49
N SER C 430 -41.48 -15.59 -4.75
CA SER C 430 -42.16 -14.65 -5.68
C SER C 430 -43.55 -15.15 -6.06
N LYS C 431 -44.54 -14.26 -6.07
CA LYS C 431 -45.94 -14.63 -6.42
C LYS C 431 -46.50 -13.54 -7.35
N VAL C 432 -47.51 -13.87 -8.17
CA VAL C 432 -48.15 -12.81 -9.00
C VAL C 432 -48.74 -11.78 -8.04
N GLY C 433 -49.35 -12.23 -6.94
CA GLY C 433 -49.88 -11.31 -5.93
C GLY C 433 -48.77 -10.50 -5.27
N GLY C 434 -47.62 -11.14 -5.02
CA GLY C 434 -46.53 -10.43 -4.31
C GLY C 434 -46.63 -10.68 -2.82
N ASN C 435 -46.08 -11.79 -2.33
CA ASN C 435 -46.25 -12.14 -0.89
C ASN C 435 -45.69 -11.00 -0.04
N TYR C 436 -46.46 -10.55 0.96
CA TYR C 436 -46.04 -9.40 1.80
C TYR C 436 -45.46 -9.91 3.12
N ASN C 437 -45.37 -11.23 3.30
CA ASN C 437 -44.88 -11.80 4.57
C ASN C 437 -43.43 -11.35 4.78
N TYR C 438 -42.62 -11.38 3.73
CA TYR C 438 -41.22 -10.90 3.84
C TYR C 438 -41.26 -9.38 3.99
N LEU C 439 -40.41 -8.83 4.87
CA LEU C 439 -40.45 -7.37 5.14
C LEU C 439 -39.03 -6.88 5.47
N TYR C 440 -38.78 -5.57 5.32
CA TYR C 440 -37.45 -5.01 5.67
C TYR C 440 -37.62 -3.69 6.42
N ARG C 441 -36.57 -3.23 7.09
CA ARG C 441 -36.62 -1.95 7.83
C ARG C 441 -36.19 -0.80 6.91
N LEU C 442 -37.13 0.00 6.43
CA LEU C 442 -36.80 1.17 5.56
C LEU C 442 -35.92 2.17 6.33
N PHE C 443 -36.26 2.47 7.59
CA PHE C 443 -35.51 3.51 8.33
C PHE C 443 -35.34 3.16 9.81
N ARG C 444 -34.21 3.56 10.39
CA ARG C 444 -33.99 3.36 11.86
C ARG C 444 -33.28 4.62 12.39
N LYS C 445 -33.58 5.03 13.62
CA LYS C 445 -32.97 6.26 14.20
C LYS C 445 -31.45 6.08 14.32
N SER C 446 -30.99 4.90 14.72
CA SER C 446 -29.53 4.63 14.88
C SER C 446 -29.18 3.32 14.18
N ASN C 447 -27.91 3.14 13.81
CA ASN C 447 -27.50 1.84 13.20
C ASN C 447 -27.66 0.73 14.22
N LEU C 448 -28.19 -0.43 13.80
CA LEU C 448 -28.38 -1.58 14.73
C LEU C 448 -27.02 -2.18 15.08
N LYS C 449 -26.89 -2.73 16.29
CA LYS C 449 -25.63 -3.42 16.69
C LYS C 449 -25.54 -4.75 15.92
N PRO C 450 -24.33 -5.28 15.66
CA PRO C 450 -24.19 -6.51 14.86
C PRO C 450 -24.89 -7.72 15.48
N PHE C 451 -25.51 -8.56 14.65
CA PHE C 451 -26.22 -9.78 15.12
C PHE C 451 -27.29 -9.40 16.15
N GLU C 452 -28.04 -8.31 15.89
CA GLU C 452 -29.13 -7.89 16.80
C GLU C 452 -30.43 -7.69 16.00
N ARG C 453 -31.58 -7.82 16.65
CA ARG C 453 -32.89 -7.70 15.95
C ARG C 453 -33.69 -6.54 16.53
N ASP C 454 -34.28 -5.70 15.67
CA ASP C 454 -35.15 -4.60 16.18
C ASP C 454 -36.58 -4.83 15.69
N ILE C 455 -37.55 -4.88 16.61
CA ILE C 455 -38.98 -5.09 16.25
C ILE C 455 -39.77 -3.79 16.45
N SER C 456 -39.08 -2.67 16.70
CA SER C 456 -39.79 -1.42 17.02
C SER C 456 -40.67 -0.97 15.85
N THR C 457 -41.93 -0.61 16.13
CA THR C 457 -42.86 -0.12 15.07
C THR C 457 -43.01 1.40 15.18
N GLU C 458 -42.25 2.02 16.08
CA GLU C 458 -42.37 3.49 16.30
C GLU C 458 -41.97 4.22 15.02
N ILE C 459 -42.75 5.21 14.59
CA ILE C 459 -42.48 5.90 13.28
C ILE C 459 -41.12 6.60 13.35
N TYR C 460 -40.29 6.45 12.32
CA TYR C 460 -39.00 7.16 12.27
C TYR C 460 -39.28 8.67 12.11
N GLN C 461 -38.52 9.52 12.80
CA GLN C 461 -38.82 10.98 12.75
C GLN C 461 -37.70 11.72 12.04
N ALA C 462 -38.02 12.43 10.94
CA ALA C 462 -37.01 13.28 10.28
C ALA C 462 -37.46 14.73 10.40
N GLY C 463 -38.76 14.96 10.63
CA GLY C 463 -39.28 16.32 10.79
C GLY C 463 -39.00 16.88 12.17
N SER C 464 -38.99 18.20 12.32
CA SER C 464 -38.79 18.81 13.66
C SER C 464 -39.94 18.39 14.58
N THR C 465 -41.18 18.38 14.05
CA THR C 465 -42.35 17.93 14.86
C THR C 465 -42.24 16.43 15.14
N PRO C 466 -42.54 15.96 16.37
CA PRO C 466 -42.53 14.53 16.68
C PRO C 466 -43.66 13.78 15.96
N CYS C 467 -43.38 12.55 15.50
CA CYS C 467 -44.44 11.72 14.86
C CYS C 467 -45.53 11.41 15.89
N ASN C 468 -45.14 11.14 17.15
CA ASN C 468 -46.11 10.85 18.25
C ASN C 468 -46.79 9.49 18.02
N GLY C 469 -46.16 8.60 17.25
CA GLY C 469 -46.71 7.25 17.04
C GLY C 469 -47.82 7.24 16.00
N VAL C 470 -48.02 8.37 15.30
CA VAL C 470 -49.09 8.48 14.27
C VAL C 470 -48.47 9.12 13.02
N GLU C 471 -49.13 8.99 11.87
CA GLU C 471 -48.57 9.52 10.61
C GLU C 471 -48.37 11.03 10.75
N GLY C 472 -47.21 11.54 10.33
CA GLY C 472 -46.90 12.97 10.50
C GLY C 472 -46.09 13.50 9.33
N PHE C 473 -45.98 14.83 9.21
CA PHE C 473 -45.14 15.40 8.13
C PHE C 473 -43.68 14.95 8.32
N ASN C 474 -43.03 14.50 7.25
CA ASN C 474 -41.63 14.02 7.32
C ASN C 474 -41.51 12.87 8.33
N CYS C 475 -42.53 12.01 8.42
CA CYS C 475 -42.45 10.82 9.30
C CYS C 475 -42.58 9.56 8.44
N TYR C 476 -41.64 8.62 8.56
CA TYR C 476 -41.65 7.40 7.71
C TYR C 476 -41.72 6.16 8.60
N PHE C 477 -42.62 5.23 8.27
CA PHE C 477 -42.75 4.00 9.08
C PHE C 477 -41.43 3.25 9.05
N PRO C 478 -40.94 2.70 10.17
CA PRO C 478 -39.62 2.04 10.21
C PRO C 478 -39.55 0.83 9.28
N LEU C 479 -40.62 0.05 9.18
CA LEU C 479 -40.61 -1.19 8.36
C LEU C 479 -41.42 -0.95 7.08
N GLN C 480 -40.84 -1.27 5.92
CA GLN C 480 -41.58 -1.11 4.63
C GLN C 480 -41.95 -2.50 4.10
N SER C 481 -43.23 -2.70 3.74
CA SER C 481 -43.69 -4.03 3.24
C SER C 481 -43.01 -4.38 1.91
N TYR C 482 -42.65 -5.66 1.75
CA TYR C 482 -42.01 -6.11 0.48
C TYR C 482 -43.06 -6.77 -0.41
N GLY C 483 -42.85 -6.76 -1.73
CA GLY C 483 -43.75 -7.46 -2.66
C GLY C 483 -42.92 -8.12 -3.74
N PHE C 484 -42.87 -9.45 -3.77
CA PHE C 484 -41.93 -10.10 -4.73
C PHE C 484 -42.70 -10.74 -5.88
N GLN C 485 -42.28 -10.46 -7.13
CA GLN C 485 -42.99 -11.01 -8.33
C GLN C 485 -42.00 -11.78 -9.20
N PRO C 486 -42.39 -12.91 -9.81
CA PRO C 486 -41.51 -13.65 -10.74
C PRO C 486 -41.20 -12.75 -11.94
N THR C 487 -42.18 -11.92 -12.33
CA THR C 487 -42.03 -11.00 -13.48
C THR C 487 -40.86 -10.02 -13.23
N ASN C 488 -40.62 -9.65 -11.97
CA ASN C 488 -39.57 -8.64 -11.64
C ASN C 488 -38.17 -9.14 -12.00
N GLY C 489 -37.22 -8.23 -12.19
CA GLY C 489 -35.84 -8.60 -12.59
C GLY C 489 -35.10 -9.35 -11.50
N VAL C 490 -33.99 -10.01 -11.83
CA VAL C 490 -33.28 -10.87 -10.84
C VAL C 490 -32.84 -10.05 -9.61
N GLY C 491 -32.36 -8.82 -9.80
CA GLY C 491 -32.01 -7.98 -8.64
C GLY C 491 -33.21 -7.71 -7.76
N TYR C 492 -34.37 -7.42 -8.36
CA TYR C 492 -35.63 -7.22 -7.59
C TYR C 492 -36.06 -8.54 -6.95
N GLN C 493 -35.85 -9.67 -7.64
CA GLN C 493 -36.30 -10.99 -7.14
C GLN C 493 -35.61 -11.30 -5.80
N PRO C 494 -36.33 -11.90 -4.82
CA PRO C 494 -35.76 -12.14 -3.49
C PRO C 494 -34.69 -13.25 -3.43
N TYR C 495 -33.70 -13.07 -2.55
CA TYR C 495 -32.68 -14.13 -2.34
C TYR C 495 -32.69 -14.51 -0.86
N ARG C 496 -32.85 -15.79 -0.55
CA ARG C 496 -32.77 -16.21 0.88
C ARG C 496 -31.30 -16.24 1.28
N VAL C 497 -30.95 -15.59 2.40
CA VAL C 497 -29.52 -15.48 2.81
C VAL C 497 -29.35 -16.07 4.22
N VAL C 498 -28.36 -16.96 4.39
CA VAL C 498 -28.08 -17.49 5.75
C VAL C 498 -26.66 -17.07 6.15
N VAL C 499 -26.51 -16.46 7.33
CA VAL C 499 -25.16 -16.04 7.82
C VAL C 499 -24.72 -17.05 8.88
N LEU C 500 -23.54 -17.64 8.71
CA LEU C 500 -23.08 -18.69 9.66
C LEU C 500 -22.07 -18.07 10.63
N SER C 501 -22.36 -18.14 11.93
CA SER C 501 -21.42 -17.61 12.96
C SER C 501 -20.54 -18.76 13.45
N PHE C 502 -19.22 -18.59 13.41
CA PHE C 502 -18.33 -19.71 13.79
C PHE C 502 -17.59 -19.40 15.10
N GLU C 503 -17.71 -20.29 16.09
CA GLU C 503 -16.96 -20.12 17.36
C GLU C 503 -15.46 -20.22 17.06
N LEU C 504 -15.07 -21.10 16.13
CA LEU C 504 -13.65 -21.25 15.69
C LEU C 504 -12.81 -22.03 16.71
N LEU C 505 -11.48 -21.91 16.63
CA LEU C 505 -10.56 -22.70 17.51
C LEU C 505 -10.42 -22.05 18.90
N HIS C 506 -9.67 -22.69 19.80
CA HIS C 506 -9.38 -22.15 21.16
C HIS C 506 -10.50 -22.45 22.17
N ALA C 507 -11.48 -23.29 21.80
CA ALA C 507 -12.53 -23.69 22.77
C ALA C 507 -12.86 -25.17 22.58
N PRO C 508 -13.28 -25.92 23.64
CA PRO C 508 -13.70 -27.31 23.47
C PRO C 508 -14.81 -27.30 22.41
N ALA C 509 -14.70 -28.13 21.36
CA ALA C 509 -15.68 -28.03 20.26
C ALA C 509 -16.79 -29.08 20.35
N THR C 510 -18.03 -28.64 20.56
CA THR C 510 -19.18 -29.58 20.49
C THR C 510 -19.29 -30.04 19.04
N VAL C 511 -19.05 -29.10 18.10
CA VAL C 511 -19.11 -29.43 16.64
C VAL C 511 -17.68 -29.45 16.10
N CYS C 512 -17.34 -30.50 15.34
CA CYS C 512 -15.97 -30.61 14.77
C CYS C 512 -16.07 -30.95 13.28
N GLY C 513 -14.99 -30.74 12.52
CA GLY C 513 -14.99 -31.06 11.08
C GLY C 513 -15.13 -32.56 10.86
N PRO C 514 -15.66 -33.02 9.72
CA PRO C 514 -15.92 -34.46 9.52
C PRO C 514 -14.65 -35.23 9.13
N SER C 517 -11.44 -40.19 14.23
CA SER C 517 -10.74 -40.26 15.54
C SER C 517 -9.45 -41.05 15.33
N THR C 518 -8.29 -40.49 15.72
CA THR C 518 -7.01 -41.19 15.44
C THR C 518 -6.40 -41.63 16.76
N ASN C 519 -5.97 -42.90 16.87
CA ASN C 519 -5.50 -43.45 18.18
C ASN C 519 -4.39 -42.60 18.76
N LEU C 520 -4.40 -42.40 20.06
CA LEU C 520 -3.42 -41.48 20.66
C LEU C 520 -2.04 -42.10 20.62
N VAL C 521 -1.01 -41.32 20.27
CA VAL C 521 0.38 -41.87 20.34
C VAL C 521 1.16 -41.14 21.44
N LYS C 522 1.77 -41.90 22.34
CA LYS C 522 2.49 -41.26 23.48
C LYS C 522 3.99 -41.23 23.19
N ASN C 523 4.63 -40.06 23.38
CA ASN C 523 6.11 -39.96 23.20
C ASN C 523 6.53 -40.31 21.77
N LYS C 524 5.73 -39.97 20.77
CA LYS C 524 6.23 -40.22 19.39
C LYS C 524 6.16 -38.88 18.66
N CYS C 525 7.19 -38.54 17.87
CA CYS C 525 7.01 -37.29 17.11
C CYS C 525 5.82 -37.58 16.20
N VAL C 526 4.76 -36.78 16.31
CA VAL C 526 3.53 -37.14 15.54
C VAL C 526 2.78 -35.87 15.18
N ASN C 527 2.43 -35.73 13.90
CA ASN C 527 1.53 -34.64 13.56
C ASN C 527 0.19 -34.90 14.24
N PHE C 528 -0.55 -33.84 14.51
CA PHE C 528 -1.79 -34.05 15.24
C PHE C 528 -2.80 -32.97 14.92
N ASN C 529 -4.06 -33.30 15.21
CA ASN C 529 -5.13 -32.33 15.34
C ASN C 529 -6.00 -32.74 16.51
N PHE C 530 -6.25 -31.80 17.43
CA PHE C 530 -7.24 -31.97 18.49
C PHE C 530 -8.28 -30.86 18.35
N ASN C 531 -9.52 -31.24 18.09
CA ASN C 531 -10.63 -30.30 18.08
C ASN C 531 -10.39 -29.16 17.10
N GLY C 532 -9.60 -29.42 16.06
CA GLY C 532 -9.19 -28.40 15.13
C GLY C 532 -7.86 -27.76 15.47
N LEU C 533 -7.46 -27.77 16.72
CA LEU C 533 -6.12 -27.33 17.07
C LEU C 533 -5.09 -28.24 16.42
N THR C 534 -4.15 -27.65 15.71
CA THR C 534 -3.16 -28.43 14.98
C THR C 534 -1.75 -28.01 15.36
N GLY C 535 -0.85 -28.99 15.33
CA GLY C 535 0.56 -28.75 15.54
C GLY C 535 1.31 -30.06 15.39
N THR C 536 2.58 -30.04 15.80
CA THR C 536 3.36 -31.27 15.77
C THR C 536 4.20 -31.35 17.03
N GLY C 537 4.10 -32.48 17.73
CA GLY C 537 4.81 -32.60 18.98
C GLY C 537 4.92 -34.03 19.42
N VAL C 538 5.37 -34.19 20.66
CA VAL C 538 5.48 -35.49 21.29
C VAL C 538 4.47 -35.51 22.43
N LEU C 539 3.42 -36.30 22.26
CA LEU C 539 2.33 -36.32 23.22
C LEU C 539 2.65 -37.30 24.34
N THR C 540 2.50 -36.85 25.58
CA THR C 540 2.83 -37.66 26.74
C THR C 540 1.72 -37.54 27.77
N GLU C 541 1.77 -38.40 28.78
CA GLU C 541 0.93 -38.24 29.95
C GLU C 541 1.51 -37.12 30.82
N SER C 542 0.62 -36.29 31.36
CA SER C 542 1.04 -35.13 32.14
C SER C 542 0.09 -34.91 33.29
N ASN C 543 0.64 -34.45 34.42
CA ASN C 543 -0.09 -34.32 35.66
C ASN C 543 -0.62 -32.92 35.92
N LYS C 544 -0.37 -31.96 35.05
CA LYS C 544 -0.97 -30.65 35.23
C LYS C 544 -2.49 -30.78 35.14
N LYS C 545 -3.19 -29.99 35.95
CA LYS C 545 -4.58 -30.27 36.29
C LYS C 545 -5.47 -29.13 35.81
N PHE C 546 -6.18 -29.26 34.70
CA PHE C 546 -6.88 -28.00 34.29
C PHE C 546 -8.33 -27.88 34.79
N LEU C 547 -8.86 -26.65 34.83
CA LEU C 547 -10.23 -26.38 35.36
C LEU C 547 -11.32 -27.04 34.50
N PRO C 548 -12.37 -27.65 35.07
CA PRO C 548 -13.42 -28.39 34.34
C PRO C 548 -13.33 -28.60 32.82
N PHE C 549 -13.72 -27.63 32.00
CA PHE C 549 -13.77 -27.85 30.52
C PHE C 549 -12.54 -27.28 29.82
N GLN C 550 -11.35 -27.36 30.42
CA GLN C 550 -10.11 -26.81 29.83
C GLN C 550 -9.79 -27.32 28.43
N GLN C 551 -9.85 -26.46 27.42
CA GLN C 551 -9.40 -26.94 26.09
C GLN C 551 -7.88 -26.99 26.07
N PHE C 552 -7.23 -25.82 26.10
CA PHE C 552 -5.79 -25.79 25.99
C PHE C 552 -5.14 -25.62 27.34
N GLY C 553 -3.86 -25.95 27.40
CA GLY C 553 -2.92 -25.26 28.24
C GLY C 553 -2.04 -24.37 27.37
N ARG C 554 -1.30 -23.49 28.03
CA ARG C 554 -0.33 -22.68 27.32
C ARG C 554 0.85 -22.36 28.23
N ASP C 555 1.95 -21.97 27.60
CA ASP C 555 3.18 -21.63 28.27
C ASP C 555 3.37 -20.12 28.24
N ILE C 556 4.50 -19.66 28.79
CA ILE C 556 4.79 -18.24 28.85
C ILE C 556 4.80 -17.62 27.46
N ALA C 557 5.20 -18.40 26.46
CA ALA C 557 5.51 -17.88 25.14
C ALA C 557 4.33 -17.87 24.19
N ASP C 558 3.12 -18.17 24.67
CA ASP C 558 1.92 -18.29 23.85
C ASP C 558 2.01 -19.45 22.86
N THR C 559 2.88 -20.40 23.12
CA THR C 559 2.86 -21.68 22.44
C THR C 559 1.70 -22.51 23.00
N THR C 560 1.35 -23.57 22.28
CA THR C 560 0.37 -24.51 22.83
C THR C 560 1.15 -25.62 23.54
N ASP C 561 1.19 -25.55 24.87
CA ASP C 561 2.02 -26.45 25.66
C ASP C 561 1.37 -27.78 25.98
N ALA C 562 0.11 -27.75 26.39
CA ALA C 562 -0.55 -28.94 26.90
C ALA C 562 -2.00 -28.92 26.45
N VAL C 563 -2.49 -30.05 25.99
CA VAL C 563 -3.86 -30.15 25.51
C VAL C 563 -4.53 -31.34 26.18
N ARG C 564 -5.85 -31.32 26.18
CA ARG C 564 -6.63 -32.38 26.79
C ARG C 564 -7.28 -33.19 25.69
N ASP C 565 -7.12 -34.50 25.77
CA ASP C 565 -7.71 -35.37 24.76
C ASP C 565 -9.21 -35.24 24.85
N PRO C 566 -9.98 -34.73 23.85
CA PRO C 566 -11.43 -34.66 24.01
C PRO C 566 -12.15 -36.01 24.23
N GLN C 567 -11.81 -37.06 23.47
CA GLN C 567 -12.55 -38.36 23.58
C GLN C 567 -12.38 -38.98 24.97
N THR C 568 -11.16 -39.02 25.49
CA THR C 568 -10.92 -39.52 26.88
C THR C 568 -10.18 -38.40 27.60
N LEU C 569 -10.79 -37.79 28.62
CA LEU C 569 -10.16 -36.61 29.18
C LEU C 569 -8.85 -37.00 29.82
N GLU C 570 -7.75 -36.45 29.30
CA GLU C 570 -6.45 -36.64 29.91
C GLU C 570 -5.58 -35.47 29.50
N ILE C 571 -4.61 -35.16 30.35
CA ILE C 571 -3.79 -33.98 30.16
C ILE C 571 -2.55 -34.43 29.39
N LEU C 572 -2.45 -33.97 28.15
CA LEU C 572 -1.40 -34.41 27.26
C LEU C 572 -0.46 -33.25 27.00
N ASP C 573 0.80 -33.41 27.37
CA ASP C 573 1.79 -32.42 26.99
C ASP C 573 1.99 -32.41 25.49
N ILE C 574 2.53 -31.30 25.00
CA ILE C 574 3.00 -31.20 23.65
C ILE C 574 4.44 -30.70 23.73
N THR C 575 5.38 -31.57 23.37
CA THR C 575 6.81 -31.18 23.35
C THR C 575 7.32 -31.22 21.91
N PRO C 576 7.55 -30.08 21.24
CA PRO C 576 7.95 -30.07 19.82
C PRO C 576 9.17 -30.96 19.53
N CYS C 577 9.16 -31.65 18.39
CA CYS C 577 10.28 -32.56 18.01
C CYS C 577 11.63 -31.86 18.23
N SER C 578 12.51 -32.47 19.01
CA SER C 578 13.85 -31.87 19.29
C SER C 578 14.56 -31.53 17.98
N PHE C 579 14.87 -30.25 17.76
CA PHE C 579 15.52 -29.84 16.53
C PHE C 579 16.78 -29.08 16.91
N GLY C 580 17.69 -28.97 15.96
CA GLY C 580 18.95 -28.31 16.23
C GLY C 580 19.73 -28.11 14.97
N GLY C 581 20.73 -27.24 15.05
CA GLY C 581 21.59 -27.00 13.91
C GLY C 581 22.47 -28.21 13.64
N VAL C 582 22.46 -28.67 12.40
CA VAL C 582 23.50 -29.59 11.96
C VAL C 582 24.81 -28.83 11.89
N SER C 583 25.87 -29.43 12.39
CA SER C 583 27.20 -28.85 12.28
C SER C 583 28.11 -29.88 11.65
N VAL C 584 28.70 -29.54 10.51
CA VAL C 584 29.60 -30.44 9.83
C VAL C 584 31.00 -30.14 10.32
N ILE C 585 31.55 -31.05 11.11
CA ILE C 585 32.91 -30.91 11.60
C ILE C 585 33.83 -31.56 10.58
N THR C 586 34.78 -30.79 10.07
CA THR C 586 35.70 -31.33 9.11
C THR C 586 37.08 -30.75 9.32
N PRO C 587 38.12 -31.53 9.11
CA PRO C 587 39.42 -30.93 8.84
C PRO C 587 39.33 -30.26 7.48
N GLY C 588 40.37 -29.57 7.03
CA GLY C 588 40.31 -28.99 5.71
C GLY C 588 40.00 -30.06 4.67
N THR C 589 39.19 -29.69 3.69
CA THR C 589 38.99 -30.60 2.57
C THR C 589 40.32 -30.97 1.94
N ASN C 590 41.35 -30.17 2.20
CA ASN C 590 42.72 -30.49 1.82
C ASN C 590 43.13 -31.85 2.34
N THR C 591 43.02 -32.06 3.66
CA THR C 591 43.56 -33.26 4.27
C THR C 591 42.63 -34.46 4.08
N SER C 592 41.32 -34.24 4.02
CA SER C 592 40.42 -35.38 3.92
C SER C 592 39.08 -34.95 3.34
N ASN C 593 38.35 -35.95 2.86
CA ASN C 593 36.94 -35.82 2.50
C ASN C 593 36.02 -36.29 3.60
N GLN C 594 36.56 -36.69 4.74
CA GLN C 594 35.77 -37.30 5.79
C GLN C 594 35.22 -36.23 6.73
N VAL C 595 33.95 -36.33 7.06
CA VAL C 595 33.32 -35.36 7.96
C VAL C 595 32.71 -36.11 9.13
N ALA C 596 32.61 -35.42 10.26
CA ALA C 596 31.93 -35.92 11.44
C ALA C 596 30.82 -34.94 11.76
N VAL C 597 29.59 -35.38 11.62
CA VAL C 597 28.46 -34.48 11.78
C VAL C 597 28.09 -34.40 13.25
N LEU C 598 27.79 -33.20 13.71
CA LEU C 598 27.29 -32.96 15.05
C LEU C 598 25.86 -32.47 14.95
N TYR C 599 24.91 -33.29 15.39
CA TYR C 599 23.55 -32.81 15.60
C TYR C 599 23.51 -32.13 16.95
N GLN C 600 23.19 -30.84 16.97
CA GLN C 600 23.25 -30.09 18.21
C GLN C 600 21.99 -30.29 19.02
N ASP C 601 22.18 -30.55 20.31
CA ASP C 601 21.10 -30.49 21.30
C ASP C 601 19.97 -31.45 20.96
N VAL C 602 20.33 -32.72 20.79
CA VAL C 602 19.36 -33.86 20.77
C VAL C 602 19.87 -34.99 21.67
N ASN C 603 19.02 -35.96 21.99
CA ASN C 603 19.46 -37.21 22.68
C ASN C 603 19.41 -38.37 21.68
N CYS C 604 20.58 -38.95 21.37
CA CYS C 604 20.83 -39.73 20.21
C CYS C 604 19.82 -40.83 20.07
N THR C 605 18.73 -40.54 19.31
CA THR C 605 17.80 -41.51 18.76
C THR C 605 17.43 -41.04 17.36
N GLU C 606 16.85 -39.84 17.28
CA GLU C 606 16.16 -39.32 16.11
C GLU C 606 17.01 -39.30 14.86
N VAL C 607 18.30 -39.54 14.98
CA VAL C 607 19.15 -39.82 13.85
C VAL C 607 18.49 -40.80 12.87
N ASN C 628 29.30 -44.63 13.32
CA ASN C 628 29.61 -44.58 14.74
C ASN C 628 28.94 -43.40 15.41
N VAL C 629 28.39 -43.62 16.60
CA VAL C 629 27.63 -42.62 17.32
C VAL C 629 28.23 -42.38 18.69
N PHE C 630 28.37 -41.12 19.07
CA PHE C 630 28.87 -40.73 20.37
C PHE C 630 28.01 -39.61 20.92
N GLN C 631 27.34 -39.86 22.03
CA GLN C 631 26.58 -38.83 22.71
C GLN C 631 27.51 -37.87 23.42
N THR C 632 27.11 -36.60 23.48
CA THR C 632 27.96 -35.56 24.04
C THR C 632 27.16 -34.72 25.01
N ARG C 633 27.82 -33.71 25.55
CA ARG C 633 27.12 -32.65 26.26
C ARG C 633 26.52 -31.64 25.29
N ALA C 634 27.17 -31.43 24.15
CA ALA C 634 26.70 -30.43 23.19
C ALA C 634 25.55 -30.97 22.35
N GLY C 635 25.65 -32.21 21.91
CA GLY C 635 24.63 -32.77 21.06
C GLY C 635 25.00 -34.16 20.64
N CYS C 636 24.36 -34.63 19.58
CA CYS C 636 24.59 -35.98 19.09
C CYS C 636 25.65 -35.91 17.99
N LEU C 637 26.83 -36.47 18.27
CA LEU C 637 27.97 -36.37 17.38
C LEU C 637 28.15 -37.69 16.65
N ILE C 638 28.03 -37.65 15.33
CA ILE C 638 28.09 -38.84 14.49
C ILE C 638 29.37 -38.82 13.67
N GLY C 639 30.10 -39.92 13.69
CA GLY C 639 31.19 -40.09 12.75
C GLY C 639 32.56 -39.83 13.30
N ALA C 640 32.70 -39.65 14.61
CA ALA C 640 34.02 -39.48 15.21
C ALA C 640 34.11 -40.34 16.45
N GLU C 641 35.05 -41.28 16.44
CA GLU C 641 35.23 -42.14 17.60
C GLU C 641 35.71 -41.33 18.79
N HIS C 642 35.15 -41.62 19.96
CA HIS C 642 35.54 -40.94 21.18
C HIS C 642 36.99 -41.28 21.50
N VAL C 643 37.68 -40.39 22.22
CA VAL C 643 38.97 -40.77 22.90
C VAL C 643 39.00 -40.21 24.32
N ASN C 644 39.56 -40.97 25.28
CA ASN C 644 39.83 -40.46 26.65
C ASN C 644 40.81 -39.28 26.54
N ASN C 645 41.80 -39.43 25.66
CA ASN C 645 43.18 -38.97 25.93
C ASN C 645 43.28 -37.51 25.50
N SER C 646 43.36 -36.58 26.45
CA SER C 646 42.93 -35.27 26.00
C SER C 646 44.11 -34.45 25.55
N TYR C 647 43.93 -33.72 24.45
CA TYR C 647 44.99 -32.97 23.83
C TYR C 647 44.56 -31.50 23.78
N GLU C 648 45.45 -30.65 23.30
CA GLU C 648 45.08 -29.25 23.21
C GLU C 648 43.99 -29.10 22.16
N CYS C 649 43.17 -28.06 22.34
CA CYS C 649 42.00 -27.92 21.49
C CYS C 649 42.41 -27.68 20.05
N ASP C 650 41.58 -28.12 19.13
CA ASP C 650 41.89 -28.05 17.72
C ASP C 650 40.75 -27.41 16.95
N ILE C 651 39.62 -28.12 16.88
CA ILE C 651 38.39 -27.57 16.34
C ILE C 651 37.39 -27.52 17.50
N PRO C 652 37.08 -26.34 18.03
CA PRO C 652 36.12 -26.27 19.12
C PRO C 652 34.74 -26.73 18.65
N ILE C 653 33.99 -27.31 19.59
CA ILE C 653 32.65 -27.81 19.29
C ILE C 653 31.68 -27.23 20.30
N GLY C 654 31.84 -27.63 21.56
CA GLY C 654 31.06 -27.08 22.64
C GLY C 654 31.32 -27.85 23.91
N ALA C 655 31.03 -27.24 25.06
CA ALA C 655 31.20 -27.88 26.35
C ALA C 655 32.59 -28.51 26.49
N GLY C 656 33.58 -27.85 25.90
CA GLY C 656 34.94 -28.36 25.99
C GLY C 656 35.15 -29.68 25.30
N ILE C 657 34.62 -29.84 24.09
CA ILE C 657 34.85 -31.01 23.26
C ILE C 657 35.50 -30.50 21.99
N CYS C 658 36.75 -30.89 21.76
CA CYS C 658 37.51 -30.42 20.61
C CYS C 658 37.91 -31.59 19.75
N ALA C 659 37.62 -31.49 18.46
CA ALA C 659 37.86 -32.56 17.51
C ALA C 659 39.08 -32.25 16.66
N SER C 660 39.92 -33.26 16.45
CA SER C 660 41.06 -33.14 15.56
C SER C 660 41.12 -34.36 14.67
N TYR C 661 41.91 -34.28 13.60
CA TYR C 661 41.78 -35.25 12.54
C TYR C 661 42.55 -36.54 12.80
N GLN C 662 43.72 -36.47 13.38
CA GLN C 662 44.66 -37.59 13.35
C GLN C 662 44.11 -38.78 14.11
N THR C 663 44.69 -39.95 13.83
CA THR C 663 44.45 -41.17 14.62
C THR C 663 44.40 -40.88 16.12
N SER C 676 43.83 -45.43 7.94
CA SER C 676 44.49 -45.10 9.20
C SER C 676 43.69 -44.08 9.98
N GLN C 677 43.95 -42.80 9.69
CA GLN C 677 43.40 -41.74 10.50
C GLN C 677 41.88 -41.63 10.37
N SER C 678 41.26 -41.11 11.43
CA SER C 678 39.83 -40.86 11.47
C SER C 678 39.59 -39.69 12.40
N ILE C 679 38.55 -38.91 12.10
CA ILE C 679 38.19 -37.78 12.95
C ILE C 679 37.87 -38.29 14.34
N ILE C 680 38.48 -37.68 15.35
CA ILE C 680 38.20 -38.06 16.72
C ILE C 680 37.52 -36.91 17.42
N ALA C 681 37.12 -37.13 18.68
CA ALA C 681 36.56 -36.09 19.51
C ALA C 681 36.91 -36.42 20.94
N TYR C 682 37.22 -35.40 21.73
CA TYR C 682 37.70 -35.65 23.07
C TYR C 682 37.45 -34.43 23.92
N THR C 683 37.45 -34.64 25.24
CA THR C 683 37.32 -33.52 26.15
C THR C 683 38.51 -32.60 25.99
N MET C 684 38.23 -31.32 25.76
CA MET C 684 39.30 -30.37 25.53
C MET C 684 40.22 -30.32 26.74
N SER C 685 41.50 -30.53 26.51
CA SER C 685 42.49 -30.35 27.55
C SER C 685 42.92 -28.91 27.58
N LEU C 686 43.12 -28.37 28.77
CA LEU C 686 43.48 -26.97 28.94
C LEU C 686 44.98 -26.92 29.16
N GLY C 687 45.69 -26.41 28.18
CA GLY C 687 47.12 -26.26 28.32
C GLY C 687 47.79 -27.59 28.66
N ALA C 688 49.01 -27.46 29.20
CA ALA C 688 49.76 -28.60 29.70
C ALA C 688 50.01 -28.38 31.18
N GLU C 689 49.69 -29.38 31.98
CA GLU C 689 49.77 -29.22 33.42
C GLU C 689 51.19 -28.94 33.87
N ASN C 690 51.32 -28.09 34.88
CA ASN C 690 52.56 -27.87 35.60
C ASN C 690 52.24 -27.66 37.06
N SER C 691 53.13 -28.09 37.93
CA SER C 691 53.04 -27.80 39.35
C SER C 691 54.37 -27.19 39.75
N VAL C 692 54.35 -25.91 40.09
CA VAL C 692 55.60 -25.20 40.37
C VAL C 692 56.15 -25.71 41.68
N ALA C 693 57.38 -26.18 41.68
CA ALA C 693 57.99 -26.60 42.92
C ALA C 693 58.23 -25.36 43.75
N TYR C 694 57.63 -25.32 44.93
CA TYR C 694 57.52 -24.09 45.68
C TYR C 694 57.89 -24.35 47.12
N SER C 695 58.68 -23.44 47.69
CA SER C 695 58.88 -23.47 49.13
C SER C 695 59.33 -22.09 49.55
N ASN C 696 59.13 -21.80 50.82
CA ASN C 696 59.27 -20.46 51.36
C ASN C 696 60.69 -19.92 51.22
N ASN C 697 61.69 -20.78 51.06
CA ASN C 697 63.04 -20.31 50.79
C ASN C 697 63.45 -20.44 49.33
N SER C 698 62.55 -20.90 48.46
CA SER C 698 62.94 -21.28 47.10
C SER C 698 62.69 -20.16 46.12
N ILE C 699 63.76 -19.67 45.46
CA ILE C 699 63.62 -18.68 44.40
C ILE C 699 64.29 -19.20 43.15
N ALA C 700 63.75 -18.79 42.00
CA ALA C 700 64.27 -19.21 40.70
C ALA C 700 64.55 -17.98 39.86
N ILE C 701 65.82 -17.70 39.61
CA ILE C 701 66.26 -16.52 38.86
C ILE C 701 66.71 -16.98 37.49
N PRO C 702 66.20 -16.38 36.42
CA PRO C 702 66.70 -16.72 35.10
C PRO C 702 68.12 -16.23 34.90
N THR C 703 68.98 -17.09 34.33
CA THR C 703 70.41 -16.77 34.13
C THR C 703 70.63 -16.43 32.65
N ASN C 704 69.61 -16.66 31.84
CA ASN C 704 69.70 -16.48 30.37
C ASN C 704 68.48 -15.67 29.91
N PHE C 705 68.42 -15.35 28.62
CA PHE C 705 67.29 -14.58 28.05
C PHE C 705 67.13 -14.93 26.57
N THR C 706 65.97 -14.60 26.00
CA THR C 706 65.79 -14.58 24.56
C THR C 706 65.07 -13.31 24.17
N ILE C 707 65.27 -12.89 22.94
CA ILE C 707 64.63 -11.70 22.39
C ILE C 707 63.71 -12.17 21.28
N SER C 708 62.41 -12.11 21.52
CA SER C 708 61.44 -12.57 20.54
C SER C 708 60.80 -11.38 19.88
N VAL C 709 60.49 -11.53 18.59
CA VAL C 709 59.78 -10.52 17.83
C VAL C 709 58.43 -11.12 17.47
N THR C 710 57.36 -10.51 17.98
CA THR C 710 56.02 -11.05 17.81
C THR C 710 55.16 -10.09 17.01
N THR C 711 54.78 -10.51 15.81
CA THR C 711 53.85 -9.74 15.01
C THR C 711 52.53 -9.56 15.74
N GLU C 712 51.99 -8.36 15.69
CA GLU C 712 50.66 -8.07 16.20
C GLU C 712 49.92 -7.26 15.16
N ILE C 713 48.72 -7.70 14.81
CA ILE C 713 48.02 -7.24 13.63
C ILE C 713 46.71 -6.61 14.07
N LEU C 714 46.42 -5.42 13.54
CA LEU C 714 45.24 -4.69 13.92
C LEU C 714 44.59 -4.07 12.69
N PRO C 715 43.26 -4.07 12.62
CA PRO C 715 42.60 -3.23 11.64
C PRO C 715 42.71 -1.77 12.07
N VAL C 716 42.68 -0.88 11.09
CA VAL C 716 42.76 0.54 11.39
C VAL C 716 41.60 1.25 10.71
N SER C 717 41.54 1.15 9.39
CA SER C 717 40.44 1.70 8.64
C SER C 717 39.73 0.59 7.90
N MET C 718 38.51 0.87 7.48
CA MET C 718 37.74 -0.01 6.63
C MET C 718 37.44 0.71 5.33
N THR C 719 37.13 -0.05 4.30
CA THR C 719 36.91 0.53 2.98
C THR C 719 35.82 1.59 3.05
N LYS C 720 36.15 2.80 2.61
CA LYS C 720 35.19 3.89 2.63
C LYS C 720 34.21 3.73 1.48
N THR C 721 32.94 3.58 1.80
CA THR C 721 31.91 3.43 0.79
C THR C 721 30.86 4.51 0.98
N SER C 722 30.28 4.94 -0.13
CA SER C 722 29.19 5.88 -0.11
C SER C 722 28.18 5.42 -1.14
N VAL C 723 26.92 5.30 -0.72
CA VAL C 723 25.87 4.73 -1.55
C VAL C 723 24.92 5.84 -1.96
N ASP C 724 24.48 5.79 -3.21
CA ASP C 724 23.51 6.75 -3.72
C ASP C 724 22.12 6.18 -3.45
N CYS C 725 21.41 6.81 -2.52
CA CYS C 725 20.16 6.23 -2.06
C CYS C 725 19.08 6.29 -3.13
N THR C 726 18.93 7.44 -3.78
CA THR C 726 17.88 7.56 -4.78
C THR C 726 18.12 6.62 -5.95
N MET C 727 19.36 6.48 -6.39
CA MET C 727 19.62 5.57 -7.49
C MET C 727 19.51 4.13 -7.07
N TYR C 728 20.19 3.76 -5.99
CA TYR C 728 20.17 2.35 -5.56
C TYR C 728 18.76 1.86 -5.41
N ILE C 729 17.89 2.68 -4.83
CA ILE C 729 16.50 2.27 -4.68
C ILE C 729 15.80 2.32 -6.03
N CYS C 730 15.72 3.50 -6.61
CA CYS C 730 15.03 3.68 -7.88
C CYS C 730 16.08 3.85 -8.97
N GLY C 731 16.28 2.80 -9.77
CA GLY C 731 17.12 2.92 -10.95
C GLY C 731 16.39 3.67 -12.05
N ASP C 732 16.99 4.76 -12.55
CA ASP C 732 16.57 5.37 -13.81
C ASP C 732 15.07 5.50 -13.99
N SER C 733 14.34 5.74 -12.92
CA SER C 733 12.89 5.87 -13.00
C SER C 733 12.45 7.04 -12.15
N THR C 734 11.88 8.05 -12.78
CA THR C 734 11.26 9.12 -12.02
C THR C 734 10.04 8.60 -11.28
N GLU C 735 9.33 7.65 -11.90
CA GLU C 735 8.15 7.07 -11.28
C GLU C 735 8.47 6.59 -9.88
N CYS C 736 9.48 5.74 -9.76
CA CYS C 736 9.93 5.32 -8.45
C CYS C 736 10.54 6.48 -7.68
N SER C 737 11.28 7.35 -8.38
CA SER C 737 11.98 8.43 -7.70
C SER C 737 11.00 9.36 -6.99
N ASN C 738 9.85 9.61 -7.60
CA ASN C 738 8.87 10.47 -6.95
C ASN C 738 8.32 9.81 -5.69
N LEU C 739 8.01 8.51 -5.75
CA LEU C 739 7.52 7.81 -4.58
C LEU C 739 8.49 7.92 -3.42
N LEU C 740 9.79 7.85 -3.70
CA LEU C 740 10.78 7.91 -2.63
C LEU C 740 10.67 9.18 -1.83
N LEU C 741 10.24 10.28 -2.47
CA LEU C 741 10.06 11.53 -1.76
C LEU C 741 9.03 11.43 -0.65
N GLN C 742 8.13 10.46 -0.74
CA GLN C 742 7.10 10.31 0.27
C GLN C 742 7.60 9.61 1.53
N TYR C 743 8.81 9.08 1.50
CA TYR C 743 9.47 8.60 2.72
C TYR C 743 10.38 9.67 3.31
N GLY C 744 10.43 10.84 2.72
CA GLY C 744 11.11 11.96 3.36
C GLY C 744 12.61 11.79 3.38
N SER C 745 13.18 11.92 4.56
CA SER C 745 14.61 12.13 4.75
C SER C 745 15.40 10.84 4.87
N PHE C 746 14.76 9.68 4.70
CA PHE C 746 15.50 8.43 4.69
C PHE C 746 16.68 8.51 3.73
N CYS C 747 16.40 8.88 2.48
CA CYS C 747 17.45 8.91 1.46
C CYS C 747 18.61 9.81 1.93
N THR C 748 18.30 10.98 2.45
CA THR C 748 19.38 11.89 2.85
C THR C 748 20.07 11.42 4.11
N GLN C 749 19.31 10.98 5.12
CA GLN C 749 19.95 10.62 6.37
C GLN C 749 20.84 9.41 6.23
N LEU C 750 20.66 8.60 5.19
CA LEU C 750 21.59 7.52 4.94
C LEU C 750 22.95 8.05 4.52
N ASN C 751 22.97 8.99 3.57
CA ASN C 751 24.22 9.63 3.21
C ASN C 751 24.84 10.32 4.41
N ARG C 752 24.03 11.01 5.21
CA ARG C 752 24.56 11.61 6.43
C ARG C 752 25.16 10.55 7.34
N ALA C 753 24.56 9.36 7.36
CA ALA C 753 25.10 8.28 8.17
C ALA C 753 26.42 7.79 7.60
N LEU C 754 26.43 7.38 6.33
CA LEU C 754 27.64 6.78 5.77
C LEU C 754 28.78 7.76 5.71
N THR C 755 28.48 9.03 5.47
CA THR C 755 29.55 10.03 5.48
C THR C 755 30.21 10.11 6.84
N GLY C 756 29.42 10.04 7.92
CA GLY C 756 30.01 10.00 9.24
C GLY C 756 31.02 8.89 9.39
N ILE C 757 30.69 7.69 8.91
CA ILE C 757 31.67 6.62 8.81
C ILE C 757 32.83 7.07 7.94
N ALA C 758 32.55 7.34 6.67
CA ALA C 758 33.60 7.61 5.70
C ALA C 758 34.56 8.71 6.17
N VAL C 759 34.03 9.71 6.87
CA VAL C 759 34.91 10.77 7.38
C VAL C 759 35.89 10.20 8.39
N GLU C 760 35.36 9.57 9.45
CA GLU C 760 36.23 9.17 10.53
C GLU C 760 37.19 8.08 10.15
N GLN C 761 36.92 7.35 9.06
CA GLN C 761 37.90 6.38 8.59
C GLN C 761 39.23 7.05 8.31
N ASP C 762 39.21 8.17 7.61
CA ASP C 762 40.42 8.94 7.40
C ASP C 762 40.83 9.70 8.65
N LYS C 763 39.98 9.74 9.67
CA LYS C 763 40.43 10.22 10.97
C LYS C 763 41.16 9.12 11.72
N ASN C 764 40.66 7.89 11.65
CA ASN C 764 41.36 6.76 12.24
C ASN C 764 42.78 6.68 11.70
N THR C 765 42.90 6.46 10.40
CA THR C 765 44.21 6.41 9.75
C THR C 765 45.04 7.64 10.09
N GLN C 766 44.38 8.76 10.34
CA GLN C 766 45.11 9.97 10.73
C GLN C 766 45.65 9.84 12.14
N GLU C 767 44.83 9.40 13.07
CA GLU C 767 45.25 9.30 14.47
C GLU C 767 46.37 8.30 14.62
N VAL C 768 46.20 7.12 14.03
CA VAL C 768 47.18 6.04 14.16
C VAL C 768 48.51 6.47 13.60
N PHE C 769 48.58 6.67 12.28
CA PHE C 769 49.86 6.71 11.61
C PHE C 769 50.59 8.03 11.85
N ALA C 770 49.91 9.16 11.71
CA ALA C 770 50.62 10.41 11.85
C ALA C 770 50.37 10.93 13.26
N GLN C 771 51.28 10.59 14.16
CA GLN C 771 51.45 11.23 15.43
C GLN C 771 52.70 12.07 15.47
N VAL C 772 53.49 12.05 14.41
CA VAL C 772 54.82 12.62 14.39
C VAL C 772 54.77 13.92 13.60
N LYS C 773 55.43 14.94 14.12
CA LYS C 773 55.35 16.26 13.50
C LYS C 773 56.07 16.29 12.17
N GLN C 774 57.23 15.66 12.08
CA GLN C 774 58.10 15.74 10.91
C GLN C 774 58.26 14.35 10.33
N ILE C 775 58.67 14.30 9.06
CA ILE C 775 59.05 13.05 8.44
C ILE C 775 60.56 12.91 8.60
N TYR C 776 60.97 11.99 9.47
CA TYR C 776 62.36 11.62 9.60
C TYR C 776 62.70 10.59 8.54
N LYS C 777 63.98 10.53 8.17
CA LYS C 777 64.42 9.46 7.30
C LYS C 777 65.73 8.91 7.83
N THR C 778 65.90 7.61 7.68
CA THR C 778 67.09 6.94 8.18
C THR C 778 68.34 7.59 7.60
N PRO C 779 69.46 7.54 8.32
CA PRO C 779 70.70 8.06 7.78
C PRO C 779 71.13 7.26 6.57
N PRO C 780 72.05 7.78 5.76
CA PRO C 780 72.45 7.02 4.58
C PRO C 780 73.10 5.69 4.89
N ILE C 781 73.91 5.62 5.94
CA ILE C 781 74.67 4.42 6.26
C ILE C 781 74.13 3.80 7.53
N LYS C 782 73.99 2.48 7.53
CA LYS C 782 73.39 1.75 8.63
C LYS C 782 74.49 1.10 9.46
N ASP C 783 74.77 1.65 10.63
CA ASP C 783 75.51 0.93 11.67
C ASP C 783 74.70 1.07 12.95
N PHE C 784 74.02 0.00 13.32
CA PHE C 784 73.23 -0.02 14.54
C PHE C 784 73.86 -0.84 15.64
N GLY C 785 75.06 -1.35 15.44
CA GLY C 785 75.67 -2.24 16.40
C GLY C 785 75.44 -3.69 16.12
N GLY C 786 75.08 -4.04 14.89
CA GLY C 786 74.79 -5.40 14.52
C GLY C 786 73.33 -5.70 14.26
N PHE C 787 72.45 -4.73 14.48
CA PHE C 787 71.00 -4.93 14.18
C PHE C 787 70.70 -4.59 12.71
N ASN C 788 70.65 -5.60 11.84
CA ASN C 788 70.14 -5.42 10.44
C ASN C 788 68.68 -4.96 10.51
N PHE C 789 68.39 -3.78 9.95
CA PHE C 789 66.99 -3.31 9.84
C PHE C 789 66.60 -3.23 8.36
N SER C 790 67.46 -3.72 7.47
CA SER C 790 67.13 -3.73 6.05
C SER C 790 65.85 -4.48 5.79
N GLN C 791 65.52 -5.43 6.65
CA GLN C 791 64.21 -6.08 6.58
C GLN C 791 63.10 -5.05 6.70
N ILE C 792 63.10 -4.28 7.80
CA ILE C 792 61.98 -3.42 8.13
C ILE C 792 62.09 -2.00 7.61
N LEU C 793 63.23 -1.60 7.10
CA LEU C 793 63.30 -0.23 6.65
C LEU C 793 62.84 -0.11 5.20
N PRO C 794 62.39 1.07 4.79
CA PRO C 794 61.92 1.24 3.42
C PRO C 794 62.94 0.74 2.41
N ASP C 795 62.43 0.10 1.36
CA ASP C 795 63.29 -0.49 0.35
C ASP C 795 63.61 0.58 -0.66
N PRO C 796 64.86 1.05 -0.76
CA PRO C 796 65.16 2.15 -1.68
C PRO C 796 64.95 1.79 -3.14
N SER C 797 64.92 0.51 -3.47
CA SER C 797 64.81 0.06 -4.85
C SER C 797 63.39 -0.27 -5.28
N LYS C 798 62.45 -0.13 -4.43
CA LYS C 798 61.10 -0.31 -4.96
C LYS C 798 60.55 1.02 -5.46
N PRO C 799 59.74 1.01 -6.51
CA PRO C 799 59.15 2.27 -6.98
C PRO C 799 58.27 2.93 -5.92
N SER C 800 57.38 2.17 -5.29
CA SER C 800 56.72 2.59 -4.07
C SER C 800 57.58 2.06 -2.93
N LYS C 801 58.19 2.95 -2.18
CA LYS C 801 59.16 2.49 -1.21
C LYS C 801 58.41 1.93 -0.02
N ARG C 802 58.54 0.63 0.19
CA ARG C 802 57.90 -0.09 1.27
C ARG C 802 58.86 -1.18 1.72
N SER C 803 59.01 -1.33 3.02
CA SER C 803 59.98 -2.27 3.56
C SER C 803 59.71 -3.66 3.05
N PHE C 804 60.78 -4.45 2.95
CA PHE C 804 60.68 -5.79 2.38
C PHE C 804 59.51 -6.57 2.98
N ILE C 805 59.29 -6.41 4.28
CA ILE C 805 58.21 -7.13 4.94
C ILE C 805 56.86 -6.70 4.39
N GLU C 806 56.64 -5.39 4.28
CA GLU C 806 55.31 -4.91 3.93
C GLU C 806 54.83 -5.50 2.62
N ASP C 807 55.75 -5.82 1.71
CA ASP C 807 55.33 -6.47 0.46
C ASP C 807 54.75 -7.85 0.72
N LEU C 808 55.32 -8.58 1.67
CA LEU C 808 54.73 -9.86 2.04
C LEU C 808 53.28 -9.67 2.45
N LEU C 809 52.97 -8.57 3.12
CA LEU C 809 51.62 -8.32 3.60
C LEU C 809 50.68 -7.97 2.47
N PHE C 810 51.08 -7.03 1.61
CA PHE C 810 50.20 -6.59 0.54
C PHE C 810 49.90 -7.69 -0.46
N ASN C 811 50.70 -8.76 -0.48
CA ASN C 811 50.37 -9.88 -1.34
C ASN C 811 49.32 -10.77 -0.71
N LYS C 812 49.44 -11.02 0.60
CA LYS C 812 48.47 -11.87 1.28
C LYS C 812 47.07 -11.28 1.20
N VAL C 813 46.90 -10.06 1.67
CA VAL C 813 45.61 -9.41 1.61
C VAL C 813 45.25 -9.11 0.16
N THR C 814 43.96 -9.08 -0.13
CA THR C 814 43.47 -8.73 -1.46
C THR C 814 42.48 -7.59 -1.41
N ASP C 835 33.82 -8.13 -11.58
CA ASP C 835 34.41 -8.24 -10.25
C ASP C 835 33.65 -7.36 -9.25
N LEU C 836 34.27 -7.09 -8.09
CA LEU C 836 33.64 -6.13 -7.16
C LEU C 836 34.13 -4.74 -7.58
N ILE C 837 34.98 -4.69 -8.60
CA ILE C 837 35.60 -3.41 -9.06
C ILE C 837 34.55 -2.43 -9.60
N CYS C 838 33.58 -2.89 -10.41
CA CYS C 838 32.62 -1.93 -11.04
C CYS C 838 31.18 -2.38 -10.81
N ALA C 839 30.95 -3.67 -10.56
CA ALA C 839 29.63 -4.23 -10.31
C ALA C 839 28.88 -3.43 -9.25
N GLN C 840 29.43 -3.37 -8.04
CA GLN C 840 28.90 -2.47 -7.03
C GLN C 840 28.72 -1.08 -7.61
N LYS C 841 29.75 -0.59 -8.30
CA LYS C 841 29.74 0.76 -8.85
C LYS C 841 28.67 0.92 -9.94
N PHE C 842 28.03 -0.16 -10.36
CA PHE C 842 26.88 -0.01 -11.24
C PHE C 842 25.76 0.77 -10.55
N ASN C 843 25.32 0.28 -9.39
CA ASN C 843 24.04 0.68 -8.82
C ASN C 843 24.14 1.87 -7.89
N GLY C 844 25.30 2.50 -7.80
CA GLY C 844 25.49 3.57 -6.86
C GLY C 844 26.23 3.17 -5.61
N LEU C 845 26.83 1.99 -5.59
CA LEU C 845 27.71 1.60 -4.51
C LEU C 845 29.11 2.02 -4.92
N THR C 846 29.64 3.04 -4.25
CA THR C 846 30.91 3.61 -4.63
C THR C 846 31.94 3.33 -3.55
N VAL C 847 33.18 3.17 -3.99
CA VAL C 847 34.30 3.01 -3.07
C VAL C 847 35.15 4.25 -3.20
N LEU C 848 35.12 5.09 -2.19
CA LEU C 848 35.89 6.30 -2.28
C LEU C 848 37.34 6.02 -1.93
N PRO C 849 38.27 6.73 -2.54
CA PRO C 849 39.68 6.50 -2.24
C PRO C 849 40.01 6.95 -0.84
N PRO C 850 40.75 6.15 -0.09
CA PRO C 850 41.22 6.60 1.22
C PRO C 850 42.10 7.82 1.06
N LEU C 851 41.87 8.83 1.91
CA LEU C 851 42.58 10.08 1.78
C LEU C 851 44.08 9.89 1.63
N LEU C 852 44.64 8.95 2.38
CA LEU C 852 46.08 8.74 2.39
C LEU C 852 46.40 7.56 1.48
N THR C 853 47.18 7.80 0.44
CA THR C 853 47.64 6.71 -0.40
C THR C 853 48.56 5.79 0.38
N ASP C 854 48.62 4.54 -0.05
CA ASP C 854 49.49 3.58 0.62
C ASP C 854 50.93 4.05 0.66
N GLU C 855 51.38 4.72 -0.39
CA GLU C 855 52.75 5.22 -0.40
C GLU C 855 52.96 6.24 0.70
N MET C 856 51.92 7.00 1.05
CA MET C 856 52.06 7.93 2.15
C MET C 856 52.10 7.19 3.48
N ILE C 857 51.22 6.21 3.66
CA ILE C 857 51.23 5.40 4.86
C ILE C 857 52.62 4.83 5.09
N ALA C 858 53.28 4.42 4.01
CA ALA C 858 54.64 3.92 4.13
C ALA C 858 55.66 5.00 4.41
N GLN C 859 55.32 6.27 4.23
CA GLN C 859 56.25 7.30 4.67
C GLN C 859 56.13 7.56 6.16
N TYR C 860 54.91 7.64 6.68
CA TYR C 860 54.73 7.69 8.13
C TYR C 860 55.46 6.54 8.79
N THR C 861 55.04 5.31 8.50
CA THR C 861 55.68 4.16 9.13
C THR C 861 57.15 4.08 8.81
N SER C 862 57.65 4.87 7.86
CA SER C 862 59.08 5.08 7.77
C SER C 862 59.54 6.07 8.82
N ALA C 863 58.86 7.21 8.91
CA ALA C 863 59.22 8.23 9.89
C ALA C 863 59.22 7.63 11.29
N LEU C 864 58.06 7.17 11.75
CA LEU C 864 57.95 6.54 13.06
C LEU C 864 59.05 5.53 13.27
N LEU C 865 59.35 4.75 12.24
CA LEU C 865 60.42 3.79 12.35
C LEU C 865 61.79 4.44 12.19
N ALA C 866 61.88 5.56 11.50
CA ALA C 866 63.18 6.21 11.41
C ALA C 866 63.54 6.90 12.72
N GLY C 867 62.56 7.53 13.36
CA GLY C 867 62.85 8.20 14.62
C GLY C 867 63.04 7.21 15.75
N THR C 868 62.27 6.12 15.75
CA THR C 868 62.43 5.10 16.78
C THR C 868 63.85 4.57 16.81
N ILE C 869 64.44 4.36 15.64
CA ILE C 869 65.76 3.79 15.58
C ILE C 869 66.82 4.79 16.01
N THR C 870 66.81 5.96 15.38
CA THR C 870 67.87 6.93 15.65
C THR C 870 67.63 7.66 16.97
N SER C 871 66.43 8.20 17.15
CA SER C 871 66.17 9.18 18.18
C SER C 871 65.63 8.61 19.46
N GLY C 872 65.53 7.29 19.58
CA GLY C 872 64.97 6.72 20.79
C GLY C 872 63.48 6.98 20.86
N TRP C 873 63.00 7.25 22.07
CA TRP C 873 61.60 7.58 22.27
C TRP C 873 61.33 9.07 22.33
N THR C 874 62.38 9.90 22.28
CA THR C 874 62.19 11.32 22.54
C THR C 874 61.45 12.03 21.43
N PHE C 875 61.37 11.45 20.23
CA PHE C 875 60.75 12.19 19.14
C PHE C 875 59.25 12.33 19.34
N GLY C 876 58.66 11.46 20.16
CA GLY C 876 57.26 11.64 20.50
C GLY C 876 57.00 12.75 21.48
N ALA C 877 58.00 13.11 22.27
CA ALA C 877 57.87 14.16 23.27
C ALA C 877 58.36 15.51 22.80
N GLY C 878 58.78 15.64 21.55
CA GLY C 878 59.35 16.88 21.10
C GLY C 878 60.29 16.65 19.95
N ALA C 879 61.24 17.57 19.81
CA ALA C 879 62.28 17.42 18.79
C ALA C 879 63.05 16.12 19.01
N ALA C 880 63.22 15.37 17.93
CA ALA C 880 63.95 14.11 18.02
C ALA C 880 65.39 14.36 18.46
N LEU C 881 65.92 13.43 19.24
CA LEU C 881 67.28 13.56 19.78
C LEU C 881 68.09 12.38 19.31
N GLN C 882 69.07 12.60 18.45
CA GLN C 882 69.89 11.49 18.00
C GLN C 882 70.59 10.88 19.20
N ILE C 883 70.54 9.57 19.30
CA ILE C 883 71.20 8.85 20.38
C ILE C 883 71.73 7.55 19.80
N PRO C 884 72.91 7.09 20.20
CA PRO C 884 73.42 5.84 19.66
C PRO C 884 72.47 4.70 19.96
N PHE C 885 72.12 3.95 18.92
CA PHE C 885 71.09 2.93 19.09
C PHE C 885 71.47 1.95 20.19
N ALA C 886 72.73 1.53 20.23
CA ALA C 886 73.17 0.65 21.30
C ALA C 886 73.04 1.31 22.66
N MET C 887 73.11 2.64 22.73
CA MET C 887 72.84 3.33 23.97
C MET C 887 71.37 3.61 24.15
N GLN C 888 70.55 3.41 23.13
CA GLN C 888 69.12 3.37 23.35
C GLN C 888 68.74 2.11 24.11
N MET C 889 69.17 0.96 23.61
CA MET C 889 68.80 -0.31 24.22
C MET C 889 69.32 -0.45 25.64
N ALA C 890 70.28 0.35 26.06
CA ALA C 890 70.63 0.32 27.47
C ALA C 890 69.50 0.88 28.31
N TYR C 891 68.79 1.87 27.79
CA TYR C 891 67.66 2.39 28.55
C TYR C 891 66.53 1.37 28.56
N ARG C 892 66.15 0.89 27.39
CA ARG C 892 65.01 0.00 27.31
C ARG C 892 65.20 -1.27 28.13
N PHE C 893 66.43 -1.59 28.53
CA PHE C 893 66.60 -2.61 29.56
C PHE C 893 66.33 -2.04 30.95
N ASN C 894 66.85 -0.85 31.25
CA ASN C 894 66.50 -0.24 32.52
C ASN C 894 64.99 -0.11 32.67
N GLY C 895 64.28 0.07 31.56
CA GLY C 895 62.84 0.11 31.64
C GLY C 895 62.25 -1.17 32.19
N ILE C 896 62.78 -2.32 31.78
CA ILE C 896 62.27 -3.60 32.21
C ILE C 896 63.01 -4.14 33.41
N GLY C 897 63.93 -3.37 33.98
CA GLY C 897 64.58 -3.79 35.20
C GLY C 897 65.87 -4.54 35.02
N VAL C 898 66.27 -4.83 33.79
CA VAL C 898 67.56 -5.45 33.53
C VAL C 898 68.60 -4.35 33.45
N THR C 899 69.60 -4.41 34.33
CA THR C 899 70.62 -3.39 34.34
C THR C 899 71.36 -3.38 33.02
N GLN C 900 71.69 -2.17 32.55
CA GLN C 900 72.27 -1.96 31.24
C GLN C 900 73.58 -2.72 31.04
N ASN C 901 74.29 -3.06 32.12
CA ASN C 901 75.53 -3.80 31.93
C ASN C 901 75.31 -5.13 31.27
N VAL C 902 74.06 -5.60 31.22
CA VAL C 902 73.78 -6.86 30.47
C VAL C 902 74.01 -6.60 28.97
N LEU C 903 73.37 -5.56 28.41
CA LEU C 903 73.48 -5.31 26.95
C LEU C 903 74.92 -4.98 26.53
N TYR C 904 75.63 -4.13 27.27
CA TYR C 904 76.99 -3.70 26.84
C TYR C 904 77.90 -4.92 26.78
N GLU C 905 77.53 -6.00 27.46
CA GLU C 905 78.31 -7.22 27.49
C GLU C 905 77.77 -8.25 26.52
N ASN C 906 76.45 -8.32 26.36
CA ASN C 906 75.82 -9.30 25.51
C ASN C 906 75.47 -8.77 24.12
N GLN C 907 75.92 -7.56 23.79
CA GLN C 907 75.45 -6.90 22.58
C GLN C 907 75.51 -7.80 21.35
N LYS C 908 76.68 -8.37 21.09
CA LYS C 908 76.83 -9.24 19.91
C LYS C 908 75.80 -10.34 19.90
N LEU C 909 75.66 -11.03 21.02
CA LEU C 909 74.63 -12.07 21.12
C LEU C 909 73.25 -11.49 20.83
N ILE C 910 72.89 -10.41 21.52
CA ILE C 910 71.57 -9.84 21.35
C ILE C 910 71.35 -9.43 19.89
N ALA C 911 72.43 -9.02 19.22
CA ALA C 911 72.32 -8.70 17.81
C ALA C 911 71.78 -9.89 17.03
N ASN C 912 72.44 -11.04 17.16
CA ASN C 912 72.04 -12.21 16.38
C ASN C 912 70.63 -12.64 16.72
N GLN C 913 70.31 -12.72 18.01
CA GLN C 913 68.96 -13.09 18.40
C GLN C 913 67.94 -12.17 17.78
N PHE C 914 68.24 -10.88 17.72
CA PHE C 914 67.34 -9.96 17.07
C PHE C 914 67.20 -10.32 15.60
N ASN C 915 68.31 -10.32 14.87
CA ASN C 915 68.27 -10.54 13.43
C ASN C 915 67.60 -11.86 13.10
N SER C 916 68.05 -12.94 13.73
CA SER C 916 67.45 -14.24 13.47
C SER C 916 65.98 -14.26 13.85
N ALA C 917 65.57 -13.39 14.78
CA ALA C 917 64.15 -13.27 15.06
C ALA C 917 63.43 -12.57 13.92
N ILE C 918 64.03 -11.52 13.37
CA ILE C 918 63.39 -10.82 12.27
C ILE C 918 63.19 -11.75 11.09
N GLY C 919 64.19 -12.58 10.80
CA GLY C 919 64.09 -13.48 9.66
C GLY C 919 62.83 -14.33 9.72
N LYS C 920 62.60 -14.99 10.85
CA LYS C 920 61.44 -15.86 10.98
C LYS C 920 60.13 -15.11 10.84
N ILE C 921 60.13 -13.79 11.03
CA ILE C 921 58.91 -13.03 10.82
C ILE C 921 58.50 -13.10 9.37
N GLN C 922 59.48 -13.13 8.47
CA GLN C 922 59.18 -13.30 7.05
C GLN C 922 58.39 -14.57 6.82
N ASP C 923 58.95 -15.70 7.23
CA ASP C 923 58.32 -16.98 6.94
C ASP C 923 57.03 -17.15 7.74
N SER C 924 56.98 -16.62 8.96
CA SER C 924 55.73 -16.59 9.70
C SER C 924 54.62 -15.98 8.87
N LEU C 925 54.93 -14.90 8.15
CA LEU C 925 53.99 -14.34 7.19
C LEU C 925 54.04 -15.09 5.88
N SER C 926 55.24 -15.45 5.42
CA SER C 926 55.39 -15.98 4.07
C SER C 926 54.70 -17.32 3.92
N SER C 927 54.82 -18.19 4.91
CA SER C 927 54.40 -19.58 4.79
C SER C 927 53.00 -19.86 5.30
N THR C 928 52.33 -18.85 5.88
CA THR C 928 50.98 -19.05 6.40
C THR C 928 50.15 -17.82 6.08
N ALA C 929 48.97 -18.04 5.50
CA ALA C 929 48.08 -16.96 5.09
C ALA C 929 47.02 -16.62 6.13
N SER C 930 46.99 -17.32 7.26
CA SER C 930 45.97 -17.08 8.28
C SER C 930 46.39 -16.05 9.32
N ALA C 931 47.64 -15.61 9.33
CA ALA C 931 48.08 -14.62 10.31
C ALA C 931 47.34 -13.31 10.11
N LEU C 932 47.03 -12.96 8.87
CA LEU C 932 46.38 -11.70 8.54
C LEU C 932 44.88 -11.80 8.57
N GLY C 933 44.33 -12.90 9.08
CA GLY C 933 42.89 -13.08 9.09
C GLY C 933 42.13 -11.87 9.60
N LYS C 934 42.66 -11.22 10.65
CA LYS C 934 42.00 -10.05 11.20
C LYS C 934 41.72 -9.02 10.13
N LEU C 935 42.78 -8.62 9.41
CA LEU C 935 42.58 -7.77 8.23
C LEU C 935 41.69 -8.45 7.21
N GLN C 936 42.02 -9.70 6.86
CA GLN C 936 41.29 -10.39 5.83
C GLN C 936 39.80 -10.49 6.16
N ASP C 937 39.48 -10.63 7.45
CA ASP C 937 38.07 -10.69 7.83
C ASP C 937 37.39 -9.36 7.61
N VAL C 938 38.06 -8.25 7.96
CA VAL C 938 37.48 -6.94 7.74
C VAL C 938 37.16 -6.73 6.27
N VAL C 939 38.14 -6.98 5.40
CA VAL C 939 37.94 -6.75 3.97
C VAL C 939 36.81 -7.61 3.44
N ASN C 940 36.76 -8.87 3.87
CA ASN C 940 35.71 -9.76 3.41
C ASN C 940 34.34 -9.26 3.83
N GLN C 941 34.17 -9.00 5.13
CA GLN C 941 32.86 -8.61 5.62
C GLN C 941 32.34 -7.37 4.90
N ASN C 942 33.22 -6.44 4.57
CA ASN C 942 32.81 -5.29 3.79
C ASN C 942 32.34 -5.73 2.41
N ALA C 943 33.19 -6.44 1.67
CA ALA C 943 32.79 -6.96 0.38
C ALA C 943 31.64 -7.93 0.52
N GLN C 944 31.53 -8.60 1.66
CA GLN C 944 30.39 -9.47 1.90
C GLN C 944 29.08 -8.71 1.81
N ALA C 945 28.86 -7.78 2.73
CA ALA C 945 27.58 -7.08 2.80
C ALA C 945 27.25 -6.39 1.49
N LEU C 946 28.27 -5.87 0.80
CA LEU C 946 28.03 -5.26 -0.50
C LEU C 946 27.40 -6.27 -1.45
N ASN C 947 27.97 -7.46 -1.56
CA ASN C 947 27.34 -8.51 -2.35
C ASN C 947 25.90 -8.72 -1.92
N THR C 948 25.70 -8.95 -0.62
CA THR C 948 24.34 -9.10 -0.10
C THR C 948 23.49 -7.89 -0.47
N LEU C 949 24.01 -6.69 -0.26
CA LEU C 949 23.25 -5.50 -0.58
C LEU C 949 22.88 -5.46 -2.05
N VAL C 950 23.80 -5.89 -2.92
CA VAL C 950 23.48 -5.95 -4.34
C VAL C 950 22.43 -6.99 -4.62
N LYS C 951 22.65 -8.22 -4.14
CA LYS C 951 21.70 -9.29 -4.40
C LYS C 951 20.29 -8.94 -3.94
N GLN C 952 20.16 -8.03 -2.98
CA GLN C 952 18.83 -7.60 -2.59
C GLN C 952 18.11 -6.88 -3.72
N LEU C 953 18.83 -6.37 -4.71
CA LEU C 953 18.15 -5.74 -5.83
C LEU C 953 17.35 -6.75 -6.64
N SER C 954 17.77 -8.01 -6.65
CA SER C 954 17.13 -9.01 -7.48
C SER C 954 16.00 -9.73 -6.77
N SER C 955 15.64 -9.33 -5.55
CA SER C 955 14.59 -10.00 -4.81
C SER C 955 13.24 -9.34 -5.04
N ASN C 956 12.19 -10.16 -5.10
CA ASN C 956 10.88 -9.65 -5.43
C ASN C 956 10.31 -8.79 -4.31
N PHE C 957 10.59 -9.15 -3.06
CA PHE C 957 10.02 -8.45 -1.91
C PHE C 957 8.51 -8.40 -1.98
N GLY C 958 7.90 -9.42 -2.58
CA GLY C 958 6.47 -9.45 -2.77
C GLY C 958 5.99 -8.77 -4.03
N ALA C 959 6.80 -7.91 -4.63
CA ALA C 959 6.43 -7.30 -5.89
C ALA C 959 6.51 -8.33 -7.02
N ILE C 960 5.85 -8.00 -8.13
CA ILE C 960 5.73 -8.94 -9.23
C ILE C 960 7.08 -9.24 -9.90
N SER C 961 8.03 -8.32 -9.83
CA SER C 961 9.34 -8.58 -10.38
C SER C 961 10.36 -7.66 -9.73
N SER C 962 11.63 -8.03 -9.87
CA SER C 962 12.71 -7.24 -9.28
C SER C 962 13.27 -6.21 -10.23
N VAL C 963 12.84 -6.18 -11.47
CA VAL C 963 13.24 -5.14 -12.41
C VAL C 963 12.26 -3.99 -12.28
N LEU C 964 12.76 -2.83 -11.89
CA LEU C 964 11.89 -1.71 -11.59
C LEU C 964 11.08 -1.28 -12.80
N ASN C 965 11.61 -1.50 -13.99
CA ASN C 965 10.90 -1.09 -15.20
C ASN C 965 9.80 -2.05 -15.58
N ASP C 966 9.99 -3.35 -15.34
CA ASP C 966 8.98 -4.33 -15.71
C ASP C 966 7.66 -4.05 -15.04
N ILE C 967 7.69 -3.72 -13.75
CA ILE C 967 6.46 -3.32 -13.08
C ILE C 967 5.84 -2.12 -13.77
N LEU C 968 6.68 -1.20 -14.25
CA LEU C 968 6.16 -0.08 -15.00
C LEU C 968 5.73 -0.48 -16.39
N SER C 969 6.41 -1.46 -16.99
CA SER C 969 6.07 -1.85 -18.36
C SER C 969 4.76 -2.63 -18.39
N ARG C 970 4.64 -3.65 -17.56
CA ARG C 970 3.47 -4.52 -17.64
C ARG C 970 2.21 -3.79 -17.18
N LEU C 971 2.28 -3.16 -16.01
CA LEU C 971 1.08 -2.70 -15.33
C LEU C 971 0.87 -1.22 -15.55
N ASP C 972 -0.39 -0.83 -15.62
CA ASP C 972 -0.75 0.57 -15.55
C ASP C 972 -0.29 1.14 -14.21
N LYS C 973 0.03 2.41 -14.19
CA LYS C 973 0.62 2.94 -12.95
C LYS C 973 -0.31 2.77 -11.77
N VAL C 974 -1.57 3.14 -11.91
CA VAL C 974 -2.45 3.16 -10.71
C VAL C 974 -2.07 2.04 -9.75
N GLU C 975 -1.97 0.83 -10.26
CA GLU C 975 -1.67 -0.35 -9.47
C GLU C 975 -0.17 -0.50 -9.24
N ALA C 976 0.63 -0.23 -10.27
CA ALA C 976 2.07 -0.37 -10.15
C ALA C 976 2.64 0.45 -9.01
N GLU C 977 1.94 1.51 -8.59
CA GLU C 977 2.36 2.26 -7.42
C GLU C 977 2.50 1.34 -6.22
N VAL C 978 1.46 0.56 -5.94
CA VAL C 978 1.49 -0.31 -4.77
C VAL C 978 2.60 -1.34 -4.91
N GLN C 979 2.82 -1.85 -6.12
CA GLN C 979 3.91 -2.79 -6.33
C GLN C 979 5.24 -2.17 -5.96
N ILE C 980 5.56 -1.02 -6.55
CA ILE C 980 6.87 -0.41 -6.35
C ILE C 980 7.12 -0.14 -4.87
N ASP C 981 6.06 0.11 -4.11
CA ASP C 981 6.22 0.21 -2.67
C ASP C 981 6.94 -1.00 -2.12
N ARG C 982 6.42 -2.21 -2.41
CA ARG C 982 7.05 -3.41 -1.89
C ARG C 982 8.51 -3.51 -2.33
N LEU C 983 8.84 -3.02 -3.52
CA LEU C 983 10.26 -2.90 -3.86
C LEU C 983 10.93 -1.86 -2.99
N ILE C 984 10.40 -0.64 -2.98
CA ILE C 984 11.04 0.43 -2.22
C ILE C 984 11.11 0.05 -0.75
N THR C 985 9.95 -0.23 -0.14
CA THR C 985 9.94 -0.62 1.26
C THR C 985 10.95 -1.73 1.51
N GLY C 986 11.00 -2.71 0.63
CA GLY C 986 11.99 -3.74 0.76
C GLY C 986 13.40 -3.21 0.62
N ARG C 987 13.68 -2.54 -0.49
CA ARG C 987 15.03 -2.06 -0.72
C ARG C 987 15.41 -1.00 0.30
N LEU C 988 14.56 0.00 0.48
CA LEU C 988 14.86 1.06 1.43
C LEU C 988 15.15 0.51 2.80
N GLN C 989 14.37 -0.47 3.24
CA GLN C 989 14.75 -1.19 4.45
C GLN C 989 16.11 -1.84 4.29
N SER C 990 16.33 -2.50 3.16
CA SER C 990 17.56 -3.26 2.98
C SER C 990 18.79 -2.38 3.04
N LEU C 991 18.65 -1.08 2.76
CA LEU C 991 19.76 -0.17 3.02
C LEU C 991 19.97 0.00 4.50
N GLN C 992 18.92 0.34 5.24
CA GLN C 992 19.07 0.58 6.66
C GLN C 992 19.71 -0.61 7.35
N THR C 993 19.37 -1.82 6.91
CA THR C 993 20.10 -2.98 7.39
C THR C 993 21.58 -2.83 7.10
N TYR C 994 21.93 -2.57 5.83
CA TYR C 994 23.34 -2.43 5.49
C TYR C 994 23.98 -1.28 6.23
N VAL C 995 23.31 -0.13 6.26
CA VAL C 995 23.88 1.03 6.93
C VAL C 995 24.11 0.73 8.39
N THR C 996 23.11 0.18 9.07
CA THR C 996 23.26 -0.11 10.49
C THR C 996 24.42 -1.06 10.72
N GLN C 997 24.58 -2.06 9.86
CA GLN C 997 25.73 -2.95 9.99
C GLN C 997 27.03 -2.17 9.93
N GLN C 998 27.17 -1.29 8.94
CA GLN C 998 28.39 -0.53 8.80
C GLN C 998 28.66 0.32 10.04
N LEU C 999 27.64 1.02 10.51
CA LEU C 999 27.78 1.80 11.74
C LEU C 999 28.30 0.94 12.87
N ILE C 1000 27.65 -0.19 13.12
CA ILE C 1000 28.09 -1.08 14.17
C ILE C 1000 29.50 -1.57 13.89
N ARG C 1001 29.74 -2.02 12.66
CA ARG C 1001 31.05 -2.57 12.34
C ARG C 1001 32.12 -1.49 12.43
N ALA C 1002 31.82 -0.28 11.95
CA ALA C 1002 32.79 0.80 12.08
C ALA C 1002 33.08 1.11 13.53
N ALA C 1003 32.07 1.05 14.39
CA ALA C 1003 32.28 1.30 15.81
C ALA C 1003 33.24 0.29 16.40
N GLU C 1004 33.29 -0.92 15.85
CA GLU C 1004 34.32 -1.86 16.27
C GLU C 1004 35.68 -1.40 15.79
N ILE C 1005 35.81 -1.11 14.50
CA ILE C 1005 37.07 -0.59 13.97
C ILE C 1005 37.49 0.65 14.73
N ARG C 1006 36.54 1.56 14.96
CA ARG C 1006 36.83 2.75 15.75
C ARG C 1006 37.44 2.38 17.09
N ALA C 1007 36.99 1.28 17.69
CA ALA C 1007 37.60 0.82 18.92
C ALA C 1007 38.97 0.22 18.66
N SER C 1008 39.10 -0.57 17.59
CA SER C 1008 40.39 -1.15 17.26
C SER C 1008 41.39 -0.07 16.87
N ALA C 1009 40.92 0.98 16.19
CA ALA C 1009 41.82 2.06 15.80
C ALA C 1009 42.47 2.69 17.02
N ASN C 1010 41.68 2.98 18.05
CA ASN C 1010 42.23 3.55 19.26
C ASN C 1010 43.24 2.61 19.90
N LEU C 1011 42.97 1.31 19.87
CA LEU C 1011 43.93 0.36 20.38
C LEU C 1011 45.26 0.49 19.65
N ALA C 1012 45.21 0.65 18.34
CA ALA C 1012 46.44 0.91 17.59
C ALA C 1012 47.05 2.23 18.03
N ALA C 1013 46.29 3.31 17.90
CA ALA C 1013 46.79 4.63 18.29
C ALA C 1013 47.31 4.63 19.71
N THR C 1014 46.75 3.79 20.56
CA THR C 1014 47.31 3.65 21.90
C THR C 1014 48.65 2.95 21.85
N LYS C 1015 48.72 1.81 21.17
CA LYS C 1015 49.99 1.12 21.03
C LYS C 1015 51.01 1.98 20.32
N MET C 1016 50.62 2.55 19.17
CA MET C 1016 51.53 3.39 18.41
C MET C 1016 52.13 4.47 19.30
N SER C 1017 51.31 5.09 20.14
CA SER C 1017 51.83 6.12 21.02
C SER C 1017 52.65 5.51 22.14
N GLU C 1018 52.08 4.55 22.86
CA GLU C 1018 52.77 4.04 24.04
C GLU C 1018 53.87 3.06 23.66
N CYS C 1019 53.55 2.10 22.80
CA CYS C 1019 54.47 1.01 22.55
C CYS C 1019 55.60 1.46 21.62
N VAL C 1020 55.25 1.89 20.40
CA VAL C 1020 56.26 2.36 19.46
C VAL C 1020 56.96 3.60 19.99
N LEU C 1021 56.22 4.68 20.21
CA LEU C 1021 56.87 5.95 20.54
C LEU C 1021 57.50 5.94 21.90
N GLY C 1022 56.91 5.25 22.88
CA GLY C 1022 57.53 5.14 24.18
C GLY C 1022 58.01 3.74 24.44
N GLN C 1023 58.11 3.38 25.71
CA GLN C 1023 58.29 1.99 26.12
C GLN C 1023 57.19 1.67 27.12
N SER C 1024 56.50 0.57 26.89
CA SER C 1024 55.31 0.26 27.67
C SER C 1024 55.67 -0.51 28.93
N LYS C 1025 55.12 -0.08 30.05
CA LYS C 1025 55.20 -0.81 31.31
C LYS C 1025 53.98 -1.68 31.55
N ARG C 1026 53.03 -1.69 30.61
CA ARG C 1026 51.79 -2.43 30.79
C ARG C 1026 52.04 -3.87 30.37
N VAL C 1027 51.88 -4.79 31.31
CA VAL C 1027 52.25 -6.18 31.04
C VAL C 1027 51.34 -6.75 29.97
N ASP C 1028 51.96 -7.32 28.93
CA ASP C 1028 51.27 -8.01 27.85
C ASP C 1028 50.28 -7.11 27.13
N PHE C 1029 50.49 -5.80 27.19
CA PHE C 1029 49.78 -4.92 26.28
C PHE C 1029 50.47 -4.89 24.93
N CYS C 1030 51.79 -4.89 24.91
CA CYS C 1030 52.58 -4.96 23.70
C CYS C 1030 52.87 -6.38 23.27
N GLY C 1031 52.29 -7.37 23.92
CA GLY C 1031 52.61 -8.74 23.57
C GLY C 1031 53.50 -9.39 24.61
N LYS C 1032 53.40 -10.71 24.66
CA LYS C 1032 53.96 -11.48 25.77
C LYS C 1032 55.44 -11.17 25.99
N GLY C 1033 55.80 -10.95 27.24
CA GLY C 1033 57.17 -10.68 27.63
C GLY C 1033 57.34 -9.23 28.03
N TYR C 1034 58.50 -8.97 28.64
CA TYR C 1034 58.90 -7.60 28.89
C TYR C 1034 59.18 -6.92 27.57
N HIS C 1035 58.66 -5.72 27.39
CA HIS C 1035 58.69 -5.05 26.10
C HIS C 1035 59.90 -4.15 25.97
N LEU C 1036 60.58 -4.24 24.83
CA LEU C 1036 61.69 -3.34 24.56
C LEU C 1036 61.27 -2.24 23.60
N MET C 1037 60.93 -2.59 22.37
CA MET C 1037 60.53 -1.58 21.40
C MET C 1037 59.59 -2.22 20.40
N SER C 1038 58.88 -1.38 19.66
CA SER C 1038 57.97 -1.87 18.65
C SER C 1038 58.21 -1.17 17.33
N PHE C 1039 58.01 -1.90 16.25
CA PHE C 1039 58.23 -1.41 14.90
C PHE C 1039 56.92 -1.44 14.15
N PRO C 1040 56.32 -0.30 13.83
CA PRO C 1040 55.08 -0.33 13.08
C PRO C 1040 55.35 -0.72 11.64
N GLN C 1041 54.38 -1.42 11.05
CA GLN C 1041 54.44 -1.76 9.64
C GLN C 1041 53.03 -1.65 9.09
N SER C 1042 52.90 -1.02 7.93
CA SER C 1042 51.57 -0.84 7.37
C SER C 1042 51.10 -2.12 6.71
N ALA C 1043 49.78 -2.29 6.69
CA ALA C 1043 49.14 -3.38 5.98
C ALA C 1043 47.80 -2.87 5.49
N PRO C 1044 47.24 -3.47 4.44
CA PRO C 1044 46.08 -2.83 3.80
C PRO C 1044 44.95 -2.63 4.78
N HIS C 1045 44.49 -1.39 4.90
CA HIS C 1045 43.44 -1.04 5.84
C HIS C 1045 43.75 -1.57 7.23
N GLY C 1046 45.00 -1.49 7.63
CA GLY C 1046 45.39 -2.02 8.92
C GLY C 1046 46.79 -1.59 9.26
N VAL C 1047 47.31 -2.13 10.36
CA VAL C 1047 48.67 -1.86 10.77
C VAL C 1047 49.20 -3.10 11.48
N VAL C 1048 50.51 -3.31 11.39
CA VAL C 1048 51.16 -4.47 11.96
C VAL C 1048 52.36 -4.01 12.76
N PHE C 1049 52.43 -4.43 14.01
CA PHE C 1049 53.51 -4.07 14.91
C PHE C 1049 54.45 -5.25 15.06
N LEU C 1050 55.74 -4.98 15.08
CA LEU C 1050 56.73 -5.98 15.43
C LEU C 1050 57.23 -5.63 16.81
N HIS C 1051 56.82 -6.41 17.80
CA HIS C 1051 57.17 -6.11 19.18
C HIS C 1051 58.44 -6.86 19.52
N VAL C 1052 59.50 -6.12 19.85
CA VAL C 1052 60.75 -6.74 20.26
C VAL C 1052 60.70 -6.85 21.77
N THR C 1053 60.60 -8.07 22.28
CA THR C 1053 60.34 -8.29 23.68
C THR C 1053 61.46 -9.13 24.29
N TYR C 1054 61.55 -9.06 25.60
CA TYR C 1054 62.62 -9.67 26.37
C TYR C 1054 62.04 -10.81 27.19
N VAL C 1055 62.36 -12.04 26.83
CA VAL C 1055 61.81 -13.21 27.51
C VAL C 1055 62.96 -13.96 28.19
N PRO C 1056 62.96 -14.10 29.51
CA PRO C 1056 64.02 -14.85 30.17
C PRO C 1056 63.94 -16.34 29.84
N ALA C 1057 65.07 -17.03 30.05
CA ALA C 1057 65.15 -18.41 29.62
C ALA C 1057 65.49 -19.40 30.72
N GLN C 1058 66.76 -19.45 31.12
CA GLN C 1058 67.29 -20.58 31.87
C GLN C 1058 67.29 -20.26 33.36
N GLU C 1059 66.76 -21.16 34.15
CA GLU C 1059 66.55 -20.96 35.57
C GLU C 1059 67.57 -21.75 36.38
N LYS C 1060 67.83 -21.30 37.60
CA LYS C 1060 68.51 -22.15 38.62
C LYS C 1060 67.72 -22.12 39.93
N ASN C 1061 67.59 -23.29 40.56
CA ASN C 1061 67.04 -23.37 41.95
C ASN C 1061 68.01 -22.67 42.91
N PHE C 1062 67.59 -21.55 43.50
CA PHE C 1062 68.41 -20.88 44.53
C PHE C 1062 67.67 -20.93 45.87
N THR C 1063 68.42 -21.10 46.96
CA THR C 1063 67.95 -20.78 48.30
C THR C 1063 68.06 -19.28 48.49
N THR C 1064 66.99 -18.68 48.98
CA THR C 1064 66.93 -17.24 49.14
C THR C 1064 66.63 -16.88 50.59
N ALA C 1065 66.89 -15.62 50.94
CA ALA C 1065 66.50 -15.10 52.22
C ALA C 1065 66.06 -13.66 52.02
N PRO C 1066 65.01 -13.22 52.71
CA PRO C 1066 64.55 -11.84 52.54
C PRO C 1066 65.49 -10.81 53.14
N ALA C 1067 66.37 -11.21 54.05
CA ALA C 1067 67.20 -10.26 54.75
C ALA C 1067 68.41 -10.98 55.30
N ILE C 1068 69.40 -10.22 55.72
CA ILE C 1068 70.61 -10.80 56.30
C ILE C 1068 70.98 -10.05 57.57
N CYS C 1069 71.00 -10.75 58.69
CA CYS C 1069 71.58 -10.18 59.91
C CYS C 1069 73.07 -10.01 59.73
N HIS C 1070 73.58 -8.84 60.09
CA HIS C 1070 75.03 -8.77 60.16
C HIS C 1070 75.46 -8.67 61.61
N ASP C 1071 75.32 -7.48 62.18
CA ASP C 1071 75.66 -7.27 63.57
C ASP C 1071 74.46 -7.40 64.49
N GLY C 1072 73.33 -7.83 63.95
CA GLY C 1072 72.05 -7.69 64.60
C GLY C 1072 71.19 -6.66 63.93
N LYS C 1073 71.79 -5.75 63.18
CA LYS C 1073 71.03 -5.00 62.21
C LYS C 1073 70.58 -5.93 61.10
N ALA C 1074 69.57 -5.49 60.36
CA ALA C 1074 69.11 -6.23 59.20
C ALA C 1074 69.55 -5.48 57.96
N HIS C 1075 69.90 -6.22 56.91
CA HIS C 1075 70.30 -5.63 55.64
C HIS C 1075 69.33 -6.10 54.56
N PHE C 1076 68.71 -5.15 53.88
CA PHE C 1076 67.84 -5.64 52.84
C PHE C 1076 68.39 -5.22 51.48
N PRO C 1077 68.15 -6.00 50.43
CA PRO C 1077 68.69 -5.64 49.13
C PRO C 1077 68.14 -4.31 48.67
N ARG C 1078 69.02 -3.40 48.25
CA ARG C 1078 68.54 -2.13 47.74
C ARG C 1078 67.69 -2.32 46.50
N GLU C 1079 68.18 -3.12 45.56
CA GLU C 1079 67.44 -3.47 44.36
C GLU C 1079 67.73 -4.92 44.04
N GLY C 1080 66.70 -5.67 43.67
CA GLY C 1080 66.85 -7.09 43.51
C GLY C 1080 66.71 -7.79 44.85
N VAL C 1081 67.33 -8.97 44.94
CA VAL C 1081 67.18 -9.81 46.13
C VAL C 1081 68.46 -10.57 46.43
N PHE C 1082 68.51 -11.08 47.66
CA PHE C 1082 69.56 -11.98 48.10
C PHE C 1082 69.29 -13.37 47.57
N VAL C 1083 70.35 -14.06 47.18
CA VAL C 1083 70.28 -15.49 46.90
C VAL C 1083 71.58 -16.11 47.35
N SER C 1084 71.60 -17.44 47.45
CA SER C 1084 72.82 -18.15 47.90
C SER C 1084 73.03 -19.45 47.10
N ASN C 1085 74.04 -19.48 46.23
CA ASN C 1085 74.35 -20.72 45.46
C ASN C 1085 74.76 -21.81 46.45
N GLY C 1086 75.57 -21.47 47.45
CA GLY C 1086 76.01 -22.43 48.48
C GLY C 1086 76.07 -21.75 49.82
N THR C 1087 77.27 -21.35 50.27
CA THR C 1087 77.34 -20.55 51.53
C THR C 1087 77.30 -19.05 51.20
N HIS C 1088 77.96 -18.61 50.13
CA HIS C 1088 78.08 -17.15 49.84
C HIS C 1088 76.76 -16.51 49.38
N TRP C 1089 76.09 -15.78 50.29
CA TRP C 1089 74.85 -15.01 49.99
C TRP C 1089 75.16 -13.95 48.92
N PHE C 1090 74.48 -14.03 47.78
CA PHE C 1090 74.64 -13.12 46.67
C PHE C 1090 73.41 -12.27 46.52
N VAL C 1091 73.61 -10.98 46.51
CA VAL C 1091 72.58 -10.06 46.06
C VAL C 1091 72.64 -9.98 44.55
N THR C 1092 71.48 -9.88 43.91
CA THR C 1092 71.48 -9.79 42.46
C THR C 1092 70.20 -9.13 42.01
N GLN C 1093 70.22 -8.67 40.76
CA GLN C 1093 69.03 -8.12 40.15
C GLN C 1093 68.03 -9.23 39.86
N ARG C 1094 66.77 -8.84 39.75
CA ARG C 1094 65.70 -9.83 39.75
C ARG C 1094 65.66 -10.62 38.45
N ASN C 1095 65.59 -9.94 37.31
CA ASN C 1095 65.22 -10.59 36.05
C ASN C 1095 66.41 -11.14 35.28
N PHE C 1096 67.61 -11.07 35.82
CA PHE C 1096 68.76 -11.69 35.18
C PHE C 1096 69.74 -12.04 36.29
N TYR C 1097 70.49 -13.11 36.10
CA TYR C 1097 71.36 -13.61 37.15
C TYR C 1097 72.74 -13.00 36.97
N GLU C 1098 73.11 -12.12 37.89
CA GLU C 1098 74.44 -11.54 37.93
C GLU C 1098 74.85 -11.46 39.38
N PRO C 1099 75.37 -12.54 39.93
CA PRO C 1099 75.68 -12.56 41.36
C PRO C 1099 76.74 -11.53 41.71
N GLN C 1100 76.60 -10.92 42.87
CA GLN C 1100 77.50 -9.88 43.31
C GLN C 1100 77.75 -10.03 44.80
N ILE C 1101 79.01 -9.88 45.19
CA ILE C 1101 79.33 -9.92 46.61
C ILE C 1101 78.54 -8.87 47.34
N ILE C 1102 78.08 -9.18 48.54
CA ILE C 1102 77.19 -8.31 49.28
C ILE C 1102 78.01 -7.28 50.03
N THR C 1103 77.77 -6.01 49.73
CA THR C 1103 78.40 -4.92 50.44
C THR C 1103 77.34 -3.91 50.80
N THR C 1104 77.66 -3.05 51.76
CA THR C 1104 76.69 -2.08 52.24
C THR C 1104 76.15 -1.20 51.14
N ASP C 1105 76.88 -1.04 50.04
CA ASP C 1105 76.34 -0.27 48.94
C ASP C 1105 75.27 -1.05 48.18
N ASN C 1106 75.12 -2.34 48.46
CA ASN C 1106 74.01 -3.09 47.88
C ASN C 1106 72.81 -3.16 48.80
N THR C 1107 72.94 -2.75 50.05
CA THR C 1107 71.91 -3.02 51.04
C THR C 1107 71.74 -1.84 51.98
N PHE C 1108 70.49 -1.53 52.31
CA PHE C 1108 70.18 -0.52 53.30
C PHE C 1108 69.74 -1.19 54.58
N VAL C 1109 70.13 -0.63 55.69
CA VAL C 1109 69.83 -1.21 56.99
C VAL C 1109 68.44 -0.78 57.44
N SER C 1110 67.73 -1.66 58.12
CA SER C 1110 66.45 -1.29 58.71
C SER C 1110 66.18 -2.16 59.93
N GLY C 1111 65.56 -1.55 60.94
CA GLY C 1111 65.15 -2.28 62.12
C GLY C 1111 66.28 -3.07 62.73
N ASN C 1112 65.97 -4.29 63.17
CA ASN C 1112 66.97 -5.24 63.62
C ASN C 1112 66.39 -6.64 63.44
N CYS C 1113 67.09 -7.64 63.96
CA CYS C 1113 66.88 -9.01 63.51
C CYS C 1113 65.58 -9.65 63.98
N ASP C 1114 65.21 -9.49 65.25
CA ASP C 1114 64.21 -10.36 65.85
C ASP C 1114 62.87 -10.36 65.12
N VAL C 1115 62.63 -9.43 64.22
CA VAL C 1115 61.32 -9.29 63.57
C VAL C 1115 61.28 -10.06 62.26
N VAL C 1116 62.13 -9.68 61.31
CA VAL C 1116 62.00 -10.19 59.95
C VAL C 1116 62.00 -11.70 59.94
N ILE C 1117 60.97 -12.28 59.33
CA ILE C 1117 60.86 -13.73 59.25
C ILE C 1117 61.89 -14.27 58.26
N GLY C 1118 62.57 -15.33 58.65
CA GLY C 1118 63.45 -15.99 57.72
C GLY C 1118 64.75 -15.27 57.43
N ILE C 1119 65.11 -14.28 58.22
CA ILE C 1119 66.40 -13.64 58.04
C ILE C 1119 67.50 -14.64 58.39
N VAL C 1120 68.64 -14.52 57.72
CA VAL C 1120 69.71 -15.50 57.86
C VAL C 1120 71.00 -14.80 58.24
N ASN C 1121 71.94 -15.57 58.79
CA ASN C 1121 73.23 -15.02 59.14
C ASN C 1121 74.11 -14.90 57.91
N ASN C 1122 74.96 -13.88 57.93
CA ASN C 1122 76.06 -13.73 56.98
C ASN C 1122 76.89 -12.54 57.46
N THR C 1123 77.94 -12.25 56.71
CA THR C 1123 78.76 -11.07 56.95
C THR C 1123 78.70 -10.21 55.70
N VAL C 1124 78.19 -9.00 55.84
CA VAL C 1124 78.08 -8.08 54.71
C VAL C 1124 79.39 -7.32 54.61
N TYR C 1125 80.12 -7.58 53.53
CA TYR C 1125 81.43 -7.01 53.36
C TYR C 1125 81.36 -5.49 53.30
N ASP C 1126 82.38 -4.84 53.82
CA ASP C 1126 82.44 -3.38 53.77
C ASP C 1126 83.35 -2.93 52.65
N PRO C 1127 82.89 -2.05 51.77
CA PRO C 1127 83.83 -1.40 50.85
C PRO C 1127 84.89 -0.62 51.59
N LEU C 1128 84.50 0.11 52.63
CA LEU C 1128 85.39 1.08 53.24
C LEU C 1128 86.47 0.42 54.09
N GLN C 1129 86.08 -0.50 54.97
CA GLN C 1129 86.99 -1.15 55.91
C GLN C 1129 88.33 -1.55 55.32
N PRO C 1130 88.41 -2.24 54.18
CA PRO C 1130 89.73 -2.57 53.64
C PRO C 1130 90.52 -1.35 53.24
N GLU C 1131 89.84 -0.36 52.66
CA GLU C 1131 90.52 0.87 52.25
C GLU C 1131 91.29 1.48 53.41
N LEU C 1132 90.80 1.27 54.63
CA LEU C 1132 91.43 1.89 55.79
C LEU C 1132 92.89 1.49 55.93
N ASP C 1133 93.15 0.20 56.17
CA ASP C 1133 94.20 -0.18 57.12
C ASP C 1133 95.51 0.55 56.86
N SER C 1134 95.79 0.91 55.63
CA SER C 1134 96.95 1.74 55.40
C SER C 1134 96.64 3.16 55.85
N ILE D 1 -17.75 -18.87 -80.28
CA ILE D 1 -17.54 -19.60 -81.53
C ILE D 1 -18.03 -18.74 -82.69
N VAL D 2 -18.93 -19.32 -83.49
CA VAL D 2 -19.67 -18.61 -84.52
C VAL D 2 -21.11 -19.10 -84.43
N LEU D 3 -22.06 -18.20 -84.68
CA LEU D 3 -23.45 -18.60 -84.59
C LEU D 3 -24.18 -18.22 -85.87
N THR D 4 -25.36 -18.80 -86.02
CA THR D 4 -26.29 -18.47 -87.10
C THR D 4 -27.64 -18.19 -86.45
N GLN D 5 -28.50 -17.49 -87.18
CA GLN D 5 -29.88 -17.34 -86.76
C GLN D 5 -30.80 -17.73 -87.91
N SER D 6 -32.06 -17.99 -87.57
CA SER D 6 -33.10 -18.11 -88.60
C SER D 6 -33.13 -16.79 -89.35
N PRO D 7 -33.09 -16.80 -90.69
CA PRO D 7 -32.76 -15.55 -91.40
C PRO D 7 -33.74 -14.40 -91.16
N THR D 8 -35.05 -14.67 -91.32
CA THR D 8 -36.09 -13.66 -91.23
C THR D 8 -37.40 -14.36 -90.92
N LEU D 9 -38.40 -13.57 -90.54
CA LEU D 9 -39.78 -14.00 -90.61
C LEU D 9 -40.61 -12.92 -91.29
N SER D 10 -41.64 -13.36 -92.00
CA SER D 10 -42.66 -12.48 -92.55
C SER D 10 -44.02 -13.01 -92.10
N LEU D 11 -44.70 -12.23 -91.28
CA LEU D 11 -45.78 -12.74 -90.45
C LEU D 11 -46.86 -11.67 -90.32
N SER D 12 -47.79 -11.87 -89.40
CA SER D 12 -48.87 -10.94 -89.14
C SER D 12 -48.99 -10.73 -87.64
N PRO D 13 -49.66 -9.66 -87.21
CA PRO D 13 -49.85 -9.44 -85.76
C PRO D 13 -50.63 -10.58 -85.12
N GLY D 14 -50.52 -10.67 -83.80
CA GLY D 14 -51.14 -11.75 -83.08
C GLY D 14 -50.61 -13.12 -83.41
N GLU D 15 -49.34 -13.23 -83.78
CA GLU D 15 -48.76 -14.49 -84.21
C GLU D 15 -47.48 -14.76 -83.43
N ARG D 16 -46.99 -15.98 -83.51
CA ARG D 16 -45.74 -16.33 -82.87
C ARG D 16 -44.58 -16.14 -83.84
N ALA D 17 -43.52 -15.49 -83.36
CA ALA D 17 -42.30 -15.34 -84.12
C ALA D 17 -41.21 -16.18 -83.48
N THR D 18 -40.82 -17.25 -84.16
CA THR D 18 -39.81 -18.20 -83.66
C THR D 18 -38.49 -17.91 -84.36
N LEU D 19 -37.50 -17.53 -83.58
CA LEU D 19 -36.20 -17.18 -84.12
C LEU D 19 -35.13 -18.08 -83.52
N SER D 20 -34.47 -18.83 -84.38
CA SER D 20 -33.36 -19.67 -83.96
C SER D 20 -32.13 -18.79 -83.82
N CYS D 21 -31.34 -19.06 -82.77
CA CYS D 21 -29.94 -18.63 -82.75
C CYS D 21 -29.11 -19.90 -82.79
N ARG D 22 -28.48 -20.16 -83.92
CA ARG D 22 -27.85 -21.44 -84.18
C ARG D 22 -26.34 -21.26 -84.10
N ALA D 23 -25.75 -21.79 -83.05
CA ALA D 23 -24.33 -21.58 -82.80
C ALA D 23 -23.52 -22.73 -83.40
N SER D 24 -22.48 -22.37 -84.13
CA SER D 24 -21.52 -23.38 -84.55
C SER D 24 -20.65 -23.76 -83.36
N GLU D 25 -20.01 -24.93 -83.46
CA GLU D 25 -19.17 -25.51 -82.39
C GLU D 25 -20.02 -25.64 -81.13
N SER D 26 -19.67 -24.96 -80.04
CA SER D 26 -20.22 -25.25 -78.73
C SER D 26 -21.71 -24.99 -78.69
N VAL D 27 -22.38 -25.70 -77.78
CA VAL D 27 -23.80 -25.54 -77.53
C VAL D 27 -23.95 -24.89 -76.15
N ASP D 28 -24.36 -23.63 -76.14
CA ASP D 28 -24.82 -22.95 -74.92
C ASP D 28 -23.75 -23.04 -73.84
N ASN D 29 -24.00 -23.69 -72.72
CA ASN D 29 -23.22 -23.49 -71.50
C ASN D 29 -22.99 -24.81 -70.80
N TYR D 30 -21.87 -24.87 -70.08
CA TYR D 30 -21.63 -25.90 -69.08
C TYR D 30 -22.44 -25.66 -67.82
N GLY D 31 -22.71 -24.40 -67.51
CA GLY D 31 -23.66 -24.09 -66.46
C GLY D 31 -25.05 -24.16 -67.04
N ILE D 32 -25.11 -24.58 -68.31
CA ILE D 32 -26.34 -24.98 -68.97
C ILE D 32 -27.19 -23.76 -69.33
N SER D 33 -26.76 -22.56 -68.92
CA SER D 33 -27.50 -21.35 -69.29
C SER D 33 -26.53 -20.34 -69.90
N PHE D 34 -26.66 -20.11 -71.20
CA PHE D 34 -25.92 -19.11 -71.99
C PHE D 34 -26.66 -18.79 -73.27
N MET D 35 -25.92 -18.18 -74.18
CA MET D 35 -26.32 -17.34 -75.30
C MET D 35 -27.12 -16.18 -74.74
N ASN D 36 -28.14 -15.74 -75.48
CA ASN D 36 -28.67 -14.39 -75.35
C ASN D 36 -29.75 -14.10 -76.37
N TRP D 37 -30.41 -12.95 -76.23
CA TRP D 37 -31.17 -12.35 -77.31
C TRP D 37 -31.09 -10.84 -77.21
N PHE D 38 -31.09 -10.20 -78.37
CA PHE D 38 -30.89 -8.77 -78.50
C PHE D 38 -31.73 -8.24 -79.64
N GLN D 39 -32.22 -7.03 -79.51
CA GLN D 39 -32.91 -6.39 -80.60
C GLN D 39 -32.23 -5.08 -80.91
N GLN D 40 -32.14 -4.77 -82.20
CA GLN D 40 -31.70 -3.45 -82.62
C GLN D 40 -32.84 -2.81 -83.42
N LYS D 41 -33.40 -1.75 -82.87
CA LYS D 41 -34.33 -0.95 -83.64
C LYS D 41 -33.62 -0.41 -84.87
N PRO D 42 -34.27 -0.39 -86.03
CA PRO D 42 -33.58 0.04 -87.25
C PRO D 42 -33.10 1.48 -87.15
N GLY D 43 -31.83 1.68 -87.52
CA GLY D 43 -31.22 2.98 -87.36
C GLY D 43 -31.18 3.44 -85.91
N GLN D 44 -30.82 2.55 -85.01
CA GLN D 44 -30.94 2.81 -83.58
C GLN D 44 -29.97 1.89 -82.86
N ALA D 45 -29.66 2.26 -81.61
CA ALA D 45 -28.76 1.47 -80.78
C ALA D 45 -29.35 0.09 -80.57
N PRO D 46 -28.54 -0.96 -80.61
CA PRO D 46 -29.05 -2.29 -80.26
C PRO D 46 -29.57 -2.28 -78.83
N ARG D 47 -30.36 -3.27 -78.51
CA ARG D 47 -30.90 -3.36 -77.16
C ARG D 47 -31.04 -4.83 -76.80
N LEU D 48 -30.88 -5.11 -75.51
CA LEU D 48 -31.05 -6.46 -75.01
C LEU D 48 -32.46 -6.96 -75.33
N LEU D 49 -32.55 -8.26 -75.53
CA LEU D 49 -33.83 -8.92 -75.36
C LEU D 49 -33.75 -9.86 -74.18
N ILE D 50 -33.10 -10.99 -74.37
CA ILE D 50 -33.03 -11.99 -73.31
C ILE D 50 -31.57 -12.39 -73.17
N TYR D 51 -31.12 -12.56 -71.94
CA TYR D 51 -29.81 -13.14 -71.72
C TYR D 51 -29.98 -14.59 -71.26
N ALA D 52 -29.20 -15.48 -71.86
CA ALA D 52 -29.34 -16.92 -71.69
C ALA D 52 -30.73 -17.39 -72.11
N ALA D 53 -31.42 -16.60 -72.92
CA ALA D 53 -32.59 -17.00 -73.70
C ALA D 53 -33.79 -17.35 -72.82
N SER D 54 -33.56 -17.58 -71.53
CA SER D 54 -34.57 -18.06 -70.59
C SER D 54 -35.18 -16.98 -69.71
N ASN D 55 -34.79 -15.72 -69.87
CA ASN D 55 -34.57 -14.92 -68.68
C ASN D 55 -34.90 -13.46 -68.97
N GLN D 56 -34.43 -12.57 -68.09
CA GLN D 56 -34.73 -11.15 -67.98
C GLN D 56 -36.18 -10.86 -67.59
N GLY D 57 -36.83 -9.87 -68.22
CA GLY D 57 -37.73 -9.06 -67.45
C GLY D 57 -37.94 -7.63 -67.94
N SER D 58 -38.24 -6.76 -66.97
CA SER D 58 -38.61 -5.37 -67.24
C SER D 58 -37.63 -4.71 -68.19
N GLY D 59 -38.16 -3.92 -69.12
CA GLY D 59 -37.41 -3.44 -70.26
C GLY D 59 -37.49 -4.38 -71.43
N ILE D 60 -37.81 -5.64 -71.19
CA ILE D 60 -38.04 -6.62 -72.24
C ILE D 60 -39.51 -7.03 -72.11
N PRO D 61 -40.37 -6.65 -73.05
CA PRO D 61 -41.79 -6.94 -72.89
C PRO D 61 -42.07 -8.43 -72.85
N SER D 62 -43.23 -8.79 -72.30
CA SER D 62 -43.59 -10.20 -72.15
C SER D 62 -43.67 -10.94 -73.46
N ARG D 63 -44.00 -10.25 -74.55
CA ARG D 63 -44.01 -10.91 -75.85
C ARG D 63 -42.68 -11.55 -76.17
N PHE D 64 -41.58 -11.03 -75.63
CA PHE D 64 -40.32 -11.77 -75.69
C PHE D 64 -40.33 -12.84 -74.62
N SER D 65 -40.23 -14.09 -75.06
CA SER D 65 -40.09 -15.24 -74.19
C SER D 65 -39.47 -16.33 -75.04
N GLY D 66 -38.96 -17.35 -74.38
CA GLY D 66 -38.44 -18.47 -75.11
C GLY D 66 -37.34 -19.15 -74.32
N SER D 67 -36.52 -19.90 -75.06
CA SER D 67 -35.46 -20.70 -74.48
C SER D 67 -34.43 -20.94 -75.58
N GLY D 68 -33.51 -21.86 -75.32
CA GLY D 68 -32.62 -22.30 -76.37
C GLY D 68 -32.28 -23.75 -76.13
N SER D 69 -31.90 -24.42 -77.21
CA SER D 69 -31.72 -25.86 -77.20
C SER D 69 -30.37 -26.19 -77.82
N GLY D 70 -29.49 -26.72 -77.00
CA GLY D 70 -28.12 -26.92 -77.43
C GLY D 70 -27.58 -25.60 -77.97
N THR D 71 -27.07 -25.66 -79.19
CA THR D 71 -26.65 -24.47 -79.92
C THR D 71 -27.81 -23.53 -80.19
N ASP D 72 -28.95 -24.06 -80.62
CA ASP D 72 -30.08 -23.26 -81.06
C ASP D 72 -30.71 -22.55 -79.88
N PHE D 73 -31.03 -21.27 -80.11
CA PHE D 73 -31.79 -20.48 -79.16
C PHE D 73 -33.09 -20.04 -79.81
N SER D 74 -34.17 -20.12 -79.04
CA SER D 74 -35.49 -19.77 -79.53
C SER D 74 -35.84 -18.37 -79.03
N LEU D 75 -35.87 -17.41 -79.93
CA LEU D 75 -36.45 -16.11 -79.63
C LEU D 75 -37.89 -16.19 -80.11
N THR D 76 -38.82 -16.19 -79.15
CA THR D 76 -40.22 -16.50 -79.43
C THR D 76 -41.08 -15.30 -79.03
N ILE D 77 -41.68 -14.64 -80.01
CA ILE D 77 -42.61 -13.56 -79.75
C ILE D 77 -44.00 -14.01 -80.19
N SER D 78 -44.86 -14.29 -79.22
CA SER D 78 -46.28 -14.42 -79.50
C SER D 78 -46.92 -13.04 -79.57
N SER D 79 -48.02 -12.95 -80.32
CA SER D 79 -48.78 -11.70 -80.45
C SER D 79 -47.91 -10.58 -81.00
N LEU D 80 -47.55 -10.74 -82.28
CA LEU D 80 -46.70 -9.78 -82.95
C LEU D 80 -47.38 -8.41 -83.06
N GLU D 81 -46.57 -7.38 -83.21
CA GLU D 81 -47.07 -6.06 -83.49
C GLU D 81 -46.27 -5.43 -84.61
N PRO D 82 -46.91 -4.71 -85.53
CA PRO D 82 -46.15 -4.01 -86.58
C PRO D 82 -45.28 -2.89 -86.05
N GLU D 83 -45.54 -2.42 -84.84
CA GLU D 83 -44.67 -1.43 -84.22
C GLU D 83 -43.44 -2.08 -83.58
N ASP D 84 -43.55 -3.31 -83.12
CA ASP D 84 -42.57 -3.88 -82.19
C ASP D 84 -41.48 -4.71 -82.85
N PHE D 85 -41.52 -4.92 -84.17
CA PHE D 85 -40.52 -5.79 -84.79
C PHE D 85 -39.33 -4.96 -85.24
N ALA D 86 -38.12 -5.46 -84.95
CA ALA D 86 -36.88 -4.86 -85.39
C ALA D 86 -35.83 -5.95 -85.39
N VAL D 87 -34.70 -5.69 -86.06
CA VAL D 87 -33.69 -6.73 -86.21
C VAL D 87 -33.32 -7.30 -84.84
N TYR D 88 -33.32 -8.62 -84.76
CA TYR D 88 -33.10 -9.33 -83.51
C TYR D 88 -31.73 -10.00 -83.52
N PHE D 89 -31.08 -9.98 -82.37
CA PHE D 89 -29.74 -10.52 -82.23
C PHE D 89 -29.69 -11.48 -81.06
N CYS D 90 -28.63 -12.27 -81.02
CA CYS D 90 -28.27 -13.09 -79.89
C CYS D 90 -26.77 -12.95 -79.71
N GLN D 91 -26.26 -13.44 -78.59
CA GLN D 91 -24.82 -13.51 -78.40
C GLN D 91 -24.39 -14.91 -78.05
N GLN D 92 -23.25 -15.32 -78.57
CA GLN D 92 -22.48 -16.33 -77.89
C GLN D 92 -21.78 -15.74 -76.66
N SER D 93 -21.37 -16.63 -75.77
CA SER D 93 -20.49 -16.28 -74.68
C SER D 93 -19.64 -17.51 -74.38
N LYS D 94 -18.74 -17.38 -73.40
CA LYS D 94 -17.97 -18.49 -72.85
C LYS D 94 -16.90 -19.00 -73.80
N GLU D 95 -16.96 -18.60 -75.06
CA GLU D 95 -15.93 -18.91 -76.04
C GLU D 95 -15.78 -17.73 -76.98
N VAL D 96 -14.54 -17.44 -77.37
CA VAL D 96 -14.26 -16.48 -78.44
C VAL D 96 -14.63 -15.11 -77.88
N PRO D 97 -14.20 -14.00 -78.46
CA PRO D 97 -14.93 -12.77 -78.21
C PRO D 97 -16.40 -13.03 -78.50
N ARG D 98 -17.26 -12.65 -77.55
CA ARG D 98 -18.58 -13.26 -77.43
C ARG D 98 -19.42 -13.06 -78.67
N ILE D 99 -18.99 -12.15 -79.55
CA ILE D 99 -19.62 -11.78 -80.80
C ILE D 99 -21.11 -11.54 -80.60
N PHE D 100 -21.91 -11.95 -81.55
CA PHE D 100 -23.31 -11.56 -81.60
C PHE D 100 -24.04 -12.47 -82.56
N GLY D 101 -25.36 -12.26 -82.65
CA GLY D 101 -26.13 -12.84 -83.71
C GLY D 101 -25.86 -12.12 -85.01
N GLN D 102 -25.91 -12.87 -86.10
CA GLN D 102 -25.85 -12.26 -87.42
C GLN D 102 -27.01 -11.30 -87.65
N GLY D 103 -28.03 -11.34 -86.81
CA GLY D 103 -29.18 -10.48 -86.88
C GLY D 103 -30.36 -11.15 -87.54
N THR D 104 -31.56 -10.83 -87.08
CA THR D 104 -32.76 -11.37 -87.70
C THR D 104 -33.88 -10.36 -87.53
N LYS D 105 -34.71 -10.21 -88.56
CA LYS D 105 -35.84 -9.31 -88.54
C LYS D 105 -37.11 -10.05 -88.95
N VAL D 106 -38.18 -9.81 -88.20
CA VAL D 106 -39.48 -10.41 -88.51
C VAL D 106 -40.34 -9.36 -89.18
N GLU D 107 -40.60 -9.55 -90.47
CA GLU D 107 -41.57 -8.72 -91.17
C GLU D 107 -42.96 -9.04 -90.66
N ILE D 108 -43.88 -8.10 -90.89
CA ILE D 108 -45.29 -8.29 -90.55
C ILE D 108 -46.14 -7.78 -91.70
N LEU D 109 -46.99 -8.66 -92.21
CA LEU D 109 -47.93 -8.37 -93.28
C LEU D 109 -49.14 -7.66 -92.70
N LYS D 110 -50.21 -7.56 -93.51
CA LYS D 110 -51.47 -6.89 -93.20
C LYS D 110 -51.28 -5.39 -93.37
N ARG D 111 -50.03 -4.95 -93.48
CA ARG D 111 -49.73 -3.69 -94.13
C ARG D 111 -49.84 -3.94 -95.62
N VAL E 1 -27.53 3.23 -67.29
CA VAL E 1 -28.76 3.84 -67.79
C VAL E 1 -28.58 4.28 -69.23
N LYS E 2 -27.74 5.28 -69.43
CA LYS E 2 -27.44 5.77 -70.77
C LYS E 2 -25.97 6.16 -70.86
N LEU E 3 -25.51 6.35 -72.09
CA LEU E 3 -24.12 6.65 -72.37
C LEU E 3 -24.06 7.82 -73.33
N VAL E 4 -23.11 8.71 -73.10
CA VAL E 4 -22.85 9.81 -74.00
C VAL E 4 -21.53 9.52 -74.71
N GLU E 5 -21.58 9.57 -76.04
CA GLU E 5 -20.47 9.08 -76.83
C GLU E 5 -19.78 10.22 -77.57
N SER E 6 -18.69 9.94 -78.26
CA SER E 6 -18.00 10.91 -79.09
C SER E 6 -18.44 10.72 -80.53
N GLY E 7 -19.14 11.71 -81.07
CA GLY E 7 -19.93 11.56 -82.27
C GLY E 7 -19.12 11.50 -83.55
N GLY E 8 -19.79 11.80 -84.67
CA GLY E 8 -19.21 11.67 -85.99
C GLY E 8 -18.05 12.58 -86.31
N GLY E 9 -16.95 11.98 -86.74
CA GLY E 9 -15.79 12.74 -87.17
C GLY E 9 -15.02 11.92 -88.18
N LEU E 10 -14.25 12.63 -89.02
CA LEU E 10 -13.59 11.95 -90.11
C LEU E 10 -12.10 12.16 -90.05
N VAL E 11 -11.37 11.08 -90.29
CA VAL E 11 -9.93 11.07 -90.41
C VAL E 11 -9.59 10.24 -91.64
N LYS E 12 -8.41 10.46 -92.20
CA LYS E 12 -7.88 9.55 -93.18
C LYS E 12 -7.56 8.23 -92.49
N PRO E 13 -7.51 7.13 -93.23
CA PRO E 13 -7.01 5.87 -92.66
C PRO E 13 -5.56 5.98 -92.23
N GLY E 14 -5.23 5.25 -91.17
CA GLY E 14 -3.86 5.12 -90.69
C GLY E 14 -3.55 5.83 -89.39
N GLY E 15 -4.44 6.72 -88.94
CA GLY E 15 -4.24 7.45 -87.70
C GLY E 15 -4.74 6.72 -86.48
N SER E 16 -5.04 7.48 -85.43
CA SER E 16 -5.63 6.95 -84.22
C SER E 16 -6.77 7.85 -83.76
N LEU E 17 -7.98 7.30 -83.78
CA LEU E 17 -9.16 8.08 -83.43
C LEU E 17 -9.55 7.79 -81.98
N ARG E 18 -9.44 8.80 -81.15
CA ARG E 18 -9.95 8.72 -79.78
C ARG E 18 -11.46 8.73 -79.81
N LEU E 19 -12.07 7.81 -79.09
CA LEU E 19 -13.48 7.97 -78.77
C LEU E 19 -13.61 8.35 -77.30
N SER E 20 -14.82 8.61 -76.86
CA SER E 20 -15.09 8.86 -75.45
C SER E 20 -16.52 8.41 -75.17
N CYS E 21 -16.70 7.80 -74.00
CA CYS E 21 -18.01 7.31 -73.60
C CYS E 21 -18.32 7.83 -72.22
N ALA E 22 -19.27 8.76 -72.12
CA ALA E 22 -19.67 9.27 -70.82
C ALA E 22 -20.79 8.40 -70.23
N ALA E 23 -20.74 8.24 -68.92
CA ALA E 23 -21.71 7.40 -68.21
C ALA E 23 -22.73 8.31 -67.54
N SER E 24 -23.98 8.17 -67.92
CA SER E 24 -25.08 8.93 -67.33
C SER E 24 -25.99 7.96 -66.59
N GLY E 25 -25.95 8.01 -65.26
CA GLY E 25 -26.92 7.30 -64.47
C GLY E 25 -26.45 6.09 -63.68
N PHE E 26 -25.22 5.63 -63.89
CA PHE E 26 -24.76 4.43 -63.18
C PHE E 26 -23.36 4.64 -62.62
N THR E 27 -22.91 3.67 -61.85
CA THR E 27 -21.55 3.68 -61.33
C THR E 27 -20.62 3.01 -62.31
N PHE E 28 -19.77 3.81 -62.93
CA PHE E 28 -18.93 3.40 -64.04
C PHE E 28 -17.86 2.39 -63.62
N THR E 29 -17.51 2.37 -62.34
CA THR E 29 -16.56 1.38 -61.84
C THR E 29 -17.14 -0.02 -61.94
N ASN E 30 -18.37 -0.20 -61.47
CA ASN E 30 -18.92 -1.52 -61.19
C ASN E 30 -19.34 -2.23 -62.45
N TYR E 31 -19.13 -1.62 -63.60
CA TYR E 31 -19.60 -2.14 -64.86
C TYR E 31 -18.44 -2.27 -65.82
N GLY E 32 -18.18 -3.50 -66.25
CA GLY E 32 -17.38 -3.67 -67.45
C GLY E 32 -17.93 -2.81 -68.57
N MET E 33 -17.03 -2.13 -69.25
CA MET E 33 -17.43 -1.33 -70.39
C MET E 33 -16.77 -1.88 -71.64
N SER E 34 -17.11 -1.29 -72.78
CA SER E 34 -16.74 -1.86 -74.06
C SER E 34 -16.98 -0.83 -75.14
N TRP E 35 -16.58 -1.18 -76.36
CA TRP E 35 -16.98 -0.47 -77.57
C TRP E 35 -17.24 -1.53 -78.62
N VAL E 36 -18.41 -1.49 -79.22
CA VAL E 36 -18.81 -2.50 -80.19
C VAL E 36 -19.31 -1.80 -81.45
N ARG E 37 -18.75 -2.19 -82.58
CA ARG E 37 -19.08 -1.56 -83.86
C ARG E 37 -20.26 -2.27 -84.49
N GLN E 38 -21.23 -1.48 -84.95
CA GLN E 38 -22.20 -1.94 -85.93
C GLN E 38 -21.94 -1.16 -87.20
N ALA E 39 -21.35 -1.78 -88.12
CA ALA E 39 -21.33 -1.14 -89.40
C ALA E 39 -22.53 -1.62 -90.22
N PRO E 40 -22.96 -0.85 -91.20
CA PRO E 40 -24.02 -1.31 -92.10
C PRO E 40 -23.61 -2.59 -92.80
N GLY E 41 -24.54 -3.52 -92.92
CA GLY E 41 -24.28 -4.79 -93.56
C GLY E 41 -23.34 -5.68 -92.78
N LYS E 42 -22.95 -5.22 -91.59
CA LYS E 42 -22.10 -5.99 -90.70
C LYS E 42 -22.89 -6.40 -89.47
N ARG E 43 -22.71 -7.65 -89.05
CA ARG E 43 -23.20 -8.02 -87.74
C ARG E 43 -22.39 -7.26 -86.68
N LEU E 44 -22.98 -7.09 -85.51
CA LEU E 44 -22.21 -6.52 -84.41
C LEU E 44 -20.97 -7.36 -84.19
N GLU E 45 -19.82 -6.70 -84.21
CA GLU E 45 -18.55 -7.37 -83.92
C GLU E 45 -18.01 -6.82 -82.62
N TRP E 46 -18.03 -7.66 -81.58
CA TRP E 46 -17.53 -7.28 -80.28
C TRP E 46 -16.06 -6.94 -80.43
N VAL E 47 -15.68 -5.72 -80.07
CA VAL E 47 -14.33 -5.24 -80.32
C VAL E 47 -13.67 -4.91 -78.99
N ALA E 48 -14.14 -3.85 -78.38
CA ALA E 48 -13.38 -3.19 -77.34
C ALA E 48 -13.95 -3.59 -75.99
N GLU E 49 -13.08 -3.60 -74.99
CA GLU E 49 -13.49 -4.14 -73.71
C GLU E 49 -12.74 -3.48 -72.57
N ILE E 50 -13.36 -3.47 -71.41
CA ILE E 50 -12.66 -3.16 -70.17
C ILE E 50 -13.39 -3.87 -69.04
N SER E 51 -12.64 -4.26 -68.02
CA SER E 51 -13.23 -4.89 -66.85
C SER E 51 -13.56 -3.82 -65.84
N SER E 52 -14.15 -4.25 -64.73
CA SER E 52 -14.67 -3.29 -63.78
C SER E 52 -13.58 -2.88 -62.80
N GLY E 53 -13.21 -3.78 -61.89
CA GLY E 53 -12.24 -3.44 -60.87
C GLY E 53 -10.81 -3.48 -61.37
N GLY E 54 -10.60 -3.85 -62.62
CA GLY E 54 -9.26 -3.92 -63.18
C GLY E 54 -9.31 -3.59 -64.65
N SER E 55 -8.15 -3.38 -65.24
CA SER E 55 -8.12 -3.04 -66.65
C SER E 55 -7.99 -4.28 -67.50
N TYR E 56 -9.06 -4.61 -68.23
CA TYR E 56 -9.03 -5.79 -69.14
C TYR E 56 -8.35 -5.38 -70.46
N THR E 57 -8.97 -4.45 -71.22
CA THR E 57 -8.37 -3.92 -72.48
C THR E 57 -7.96 -5.07 -73.42
N TYR E 58 -8.84 -6.05 -73.61
CA TYR E 58 -8.53 -7.19 -74.51
C TYR E 58 -9.43 -7.13 -75.75
N TYR E 59 -8.85 -7.39 -76.93
CA TYR E 59 -9.62 -7.26 -78.21
C TYR E 59 -9.50 -8.57 -79.00
N PRO E 60 -10.44 -8.90 -79.90
CA PRO E 60 -10.41 -10.17 -80.63
C PRO E 60 -9.16 -10.28 -81.51
N ASP E 61 -8.55 -11.47 -81.56
CA ASP E 61 -7.28 -11.61 -82.33
C ASP E 61 -7.57 -11.31 -83.80
N THR E 62 -8.63 -11.89 -84.39
CA THR E 62 -9.06 -11.60 -85.79
C THR E 62 -8.16 -10.58 -86.45
N VAL E 63 -8.65 -9.36 -86.67
CA VAL E 63 -7.78 -8.26 -87.14
C VAL E 63 -7.65 -7.36 -85.92
N THR E 64 -6.42 -7.14 -85.43
CA THR E 64 -6.28 -6.39 -84.15
C THR E 64 -6.81 -4.96 -84.31
N GLY E 65 -7.70 -4.52 -83.42
CA GLY E 65 -8.17 -3.13 -83.45
C GLY E 65 -7.04 -2.18 -83.10
N ARG E 66 -6.21 -2.56 -82.12
CA ARG E 66 -5.07 -1.71 -81.66
C ARG E 66 -5.62 -0.49 -80.92
N PHE E 67 -6.91 -0.54 -80.52
CA PHE E 67 -7.55 0.61 -79.85
C PHE E 67 -7.02 0.74 -78.42
N THR E 68 -7.02 1.96 -77.85
CA THR E 68 -6.61 2.04 -76.46
C THR E 68 -7.76 2.53 -75.59
N ILE E 69 -8.32 1.62 -74.83
CA ILE E 69 -9.37 1.91 -73.87
C ILE E 69 -8.72 2.37 -72.56
N SER E 70 -9.34 3.36 -71.95
CA SER E 70 -9.04 3.68 -70.57
C SER E 70 -10.35 3.95 -69.85
N ARG E 71 -10.25 4.19 -68.55
CA ARG E 71 -11.38 4.59 -67.74
C ARG E 71 -10.99 5.75 -66.86
N ASP E 72 -11.89 6.71 -66.76
CA ASP E 72 -11.81 7.68 -65.68
C ASP E 72 -13.08 7.56 -64.88
N ASN E 73 -12.96 7.03 -63.66
CA ASN E 73 -14.10 6.87 -62.77
C ASN E 73 -14.56 8.19 -62.18
N ALA E 74 -13.69 9.21 -62.19
CA ALA E 74 -14.14 10.56 -61.90
C ALA E 74 -14.99 11.10 -63.04
N LYS E 75 -14.55 10.88 -64.28
CA LYS E 75 -15.36 11.22 -65.44
C LYS E 75 -16.45 10.21 -65.71
N ASN E 76 -16.37 9.02 -65.12
CA ASN E 76 -17.18 7.88 -65.53
C ASN E 76 -17.08 7.64 -67.03
N THR E 77 -15.92 7.93 -67.62
CA THR E 77 -15.82 8.01 -69.06
C THR E 77 -14.91 6.92 -69.62
N LEU E 78 -15.44 6.19 -70.56
CA LEU E 78 -14.70 5.22 -71.34
C LEU E 78 -14.20 5.91 -72.60
N TYR E 79 -13.01 5.53 -73.05
CA TYR E 79 -12.47 6.08 -74.27
C TYR E 79 -12.28 4.94 -75.25
N LEU E 80 -12.32 5.25 -76.54
CA LEU E 80 -11.79 4.29 -77.48
C LEU E 80 -10.82 5.03 -78.38
N GLN E 81 -9.53 4.78 -78.21
CA GLN E 81 -8.54 5.41 -79.08
C GLN E 81 -8.08 4.37 -80.06
N MET E 82 -8.57 4.44 -81.29
CA MET E 82 -8.37 3.34 -82.23
C MET E 82 -7.15 3.63 -83.07
N ASN E 83 -6.07 2.90 -82.79
CA ASN E 83 -4.83 3.10 -83.48
C ASN E 83 -4.91 2.41 -84.83
N SER E 84 -4.10 2.87 -85.78
CA SER E 84 -4.15 2.34 -87.14
C SER E 84 -5.55 2.44 -87.69
N LEU E 85 -6.04 3.67 -87.84
CA LEU E 85 -7.35 3.87 -88.42
C LEU E 85 -7.38 3.36 -89.85
N ARG E 86 -8.55 2.90 -90.27
CA ARG E 86 -8.70 2.52 -91.67
C ARG E 86 -10.09 2.92 -92.14
N ALA E 87 -10.34 2.74 -93.43
CA ALA E 87 -11.63 3.14 -94.00
C ALA E 87 -12.75 2.25 -93.48
N GLU E 88 -12.44 0.99 -93.24
CA GLU E 88 -13.41 0.07 -92.66
C GLU E 88 -13.82 0.46 -91.26
N ASP E 89 -12.97 1.20 -90.54
CA ASP E 89 -13.33 1.67 -89.21
C ASP E 89 -14.61 2.47 -89.22
N THR E 90 -14.96 3.05 -90.37
CA THR E 90 -16.25 3.69 -90.51
C THR E 90 -17.34 2.69 -90.16
N ALA E 91 -18.18 3.05 -89.20
CA ALA E 91 -19.09 2.11 -88.56
C ALA E 91 -19.86 2.84 -87.47
N VAL E 92 -20.78 2.15 -86.81
CA VAL E 92 -21.38 2.69 -85.61
C VAL E 92 -20.80 1.92 -84.43
N TYR E 93 -19.92 2.58 -83.70
CA TYR E 93 -19.32 2.02 -82.51
C TYR E 93 -20.29 2.18 -81.36
N TYR E 94 -20.37 1.17 -80.50
CA TYR E 94 -21.19 1.30 -79.32
C TYR E 94 -20.33 1.07 -78.09
N CYS E 95 -20.06 2.15 -77.37
CA CYS E 95 -19.56 1.97 -76.03
C CYS E 95 -20.71 1.40 -75.23
N ALA E 96 -20.46 0.27 -74.60
CA ALA E 96 -21.58 -0.47 -74.07
C ALA E 96 -21.30 -0.96 -72.66
N ARG E 97 -22.30 -1.56 -72.04
CA ARG E 97 -22.19 -1.90 -70.63
C ARG E 97 -22.82 -3.26 -70.41
N PHE E 98 -22.10 -4.11 -69.69
CA PHE E 98 -22.53 -5.44 -69.34
C PHE E 98 -23.60 -5.35 -68.25
N ARG E 99 -24.12 -6.51 -67.88
CA ARG E 99 -24.92 -6.64 -66.68
C ARG E 99 -23.97 -6.95 -65.53
N TYR E 100 -24.52 -7.01 -64.32
CA TYR E 100 -23.81 -7.71 -63.27
C TYR E 100 -23.66 -9.15 -63.68
N GLY E 101 -22.51 -9.73 -63.37
CA GLY E 101 -22.04 -10.94 -64.01
C GLY E 101 -22.98 -12.12 -64.13
N GLY E 102 -22.79 -12.89 -65.21
CA GLY E 102 -23.78 -13.87 -65.63
C GLY E 102 -23.59 -14.24 -67.08
N GLY E 103 -24.70 -14.63 -67.71
CA GLY E 103 -24.70 -15.12 -69.07
C GLY E 103 -24.48 -14.05 -70.12
N GLY E 104 -24.07 -12.87 -69.67
CA GLY E 104 -23.95 -11.70 -70.50
C GLY E 104 -23.37 -10.59 -69.66
N THR E 105 -23.64 -9.35 -70.04
CA THR E 105 -24.58 -9.05 -71.10
C THR E 105 -24.06 -7.85 -71.83
N VAL E 106 -24.90 -7.28 -72.67
CA VAL E 106 -24.85 -5.85 -72.82
C VAL E 106 -26.26 -5.39 -72.55
N ASP E 107 -26.47 -4.71 -71.43
CA ASP E 107 -27.82 -4.29 -71.07
C ASP E 107 -28.17 -3.01 -71.80
N TYR E 108 -27.58 -1.90 -71.37
CA TYR E 108 -27.80 -0.65 -72.06
C TYR E 108 -26.72 -0.42 -73.09
N TRP E 109 -26.73 0.77 -73.66
CA TRP E 109 -25.86 1.08 -74.79
C TRP E 109 -25.67 2.57 -74.83
N GLY E 110 -24.67 2.99 -75.59
CA GLY E 110 -24.68 4.35 -76.09
C GLY E 110 -25.81 4.49 -77.10
N GLN E 111 -26.02 5.68 -77.62
CA GLN E 111 -27.06 5.94 -78.60
C GLN E 111 -26.68 5.50 -80.00
N GLY E 112 -25.48 4.98 -80.16
CA GLY E 112 -24.86 4.76 -81.44
C GLY E 112 -23.89 5.89 -81.75
N THR E 113 -22.79 5.54 -82.38
CA THR E 113 -21.74 6.51 -82.64
C THR E 113 -21.47 6.54 -84.12
N LEU E 114 -21.62 7.71 -84.72
CA LEU E 114 -21.14 7.89 -86.07
C LEU E 114 -19.62 7.98 -86.01
N VAL E 115 -18.96 7.11 -86.73
CA VAL E 115 -17.52 7.19 -86.92
C VAL E 115 -17.24 6.92 -88.38
N THR E 116 -16.49 7.82 -89.00
CA THR E 116 -16.22 7.65 -90.41
C THR E 116 -14.76 7.93 -90.68
N VAL E 117 -14.10 6.95 -91.25
CA VAL E 117 -12.76 7.13 -91.80
C VAL E 117 -12.84 6.79 -93.28
N SER E 118 -12.53 7.78 -94.12
CA SER E 118 -12.60 7.59 -95.56
C SER E 118 -11.68 8.62 -96.21
N ILE F 1 -66.75 48.03 -14.91
CA ILE F 1 -67.36 49.31 -15.26
C ILE F 1 -68.81 49.32 -14.81
N VAL F 2 -69.71 49.59 -15.76
CA VAL F 2 -71.14 49.44 -15.58
C VAL F 2 -71.67 48.80 -16.85
N LEU F 3 -72.67 47.93 -16.71
CA LEU F 3 -73.21 47.26 -17.88
C LEU F 3 -74.72 47.45 -17.95
N THR F 4 -75.26 47.15 -19.12
CA THR F 4 -76.70 47.10 -19.34
C THR F 4 -77.01 45.76 -19.99
N GLN F 5 -78.27 45.36 -19.93
CA GLN F 5 -78.73 44.22 -20.69
C GLN F 5 -79.98 44.60 -21.47
N SER F 6 -80.29 43.79 -22.48
CA SER F 6 -81.59 43.88 -23.13
C SER F 6 -82.65 43.66 -22.06
N PRO F 7 -83.67 44.53 -21.94
CA PRO F 7 -84.48 44.52 -20.71
C PRO F 7 -85.20 43.20 -20.44
N THR F 8 -85.91 42.68 -21.42
CA THR F 8 -86.75 41.49 -21.28
C THR F 8 -86.97 40.90 -22.66
N LEU F 9 -87.47 39.67 -22.67
CA LEU F 9 -88.10 39.12 -23.86
C LEU F 9 -89.45 38.51 -23.47
N SER F 10 -90.40 38.58 -24.40
CA SER F 10 -91.66 37.87 -24.29
C SER F 10 -91.85 37.07 -25.57
N LEU F 11 -91.85 35.75 -25.43
CA LEU F 11 -91.60 34.86 -26.57
C LEU F 11 -92.44 33.60 -26.39
N SER F 12 -92.14 32.58 -27.19
CA SER F 12 -92.84 31.31 -27.13
C SER F 12 -91.82 30.20 -27.15
N PRO F 13 -92.20 28.97 -26.76
CA PRO F 13 -91.26 27.85 -26.80
C PRO F 13 -90.78 27.57 -28.21
N GLY F 14 -89.67 26.86 -28.31
CA GLY F 14 -89.06 26.59 -29.60
C GLY F 14 -88.57 27.82 -30.33
N GLU F 15 -88.15 28.85 -29.61
CA GLU F 15 -87.74 30.10 -30.21
C GLU F 15 -86.37 30.49 -29.69
N ARG F 16 -85.75 31.47 -30.35
CA ARG F 16 -84.47 31.97 -29.90
C ARG F 16 -84.67 33.17 -28.97
N ALA F 17 -83.96 33.14 -27.85
CA ALA F 17 -83.95 34.27 -26.92
C ALA F 17 -82.59 34.93 -26.96
N THR F 18 -82.54 36.14 -27.52
CA THR F 18 -81.31 36.90 -27.68
C THR F 18 -81.24 37.96 -26.59
N LEU F 19 -80.23 37.86 -25.74
CA LEU F 19 -80.10 38.78 -24.62
C LEU F 19 -78.75 39.48 -24.72
N SER F 20 -78.81 40.80 -24.85
CA SER F 20 -77.60 41.62 -24.85
C SER F 20 -77.15 41.79 -23.42
N CYS F 21 -75.83 41.75 -23.22
CA CYS F 21 -75.21 42.33 -22.03
C CYS F 21 -74.37 43.48 -22.51
N ARG F 22 -74.83 44.70 -22.25
CA ARG F 22 -74.25 45.89 -22.85
C ARG F 22 -73.45 46.63 -21.79
N ALA F 23 -72.13 46.60 -21.91
CA ALA F 23 -71.26 47.16 -20.90
C ALA F 23 -70.90 48.60 -21.26
N SER F 24 -71.05 49.49 -20.29
CA SER F 24 -70.52 50.83 -20.46
C SER F 24 -68.99 50.79 -20.32
N GLU F 25 -68.34 51.82 -20.84
CA GLU F 25 -66.87 51.94 -20.84
C GLU F 25 -66.29 50.73 -21.56
N SER F 26 -65.50 49.90 -20.89
CA SER F 26 -64.67 48.91 -21.56
C SER F 26 -65.51 47.86 -22.28
N VAL F 27 -64.93 47.27 -23.30
CA VAL F 27 -65.54 46.19 -24.07
C VAL F 27 -64.77 44.92 -23.75
N ASP F 28 -65.41 44.01 -23.00
CA ASP F 28 -64.95 42.64 -22.84
C ASP F 28 -63.51 42.64 -22.33
N ASN F 29 -62.55 42.11 -23.08
CA ASN F 29 -61.27 41.70 -22.53
C ASN F 29 -60.14 42.08 -23.47
N TYR F 30 -58.97 42.31 -22.89
CA TYR F 30 -57.71 42.36 -23.62
C TYR F 30 -57.25 40.97 -24.02
N GLY F 31 -57.58 39.97 -23.22
CA GLY F 31 -57.38 38.60 -23.63
C GLY F 31 -58.54 38.19 -24.50
N ILE F 32 -59.41 39.15 -24.78
CA ILE F 32 -60.44 39.06 -25.80
C ILE F 32 -61.59 38.17 -25.32
N SER F 33 -61.46 37.53 -24.16
CA SER F 33 -62.54 36.71 -23.62
C SER F 33 -62.86 37.14 -22.20
N PHE F 34 -64.01 37.76 -22.00
CA PHE F 34 -64.58 38.18 -20.71
C PHE F 34 -66.07 38.39 -20.82
N MET F 35 -66.59 39.07 -19.81
CA MET F 35 -67.96 39.11 -19.32
C MET F 35 -68.34 37.69 -18.94
N ASN F 36 -69.61 37.33 -19.17
CA ASN F 36 -70.25 36.25 -18.44
C ASN F 36 -71.71 36.11 -18.81
N TRP F 37 -72.35 35.04 -18.31
CA TRP F 37 -73.80 34.97 -18.23
C TRP F 37 -74.20 34.18 -17.00
N PHE F 38 -75.32 34.58 -16.42
CA PHE F 38 -75.80 34.04 -15.17
C PHE F 38 -77.31 34.00 -15.18
N GLN F 39 -77.88 33.00 -14.53
CA GLN F 39 -79.32 32.95 -14.38
C GLN F 39 -79.66 32.87 -12.90
N GLN F 40 -80.71 33.57 -12.51
CA GLN F 40 -81.25 33.41 -11.17
C GLN F 40 -82.68 32.92 -11.31
N LYS F 41 -82.93 31.70 -10.87
CA LYS F 41 -84.28 31.22 -10.76
C LYS F 41 -85.05 32.14 -9.80
N PRO F 42 -86.31 32.48 -10.10
CA PRO F 42 -87.03 33.43 -9.25
C PRO F 42 -87.18 32.90 -7.83
N GLY F 43 -86.88 33.78 -6.88
CA GLY F 43 -86.87 33.36 -5.47
C GLY F 43 -85.89 32.24 -5.20
N GLN F 44 -84.69 32.36 -5.75
CA GLN F 44 -83.74 31.25 -5.72
C GLN F 44 -82.35 31.84 -5.89
N ALA F 45 -81.34 31.05 -5.50
CA ALA F 45 -79.95 31.46 -5.63
C ALA F 45 -79.63 31.69 -7.10
N PRO F 46 -78.87 32.73 -7.43
CA PRO F 46 -78.42 32.89 -8.81
C PRO F 46 -77.59 31.68 -9.22
N ARG F 47 -77.42 31.53 -10.52
CA ARG F 47 -76.63 30.42 -11.01
C ARG F 47 -75.91 30.86 -12.28
N LEU F 48 -74.73 30.29 -12.49
CA LEU F 48 -73.98 30.57 -13.69
C LEU F 48 -74.79 30.21 -14.92
N LEU F 49 -74.55 30.94 -15.99
CA LEU F 49 -74.87 30.42 -17.31
C LEU F 49 -73.59 30.22 -18.08
N ILE F 50 -73.00 31.30 -18.56
CA ILE F 50 -71.80 31.20 -19.37
C ILE F 50 -70.79 32.16 -18.80
N TYR F 51 -69.53 31.74 -18.75
CA TYR F 51 -68.47 32.68 -18.42
C TYR F 51 -67.71 33.03 -19.70
N ALA F 52 -67.46 34.32 -19.87
CA ALA F 52 -66.90 34.86 -21.11
C ALA F 52 -67.80 34.56 -22.31
N ALA F 53 -69.07 34.26 -22.04
CA ALA F 53 -70.15 34.26 -23.01
C ALA F 53 -69.99 33.20 -24.10
N SER F 54 -68.78 32.63 -24.23
CA SER F 54 -68.43 31.70 -25.29
C SER F 54 -68.44 30.24 -24.88
N ASN F 55 -68.80 29.91 -23.64
CA ASN F 55 -68.03 28.89 -22.96
C ASN F 55 -68.93 28.12 -21.99
N GLN F 56 -68.30 27.40 -21.08
CA GLN F 56 -68.86 26.42 -20.14
C GLN F 56 -69.43 25.17 -20.83
N GLY F 57 -70.60 24.69 -20.42
CA GLY F 57 -70.76 23.25 -20.37
C GLY F 57 -71.74 22.70 -19.35
N SER F 58 -71.44 21.47 -18.91
CA SER F 58 -72.32 20.72 -18.04
C SER F 58 -72.77 21.54 -16.84
N GLY F 59 -74.04 21.40 -16.48
CA GLY F 59 -74.69 22.31 -15.57
C GLY F 59 -75.33 23.49 -16.26
N ILE F 60 -74.87 23.80 -17.47
CA ILE F 60 -75.47 24.82 -18.31
C ILE F 60 -76.01 24.10 -19.54
N PRO F 61 -77.32 23.99 -19.70
CA PRO F 61 -77.86 23.20 -20.82
C PRO F 61 -77.46 23.79 -22.16
N SER F 62 -77.53 22.95 -23.20
CA SER F 62 -77.11 23.36 -24.53
C SER F 62 -77.92 24.53 -25.06
N ARG F 63 -79.18 24.65 -24.65
CA ARG F 63 -79.98 25.80 -25.08
C ARG F 63 -79.29 27.12 -24.75
N PHE F 64 -78.47 27.15 -23.70
CA PHE F 64 -77.60 28.30 -23.51
C PHE F 64 -76.39 28.17 -24.43
N SER F 65 -76.27 29.15 -25.31
CA SER F 65 -75.12 29.29 -26.20
C SER F 65 -75.07 30.74 -26.61
N GLY F 66 -73.94 31.14 -27.15
CA GLY F 66 -73.84 32.49 -27.67
C GLY F 66 -72.41 32.98 -27.57
N SER F 67 -72.31 34.30 -27.62
CA SER F 67 -71.02 34.98 -27.63
C SER F 67 -71.24 36.39 -27.11
N GLY F 68 -70.24 37.23 -27.29
CA GLY F 68 -70.43 38.64 -27.02
C GLY F 68 -69.56 39.45 -27.96
N SER F 69 -69.97 40.69 -28.17
CA SER F 69 -69.37 41.52 -29.19
C SER F 69 -69.03 42.87 -28.59
N GLY F 70 -67.72 43.14 -28.53
CA GLY F 70 -67.28 44.31 -27.80
C GLY F 70 -67.86 44.30 -26.40
N THR F 71 -68.52 45.39 -26.04
CA THR F 71 -69.27 45.48 -24.81
C THR F 71 -70.42 44.48 -24.76
N ASP F 72 -71.17 44.36 -25.84
CA ASP F 72 -72.38 43.57 -25.88
C ASP F 72 -72.06 42.09 -25.78
N PHE F 73 -72.83 41.39 -24.96
CA PHE F 73 -72.77 39.95 -24.87
C PHE F 73 -74.11 39.37 -25.28
N SER F 74 -74.07 38.29 -26.05
CA SER F 74 -75.27 37.64 -26.56
C SER F 74 -75.54 36.41 -25.72
N LEU F 75 -76.59 36.47 -24.91
CA LEU F 75 -77.12 35.27 -24.26
C LEU F 75 -78.21 34.76 -25.18
N THR F 76 -77.97 33.62 -25.81
CA THR F 76 -78.82 33.14 -26.89
C THR F 76 -79.38 31.77 -26.51
N ILE F 77 -80.67 31.70 -26.29
CA ILE F 77 -81.34 30.43 -26.02
C ILE F 77 -82.26 30.12 -27.20
N SER F 78 -81.87 29.15 -28.02
CA SER F 78 -82.79 28.56 -28.97
C SER F 78 -83.66 27.53 -28.28
N SER F 79 -84.86 27.31 -28.81
CA SER F 79 -85.79 26.30 -28.31
C SER F 79 -86.14 26.59 -26.84
N LEU F 80 -86.89 27.66 -26.66
CA LEU F 80 -87.29 28.10 -25.33
C LEU F 80 -88.20 27.08 -24.67
N GLU F 81 -88.23 27.10 -23.34
CA GLU F 81 -89.18 26.30 -22.59
C GLU F 81 -89.83 27.16 -21.52
N PRO F 82 -91.14 26.99 -21.29
CA PRO F 82 -91.79 27.73 -20.21
C PRO F 82 -91.30 27.34 -18.83
N GLU F 83 -90.66 26.17 -18.70
CA GLU F 83 -90.05 25.80 -17.43
C GLU F 83 -88.69 26.44 -17.23
N ASP F 84 -87.96 26.73 -18.30
CA ASP F 84 -86.54 27.01 -18.21
C ASP F 84 -86.18 28.49 -18.14
N PHE F 85 -87.15 29.40 -18.25
CA PHE F 85 -86.80 30.81 -18.27
C PHE F 85 -86.80 31.38 -16.85
N ALA F 86 -85.78 32.15 -16.54
CA ALA F 86 -85.66 32.85 -15.26
C ALA F 86 -84.72 34.02 -15.47
N VAL F 87 -84.74 34.96 -14.54
CA VAL F 87 -83.96 36.18 -14.71
C VAL F 87 -82.52 35.84 -15.04
N TYR F 88 -82.00 36.47 -16.08
CA TYR F 88 -80.66 36.18 -16.59
C TYR F 88 -79.72 37.33 -16.27
N PHE F 89 -78.48 36.98 -15.94
CA PHE F 89 -77.48 37.96 -15.56
C PHE F 89 -76.22 37.74 -16.37
N CYS F 90 -75.36 38.73 -16.34
CA CYS F 90 -74.00 38.67 -16.84
C CYS F 90 -73.11 39.36 -15.83
N GLN F 91 -71.81 39.21 -15.98
CA GLN F 91 -70.88 39.97 -15.17
C GLN F 91 -69.91 40.72 -16.03
N GLN F 92 -69.55 41.92 -15.61
CA GLN F 92 -68.27 42.47 -15.99
C GLN F 92 -67.16 41.80 -15.18
N SER F 93 -65.95 41.94 -15.69
CA SER F 93 -64.74 41.59 -14.95
C SER F 93 -63.64 42.53 -15.42
N LYS F 94 -62.46 42.37 -14.84
CA LYS F 94 -61.24 43.05 -15.28
C LYS F 94 -61.23 44.54 -14.95
N GLU F 95 -62.39 45.09 -14.59
CA GLU F 95 -62.48 46.47 -14.13
C GLU F 95 -63.53 46.53 -13.04
N VAL F 96 -63.28 47.36 -12.03
CA VAL F 96 -64.29 47.70 -11.02
C VAL F 96 -64.53 46.42 -10.22
N PRO F 97 -65.13 46.48 -9.04
CA PRO F 97 -65.75 45.25 -8.53
C PRO F 97 -66.66 44.71 -9.62
N ARG F 98 -66.50 43.43 -9.92
CA ARG F 98 -66.90 42.88 -11.21
C ARG F 98 -68.38 43.06 -11.49
N ILE F 99 -69.15 43.40 -10.44
CA ILE F 99 -70.59 43.63 -10.44
C ILE F 99 -71.29 42.50 -11.18
N PHE F 100 -72.31 42.84 -11.94
CA PHE F 100 -73.23 41.85 -12.48
C PHE F 100 -74.04 42.49 -13.59
N GLY F 101 -74.89 41.68 -14.21
CA GLY F 101 -75.91 42.18 -15.06
C GLY F 101 -77.03 42.79 -14.23
N GLN F 102 -77.66 43.83 -14.78
CA GLN F 102 -78.85 44.38 -14.18
C GLN F 102 -79.98 43.36 -14.10
N GLY F 103 -79.84 42.25 -14.83
CA GLY F 103 -80.81 41.18 -14.85
C GLY F 103 -81.71 41.25 -16.06
N THR F 104 -82.11 40.09 -16.58
CA THR F 104 -83.05 40.05 -17.69
C THR F 104 -83.85 38.76 -17.60
N LYS F 105 -85.14 38.86 -17.92
CA LYS F 105 -86.03 37.71 -17.90
C LYS F 105 -86.75 37.62 -19.23
N VAL F 106 -86.84 36.40 -19.75
CA VAL F 106 -87.55 36.13 -21.00
C VAL F 106 -88.89 35.51 -20.66
N GLU F 107 -89.96 36.27 -20.87
CA GLU F 107 -91.31 35.72 -20.76
C GLU F 107 -91.54 34.74 -21.91
N ILE F 108 -92.52 33.87 -21.72
CA ILE F 108 -92.94 32.93 -22.75
C ILE F 108 -94.46 32.90 -22.79
N LEU F 109 -95.00 33.16 -23.97
CA LEU F 109 -96.43 33.13 -24.23
C LEU F 109 -96.87 31.69 -24.47
N LYS F 110 -98.09 31.53 -24.98
CA LYS F 110 -98.75 30.25 -25.25
C LYS F 110 -99.29 29.69 -23.94
N ARG F 111 -98.87 30.27 -22.83
CA ARG F 111 -99.65 30.20 -21.60
C ARG F 111 -100.78 31.20 -21.76
N VAL G 1 -69.52 22.69 -4.63
CA VAL G 1 -70.76 21.98 -4.83
C VAL G 1 -71.92 22.76 -4.25
N LYS G 2 -71.95 22.89 -2.93
CA LYS G 2 -72.98 23.65 -2.26
C LYS G 2 -72.39 24.39 -1.08
N LEU G 3 -73.16 25.34 -0.55
CA LEU G 3 -72.72 26.20 0.53
C LEU G 3 -73.81 26.24 1.59
N VAL G 4 -73.40 26.21 2.84
CA VAL G 4 -74.32 26.38 3.95
C VAL G 4 -74.07 27.75 4.55
N GLU G 5 -75.14 28.53 4.67
CA GLU G 5 -75.01 29.94 5.00
C GLU G 5 -75.58 30.23 6.38
N SER G 6 -75.43 31.47 6.85
CA SER G 6 -76.01 31.90 8.11
C SER G 6 -77.31 32.63 7.81
N GLY G 7 -78.43 32.05 8.22
CA GLY G 7 -79.75 32.40 7.73
C GLY G 7 -80.28 33.71 8.26
N GLY G 8 -81.60 33.86 8.21
CA GLY G 8 -82.29 35.09 8.55
C GLY G 8 -82.20 35.53 9.99
N GLY G 9 -81.75 36.77 10.19
CA GLY G 9 -81.69 37.34 11.52
C GLY G 9 -81.80 38.85 11.40
N LEU G 10 -82.27 39.47 12.48
CA LEU G 10 -82.55 40.89 12.42
C LEU G 10 -81.76 41.64 13.48
N VAL G 11 -81.22 42.77 13.05
CA VAL G 11 -80.52 43.71 13.91
C VAL G 11 -81.03 45.09 13.54
N LYS G 12 -80.90 46.04 14.46
CA LYS G 12 -81.09 47.43 14.11
C LYS G 12 -79.95 47.86 13.19
N PRO G 13 -80.14 48.91 12.40
CA PRO G 13 -79.03 49.47 11.63
C PRO G 13 -77.95 50.03 12.55
N GLY G 14 -76.71 49.92 12.08
CA GLY G 14 -75.56 50.51 12.75
C GLY G 14 -74.61 49.52 13.39
N GLY G 15 -75.01 48.27 13.54
CA GLY G 15 -74.17 47.25 14.16
C GLY G 15 -73.26 46.56 13.17
N SER G 16 -72.86 45.34 13.52
CA SER G 16 -72.06 44.50 12.65
C SER G 16 -72.61 43.08 12.66
N LEU G 17 -73.10 42.64 11.50
CA LEU G 17 -73.71 41.32 11.40
C LEU G 17 -72.71 40.34 10.83
N ARG G 18 -72.31 39.37 11.64
CA ARG G 18 -71.51 38.27 11.17
C ARG G 18 -72.35 37.36 10.28
N LEU G 19 -71.82 37.01 9.13
CA LEU G 19 -72.39 35.90 8.39
C LEU G 19 -71.43 34.71 8.51
N SER G 20 -71.82 33.56 7.97
CA SER G 20 -70.95 32.41 7.89
C SER G 20 -71.36 31.62 6.67
N CYS G 21 -70.36 31.07 5.98
CA CYS G 21 -70.60 30.29 4.78
C CYS G 21 -69.85 28.97 4.90
N ALA G 22 -70.59 27.88 5.07
CA ALA G 22 -69.95 26.57 5.15
C ALA G 22 -69.83 25.98 3.74
N ALA G 23 -68.72 25.27 3.54
CA ALA G 23 -68.42 24.66 2.24
C ALA G 23 -68.74 23.18 2.31
N SER G 24 -69.68 22.74 1.49
CA SER G 24 -70.05 21.33 1.40
C SER G 24 -69.65 20.82 0.02
N GLY G 25 -68.62 19.99 -0.01
CA GLY G 25 -68.29 19.27 -1.23
C GLY G 25 -67.04 19.67 -1.98
N PHE G 26 -66.39 20.77 -1.61
CA PHE G 26 -65.21 21.20 -2.35
C PHE G 26 -64.08 21.58 -1.40
N THR G 27 -62.92 21.87 -1.99
CA THR G 27 -61.79 22.34 -1.20
C THR G 27 -61.84 23.85 -1.11
N PHE G 28 -62.11 24.34 0.08
CA PHE G 28 -62.39 25.75 0.35
C PHE G 28 -61.17 26.64 0.13
N THR G 29 -59.97 26.06 0.22
CA THR G 29 -58.75 26.81 -0.05
C THR G 29 -58.69 27.23 -1.51
N ASN G 30 -58.94 26.29 -2.42
CA ASN G 30 -58.59 26.45 -3.83
C ASN G 30 -59.57 27.34 -4.55
N TYR G 31 -60.55 27.87 -3.84
CA TYR G 31 -61.62 28.64 -4.44
C TYR G 31 -61.68 30.00 -3.77
N GLY G 32 -61.49 31.04 -4.57
CA GLY G 32 -61.94 32.36 -4.14
C GLY G 32 -63.38 32.29 -3.69
N MET G 33 -63.65 32.92 -2.56
CA MET G 33 -65.01 32.98 -2.06
C MET G 33 -65.45 34.43 -2.02
N SER G 34 -66.71 34.64 -1.65
CA SER G 34 -67.32 35.95 -1.80
C SER G 34 -68.62 35.96 -1.02
N TRP G 35 -69.25 37.14 -0.96
CA TRP G 35 -70.62 37.30 -0.54
C TRP G 35 -71.23 38.33 -1.46
N VAL G 36 -72.36 37.98 -2.08
CA VAL G 36 -73.00 38.85 -3.04
C VAL G 36 -74.48 38.99 -2.69
N ARG G 37 -74.93 40.22 -2.57
CA ARG G 37 -76.30 40.51 -2.16
C ARG G 37 -77.20 40.53 -3.38
N GLN G 38 -78.34 39.85 -3.28
CA GLN G 38 -79.47 40.11 -4.16
C GLN G 38 -80.57 40.67 -3.26
N ALA G 39 -80.77 41.90 -3.35
CA ALA G 39 -81.97 42.40 -2.72
C ALA G 39 -83.09 42.44 -3.75
N PRO G 40 -84.35 42.40 -3.30
CA PRO G 40 -85.46 42.56 -4.25
C PRO G 40 -85.37 43.89 -4.97
N GLY G 41 -85.67 43.86 -6.26
CA GLY G 41 -85.62 45.07 -7.06
C GLY G 41 -84.21 45.58 -7.28
N LYS G 42 -83.22 44.84 -6.78
CA LYS G 42 -81.83 45.18 -6.96
C LYS G 42 -81.17 44.16 -7.86
N ARG G 43 -80.35 44.62 -8.79
CA ARG G 43 -79.46 43.71 -9.48
C ARG G 43 -78.46 43.14 -8.48
N LEU G 44 -77.91 41.97 -8.79
CA LEU G 44 -76.83 41.46 -7.95
C LEU G 44 -75.71 42.49 -7.90
N GLU G 45 -75.32 42.87 -6.70
CA GLU G 45 -74.20 43.77 -6.50
C GLU G 45 -73.06 43.02 -5.85
N TRP G 46 -72.00 42.78 -6.61
CA TRP G 46 -70.84 42.08 -6.11
C TRP G 46 -70.27 42.89 -4.96
N VAL G 47 -70.19 42.27 -3.78
CA VAL G 47 -69.80 43.00 -2.59
C VAL G 47 -68.53 42.39 -2.04
N ALA G 48 -68.64 41.20 -1.51
CA ALA G 48 -67.63 40.67 -0.62
C ALA G 48 -66.76 39.70 -1.37
N GLU G 49 -65.51 39.59 -0.95
CA GLU G 49 -64.56 38.83 -1.73
C GLU G 49 -63.48 38.23 -0.85
N ILE G 50 -62.91 37.12 -1.29
CA ILE G 50 -61.67 36.63 -0.73
C ILE G 50 -60.97 35.83 -1.82
N SER G 51 -59.63 35.84 -1.76
CA SER G 51 -58.85 35.09 -2.71
C SER G 51 -58.56 33.72 -2.14
N SER G 52 -57.92 32.88 -2.96
CA SER G 52 -57.67 31.48 -2.58
C SER G 52 -56.29 31.33 -1.92
N GLY G 53 -55.38 32.26 -2.18
CA GLY G 53 -54.02 32.19 -1.61
C GLY G 53 -53.94 32.94 -0.29
N GLY G 54 -53.83 34.26 -0.35
CA GLY G 54 -53.79 35.08 0.88
C GLY G 54 -55.13 35.74 1.15
N SER G 55 -55.12 36.88 1.84
CA SER G 55 -56.39 37.63 2.09
C SER G 55 -56.47 38.82 1.15
N TYR G 56 -57.55 38.91 0.38
CA TYR G 56 -57.74 40.09 -0.53
C TYR G 56 -58.85 40.98 0.02
N THR G 57 -59.90 40.38 0.60
CA THR G 57 -61.05 41.15 1.18
C THR G 57 -61.37 42.38 0.33
N TYR G 58 -61.71 42.17 -0.94
CA TYR G 58 -61.98 43.31 -1.86
C TYR G 58 -63.45 43.71 -1.75
N TYR G 59 -63.73 44.99 -1.51
CA TYR G 59 -65.15 45.46 -1.49
C TYR G 59 -65.33 46.64 -2.45
N PRO G 60 -66.54 46.86 -3.01
CA PRO G 60 -66.75 47.95 -3.97
C PRO G 60 -66.54 49.33 -3.33
N ASP G 61 -65.88 50.25 -4.05
CA ASP G 61 -65.59 51.58 -3.46
C ASP G 61 -66.91 52.28 -3.15
N THR G 62 -67.86 52.31 -4.10
CA THR G 62 -69.24 52.87 -3.90
C THR G 62 -69.42 53.38 -2.46
N VAL G 63 -70.22 52.67 -1.67
CA VAL G 63 -70.34 52.99 -0.22
C VAL G 63 -69.57 51.85 0.45
N THR G 64 -68.61 52.15 1.32
CA THR G 64 -67.77 51.05 1.87
C THR G 64 -68.65 50.04 2.60
N GLY G 65 -68.52 48.75 2.25
CA GLY G 65 -69.27 47.70 2.96
C GLY G 65 -68.78 47.57 4.39
N ARG G 66 -67.46 47.67 4.59
CA ARG G 66 -66.85 47.52 5.94
C ARG G 66 -67.03 46.07 6.39
N PHE G 67 -67.23 45.15 5.45
CA PHE G 67 -67.42 43.71 5.77
C PHE G 67 -66.10 43.13 6.27
N THR G 68 -66.17 42.12 7.14
CA THR G 68 -64.93 41.48 7.68
C THR G 68 -64.91 40.01 7.27
N ILE G 69 -64.49 39.71 6.04
CA ILE G 69 -64.40 38.34 5.58
C ILE G 69 -63.19 37.70 6.22
N SER G 70 -63.36 36.43 6.60
CA SER G 70 -62.22 35.59 6.93
C SER G 70 -62.45 34.22 6.32
N ARG G 71 -61.47 33.35 6.48
CA ARG G 71 -61.59 31.97 6.04
C ARG G 71 -61.06 31.07 7.15
N ASP G 72 -61.77 29.99 7.37
CA ASP G 72 -61.20 28.88 8.12
C ASP G 72 -61.22 27.67 7.20
N ASN G 73 -60.04 27.26 6.74
CA ASN G 73 -59.91 26.11 5.88
C ASN G 73 -60.13 24.80 6.63
N ALA G 74 -59.99 24.80 7.95
CA ALA G 74 -60.45 23.68 8.76
C ALA G 74 -61.97 23.61 8.78
N LYS G 75 -62.63 24.75 8.94
CA LYS G 75 -64.07 24.82 8.85
C LYS G 75 -64.55 24.85 7.40
N ASN G 76 -63.66 25.12 6.45
CA ASN G 76 -64.05 25.47 5.08
C ASN G 76 -65.09 26.59 5.07
N THR G 77 -65.01 27.49 6.04
CA THR G 77 -66.10 28.42 6.27
C THR G 77 -65.69 29.86 5.99
N LEU G 78 -66.49 30.50 5.15
CA LEU G 78 -66.38 31.92 4.88
C LEU G 78 -67.31 32.65 5.83
N TYR G 79 -66.90 33.83 6.26
CA TYR G 79 -67.73 34.64 7.12
C TYR G 79 -68.03 35.94 6.39
N LEU G 80 -69.15 36.56 6.72
CA LEU G 80 -69.27 37.95 6.34
C LEU G 80 -69.70 38.72 7.58
N GLN G 81 -68.80 39.52 8.13
CA GLN G 81 -69.14 40.32 9.29
C GLN G 81 -69.32 41.74 8.81
N MET G 82 -70.56 42.18 8.67
CA MET G 82 -70.83 43.42 7.98
C MET G 82 -70.91 44.54 9.00
N ASN G 83 -69.89 45.37 9.02
CA ASN G 83 -69.81 46.46 9.99
C ASN G 83 -70.69 47.60 9.48
N SER G 84 -71.14 48.44 10.41
CA SER G 84 -72.04 49.53 10.06
C SER G 84 -73.27 48.97 9.35
N LEU G 85 -74.04 48.16 10.06
CA LEU G 85 -75.27 47.64 9.50
C LEU G 85 -76.24 48.76 9.18
N ARG G 86 -77.04 48.56 8.15
CA ARG G 86 -78.09 49.53 7.87
C ARG G 86 -79.34 48.79 7.40
N ALA G 87 -80.42 49.54 7.21
CA ALA G 87 -81.68 48.92 6.82
C ALA G 87 -81.59 48.37 5.40
N GLU G 88 -80.84 49.04 4.55
CA GLU G 88 -80.62 48.57 3.19
C GLU G 88 -79.87 47.25 3.15
N ASP G 89 -79.10 46.93 4.20
CA ASP G 89 -78.39 45.65 4.25
C ASP G 89 -79.36 44.49 4.14
N THR G 90 -80.62 44.71 4.48
CA THR G 90 -81.64 43.70 4.25
C THR G 90 -81.64 43.34 2.76
N ALA G 91 -81.45 42.05 2.49
CA ALA G 91 -81.14 41.58 1.15
C ALA G 91 -80.95 40.07 1.19
N VAL G 92 -80.71 39.45 0.04
CA VAL G 92 -80.28 38.07 0.02
C VAL G 92 -78.80 38.07 -0.35
N TYR G 93 -77.96 37.82 0.64
CA TYR G 93 -76.53 37.72 0.46
C TYR G 93 -76.22 36.33 -0.09
N TYR G 94 -75.27 36.27 -1.00
CA TYR G 94 -74.82 34.97 -1.48
C TYR G 94 -73.34 34.83 -1.24
N CYS G 95 -72.98 34.00 -0.28
CA CYS G 95 -71.61 33.56 -0.24
C CYS G 95 -71.43 32.66 -1.44
N ALA G 96 -70.47 33.00 -2.32
CA ALA G 96 -70.40 32.24 -3.58
C ALA G 96 -69.01 31.62 -3.81
N ARG G 97 -68.98 30.48 -4.52
CA ARG G 97 -67.70 29.77 -4.78
C ARG G 97 -67.23 30.06 -6.21
N PHE G 98 -66.06 30.69 -6.35
CA PHE G 98 -65.51 30.96 -7.70
C PHE G 98 -64.96 29.67 -8.32
N ARG G 99 -65.05 29.55 -9.64
CA ARG G 99 -64.51 28.36 -10.35
C ARG G 99 -63.03 28.63 -10.68
N TYR G 100 -62.41 27.77 -11.48
CA TYR G 100 -60.98 27.94 -11.86
C TYR G 100 -60.86 29.16 -12.79
N GLY G 101 -59.64 29.67 -12.99
CA GLY G 101 -59.50 30.93 -13.75
C GLY G 101 -60.19 30.87 -15.10
N GLY G 102 -60.94 31.92 -15.43
CA GLY G 102 -61.74 31.92 -16.68
C GLY G 102 -62.44 33.27 -16.84
N GLY G 103 -63.47 33.32 -17.70
CA GLY G 103 -64.22 34.58 -17.90
C GLY G 103 -64.73 35.16 -16.59
N GLY G 104 -65.28 34.32 -15.72
CA GLY G 104 -65.74 34.79 -14.40
C GLY G 104 -64.91 34.20 -13.28
N THR G 105 -65.27 33.00 -12.81
CA THR G 105 -66.59 32.37 -13.09
C THR G 105 -67.18 31.88 -11.76
N VAL G 106 -68.52 31.89 -11.63
CA VAL G 106 -69.17 31.47 -10.36
C VAL G 106 -70.18 30.34 -10.65
N ASP G 107 -69.71 29.10 -10.69
CA ASP G 107 -70.60 27.93 -10.99
C ASP G 107 -71.49 27.60 -9.78
N TYR G 108 -70.95 27.65 -8.55
CA TYR G 108 -71.73 27.20 -7.37
C TYR G 108 -71.90 28.34 -6.35
N TRP G 109 -73.06 28.41 -5.69
CA TRP G 109 -73.33 29.47 -4.69
C TRP G 109 -74.07 28.88 -3.49
N GLY G 110 -74.36 29.72 -2.47
CA GLY G 110 -75.18 29.33 -1.36
C GLY G 110 -76.62 29.22 -1.83
N GLN G 111 -77.52 28.82 -0.95
CA GLN G 111 -78.93 28.66 -1.29
C GLN G 111 -79.66 29.99 -1.31
N GLY G 112 -78.98 31.07 -1.01
CA GLY G 112 -79.58 32.35 -0.70
C GLY G 112 -79.65 32.56 0.80
N THR G 113 -79.43 33.79 1.21
CA THR G 113 -79.38 34.09 2.64
C THR G 113 -80.40 35.16 2.94
N LEU G 114 -81.32 34.85 3.84
CA LEU G 114 -82.17 35.90 4.38
C LEU G 114 -81.35 36.72 5.34
N VAL G 115 -81.27 38.01 5.09
CA VAL G 115 -80.65 38.94 6.02
C VAL G 115 -81.55 40.16 6.08
N THR G 116 -81.91 40.54 7.30
CA THR G 116 -82.82 41.66 7.44
C THR G 116 -82.32 42.56 8.55
N VAL G 117 -82.10 43.81 8.20
CA VAL G 117 -81.86 44.87 9.17
C VAL G 117 -82.96 45.91 8.97
N SER G 118 -83.74 46.12 10.02
CA SER G 118 -84.85 47.07 9.94
C SER G 118 -85.19 47.51 11.36
N SER H 1 -15.68 95.04 -38.06
CA SER H 1 -16.64 95.33 -37.01
C SER H 1 -16.14 96.47 -36.13
N VAL H 2 -15.49 96.10 -35.03
CA VAL H 2 -15.00 97.08 -34.08
C VAL H 2 -13.53 97.41 -34.34
N LEU H 3 -12.90 96.77 -35.32
CA LEU H 3 -11.47 96.91 -35.56
C LEU H 3 -11.24 97.68 -36.86
N THR H 4 -9.97 97.92 -37.18
CA THR H 4 -9.62 98.81 -38.28
C THR H 4 -8.72 98.11 -39.28
N GLN H 5 -9.24 97.89 -40.48
CA GLN H 5 -8.43 97.55 -41.64
C GLN H 5 -9.21 97.87 -42.91
N ALA H 6 -8.47 98.04 -44.00
CA ALA H 6 -9.06 98.59 -45.21
C ALA H 6 -9.78 97.50 -45.99
N PRO H 7 -10.70 97.87 -46.90
CA PRO H 7 -11.36 96.84 -47.73
C PRO H 7 -10.42 96.09 -48.64
N SER H 8 -9.48 96.77 -49.30
CA SER H 8 -8.66 96.10 -50.31
C SER H 8 -7.27 96.73 -50.37
N VAL H 9 -6.34 95.97 -50.93
CA VAL H 9 -4.97 96.45 -51.14
C VAL H 9 -4.41 95.69 -52.33
N SER H 10 -3.46 96.30 -53.04
CA SER H 10 -2.93 95.72 -54.26
C SER H 10 -1.42 95.87 -54.31
N ALA H 11 -0.76 94.89 -54.92
CA ALA H 11 0.68 94.95 -55.10
C ALA H 11 1.09 94.01 -56.23
N ALA H 12 2.28 94.27 -56.79
CA ALA H 12 2.84 93.48 -57.87
C ALA H 12 3.27 92.11 -57.37
N PRO H 13 3.28 91.11 -58.25
CA PRO H 13 3.61 89.74 -57.81
C PRO H 13 5.05 89.62 -57.36
N GLY H 14 5.31 88.59 -56.55
CA GLY H 14 6.65 88.30 -56.07
C GLY H 14 7.25 89.36 -55.19
N GLN H 15 6.50 90.38 -54.81
CA GLN H 15 7.04 91.49 -54.05
C GLN H 15 6.87 91.20 -52.55
N LYS H 16 7.20 92.18 -51.72
CA LYS H 16 7.06 92.06 -50.27
C LYS H 16 6.26 93.26 -49.75
N VAL H 17 5.05 92.99 -49.29
CA VAL H 17 4.21 94.00 -48.65
C VAL H 17 3.28 93.30 -47.66
N THR H 18 3.01 93.96 -46.54
CA THR H 18 2.27 93.36 -45.45
C THR H 18 0.92 94.05 -45.29
N ILE H 19 0.15 93.60 -44.29
CA ILE H 19 -1.14 94.18 -43.96
C ILE H 19 -1.22 94.28 -42.44
N SER H 20 -1.74 95.40 -41.95
CA SER H 20 -1.82 95.69 -40.52
C SER H 20 -3.26 95.88 -40.11
N CYS H 21 -3.50 95.72 -38.80
CA CYS H 21 -4.83 95.86 -38.21
C CYS H 21 -4.69 96.63 -36.90
N SER H 22 -5.45 97.72 -36.77
CA SER H 22 -5.32 98.63 -35.64
C SER H 22 -6.44 98.37 -34.63
N GLY H 23 -6.07 97.87 -33.45
CA GLY H 23 -7.00 97.63 -32.39
C GLY H 23 -6.84 98.61 -31.24
N SER H 24 -7.25 98.18 -30.05
CA SER H 24 -7.09 98.99 -28.85
C SER H 24 -6.44 98.18 -27.74
N SER H 25 -6.18 98.82 -26.60
CA SER H 25 -5.67 98.08 -25.46
C SER H 25 -6.73 97.15 -24.90
N SER H 26 -8.00 97.49 -25.10
CA SER H 26 -9.11 96.67 -24.65
C SER H 26 -9.26 95.38 -25.45
N ASN H 27 -8.61 95.29 -26.61
CA ASN H 27 -8.73 94.13 -27.48
C ASN H 27 -7.36 93.55 -27.84
N ILE H 28 -6.55 94.27 -28.62
CA ILE H 28 -5.27 93.73 -29.03
C ILE H 28 -4.23 93.86 -27.91
N GLY H 29 -4.37 94.89 -27.07
CA GLY H 29 -3.36 95.19 -26.08
C GLY H 29 -2.97 94.04 -25.17
N ASN H 30 -3.94 93.42 -24.51
CA ASN H 30 -3.66 92.31 -23.61
C ASN H 30 -3.91 90.94 -24.22
N ASN H 31 -4.31 90.87 -25.49
CA ASN H 31 -4.78 89.62 -26.07
C ASN H 31 -3.94 89.24 -27.28
N TYR H 32 -3.96 87.94 -27.58
CA TYR H 32 -3.24 87.42 -28.74
C TYR H 32 -4.07 87.57 -30.01
N VAL H 33 -3.39 87.71 -31.14
CA VAL H 33 -4.01 88.04 -32.41
C VAL H 33 -3.92 86.83 -33.33
N SER H 34 -4.96 86.64 -34.15
CA SER H 34 -4.99 85.61 -35.17
C SER H 34 -5.29 86.25 -36.52
N TRP H 35 -5.05 85.48 -37.58
CA TRP H 35 -5.25 85.95 -38.94
C TRP H 35 -5.78 84.81 -39.80
N TYR H 36 -6.67 85.15 -40.72
CA TYR H 36 -7.43 84.15 -41.46
C TYR H 36 -7.46 84.49 -42.94
N GLN H 37 -7.55 83.47 -43.77
CA GLN H 37 -7.62 83.63 -45.23
C GLN H 37 -8.81 82.84 -45.77
N GLN H 38 -9.52 83.43 -46.72
CA GLN H 38 -10.61 82.75 -47.43
C GLN H 38 -10.54 83.12 -48.90
N LEU H 39 -10.67 82.14 -49.74
CA LEU H 39 -10.90 82.30 -51.16
C LEU H 39 -12.39 82.48 -51.42
N PRO H 40 -12.78 82.99 -52.60
CA PRO H 40 -14.20 83.22 -52.86
C PRO H 40 -15.03 81.97 -52.65
N GLY H 41 -16.09 82.09 -51.86
CA GLY H 41 -16.95 80.98 -51.52
C GLY H 41 -16.25 79.77 -50.95
N THR H 42 -15.25 79.95 -50.09
CA THR H 42 -14.47 78.83 -49.56
C THR H 42 -14.39 78.94 -48.04
N ALA H 43 -13.57 78.07 -47.48
CA ALA H 43 -13.37 77.88 -46.05
C ALA H 43 -12.26 78.78 -45.53
N PRO H 44 -12.60 79.74 -44.66
CA PRO H 44 -11.58 80.66 -44.16
C PRO H 44 -10.52 79.94 -43.35
N LYS H 45 -9.27 80.14 -43.76
CA LYS H 45 -8.15 79.35 -43.28
C LYS H 45 -7.35 80.15 -42.28
N LEU H 46 -7.06 79.54 -41.12
CA LEU H 46 -6.17 80.17 -40.16
C LEU H 46 -4.81 80.42 -40.78
N LEU H 47 -4.35 81.66 -40.69
CA LEU H 47 -3.07 82.07 -41.24
C LEU H 47 -1.96 82.00 -40.21
N ILE H 48 -2.01 82.86 -39.19
CA ILE H 48 -1.02 82.91 -38.12
C ILE H 48 -1.74 83.09 -36.81
N TYR H 49 -1.30 82.38 -35.77
CA TYR H 49 -1.88 82.53 -34.44
C TYR H 49 -0.81 83.02 -33.48
N ASP H 50 -1.22 83.92 -32.59
CA ASP H 50 -0.35 84.68 -31.71
C ASP H 50 0.67 85.51 -32.48
N ASN H 51 0.39 85.71 -33.77
CA ASN H 51 1.18 86.52 -34.69
C ASN H 51 2.60 85.98 -34.93
N ASN H 52 3.10 85.15 -34.02
CA ASN H 52 4.41 84.55 -34.18
C ASN H 52 4.38 83.08 -34.59
N LYS H 53 3.21 82.46 -34.67
CA LYS H 53 3.14 81.00 -34.80
C LYS H 53 2.40 80.61 -36.07
N ARG H 54 3.00 79.68 -36.81
CA ARG H 54 2.43 79.19 -38.05
C ARG H 54 1.70 77.88 -37.81
N PRO H 55 0.45 77.78 -38.27
CA PRO H 55 -0.23 76.49 -38.30
C PRO H 55 0.45 75.52 -39.26
N SER H 56 0.12 74.25 -39.11
CA SER H 56 0.70 73.23 -39.98
C SER H 56 0.26 73.45 -41.42
N GLY H 57 1.24 73.53 -42.32
CA GLY H 57 0.99 73.72 -43.72
C GLY H 57 1.09 75.16 -44.20
N ILE H 58 1.54 76.07 -43.37
CA ILE H 58 1.64 77.49 -43.72
C ILE H 58 3.05 77.75 -44.24
N PRO H 59 3.21 78.44 -45.38
CA PRO H 59 4.55 78.84 -45.81
C PRO H 59 5.23 79.68 -44.75
N ASP H 60 6.51 79.40 -44.51
CA ASP H 60 7.28 80.14 -43.51
C ASP H 60 7.41 81.61 -43.89
N ARG H 61 7.12 81.95 -45.13
CA ARG H 61 7.29 83.31 -45.63
C ARG H 61 6.37 84.31 -44.93
N PHE H 62 5.45 83.84 -44.10
CA PHE H 62 4.57 84.75 -43.37
C PHE H 62 5.11 84.97 -41.96
N SER H 63 5.03 86.22 -41.49
CA SER H 63 5.43 86.58 -40.14
C SER H 63 4.36 87.47 -39.53
N GLY H 64 4.64 88.00 -38.36
CA GLY H 64 3.71 88.89 -37.70
C GLY H 64 4.37 89.69 -36.60
N SER H 65 3.69 90.74 -36.16
CA SER H 65 4.18 91.59 -35.09
C SER H 65 3.00 92.26 -34.39
N LYS H 66 3.21 92.59 -33.13
CA LYS H 66 2.27 93.39 -32.37
C LYS H 66 3.01 94.56 -31.74
N SER H 67 2.72 95.77 -32.20
CA SER H 67 3.27 96.99 -31.62
C SER H 67 2.13 97.76 -30.97
N GLY H 68 2.11 97.78 -29.65
CA GLY H 68 1.03 98.43 -28.93
C GLY H 68 -0.31 97.85 -29.33
N THR H 69 -1.20 98.73 -29.76
CA THR H 69 -2.53 98.34 -30.24
C THR H 69 -2.53 97.98 -31.72
N SER H 70 -1.38 98.00 -32.37
CA SER H 70 -1.27 97.75 -33.80
C SER H 70 -0.63 96.38 -34.02
N ALA H 71 -1.24 95.59 -34.90
CA ALA H 71 -0.76 94.24 -35.22
C ALA H 71 -0.67 94.09 -36.73
N THR H 72 0.55 93.85 -37.21
CA THR H 72 0.81 93.69 -38.63
C THR H 72 0.95 92.21 -38.95
N LEU H 73 0.38 91.81 -40.08
CA LEU H 73 0.51 90.44 -40.59
C LEU H 73 1.56 90.45 -41.68
N GLY H 74 2.71 89.82 -41.39
CA GLY H 74 3.79 89.76 -42.36
C GLY H 74 3.39 88.94 -43.58
N ILE H 75 3.49 89.56 -44.74
CA ILE H 75 3.13 88.94 -46.01
C ILE H 75 4.29 89.14 -46.97
N THR H 76 4.94 88.04 -47.36
CA THR H 76 6.11 88.11 -48.20
C THR H 76 6.02 87.07 -49.31
N GLY H 77 6.83 87.26 -50.35
CA GLY H 77 6.87 86.33 -51.46
C GLY H 77 5.52 86.18 -52.15
N LEU H 78 4.97 87.30 -52.61
CA LEU H 78 3.64 87.30 -53.19
C LEU H 78 3.53 86.29 -54.33
N GLN H 79 2.40 85.58 -54.37
CA GLN H 79 2.11 84.59 -55.39
C GLN H 79 0.86 85.00 -56.16
N THR H 80 0.73 84.41 -57.35
CA THR H 80 -0.47 84.64 -58.14
C THR H 80 -1.70 84.07 -57.46
N GLY H 81 -1.50 83.06 -56.61
CA GLY H 81 -2.62 82.48 -55.88
C GLY H 81 -2.81 83.06 -54.50
N ASP H 82 -2.15 84.19 -54.20
CA ASP H 82 -2.27 84.78 -52.87
C ASP H 82 -3.36 85.82 -52.78
N GLU H 83 -4.13 86.05 -53.84
CA GLU H 83 -5.17 87.07 -53.82
C GLU H 83 -6.39 86.53 -53.07
N ALA H 84 -6.73 87.19 -51.98
CA ALA H 84 -7.82 86.79 -51.09
C ALA H 84 -7.90 87.82 -49.97
N ASP H 85 -8.90 87.67 -49.12
CA ASP H 85 -9.10 88.57 -47.98
C ASP H 85 -8.47 87.98 -46.74
N TYR H 86 -7.78 88.82 -45.98
CA TYR H 86 -7.18 88.43 -44.71
C TYR H 86 -7.88 89.15 -43.57
N TYR H 87 -8.18 88.41 -42.50
CA TYR H 87 -8.97 88.92 -41.39
C TYR H 87 -8.14 88.90 -40.11
N CYS H 88 -8.12 90.03 -39.42
CA CYS H 88 -7.53 90.11 -38.09
C CYS H 88 -8.58 89.79 -37.03
N GLY H 89 -8.13 89.15 -35.96
CA GLY H 89 -8.97 88.95 -34.79
C GLY H 89 -8.12 88.80 -33.55
N THR H 90 -8.72 89.12 -32.41
CA THR H 90 -8.12 88.92 -31.11
C THR H 90 -9.24 88.85 -30.08
N TRP H 91 -8.91 88.30 -28.91
CA TRP H 91 -9.93 88.15 -27.88
C TRP H 91 -10.34 89.50 -27.34
N ASP H 92 -11.63 89.65 -27.06
CA ASP H 92 -12.18 90.88 -26.51
C ASP H 92 -12.74 90.61 -25.12
N SER H 93 -12.29 91.40 -24.15
CA SER H 93 -12.91 91.37 -22.83
C SER H 93 -13.98 92.45 -22.68
N SER H 94 -14.03 93.41 -23.62
CA SER H 94 -15.02 94.47 -23.54
C SER H 94 -16.43 93.90 -23.53
N LEU H 95 -16.85 93.34 -24.66
CA LEU H 95 -18.09 92.58 -24.68
C LEU H 95 -17.86 91.14 -24.25
N SER H 96 -16.62 90.81 -23.86
CA SER H 96 -16.23 89.47 -23.45
C SER H 96 -16.60 88.45 -24.54
N ALA H 97 -15.97 88.60 -25.69
CA ALA H 97 -16.33 87.83 -26.86
C ALA H 97 -15.17 87.80 -27.85
N VAL H 98 -15.48 87.32 -29.05
CA VAL H 98 -14.53 87.25 -30.15
C VAL H 98 -14.88 88.33 -31.17
N VAL H 99 -13.89 89.08 -31.60
CA VAL H 99 -14.10 90.20 -32.52
C VAL H 99 -13.22 90.03 -33.75
N PHE H 100 -13.61 90.71 -34.84
CA PHE H 100 -12.87 90.72 -36.07
C PHE H 100 -12.95 92.08 -36.73
N GLY H 101 -12.06 92.31 -37.69
CA GLY H 101 -12.18 93.46 -38.55
C GLY H 101 -12.98 93.16 -39.80
N GLY H 102 -13.25 94.21 -40.57
CA GLY H 102 -14.03 94.06 -41.78
C GLY H 102 -13.40 93.18 -42.84
N GLY H 103 -12.09 93.02 -42.80
CA GLY H 103 -11.40 92.22 -43.81
C GLY H 103 -10.78 93.07 -44.89
N THR H 104 -9.66 92.59 -45.41
CA THR H 104 -8.90 93.30 -46.44
C THR H 104 -8.62 92.36 -47.58
N LYS H 105 -9.17 92.65 -48.75
CA LYS H 105 -9.03 91.76 -49.89
C LYS H 105 -7.78 92.17 -50.66
N LEU H 106 -6.77 91.33 -50.59
CA LEU H 106 -5.49 91.57 -51.27
C LEU H 106 -5.72 91.41 -52.76
N THR H 107 -4.87 92.04 -53.55
CA THR H 107 -4.84 91.85 -55.00
C THR H 107 -3.38 91.78 -55.43
N VAL H 108 -3.02 90.70 -56.10
CA VAL H 108 -1.66 90.55 -56.63
C VAL H 108 -1.66 91.07 -58.07
N LEU H 109 -0.93 92.16 -58.30
CA LEU H 109 -0.98 92.86 -59.58
C LEU H 109 -0.18 92.13 -60.65
N VAL I 1 -35.52 -2.50 -25.38
CA VAL I 1 -34.88 -1.76 -26.50
C VAL I 1 -35.40 -2.32 -27.82
N LYS I 2 -34.78 -3.40 -28.32
CA LYS I 2 -35.20 -3.99 -29.63
C LYS I 2 -35.59 -5.46 -29.43
N LEU I 3 -36.74 -5.87 -29.98
CA LEU I 3 -37.14 -7.30 -29.91
C LEU I 3 -37.40 -7.80 -31.34
N VAL I 4 -36.79 -8.93 -31.72
CA VAL I 4 -37.00 -9.51 -33.09
C VAL I 4 -37.67 -10.87 -32.93
N GLU I 5 -38.79 -11.12 -33.61
CA GLU I 5 -39.53 -12.40 -33.38
C GLU I 5 -39.80 -13.11 -34.71
N SER I 6 -39.88 -14.44 -34.69
CA SER I 6 -40.23 -15.20 -35.91
C SER I 6 -41.63 -14.80 -36.37
N GLY I 7 -41.74 -14.16 -37.55
CA GLY I 7 -43.02 -13.67 -38.02
C GLY I 7 -43.82 -14.71 -38.75
N GLY I 8 -44.63 -14.26 -39.73
CA GLY I 8 -45.51 -15.15 -40.53
C GLY I 8 -45.27 -16.64 -40.36
N GLY I 9 -45.96 -17.29 -39.42
CA GLY I 9 -45.85 -18.75 -39.27
C GLY I 9 -47.22 -19.42 -39.35
N LEU I 10 -47.37 -20.41 -40.24
CA LEU I 10 -48.65 -21.16 -40.36
C LEU I 10 -48.38 -22.66 -40.24
N VAL I 11 -49.16 -23.37 -39.40
CA VAL I 11 -48.97 -24.83 -39.20
C VAL I 11 -50.36 -25.49 -39.26
N LYS I 12 -50.40 -26.83 -39.37
CA LYS I 12 -51.71 -27.55 -39.40
C LYS I 12 -52.46 -27.28 -38.09
N PRO I 13 -53.79 -27.08 -38.12
CA PRO I 13 -54.55 -26.74 -36.91
C PRO I 13 -54.53 -27.86 -35.86
N GLY I 14 -54.51 -27.49 -34.57
CA GLY I 14 -54.46 -28.49 -33.50
C GLY I 14 -53.04 -28.95 -33.21
N GLY I 15 -52.05 -28.34 -33.87
CA GLY I 15 -50.64 -28.69 -33.64
C GLY I 15 -49.98 -27.74 -32.65
N SER I 16 -48.67 -27.54 -32.77
CA SER I 16 -47.95 -26.65 -31.89
C SER I 16 -47.11 -25.73 -32.75
N LEU I 17 -46.69 -24.59 -32.20
CA LEU I 17 -45.87 -23.70 -32.99
C LEU I 17 -44.78 -23.09 -32.15
N ARG I 18 -43.56 -23.25 -32.60
CA ARG I 18 -42.46 -22.59 -31.97
C ARG I 18 -42.45 -21.18 -32.46
N LEU I 19 -42.44 -20.23 -31.54
CA LEU I 19 -42.17 -18.85 -31.87
C LEU I 19 -40.69 -18.61 -31.74
N SER I 20 -40.32 -17.34 -31.67
CA SER I 20 -39.07 -16.96 -31.07
C SER I 20 -39.16 -15.48 -30.74
N CYS I 21 -38.15 -14.97 -30.01
CA CYS I 21 -38.08 -13.50 -29.72
C CYS I 21 -36.66 -13.14 -29.28
N ALA I 22 -35.77 -12.87 -30.24
CA ALA I 22 -34.38 -12.48 -29.91
C ALA I 22 -34.37 -11.17 -29.12
N ALA I 23 -34.06 -11.23 -27.82
CA ALA I 23 -33.95 -10.01 -26.99
C ALA I 23 -32.68 -9.25 -27.40
N SER I 24 -32.83 -8.09 -28.03
CA SER I 24 -31.64 -7.36 -28.54
C SER I 24 -31.43 -6.05 -27.76
N GLY I 25 -30.16 -5.64 -27.59
CA GLY I 25 -29.88 -4.36 -26.93
C GLY I 25 -29.69 -4.48 -25.42
N PHE I 26 -30.21 -5.57 -24.83
CA PHE I 26 -30.12 -5.75 -23.35
C PHE I 26 -29.88 -7.22 -23.02
N THR I 27 -29.95 -7.57 -21.74
CA THR I 27 -29.71 -8.97 -21.31
C THR I 27 -31.05 -9.66 -21.05
N PHE I 28 -31.40 -10.65 -21.87
CA PHE I 28 -32.63 -11.44 -21.66
C PHE I 28 -32.57 -12.08 -20.27
N THR I 29 -31.38 -12.55 -19.87
CA THR I 29 -31.19 -13.18 -18.53
C THR I 29 -31.55 -12.18 -17.42
N ASN I 30 -31.15 -10.92 -17.54
CA ASN I 30 -31.37 -9.92 -16.46
C ASN I 30 -32.80 -9.36 -16.50
N TYR I 31 -33.47 -9.44 -17.65
CA TYR I 31 -34.81 -8.79 -17.75
C TYR I 31 -35.89 -9.83 -18.04
N GLY I 32 -36.73 -10.13 -17.05
CA GLY I 32 -37.84 -11.09 -17.24
C GLY I 32 -38.85 -10.58 -18.24
N MET I 33 -39.63 -11.47 -18.82
CA MET I 33 -40.51 -11.05 -19.92
C MET I 33 -41.71 -11.98 -19.94
N SER I 34 -42.59 -11.81 -20.93
CA SER I 34 -43.74 -12.74 -21.04
C SER I 34 -44.21 -12.74 -22.50
N TRP I 35 -45.31 -13.43 -22.80
CA TRP I 35 -45.86 -13.39 -24.18
C TRP I 35 -47.26 -12.78 -24.15
N VAL I 36 -47.52 -11.83 -25.06
CA VAL I 36 -48.86 -11.16 -25.10
C VAL I 36 -49.48 -11.42 -26.48
N ARG I 37 -50.69 -11.98 -26.51
CA ARG I 37 -51.40 -12.20 -27.81
C ARG I 37 -52.58 -11.22 -27.91
N GLN I 38 -52.92 -10.78 -29.12
CA GLN I 38 -54.09 -9.89 -29.32
C GLN I 38 -55.03 -10.51 -30.36
N ALA I 39 -56.32 -10.67 -30.01
CA ALA I 39 -57.30 -11.24 -30.96
C ALA I 39 -58.24 -10.12 -31.42
N PRO I 40 -58.58 -10.01 -32.72
CA PRO I 40 -59.40 -8.89 -33.20
C PRO I 40 -60.77 -8.90 -32.49
N GLY I 41 -61.22 -7.74 -32.01
CA GLY I 41 -62.50 -7.66 -31.27
C GLY I 41 -62.31 -8.05 -29.81
N LYS I 42 -61.07 -8.31 -29.40
CA LYS I 42 -60.77 -8.74 -28.00
C LYS I 42 -59.59 -7.92 -27.46
N ARG I 43 -59.46 -7.83 -26.13
CA ARG I 43 -58.34 -7.06 -25.51
C ARG I 43 -57.06 -7.91 -25.52
N LEU I 44 -55.93 -7.30 -25.17
CA LEU I 44 -54.62 -8.04 -25.14
C LEU I 44 -54.71 -9.16 -24.10
N GLU I 45 -54.65 -10.42 -24.55
CA GLU I 45 -54.75 -11.58 -23.62
C GLU I 45 -53.38 -11.86 -23.01
N TRP I 46 -53.34 -12.15 -21.71
CA TRP I 46 -52.06 -12.47 -21.02
C TRP I 46 -51.81 -13.98 -21.06
N VAL I 47 -50.87 -14.45 -21.87
CA VAL I 47 -50.67 -15.92 -22.03
C VAL I 47 -49.45 -16.39 -21.24
N ALA I 48 -48.34 -16.69 -21.92
CA ALA I 48 -47.14 -17.25 -21.27
C ALA I 48 -46.55 -16.24 -20.30
N GLU I 49 -46.22 -16.66 -19.08
CA GLU I 49 -45.59 -15.76 -18.07
C GLU I 49 -44.36 -16.46 -17.49
N ILE I 50 -43.17 -15.91 -17.71
CA ILE I 50 -41.92 -16.58 -17.22
C ILE I 50 -41.17 -15.65 -16.26
N SER I 51 -40.24 -16.19 -15.46
CA SER I 51 -39.47 -15.38 -14.49
C SER I 51 -38.09 -15.03 -15.06
N SER I 52 -37.40 -14.06 -14.47
CA SER I 52 -36.03 -13.70 -14.91
C SER I 52 -35.05 -14.74 -14.36
N GLY I 53 -35.03 -14.91 -13.04
CA GLY I 53 -34.15 -15.93 -12.42
C GLY I 53 -34.93 -17.21 -12.17
N GLY I 54 -35.29 -17.92 -13.24
CA GLY I 54 -36.07 -19.17 -13.11
C GLY I 54 -37.06 -19.32 -14.25
N SER I 55 -37.95 -20.31 -14.16
CA SER I 55 -38.99 -20.51 -15.21
C SER I 55 -40.37 -20.61 -14.56
N TYR I 56 -41.17 -19.54 -14.65
CA TYR I 56 -42.53 -19.55 -14.06
C TYR I 56 -43.46 -20.39 -14.93
N THR I 57 -43.20 -20.44 -16.25
CA THR I 57 -44.03 -21.23 -17.21
C THR I 57 -45.52 -21.23 -16.80
N TYR I 58 -46.16 -20.06 -16.80
CA TYR I 58 -47.58 -19.96 -16.36
C TYR I 58 -48.49 -19.74 -17.57
N TYR I 59 -49.55 -20.54 -17.69
CA TYR I 59 -50.52 -20.36 -18.80
C TYR I 59 -51.84 -19.87 -18.19
N PRO I 60 -52.59 -18.97 -18.84
CA PRO I 60 -53.80 -18.40 -18.24
C PRO I 60 -54.98 -19.39 -18.20
N ASP I 61 -55.90 -19.18 -17.26
CA ASP I 61 -57.11 -20.05 -17.17
C ASP I 61 -57.87 -19.97 -18.50
N THR I 62 -57.94 -18.77 -19.09
CA THR I 62 -58.65 -18.58 -20.38
C THR I 62 -58.07 -19.50 -21.45
N VAL I 63 -56.80 -19.32 -21.80
CA VAL I 63 -56.16 -20.13 -22.87
C VAL I 63 -55.04 -20.98 -22.28
N THR I 64 -55.38 -22.09 -21.62
CA THR I 64 -54.35 -23.00 -21.05
C THR I 64 -53.93 -24.02 -22.12
N GLY I 65 -53.43 -23.54 -23.26
CA GLY I 65 -53.04 -24.45 -24.36
C GLY I 65 -51.56 -24.78 -24.31
N ARG I 66 -51.06 -25.24 -23.16
CA ARG I 66 -49.63 -25.63 -23.00
C ARG I 66 -48.70 -24.60 -23.66
N PHE I 67 -48.60 -23.41 -23.07
CA PHE I 67 -47.68 -22.37 -23.60
C PHE I 67 -46.26 -22.66 -23.09
N THR I 68 -45.59 -23.66 -23.65
CA THR I 68 -44.25 -24.05 -23.14
C THR I 68 -43.23 -22.95 -23.48
N ILE I 69 -42.85 -22.14 -22.49
CA ILE I 69 -41.89 -21.02 -22.71
C ILE I 69 -40.48 -21.56 -22.51
N SER I 70 -39.55 -21.24 -23.42
CA SER I 70 -38.13 -21.64 -23.19
C SER I 70 -37.29 -20.41 -22.85
N ARG I 71 -36.45 -20.49 -21.82
CA ARG I 71 -35.59 -19.32 -21.53
C ARG I 71 -34.15 -19.55 -22.01
N ASP I 72 -33.94 -19.40 -23.33
CA ASP I 72 -32.58 -19.52 -23.93
C ASP I 72 -31.78 -18.26 -23.61
N ASN I 73 -31.16 -18.20 -22.43
CA ASN I 73 -30.39 -17.00 -22.01
C ASN I 73 -29.06 -16.99 -22.75
N ALA I 74 -28.55 -18.17 -23.14
CA ALA I 74 -27.30 -18.26 -23.92
C ALA I 74 -27.52 -17.63 -25.30
N LYS I 75 -28.71 -17.83 -25.88
CA LYS I 75 -29.03 -17.26 -27.21
C LYS I 75 -29.74 -15.92 -27.03
N ASN I 76 -30.02 -15.53 -25.77
CA ASN I 76 -30.79 -14.27 -25.49
C ASN I 76 -32.06 -14.29 -26.32
N THR I 77 -32.84 -15.38 -26.25
CA THR I 77 -34.05 -15.51 -27.10
C THR I 77 -35.23 -16.07 -26.28
N LEU I 78 -36.35 -15.35 -26.23
CA LEU I 78 -37.56 -15.84 -25.52
C LEU I 78 -38.34 -16.74 -26.49
N TYR I 79 -38.51 -18.02 -26.16
CA TYR I 79 -39.19 -18.95 -27.10
C TYR I 79 -40.60 -19.28 -26.59
N LEU I 80 -41.43 -19.88 -27.44
CA LEU I 80 -42.79 -20.31 -27.02
C LEU I 80 -43.22 -21.49 -27.88
N GLN I 81 -43.99 -22.44 -27.32
CA GLN I 81 -44.51 -23.57 -28.12
C GLN I 81 -46.02 -23.71 -27.86
N MET I 82 -46.81 -22.74 -28.34
CA MET I 82 -48.29 -22.77 -28.13
C MET I 82 -48.89 -24.04 -28.74
N ASN I 83 -49.33 -24.99 -27.90
CA ASN I 83 -49.97 -26.24 -28.38
C ASN I 83 -51.43 -25.99 -28.76
N SER I 84 -52.08 -26.96 -29.41
CA SER I 84 -53.52 -26.84 -29.75
C SER I 84 -53.81 -25.57 -30.56
N LEU I 85 -53.13 -25.40 -31.70
CA LEU I 85 -53.31 -24.18 -32.53
C LEU I 85 -54.80 -24.06 -32.92
N ARG I 86 -55.35 -22.85 -32.83
CA ARG I 86 -56.81 -22.64 -33.10
C ARG I 86 -57.04 -21.17 -33.43
N ALA I 87 -58.30 -20.77 -33.64
CA ALA I 87 -58.62 -19.37 -33.97
C ALA I 87 -58.19 -18.45 -32.81
N GLU I 88 -58.39 -18.88 -31.56
CA GLU I 88 -57.90 -18.09 -30.40
C GLU I 88 -56.38 -18.00 -30.44
N ASP I 89 -55.71 -19.09 -30.82
CA ASP I 89 -54.23 -19.11 -30.91
C ASP I 89 -53.77 -18.09 -31.97
N THR I 90 -54.51 -17.97 -33.08
CA THR I 90 -54.17 -16.93 -34.08
C THR I 90 -54.27 -15.58 -33.37
N ALA I 91 -53.18 -14.80 -33.34
CA ALA I 91 -53.19 -13.52 -32.60
C ALA I 91 -51.92 -12.72 -32.94
N VAL I 92 -51.87 -11.44 -32.55
CA VAL I 92 -50.61 -10.67 -32.73
C VAL I 92 -49.71 -11.00 -31.54
N TYR I 93 -48.72 -11.87 -31.73
CA TYR I 93 -47.89 -12.33 -30.58
C TYR I 93 -46.68 -11.43 -30.35
N TYR I 94 -46.88 -10.22 -29.85
CA TYR I 94 -45.71 -9.37 -29.49
C TYR I 94 -45.08 -9.97 -28.24
N CYS I 95 -43.75 -9.92 -28.10
CA CYS I 95 -43.13 -10.38 -26.83
C CYS I 95 -43.24 -9.24 -25.82
N ALA I 96 -42.43 -9.28 -24.75
CA ALA I 96 -42.59 -8.24 -23.76
C ALA I 96 -41.32 -8.01 -23.01
N ARG I 97 -41.41 -7.26 -21.90
CA ARG I 97 -40.19 -6.90 -21.13
C ARG I 97 -40.61 -6.14 -19.86
N PHE I 98 -40.62 -6.83 -18.72
CA PHE I 98 -41.05 -6.18 -17.46
C PHE I 98 -40.06 -5.07 -17.10
N ARG I 99 -40.58 -3.91 -16.68
CA ARG I 99 -39.72 -2.74 -16.37
C ARG I 99 -38.80 -3.06 -15.18
N TYR I 100 -37.55 -2.60 -15.23
CA TYR I 100 -36.63 -2.79 -14.08
C TYR I 100 -36.91 -1.64 -13.10
N GLY I 101 -38.01 -1.73 -12.34
CA GLY I 101 -38.41 -0.64 -11.43
C GLY I 101 -39.83 -0.20 -11.70
N GLY I 102 -40.72 -1.16 -11.98
CA GLY I 102 -42.14 -0.85 -12.24
C GLY I 102 -43.05 -1.67 -11.34
N GLY I 103 -44.18 -1.09 -10.91
CA GLY I 103 -45.08 -1.80 -9.98
C GLY I 103 -45.64 -3.07 -10.58
N GLY I 104 -46.06 -3.04 -11.85
CA GLY I 104 -46.52 -4.27 -12.51
C GLY I 104 -45.38 -4.93 -13.28
N THR I 105 -44.69 -4.19 -14.14
CA THR I 105 -45.27 -3.51 -15.34
C THR I 105 -44.38 -3.79 -16.55
N VAL I 106 -44.91 -3.63 -17.77
CA VAL I 106 -44.11 -3.90 -19.01
C VAL I 106 -43.68 -2.55 -19.60
N ASP I 107 -42.37 -2.32 -19.72
CA ASP I 107 -41.86 -1.03 -20.25
C ASP I 107 -41.57 -1.16 -21.75
N TYR I 108 -40.89 -2.22 -22.17
CA TYR I 108 -40.52 -2.40 -23.59
C TYR I 108 -41.43 -3.45 -24.22
N TRP I 109 -41.76 -3.30 -25.50
CA TRP I 109 -42.73 -4.24 -26.13
C TRP I 109 -42.20 -4.70 -27.49
N GLY I 110 -42.50 -5.95 -27.88
CA GLY I 110 -42.11 -6.41 -29.23
C GLY I 110 -42.93 -5.67 -30.27
N GLN I 111 -42.37 -5.41 -31.46
CA GLN I 111 -43.07 -4.58 -32.48
C GLN I 111 -44.41 -5.23 -32.86
N GLY I 112 -44.47 -6.56 -32.93
CA GLY I 112 -45.71 -7.27 -33.27
C GLY I 112 -45.40 -8.46 -34.15
N THR I 113 -46.27 -9.47 -34.19
CA THR I 113 -45.92 -10.69 -34.94
C THR I 113 -47.08 -11.19 -35.79
N LEU I 114 -46.86 -11.40 -37.08
CA LEU I 114 -47.88 -11.98 -37.92
C LEU I 114 -48.02 -13.44 -37.57
N VAL I 115 -49.18 -13.83 -37.05
CA VAL I 115 -49.36 -15.17 -36.53
C VAL I 115 -50.77 -15.60 -36.81
N THR I 116 -50.92 -16.80 -37.38
CA THR I 116 -52.20 -17.23 -37.90
C THR I 116 -52.27 -18.73 -38.09
N VAL I 117 -53.49 -19.25 -38.11
CA VAL I 117 -53.84 -20.53 -38.70
C VAL I 117 -55.28 -20.44 -39.18
N SER I 118 -55.57 -21.02 -40.34
CA SER I 118 -56.94 -21.08 -40.86
C SER I 118 -57.05 -22.21 -41.88
N ILE J 1 -58.25 -10.06 -11.77
CA ILE J 1 -59.69 -10.28 -11.84
C ILE J 1 -60.16 -10.07 -13.27
N VAL J 2 -61.15 -9.19 -13.42
CA VAL J 2 -61.58 -8.67 -14.72
C VAL J 2 -61.78 -7.17 -14.55
N LEU J 3 -61.48 -6.41 -15.60
CA LEU J 3 -61.63 -4.97 -15.49
C LEU J 3 -62.47 -4.46 -16.65
N THR J 4 -62.92 -3.21 -16.49
CA THR J 4 -63.60 -2.48 -17.54
C THR J 4 -62.90 -1.13 -17.66
N GLN J 5 -63.12 -0.47 -18.79
CA GLN J 5 -62.68 0.91 -18.95
C GLN J 5 -63.84 1.74 -19.46
N SER J 6 -63.71 3.06 -19.29
CA SER J 6 -64.62 3.99 -19.97
C SER J 6 -64.50 3.73 -21.46
N PRO J 7 -65.60 3.54 -22.20
CA PRO J 7 -65.47 2.96 -23.54
C PRO J 7 -64.61 3.77 -24.50
N THR J 8 -64.89 5.07 -24.63
CA THR J 8 -64.24 5.95 -25.60
C THR J 8 -64.39 7.38 -25.12
N LEU J 9 -63.62 8.27 -25.73
CA LEU J 9 -63.92 9.69 -25.68
C LEU J 9 -63.86 10.26 -27.09
N SER J 10 -64.69 11.27 -27.33
CA SER J 10 -64.65 12.07 -28.54
C SER J 10 -64.57 13.52 -28.13
N LEU J 11 -63.45 14.17 -28.43
CA LEU J 11 -63.06 15.40 -27.75
C LEU J 11 -62.34 16.30 -28.75
N SER J 12 -61.70 17.34 -28.24
CA SER J 12 -60.94 18.27 -29.06
C SER J 12 -59.61 18.53 -28.42
N PRO J 13 -58.63 19.07 -29.16
CA PRO J 13 -57.32 19.37 -28.57
C PRO J 13 -57.44 20.39 -27.45
N GLY J 14 -56.41 20.43 -26.61
CA GLY J 14 -56.43 21.29 -25.45
C GLY J 14 -57.48 20.95 -24.43
N GLU J 15 -57.85 19.67 -24.30
CA GLU J 15 -58.92 19.26 -23.41
C GLU J 15 -58.44 18.13 -22.53
N ARG J 16 -59.20 17.84 -21.49
CA ARG J 16 -58.87 16.74 -20.61
C ARG J 16 -59.56 15.46 -21.08
N ALA J 17 -58.80 14.38 -21.13
CA ALA J 17 -59.34 13.07 -21.45
C ALA J 17 -59.29 12.19 -20.20
N THR J 18 -60.47 11.91 -19.65
CA THR J 18 -60.60 11.13 -18.42
C THR J 18 -61.01 9.71 -18.79
N LEU J 19 -60.17 8.75 -18.46
CA LEU J 19 -60.42 7.36 -18.81
C LEU J 19 -60.43 6.53 -17.54
N SER J 20 -61.57 5.91 -17.28
CA SER J 20 -61.70 4.99 -16.16
C SER J 20 -61.08 3.66 -16.56
N CYS J 21 -60.39 3.04 -15.61
CA CYS J 21 -60.13 1.61 -15.68
C CYS J 21 -60.87 0.99 -14.52
N ARG J 22 -61.96 0.29 -14.81
CA ARG J 22 -62.91 -0.16 -13.81
C ARG J 22 -62.74 -1.66 -13.62
N ALA J 23 -62.18 -2.05 -12.49
CA ALA J 23 -61.87 -3.44 -12.25
C ALA J 23 -63.00 -4.12 -11.51
N SER J 24 -63.41 -5.27 -12.00
CA SER J 24 -64.33 -6.11 -11.24
C SER J 24 -63.56 -6.77 -10.09
N GLU J 25 -64.31 -7.23 -9.09
CA GLU J 25 -63.77 -7.85 -7.88
C GLU J 25 -62.81 -6.86 -7.22
N SER J 26 -61.52 -7.20 -7.09
CA SER J 26 -60.62 -6.46 -6.22
C SER J 26 -60.43 -5.03 -6.70
N VAL J 27 -60.08 -4.17 -5.74
CA VAL J 27 -59.78 -2.77 -6.00
C VAL J 27 -58.29 -2.58 -5.78
N ASP J 28 -57.55 -2.37 -6.87
CA ASP J 28 -56.16 -1.90 -6.84
C ASP J 28 -55.33 -2.82 -5.96
N ASN J 29 -54.77 -2.36 -4.84
CA ASN J 29 -53.67 -3.02 -4.18
C ASN J 29 -53.84 -2.97 -2.67
N TYR J 30 -53.29 -3.98 -2.01
CA TYR J 30 -53.05 -3.95 -0.57
C TYR J 30 -51.87 -3.05 -0.21
N GLY J 31 -50.90 -2.95 -1.11
CA GLY J 31 -49.86 -1.96 -0.94
C GLY J 31 -50.38 -0.64 -1.49
N ILE J 32 -51.65 -0.65 -1.87
CA ILE J 32 -52.42 0.55 -2.15
C ILE J 32 -52.03 1.14 -3.51
N SER J 33 -51.00 0.59 -4.16
CA SER J 33 -50.62 1.08 -5.48
C SER J 33 -50.54 -0.09 -6.45
N PHE J 34 -51.48 -0.15 -7.39
CA PHE J 34 -51.57 -1.12 -8.50
C PHE J 34 -52.44 -0.58 -9.61
N MET J 35 -52.83 -1.50 -10.47
CA MET J 35 -53.28 -1.37 -11.86
C MET J 35 -52.15 -0.69 -12.63
N ASN J 36 -52.50 0.16 -13.58
CA ASN J 36 -51.63 0.48 -14.71
C ASN J 36 -52.30 1.39 -15.71
N TRP J 37 -51.53 1.87 -16.69
CA TRP J 37 -52.07 2.40 -17.93
C TRP J 37 -51.13 2.09 -19.07
N PHE J 38 -51.73 1.87 -20.24
CA PHE J 38 -51.01 1.44 -21.42
C PHE J 38 -51.65 2.05 -22.65
N GLN J 39 -50.84 2.35 -23.64
CA GLN J 39 -51.37 2.81 -24.91
C GLN J 39 -50.88 1.91 -26.01
N GLN J 40 -51.77 1.62 -26.96
CA GLN J 40 -51.36 0.95 -28.18
C GLN J 40 -51.65 1.87 -29.35
N LYS J 41 -50.59 2.32 -30.01
CA LYS J 41 -50.77 3.03 -31.27
C LYS J 41 -51.47 2.10 -32.25
N PRO J 42 -52.41 2.61 -33.05
CA PRO J 42 -53.17 1.75 -33.95
C PRO J 42 -52.26 1.05 -34.95
N GLY J 43 -52.46 -0.26 -35.08
CA GLY J 43 -51.58 -1.05 -35.92
C GLY J 43 -50.14 -1.01 -35.48
N GLN J 44 -49.91 -1.13 -34.17
CA GLN J 44 -48.59 -0.90 -33.62
C GLN J 44 -48.51 -1.63 -32.29
N ALA J 45 -47.28 -1.86 -31.82
CA ALA J 45 -47.05 -2.54 -30.55
C ALA J 45 -47.67 -1.71 -29.44
N PRO J 46 -48.30 -2.34 -28.45
CA PRO J 46 -48.76 -1.58 -27.28
C PRO J 46 -47.58 -0.93 -26.60
N ARG J 47 -47.88 0.04 -25.76
CA ARG J 47 -46.83 0.73 -25.04
C ARG J 47 -47.37 1.14 -23.67
N LEU J 48 -46.47 1.16 -22.70
CA LEU J 48 -46.82 1.59 -21.37
C LEU J 48 -47.36 3.01 -21.41
N LEU J 49 -48.27 3.30 -20.49
CA LEU J 49 -48.50 4.68 -20.10
C LEU J 49 -48.07 4.87 -18.68
N ILE J 50 -48.87 4.39 -17.74
CA ILE J 50 -48.57 4.59 -16.34
C ILE J 50 -48.69 3.23 -15.66
N TYR J 51 -47.78 2.95 -14.74
CA TYR J 51 -47.94 1.78 -13.89
C TYR J 51 -48.38 2.22 -12.51
N ALA J 52 -49.39 1.54 -11.97
CA ALA J 52 -50.06 1.93 -10.75
C ALA J 52 -50.68 3.32 -10.86
N ALA J 53 -50.89 3.78 -12.09
CA ALA J 53 -51.75 4.91 -12.43
C ALA J 53 -51.23 6.24 -11.87
N SER J 54 -50.30 6.19 -10.93
CA SER J 54 -49.80 7.36 -10.21
C SER J 54 -48.46 7.88 -10.71
N ASN J 55 -47.88 7.28 -11.74
CA ASN J 55 -46.44 7.07 -11.68
C ASN J 55 -45.84 7.13 -13.08
N GLN J 56 -44.62 6.62 -13.20
CA GLN J 56 -43.72 6.70 -14.34
C GLN J 56 -43.22 8.13 -14.65
N GLY J 57 -43.19 8.54 -15.91
CA GLY J 57 -42.08 9.38 -16.31
C GLY J 57 -41.66 9.31 -17.77
N SER J 58 -40.37 9.57 -18.00
CA SER J 58 -39.81 9.68 -19.33
C SER J 58 -40.21 8.51 -20.22
N GLY J 59 -40.51 8.81 -21.47
CA GLY J 59 -41.19 7.87 -22.35
C GLY J 59 -42.69 7.97 -22.27
N ILE J 60 -43.20 8.52 -21.18
CA ILE J 60 -44.63 8.78 -21.02
C ILE J 60 -44.75 10.29 -20.90
N PRO J 61 -45.30 10.98 -21.89
CA PRO J 61 -45.34 12.45 -21.85
C PRO J 61 -46.15 12.96 -20.67
N SER J 62 -45.91 14.21 -20.30
CA SER J 62 -46.58 14.80 -19.14
C SER J 62 -48.08 14.84 -19.30
N ARG J 63 -48.58 14.96 -20.53
CA ARG J 63 -50.03 14.94 -20.73
C ARG J 63 -50.66 13.68 -20.13
N PHE J 64 -49.92 12.59 -20.04
CA PHE J 64 -50.39 11.47 -19.24
C PHE J 64 -50.12 11.76 -17.77
N SER J 65 -51.20 11.80 -17.00
CA SER J 65 -51.14 11.94 -15.56
C SER J 65 -52.46 11.42 -15.02
N GLY J 66 -52.50 11.14 -13.74
CA GLY J 66 -53.74 10.73 -13.14
C GLY J 66 -53.48 9.84 -11.95
N SER J 67 -54.51 9.09 -11.61
CA SER J 67 -54.50 8.24 -10.43
C SER J 67 -55.53 7.14 -10.65
N GLY J 68 -55.86 6.41 -9.60
CA GLY J 68 -56.97 5.50 -9.65
C GLY J 68 -57.60 5.41 -8.28
N SER J 69 -58.87 5.03 -8.28
CA SER J 69 -59.68 5.09 -7.08
C SER J 69 -60.38 3.75 -6.90
N GLY J 70 -60.01 3.06 -5.83
CA GLY J 70 -60.48 1.69 -5.68
C GLY J 70 -60.18 0.90 -6.92
N THR J 71 -61.21 0.27 -7.46
CA THR J 71 -61.14 -0.40 -8.75
C THR J 71 -60.81 0.56 -9.88
N ASP J 72 -61.47 1.71 -9.91
CA ASP J 72 -61.37 2.64 -11.02
C ASP J 72 -60.00 3.28 -11.06
N PHE J 73 -59.45 3.37 -12.27
CA PHE J 73 -58.22 4.09 -12.53
C PHE J 73 -58.50 5.23 -13.49
N SER J 74 -57.91 6.39 -13.20
CA SER J 74 -58.12 7.58 -14.01
C SER J 74 -56.90 7.75 -14.92
N LEU J 75 -57.10 7.53 -16.21
CA LEU J 75 -56.12 7.93 -17.21
C LEU J 75 -56.54 9.30 -17.68
N THR J 76 -55.76 10.31 -17.32
CA THR J 76 -56.16 11.71 -17.50
C THR J 76 -55.15 12.40 -18.40
N ILE J 77 -55.58 12.79 -19.59
CA ILE J 77 -54.74 13.56 -20.50
C ILE J 77 -55.35 14.95 -20.65
N SER J 78 -54.71 15.94 -20.05
CA SER J 78 -55.02 17.32 -20.36
C SER J 78 -54.29 17.72 -21.64
N SER J 79 -54.85 18.70 -22.35
CA SER J 79 -54.25 19.24 -23.56
C SER J 79 -54.06 18.15 -24.62
N LEU J 80 -55.19 17.69 -25.13
CA LEU J 80 -55.20 16.63 -26.13
C LEU J 80 -54.52 17.08 -27.42
N GLU J 81 -54.05 16.09 -28.18
CA GLU J 81 -53.53 16.35 -29.50
C GLU J 81 -54.09 15.33 -30.48
N PRO J 82 -54.44 15.77 -31.70
CA PRO J 82 -54.91 14.79 -32.69
C PRO J 82 -53.84 13.82 -33.13
N GLU J 83 -52.57 14.13 -32.90
CA GLU J 83 -51.50 13.18 -33.18
C GLU J 83 -51.35 12.14 -32.07
N ASP J 84 -51.67 12.50 -30.82
CA ASP J 84 -51.23 11.73 -29.67
C ASP J 84 -52.25 10.71 -29.16
N PHE J 85 -53.45 10.64 -29.74
CA PHE J 85 -54.45 9.73 -29.19
C PHE J 85 -54.36 8.38 -29.89
N ALA J 86 -54.41 7.32 -29.09
CA ALA J 86 -54.43 5.95 -29.58
C ALA J 86 -55.05 5.09 -28.49
N VAL J 87 -55.46 3.88 -28.87
CA VAL J 87 -56.17 3.03 -27.92
C VAL J 87 -55.39 2.90 -26.63
N TYR J 88 -56.07 3.12 -25.51
CA TYR J 88 -55.44 3.14 -24.20
C TYR J 88 -55.83 1.91 -23.42
N PHE J 89 -54.88 1.38 -22.65
CA PHE J 89 -55.08 0.17 -21.89
C PHE J 89 -54.66 0.41 -20.44
N CYS J 90 -55.08 -0.50 -19.59
CA CYS J 90 -54.62 -0.61 -18.22
C CYS J 90 -54.40 -2.09 -17.94
N GLN J 91 -53.76 -2.39 -16.82
CA GLN J 91 -53.65 -3.78 -16.39
C GLN J 91 -54.15 -3.93 -14.98
N GLN J 92 -54.82 -5.05 -14.72
CA GLN J 92 -54.84 -5.56 -13.37
C GLN J 92 -53.50 -6.21 -13.04
N SER J 93 -53.27 -6.38 -11.75
CA SER J 93 -52.18 -7.19 -11.25
C SER J 93 -52.63 -7.79 -9.93
N LYS J 94 -51.76 -8.59 -9.31
CA LYS J 94 -51.93 -9.11 -7.95
C LYS J 94 -53.00 -10.19 -7.88
N GLU J 95 -53.81 -10.32 -8.92
CA GLU J 95 -54.80 -11.39 -9.02
C GLU J 95 -54.89 -11.82 -10.46
N VAL J 96 -55.06 -13.16 -10.66
CA VAL J 96 -55.31 -13.77 -12.00
C VAL J 96 -54.15 -13.55 -12.99
N PRO J 97 -54.05 -14.26 -14.14
CA PRO J 97 -53.07 -13.92 -15.17
C PRO J 97 -53.39 -12.42 -15.27
N ARG J 98 -52.46 -11.52 -14.94
CA ARG J 98 -52.73 -10.05 -14.85
C ARG J 98 -53.74 -9.43 -15.86
N ILE J 99 -53.96 -10.00 -17.06
CA ILE J 99 -54.93 -9.49 -18.10
C ILE J 99 -54.73 -8.02 -18.50
N PHE J 100 -55.70 -7.40 -19.20
CA PHE J 100 -55.50 -6.01 -19.72
C PHE J 100 -56.75 -5.12 -19.64
N GLY J 101 -56.67 -3.88 -20.15
CA GLY J 101 -57.75 -2.87 -20.01
C GLY J 101 -58.73 -2.82 -21.17
N GLN J 102 -59.88 -2.09 -21.07
CA GLN J 102 -61.00 -2.01 -22.09
C GLN J 102 -60.55 -1.95 -23.43
N GLY J 103 -59.31 -1.86 -23.46
CA GLY J 103 -58.86 -0.88 -24.42
C GLY J 103 -59.79 0.31 -24.46
N THR J 104 -59.24 1.50 -24.69
CA THR J 104 -60.04 2.69 -24.85
C THR J 104 -59.32 3.66 -25.77
N LYS J 105 -60.09 4.32 -26.63
CA LYS J 105 -59.55 5.30 -27.55
C LYS J 105 -60.31 6.61 -27.42
N VAL J 106 -59.57 7.71 -27.41
CA VAL J 106 -60.14 9.04 -27.35
C VAL J 106 -60.10 9.66 -28.74
N GLU J 107 -61.27 9.80 -29.36
CA GLU J 107 -61.38 10.55 -30.60
C GLU J 107 -61.12 12.03 -30.32
N ILE J 108 -60.78 12.75 -31.38
CA ILE J 108 -60.61 14.19 -31.30
C ILE J 108 -61.26 14.82 -32.53
N LEU J 109 -62.17 15.76 -32.26
CA LEU J 109 -62.88 16.51 -33.27
C LEU J 109 -62.00 17.65 -33.75
N LYS J 110 -62.61 18.59 -34.49
CA LYS J 110 -61.97 19.75 -35.09
C LYS J 110 -61.25 19.31 -36.36
N ARG J 111 -61.10 18.01 -36.54
CA ARG J 111 -60.91 17.45 -37.86
C ARG J 111 -62.29 17.43 -38.53
N SER K 1 -70.95 -33.28 75.87
CA SER K 1 -70.82 -34.68 75.45
C SER K 1 -70.26 -35.53 76.57
N VAL K 2 -68.94 -35.70 76.55
CA VAL K 2 -68.29 -36.55 77.54
C VAL K 2 -67.72 -35.71 78.68
N LEU K 3 -67.87 -34.38 78.62
CA LEU K 3 -67.24 -33.48 79.59
C LEU K 3 -68.32 -32.85 80.46
N THR K 4 -67.90 -32.04 81.43
CA THR K 4 -68.79 -31.54 82.46
C THR K 4 -68.78 -30.01 82.50
N GLN K 5 -69.90 -29.41 82.15
CA GLN K 5 -70.16 -28.01 82.45
C GLN K 5 -71.67 -27.77 82.38
N ALA K 6 -72.10 -26.71 83.06
CA ALA K 6 -73.53 -26.50 83.28
C ALA K 6 -74.17 -25.86 82.05
N PRO K 7 -75.49 -25.95 81.91
CA PRO K 7 -76.16 -25.27 80.78
C PRO K 7 -76.03 -23.76 80.80
N SER K 8 -76.19 -23.12 81.96
CA SER K 8 -76.23 -21.67 81.99
C SER K 8 -75.68 -21.15 83.31
N VAL K 9 -75.29 -19.87 83.30
CA VAL K 9 -74.80 -19.19 84.49
C VAL K 9 -75.09 -17.71 84.31
N SER K 10 -75.27 -17.00 85.43
CA SER K 10 -75.67 -15.60 85.38
C SER K 10 -74.87 -14.79 86.39
N ALA K 11 -74.60 -13.53 86.04
CA ALA K 11 -73.90 -12.62 86.92
C ALA K 11 -74.20 -11.19 86.51
N ALA K 12 -74.00 -10.27 87.46
CA ALA K 12 -74.20 -8.85 87.26
C ALA K 12 -73.13 -8.26 86.35
N PRO K 13 -73.44 -7.19 85.63
CA PRO K 13 -72.48 -6.63 84.66
C PRO K 13 -71.25 -6.06 85.36
N GLY K 14 -70.17 -5.95 84.59
CA GLY K 14 -68.94 -5.37 85.09
C GLY K 14 -68.27 -6.13 86.21
N GLN K 15 -68.77 -7.30 86.57
CA GLN K 15 -68.25 -8.04 87.71
C GLN K 15 -67.16 -9.01 87.22
N LYS K 16 -66.67 -9.85 88.13
CA LYS K 16 -65.64 -10.83 87.81
C LYS K 16 -66.12 -12.20 88.27
N VAL K 17 -66.40 -13.08 87.29
CA VAL K 17 -66.76 -14.47 87.57
C VAL K 17 -66.34 -15.30 86.37
N THR K 18 -65.89 -16.52 86.64
CA THR K 18 -65.32 -17.39 85.62
C THR K 18 -66.22 -18.59 85.38
N ILE K 19 -65.78 -19.47 84.48
CA ILE K 19 -66.49 -20.71 84.17
C ILE K 19 -65.45 -21.81 84.06
N SER K 20 -65.76 -22.98 84.61
CA SER K 20 -64.85 -24.10 84.66
C SER K 20 -65.46 -25.31 83.94
N CYS K 21 -64.58 -26.23 83.54
CA CYS K 21 -64.97 -27.44 82.83
C CYS K 21 -64.17 -28.60 83.41
N SER K 22 -64.88 -29.65 83.83
CA SER K 22 -64.27 -30.78 84.54
C SER K 22 -64.09 -31.95 83.58
N GLY K 23 -62.84 -32.29 83.28
CA GLY K 23 -62.52 -33.42 82.45
C GLY K 23 -61.90 -34.57 83.22
N SER K 24 -61.12 -35.37 82.51
CA SER K 24 -60.40 -36.47 83.15
C SER K 24 -58.94 -36.45 82.75
N SER K 25 -58.15 -37.38 83.32
CA SER K 25 -56.76 -37.49 82.90
C SER K 25 -56.67 -38.02 81.48
N SER K 26 -57.67 -38.77 81.04
CA SER K 26 -57.72 -39.30 79.69
C SER K 26 -57.98 -38.22 78.65
N ASN K 27 -58.42 -37.03 79.06
CA ASN K 27 -58.75 -35.96 78.13
C ASN K 27 -58.02 -34.67 78.49
N ILE K 28 -58.36 -34.04 79.62
CA ILE K 28 -57.72 -32.77 79.96
C ILE K 28 -56.34 -33.00 80.56
N GLY K 29 -56.14 -34.13 81.23
CA GLY K 29 -54.91 -34.38 81.95
C GLY K 29 -53.64 -34.20 81.16
N ASN K 30 -53.51 -34.88 80.03
CA ASN K 30 -52.31 -34.80 79.21
C ASN K 30 -52.46 -33.86 78.01
N ASN K 31 -53.60 -33.21 77.86
CA ASN K 31 -53.89 -32.48 76.63
C ASN K 31 -54.18 -31.02 76.92
N TYR K 32 -53.98 -30.19 75.89
CA TYR K 32 -54.24 -28.76 75.99
C TYR K 32 -55.72 -28.46 75.75
N VAL K 33 -56.19 -27.39 76.38
CA VAL K 33 -57.61 -27.04 76.40
C VAL K 33 -57.84 -25.80 75.57
N SER K 34 -58.99 -25.75 74.90
CA SER K 34 -59.42 -24.60 74.15
C SER K 34 -60.81 -24.16 74.62
N TRP K 35 -61.20 -22.96 74.25
CA TRP K 35 -62.48 -22.38 74.64
C TRP K 35 -63.04 -21.57 73.49
N TYR K 36 -64.36 -21.62 73.34
CA TYR K 36 -65.02 -21.07 72.16
C TYR K 36 -66.24 -20.27 72.57
N GLN K 37 -66.58 -19.26 71.77
CA GLN K 37 -67.75 -18.41 71.99
C GLN K 37 -68.59 -18.35 70.72
N GLN K 38 -69.91 -18.40 70.88
CA GLN K 38 -70.83 -18.22 69.77
C GLN K 38 -72.01 -17.37 70.25
N LEU K 39 -72.38 -16.41 69.47
CA LEU K 39 -73.63 -15.67 69.61
C LEU K 39 -74.75 -16.43 68.91
N PRO K 40 -76.01 -16.11 69.21
CA PRO K 40 -77.12 -16.86 68.60
C PRO K 40 -77.04 -16.86 67.07
N GLY K 41 -77.11 -18.05 66.50
CA GLY K 41 -76.99 -18.23 65.06
C GLY K 41 -75.76 -17.61 64.43
N THR K 42 -74.60 -17.71 65.07
CA THR K 42 -73.39 -17.09 64.57
C THR K 42 -72.25 -18.10 64.56
N ALA K 43 -71.06 -17.58 64.25
CA ALA K 43 -69.87 -18.44 64.14
C ALA K 43 -69.20 -18.55 65.51
N PRO K 44 -68.71 -19.73 65.93
CA PRO K 44 -68.03 -19.87 67.23
C PRO K 44 -66.57 -19.37 67.21
N LYS K 45 -66.30 -18.23 67.86
CA LYS K 45 -64.94 -17.64 67.92
C LYS K 45 -64.06 -18.46 68.87
N LEU K 46 -62.75 -18.48 68.64
CA LEU K 46 -61.83 -19.17 69.58
C LEU K 46 -61.46 -18.15 70.66
N LEU K 47 -62.11 -18.24 71.83
CA LEU K 47 -61.86 -17.25 72.92
C LEU K 47 -60.42 -17.38 73.43
N ILE K 48 -59.95 -18.61 73.69
CA ILE K 48 -58.60 -18.83 74.28
C ILE K 48 -58.08 -20.19 73.81
N TYR K 49 -56.82 -20.27 73.36
CA TYR K 49 -56.23 -21.59 72.99
C TYR K 49 -55.08 -21.92 73.95
N ASP K 50 -55.10 -23.12 74.56
CA ASP K 50 -54.04 -23.60 75.49
C ASP K 50 -54.24 -22.98 76.88
N ASN K 51 -55.23 -22.08 77.04
CA ASN K 51 -55.58 -21.47 78.35
C ASN K 51 -54.58 -20.37 78.72
N ASN K 52 -53.54 -20.15 77.89
CA ASN K 52 -52.56 -19.07 78.16
C ASN K 52 -52.36 -18.21 76.91
N LYS K 53 -52.89 -18.62 75.77
CA LYS K 53 -52.65 -17.87 74.51
C LYS K 53 -53.98 -17.29 74.00
N ARG K 54 -53.96 -16.01 73.59
CA ARG K 54 -55.21 -15.34 73.14
C ARG K 54 -55.08 -15.00 71.64
N PRO K 55 -56.05 -15.35 70.78
CA PRO K 55 -56.02 -14.98 69.37
C PRO K 55 -56.25 -13.47 69.22
N SER K 56 -55.86 -12.89 68.08
CA SER K 56 -56.01 -11.43 67.88
C SER K 56 -57.50 -11.06 67.93
N GLY K 57 -57.82 -9.90 68.51
CA GLY K 57 -59.24 -9.50 68.67
C GLY K 57 -59.84 -10.03 69.95
N ILE K 58 -59.03 -10.64 70.83
CA ILE K 58 -59.52 -11.14 72.14
C ILE K 58 -58.99 -10.22 73.24
N PRO K 59 -59.85 -9.64 74.11
CA PRO K 59 -59.42 -8.76 75.19
C PRO K 59 -58.52 -9.49 76.20
N ASP K 60 -57.48 -8.82 76.70
CA ASP K 60 -56.53 -9.45 77.66
C ASP K 60 -57.24 -9.80 78.96
N ARG K 61 -58.48 -9.31 79.16
CA ARG K 61 -59.18 -9.55 80.41
C ARG K 61 -59.53 -11.02 80.62
N PHE K 62 -59.31 -11.87 79.62
CA PHE K 62 -59.58 -13.29 79.77
C PHE K 62 -58.30 -14.03 80.13
N SER K 63 -58.41 -15.00 81.04
CA SER K 63 -57.30 -15.84 81.44
C SER K 63 -57.78 -17.28 81.48
N GLY K 64 -56.91 -18.17 81.96
CA GLY K 64 -57.28 -19.57 82.07
C GLY K 64 -56.33 -20.31 83.01
N SER K 65 -56.77 -21.49 83.41
CA SER K 65 -55.96 -22.34 84.29
C SER K 65 -56.36 -23.80 84.07
N LYS K 66 -55.41 -24.69 84.35
CA LYS K 66 -55.67 -26.12 84.37
C LYS K 66 -55.16 -26.67 85.69
N SER K 67 -56.07 -27.13 86.55
CA SER K 67 -55.72 -27.79 87.80
C SER K 67 -56.16 -29.24 87.70
N GLY K 68 -55.19 -30.14 87.57
CA GLY K 68 -55.51 -31.55 87.40
C GLY K 68 -56.41 -31.76 86.20
N THR K 69 -57.55 -32.41 86.43
CA THR K 69 -58.54 -32.65 85.40
C THR K 69 -59.51 -31.49 85.24
N SER K 70 -59.33 -30.41 85.99
CA SER K 70 -60.24 -29.27 85.99
C SER K 70 -59.57 -28.11 85.27
N ALA K 71 -60.32 -27.48 84.37
CA ALA K 71 -59.84 -26.35 83.58
C ALA K 71 -60.84 -25.21 83.67
N THR K 72 -60.41 -24.09 84.22
CA THR K 72 -61.25 -22.91 84.38
C THR K 72 -60.91 -21.91 83.29
N LEU K 73 -61.95 -21.27 82.75
CA LEU K 73 -61.80 -20.21 81.76
C LEU K 73 -61.98 -18.89 82.48
N GLY K 74 -60.90 -18.13 82.61
CA GLY K 74 -60.96 -16.83 83.28
C GLY K 74 -61.81 -15.86 82.51
N ILE K 75 -62.83 -15.31 83.19
CA ILE K 75 -63.77 -14.38 82.59
C ILE K 75 -63.86 -13.18 83.52
N THR K 76 -63.41 -12.02 83.05
CA THR K 76 -63.36 -10.82 83.86
C THR K 76 -63.90 -9.64 83.07
N GLY K 77 -64.26 -8.58 83.80
CA GLY K 77 -64.75 -7.36 83.17
C GLY K 77 -65.99 -7.59 82.34
N LEU K 78 -67.03 -8.13 82.97
CA LEU K 78 -68.24 -8.51 82.25
C LEU K 78 -68.81 -7.32 81.49
N GLN K 79 -69.26 -7.60 80.27
CA GLN K 79 -69.85 -6.60 79.39
C GLN K 79 -71.29 -6.98 79.07
N THR K 80 -72.06 -5.99 78.65
CA THR K 80 -73.43 -6.25 78.21
C THR K 80 -73.46 -7.12 76.97
N GLY K 81 -72.38 -7.09 76.18
CA GLY K 81 -72.30 -7.92 75.00
C GLY K 81 -71.58 -9.24 75.22
N ASP K 82 -71.35 -9.62 76.48
CA ASP K 82 -70.64 -10.85 76.77
C ASP K 82 -71.56 -12.04 76.97
N GLU K 83 -72.87 -11.87 76.82
CA GLU K 83 -73.78 -12.98 77.04
C GLU K 83 -73.79 -13.90 75.82
N ALA K 84 -73.40 -15.15 76.05
CA ALA K 84 -73.24 -16.16 75.01
C ALA K 84 -72.80 -17.44 75.69
N ASP K 85 -72.71 -18.51 74.91
CA ASP K 85 -72.28 -19.81 75.41
C ASP K 85 -70.79 -20.00 75.17
N TYR K 86 -70.11 -20.52 76.19
CA TYR K 86 -68.69 -20.84 76.10
C TYR K 86 -68.50 -22.34 76.16
N TYR K 87 -67.64 -22.87 75.28
CA TYR K 87 -67.45 -24.31 75.12
C TYR K 87 -66.02 -24.68 75.46
N CYS K 88 -65.87 -25.68 76.33
CA CYS K 88 -64.56 -26.27 76.59
C CYS K 88 -64.28 -27.41 75.63
N GLY K 89 -63.02 -27.56 75.27
CA GLY K 89 -62.58 -28.71 74.51
C GLY K 89 -61.12 -28.99 74.76
N THR K 90 -60.74 -30.25 74.56
CA THR K 90 -59.35 -30.67 74.62
C THR K 90 -59.23 -31.96 73.82
N TRP K 91 -57.99 -32.29 73.44
CA TRP K 91 -57.78 -33.48 72.63
C TRP K 91 -58.07 -34.73 73.44
N ASP K 92 -58.66 -35.72 72.79
CA ASP K 92 -58.99 -36.99 73.40
C ASP K 92 -58.19 -38.10 72.73
N SER K 93 -57.47 -38.88 73.54
CA SER K 93 -56.86 -40.10 73.02
C SER K 93 -57.73 -41.31 73.26
N SER K 94 -58.77 -41.19 74.10
CA SER K 94 -59.64 -42.32 74.38
C SER K 94 -60.27 -42.85 73.11
N LEU K 95 -61.17 -42.06 72.52
CA LEU K 95 -61.66 -42.39 71.19
C LEU K 95 -60.74 -41.84 70.11
N SER K 96 -59.61 -41.25 70.52
CA SER K 96 -58.64 -40.63 69.62
C SER K 96 -59.32 -39.62 68.70
N ALA K 97 -59.85 -38.57 69.30
CA ALA K 97 -60.68 -37.62 68.56
C ALA K 97 -60.72 -36.30 69.32
N VAL K 98 -61.62 -35.43 68.86
CA VAL K 98 -61.86 -34.13 69.46
C VAL K 98 -63.18 -34.18 70.22
N VAL K 99 -63.17 -33.69 71.46
CA VAL K 99 -64.33 -33.75 72.34
C VAL K 99 -64.66 -32.35 72.83
N PHE K 100 -65.92 -32.17 73.26
CA PHE K 100 -66.40 -30.92 73.80
C PHE K 100 -67.39 -31.20 74.93
N GLY K 101 -67.65 -30.16 75.72
CA GLY K 101 -68.73 -30.21 76.68
C GLY K 101 -70.02 -29.70 76.09
N GLY K 102 -71.11 -29.84 76.85
CA GLY K 102 -72.41 -29.40 76.40
C GLY K 102 -72.53 -27.91 76.16
N GLY K 103 -71.68 -27.11 76.78
CA GLY K 103 -71.76 -25.67 76.63
C GLY K 103 -72.47 -25.01 77.78
N THR K 104 -72.04 -23.79 78.09
CA THR K 104 -72.59 -23.02 79.20
C THR K 104 -72.95 -21.65 78.71
N LYS K 105 -74.24 -21.32 78.75
CA LYS K 105 -74.71 -20.05 78.23
C LYS K 105 -74.68 -19.03 79.35
N LEU K 106 -73.75 -18.09 79.25
CA LEU K 106 -73.59 -17.04 80.25
C LEU K 106 -74.77 -16.09 80.13
N THR K 107 -75.07 -15.39 81.21
CA THR K 107 -76.06 -14.32 81.22
C THR K 107 -75.50 -13.17 82.04
N VAL K 108 -75.42 -11.98 81.44
CA VAL K 108 -74.97 -10.79 82.15
C VAL K 108 -76.19 -10.08 82.72
N LEU K 109 -76.30 -10.05 84.04
CA LEU K 109 -77.50 -9.57 84.71
C LEU K 109 -77.58 -8.05 84.69
N GLU L 1 -4.32 65.44 -38.42
CA GLU L 1 -4.97 65.45 -37.11
C GLU L 1 -6.44 65.05 -37.21
N VAL L 2 -7.27 66.00 -37.65
CA VAL L 2 -8.71 65.92 -37.53
C VAL L 2 -9.37 66.58 -38.74
N GLN L 3 -10.41 65.94 -39.26
CA GLN L 3 -11.37 66.56 -40.15
C GLN L 3 -12.70 66.54 -39.42
N LEU L 4 -13.61 67.43 -39.84
CA LEU L 4 -14.87 67.58 -39.13
C LEU L 4 -16.00 67.07 -40.01
N LEU L 5 -17.20 67.05 -39.45
CA LEU L 5 -18.40 66.84 -40.25
C LEU L 5 -18.91 68.21 -40.70
N GLU L 6 -19.95 68.23 -41.52
CA GLU L 6 -20.41 69.52 -41.98
C GLU L 6 -21.15 70.23 -40.83
N GLN L 7 -21.47 71.49 -41.06
CA GLN L 7 -22.10 72.29 -40.03
C GLN L 7 -23.60 71.99 -39.97
N SER L 8 -24.23 71.99 -41.14
CA SER L 8 -25.65 71.73 -41.31
C SER L 8 -25.84 70.72 -42.43
N GLY L 9 -25.31 71.05 -43.59
CA GLY L 9 -25.92 70.72 -44.85
C GLY L 9 -26.50 71.98 -45.46
N ALA L 10 -27.35 71.79 -46.47
CA ALA L 10 -28.08 72.89 -47.07
C ALA L 10 -29.41 73.04 -46.34
N GLU L 11 -29.58 74.12 -45.60
CA GLU L 11 -30.82 74.39 -44.89
C GLU L 11 -31.45 75.65 -45.46
N VAL L 12 -32.54 75.48 -46.19
CA VAL L 12 -33.28 76.60 -46.75
C VAL L 12 -34.65 76.66 -46.10
N LYS L 13 -34.87 77.68 -45.27
CA LYS L 13 -36.11 77.81 -44.54
C LYS L 13 -36.69 79.21 -44.79
N LYS L 14 -37.85 79.24 -45.42
CA LYS L 14 -38.56 80.45 -45.81
C LYS L 14 -38.84 81.27 -44.56
N PRO L 15 -39.11 82.57 -44.70
CA PRO L 15 -39.43 83.37 -43.52
C PRO L 15 -40.59 82.76 -42.74
N GLY L 16 -40.59 83.01 -41.43
CA GLY L 16 -41.48 82.31 -40.54
C GLY L 16 -41.01 80.94 -40.11
N ALA L 17 -39.71 80.77 -39.89
CA ALA L 17 -39.13 79.51 -39.46
C ALA L 17 -37.91 79.75 -38.58
N SER L 18 -37.29 78.67 -38.14
CA SER L 18 -36.05 78.71 -37.39
C SER L 18 -35.31 77.40 -37.57
N VAL L 19 -33.98 77.44 -37.45
CA VAL L 19 -33.15 76.33 -37.91
C VAL L 19 -32.07 76.02 -36.89
N ARG L 20 -31.95 74.74 -36.53
CA ARG L 20 -30.85 74.21 -35.75
C ARG L 20 -29.65 73.97 -36.66
N VAL L 21 -28.45 74.00 -36.08
CA VAL L 21 -27.23 73.71 -36.82
C VAL L 21 -26.43 72.68 -36.04
N SER L 22 -26.29 71.48 -36.58
CA SER L 22 -25.68 70.36 -35.88
C SER L 22 -24.33 70.04 -36.53
N CYS L 23 -23.26 70.36 -35.82
CA CYS L 23 -21.89 70.24 -36.31
C CYS L 23 -21.23 69.05 -35.62
N LYS L 24 -20.91 68.01 -36.37
CA LYS L 24 -20.24 66.86 -35.78
C LYS L 24 -18.75 66.89 -36.13
N VAL L 25 -18.00 65.95 -35.57
CA VAL L 25 -16.54 65.93 -35.69
C VAL L 25 -16.10 64.54 -36.10
N SER L 26 -14.79 64.40 -36.31
CA SER L 26 -14.18 63.10 -36.55
C SER L 26 -12.73 63.18 -36.11
N GLY L 27 -12.22 62.08 -35.57
CA GLY L 27 -10.86 62.01 -35.09
C GLY L 27 -10.67 62.58 -33.69
N TYR L 28 -11.62 63.38 -33.22
CA TYR L 28 -11.71 63.72 -31.81
C TYR L 28 -13.03 63.25 -31.24
N THR L 29 -13.23 63.47 -29.95
CA THR L 29 -14.52 63.31 -29.31
C THR L 29 -15.03 64.70 -28.96
N LEU L 30 -16.35 64.84 -28.93
CA LEU L 30 -16.94 66.18 -28.84
C LEU L 30 -16.43 66.95 -27.62
N PRO L 31 -16.60 66.46 -26.38
CA PRO L 31 -16.22 67.31 -25.25
C PRO L 31 -14.78 67.13 -24.81
N GLU L 32 -13.83 67.02 -25.73
CA GLU L 32 -12.45 67.32 -25.44
C GLU L 32 -12.01 68.65 -26.07
N VAL L 33 -12.89 69.29 -26.82
CA VAL L 33 -12.55 70.48 -27.58
C VAL L 33 -13.80 71.33 -27.70
N ALA L 34 -13.63 72.65 -27.70
CA ALA L 34 -14.74 73.58 -27.63
C ALA L 34 -15.11 74.05 -29.03
N MET L 35 -16.41 74.18 -29.29
CA MET L 35 -16.87 74.70 -30.57
C MET L 35 -17.06 76.20 -30.52
N HIS L 36 -17.36 76.78 -31.68
CA HIS L 36 -17.51 78.21 -31.85
C HIS L 36 -18.32 78.45 -33.11
N TRP L 37 -18.81 79.68 -33.26
CA TRP L 37 -19.63 80.03 -34.41
C TRP L 37 -19.33 81.44 -34.85
N VAL L 38 -19.41 81.67 -36.16
CA VAL L 38 -19.17 83.00 -36.72
C VAL L 38 -20.16 83.26 -37.84
N ARG L 39 -20.83 84.40 -37.78
CA ARG L 39 -21.62 84.83 -38.92
C ARG L 39 -20.70 85.32 -40.03
N GLN L 40 -20.91 84.79 -41.22
CA GLN L 40 -20.27 85.32 -42.43
C GLN L 40 -21.34 85.57 -43.48
N ALA L 41 -21.54 86.82 -43.82
CA ALA L 41 -22.48 87.19 -44.85
C ALA L 41 -21.74 87.34 -46.18
N PRO L 42 -22.23 86.78 -47.27
CA PRO L 42 -21.51 86.86 -48.54
C PRO L 42 -21.26 88.31 -48.95
N GLY L 43 -20.07 88.55 -49.49
CA GLY L 43 -19.68 89.92 -49.79
C GLY L 43 -19.48 90.76 -48.56
N LYS L 44 -19.33 90.14 -47.39
CA LYS L 44 -19.20 90.87 -46.13
C LYS L 44 -18.16 90.15 -45.28
N GLY L 45 -18.04 90.55 -44.02
CA GLY L 45 -17.01 90.04 -43.14
C GLY L 45 -17.51 89.08 -42.08
N LEU L 46 -16.67 88.90 -41.07
CA LEU L 46 -16.93 87.94 -39.99
C LEU L 46 -17.67 88.60 -38.85
N GLU L 47 -18.64 87.87 -38.28
CA GLU L 47 -19.31 88.26 -37.05
C GLU L 47 -19.36 87.03 -36.16
N TRP L 48 -18.65 87.07 -35.03
CA TRP L 48 -18.54 85.88 -34.20
C TRP L 48 -19.84 85.60 -33.46
N MET L 49 -20.00 84.35 -33.06
CA MET L 49 -21.30 83.89 -32.60
C MET L 49 -21.12 82.66 -31.73
N GLY L 50 -22.12 82.40 -30.89
CA GLY L 50 -22.13 81.19 -30.09
C GLY L 50 -20.87 81.05 -29.26
N GLY L 51 -20.20 79.92 -29.39
CA GLY L 51 -18.88 79.74 -28.80
C GLY L 51 -18.93 79.20 -27.38
N PHE L 52 -17.84 78.58 -26.98
CA PHE L 52 -17.63 78.09 -25.63
C PHE L 52 -16.54 78.93 -24.98
N ASP L 53 -16.60 79.06 -23.66
CA ASP L 53 -15.63 79.88 -22.94
C ASP L 53 -14.62 78.99 -22.23
N PRO L 54 -13.34 79.03 -22.58
CA PRO L 54 -12.34 78.28 -21.81
C PRO L 54 -12.34 78.67 -20.34
N GLU L 55 -12.42 79.96 -20.05
CA GLU L 55 -12.61 80.40 -18.67
C GLU L 55 -14.05 80.17 -18.24
N ASP L 56 -14.26 79.98 -16.94
CA ASP L 56 -15.59 79.94 -16.34
C ASP L 56 -16.38 78.72 -16.81
N GLY L 57 -15.90 78.02 -17.84
CA GLY L 57 -16.52 76.80 -18.32
C GLY L 57 -17.86 76.95 -18.98
N GLU L 58 -18.39 78.16 -19.11
CA GLU L 58 -19.67 78.34 -19.77
C GLU L 58 -19.52 78.26 -21.28
N THR L 59 -20.66 78.01 -21.94
CA THR L 59 -20.77 78.13 -23.39
C THR L 59 -21.20 79.56 -23.67
N MET L 60 -20.34 80.34 -24.32
CA MET L 60 -20.62 81.74 -24.54
C MET L 60 -21.78 81.93 -25.51
N TYR L 61 -22.36 83.12 -25.45
CA TYR L 61 -23.34 83.58 -26.42
C TYR L 61 -23.06 85.05 -26.72
N ALA L 62 -22.87 85.36 -28.00
CA ALA L 62 -22.53 86.72 -28.39
C ALA L 62 -23.61 87.68 -27.90
N GLN L 63 -23.17 88.69 -27.14
CA GLN L 63 -24.11 89.59 -26.47
C GLN L 63 -25.08 90.23 -27.45
N LYS L 64 -24.55 90.75 -28.56
CA LYS L 64 -25.41 91.35 -29.58
C LYS L 64 -26.51 90.38 -30.01
N PHE L 65 -26.14 89.13 -30.25
CA PHE L 65 -27.09 88.12 -30.69
C PHE L 65 -27.60 87.25 -29.55
N GLN L 66 -27.24 87.57 -28.31
CA GLN L 66 -27.58 86.73 -27.18
C GLN L 66 -29.09 86.56 -27.04
N GLY L 67 -29.51 85.35 -26.69
CA GLY L 67 -30.90 85.03 -26.47
C GLY L 67 -31.66 84.60 -27.69
N ARG L 68 -31.23 84.99 -28.88
CA ARG L 68 -31.85 84.53 -30.11
C ARG L 68 -31.36 83.16 -30.56
N VAL L 69 -30.11 82.83 -30.24
CA VAL L 69 -29.51 81.57 -30.65
C VAL L 69 -29.05 80.82 -29.41
N THR L 70 -29.27 79.50 -29.43
CA THR L 70 -28.90 78.65 -28.30
C THR L 70 -28.11 77.45 -28.83
N MET L 71 -27.44 76.76 -27.91
CA MET L 71 -26.61 75.60 -28.24
C MET L 71 -26.82 74.49 -27.23
N THR L 72 -26.84 73.25 -27.72
CA THR L 72 -26.84 72.06 -26.89
C THR L 72 -25.78 71.10 -27.43
N GLU L 73 -25.47 70.06 -26.66
CA GLU L 73 -24.38 69.15 -27.00
C GLU L 73 -24.79 67.72 -26.63
N ASP L 74 -24.55 66.80 -27.56
CA ASP L 74 -24.59 65.37 -27.27
C ASP L 74 -23.18 64.82 -27.39
N THR L 75 -22.58 64.47 -26.26
CA THR L 75 -21.16 64.16 -26.23
C THR L 75 -20.83 62.90 -27.02
N SER L 76 -21.66 61.86 -26.91
CA SER L 76 -21.34 60.59 -27.55
C SER L 76 -21.50 60.66 -29.05
N THR L 77 -22.59 61.26 -29.54
CA THR L 77 -22.83 61.36 -30.97
C THR L 77 -22.20 62.60 -31.59
N ASP L 78 -21.53 63.43 -30.78
CA ASP L 78 -20.75 64.57 -31.27
C ASP L 78 -21.63 65.60 -31.98
N THR L 79 -22.91 65.65 -31.63
CA THR L 79 -23.87 66.54 -32.27
C THR L 79 -24.05 67.79 -31.41
N ALA L 80 -23.63 68.93 -31.95
CA ALA L 80 -23.82 70.22 -31.29
C ALA L 80 -24.78 71.07 -32.11
N TYR L 81 -25.97 71.30 -31.57
CA TYR L 81 -27.05 71.96 -32.29
C TYR L 81 -27.03 73.46 -32.01
N MET L 82 -26.92 74.24 -33.07
CA MET L 82 -27.04 75.69 -32.98
C MET L 82 -28.37 76.10 -33.55
N GLU L 83 -29.29 76.51 -32.69
CA GLU L 83 -30.63 76.92 -33.07
C GLU L 83 -30.71 78.44 -33.10
N LEU L 84 -30.87 79.00 -34.29
CA LEU L 84 -31.15 80.41 -34.46
C LEU L 84 -32.65 80.58 -34.72
N SER L 85 -33.22 81.65 -34.18
CA SER L 85 -34.65 81.83 -34.18
C SER L 85 -35.01 83.23 -34.66
N SER L 86 -36.29 83.41 -34.97
CA SER L 86 -36.87 84.71 -35.30
C SER L 86 -36.16 85.35 -36.49
N LEU L 87 -36.37 84.74 -37.65
CA LEU L 87 -35.67 85.15 -38.87
C LEU L 87 -35.86 86.64 -39.15
N ARG L 88 -34.81 87.29 -39.61
CA ARG L 88 -34.85 88.71 -39.97
C ARG L 88 -34.17 88.92 -41.33
N SER L 89 -34.13 90.18 -41.77
CA SER L 89 -33.61 90.50 -43.10
C SER L 89 -32.18 90.04 -43.30
N GLU L 90 -31.22 90.64 -42.58
CA GLU L 90 -29.80 90.46 -42.83
C GLU L 90 -29.23 89.21 -42.20
N ASP L 91 -30.05 88.38 -41.56
CA ASP L 91 -29.51 87.27 -40.80
C ASP L 91 -29.45 85.96 -41.60
N THR L 92 -29.75 85.99 -42.89
CA THR L 92 -29.43 84.85 -43.73
C THR L 92 -28.00 84.95 -44.23
N ALA L 93 -27.19 83.93 -43.94
CA ALA L 93 -25.75 84.00 -44.19
C ALA L 93 -25.12 82.66 -43.82
N VAL L 94 -23.84 82.52 -44.18
CA VAL L 94 -23.03 81.36 -43.80
C VAL L 94 -22.66 81.53 -42.35
N TYR L 95 -22.93 80.51 -41.55
CA TYR L 95 -22.53 80.51 -40.15
C TYR L 95 -21.57 79.34 -39.93
N TYR L 96 -20.30 79.65 -39.68
CA TYR L 96 -19.26 78.64 -39.64
C TYR L 96 -19.19 77.96 -38.28
N CYS L 97 -19.07 76.64 -38.30
CA CYS L 97 -18.67 75.86 -37.14
C CYS L 97 -17.17 76.01 -36.95
N ALA L 98 -16.75 76.49 -35.79
CA ALA L 98 -15.35 76.69 -35.49
C ALA L 98 -15.05 76.09 -34.12
N THR L 99 -13.77 75.95 -33.79
CA THR L 99 -13.38 75.30 -32.55
C THR L 99 -12.10 75.91 -31.99
N THR L 100 -12.05 76.06 -30.66
CA THR L 100 -10.78 76.34 -30.01
C THR L 100 -10.43 75.20 -29.07
N THR L 101 -9.31 75.28 -28.52
CA THR L 101 -8.90 74.18 -27.70
C THR L 101 -8.92 74.56 -26.22
N PRO L 102 -9.59 73.78 -25.39
CA PRO L 102 -9.71 74.15 -23.97
C PRO L 102 -8.38 74.37 -23.30
N PHE L 103 -7.31 73.78 -23.82
CA PHE L 103 -5.97 74.12 -23.38
C PHE L 103 -5.31 75.00 -24.45
N SER L 104 -5.13 76.28 -24.15
CA SER L 104 -5.65 76.89 -22.93
C SER L 104 -6.39 78.19 -23.24
N SER L 105 -5.63 79.17 -23.70
CA SER L 105 -6.10 80.52 -23.99
C SER L 105 -6.51 80.74 -25.43
N SER L 106 -6.56 79.67 -26.23
CA SER L 106 -6.65 79.79 -27.68
C SER L 106 -7.81 80.67 -28.12
N TYR L 107 -7.49 81.72 -28.88
CA TYR L 107 -8.48 82.51 -29.58
C TYR L 107 -8.74 82.03 -31.01
N TRP L 108 -7.85 81.23 -31.57
CA TRP L 108 -7.90 80.90 -32.99
C TRP L 108 -8.86 79.75 -33.25
N PHE L 109 -9.58 79.82 -34.36
CA PHE L 109 -10.72 78.93 -34.49
C PHE L 109 -10.40 77.60 -35.15
N ASP L 110 -9.16 77.36 -35.61
CA ASP L 110 -8.75 75.98 -35.79
C ASP L 110 -9.51 75.34 -36.97
N PRO L 111 -9.21 74.11 -37.36
CA PRO L 111 -10.02 73.47 -38.40
C PRO L 111 -11.52 73.60 -38.12
N TRP L 112 -12.28 73.91 -39.18
CA TRP L 112 -13.62 74.44 -39.10
C TRP L 112 -14.51 73.73 -40.12
N GLY L 113 -15.75 74.19 -40.29
CA GLY L 113 -16.81 73.37 -40.83
C GLY L 113 -17.30 73.57 -42.26
N GLN L 114 -16.53 74.21 -43.13
CA GLN L 114 -16.80 74.37 -44.56
C GLN L 114 -17.91 75.40 -44.84
N GLY L 115 -18.71 75.78 -43.85
CA GLY L 115 -19.71 76.81 -44.04
C GLY L 115 -21.08 76.32 -44.43
N THR L 116 -22.13 76.96 -43.93
CA THR L 116 -23.49 76.70 -44.35
C THR L 116 -24.29 78.00 -44.36
N LEU L 117 -24.91 78.31 -45.50
CA LEU L 117 -25.84 79.43 -45.62
C LEU L 117 -27.15 79.05 -44.95
N VAL L 118 -27.87 80.06 -44.47
CA VAL L 118 -29.23 79.87 -43.97
C VAL L 118 -30.19 80.67 -44.83
N THR L 119 -31.46 80.68 -44.44
CA THR L 119 -32.50 81.29 -45.26
C THR L 119 -33.50 82.00 -44.36
N VAL L 120 -33.92 83.19 -44.77
CA VAL L 120 -34.88 83.96 -43.99
C VAL L 120 -36.14 84.25 -44.81
N SER M 1 22.87 -78.51 -70.66
CA SER M 1 23.15 -77.49 -71.67
C SER M 1 24.59 -77.56 -72.12
N VAL M 2 25.42 -76.74 -71.49
CA VAL M 2 26.82 -76.66 -71.86
C VAL M 2 27.68 -77.54 -70.95
N LEU M 3 27.08 -78.20 -69.97
CA LEU M 3 27.82 -78.95 -68.97
C LEU M 3 27.59 -80.44 -69.17
N THR M 4 28.24 -81.27 -68.35
CA THR M 4 28.27 -82.71 -68.56
C THR M 4 27.77 -83.45 -67.33
N GLN M 5 26.63 -84.11 -67.47
CA GLN M 5 26.18 -85.12 -66.53
C GLN M 5 25.15 -86.01 -67.21
N ALA M 6 25.00 -87.22 -66.68
CA ALA M 6 24.24 -88.25 -67.36
C ALA M 6 22.74 -88.06 -67.13
N PRO M 7 21.89 -88.64 -67.95
CA PRO M 7 20.44 -88.54 -67.69
C PRO M 7 19.98 -89.22 -66.41
N SER M 8 20.49 -90.40 -66.09
CA SER M 8 19.97 -91.13 -64.95
C SER M 8 21.07 -91.99 -64.33
N VAL M 9 20.83 -92.37 -63.07
CA VAL M 9 21.73 -93.25 -62.34
C VAL M 9 20.91 -93.99 -61.30
N SER M 10 21.34 -95.20 -60.94
CA SER M 10 20.57 -96.05 -60.03
C SER M 10 21.49 -96.69 -59.00
N ALA M 11 20.94 -96.89 -57.81
CA ALA M 11 21.68 -97.56 -56.75
C ALA M 11 20.69 -98.12 -55.72
N ALA M 12 21.16 -99.10 -54.95
CA ALA M 12 20.39 -99.75 -53.91
C ALA M 12 20.16 -98.81 -52.73
N PRO M 13 19.08 -99.00 -51.98
CA PRO M 13 18.77 -98.07 -50.89
C PRO M 13 19.79 -98.14 -49.76
N GLY M 14 19.84 -97.07 -48.97
CA GLY M 14 20.73 -97.02 -47.83
C GLY M 14 22.20 -97.07 -48.15
N GLN M 15 22.58 -97.03 -49.42
CA GLN M 15 23.97 -97.18 -49.81
C GLN M 15 24.62 -95.81 -49.89
N LYS M 16 25.86 -95.76 -50.37
CA LYS M 16 26.60 -94.51 -50.53
C LYS M 16 27.13 -94.42 -51.95
N VAL M 17 26.58 -93.50 -52.73
CA VAL M 17 27.05 -93.22 -54.09
C VAL M 17 26.74 -91.77 -54.41
N THR M 18 27.64 -91.13 -55.15
CA THR M 18 27.56 -89.70 -55.42
C THR M 18 27.28 -89.46 -56.89
N ILE M 19 27.21 -88.19 -57.27
CA ILE M 19 27.01 -87.77 -58.65
C ILE M 19 27.93 -86.59 -58.92
N SER M 20 28.57 -86.60 -60.08
CA SER M 20 29.55 -85.59 -60.46
C SER M 20 29.10 -84.85 -61.71
N CYS M 21 29.66 -83.66 -61.91
CA CYS M 21 29.36 -82.81 -63.05
C CYS M 21 30.66 -82.23 -63.57
N SER M 22 30.92 -82.41 -64.87
CA SER M 22 32.20 -82.03 -65.47
C SER M 22 32.02 -80.71 -66.24
N GLY M 23 32.67 -79.66 -65.74
CA GLY M 23 32.67 -78.37 -66.38
C GLY M 23 34.01 -78.03 -67.02
N SER M 24 34.25 -76.72 -67.15
CA SER M 24 35.53 -76.25 -67.66
C SER M 24 36.13 -75.19 -66.75
N SER M 25 37.32 -74.71 -67.08
CA SER M 25 37.90 -73.60 -66.32
C SER M 25 37.11 -72.32 -66.56
N SER M 26 36.47 -72.21 -67.72
CA SER M 26 35.65 -71.05 -68.06
C SER M 26 34.36 -70.99 -67.25
N ASN M 27 33.97 -72.08 -66.60
CA ASN M 27 32.73 -72.12 -65.84
C ASN M 27 32.96 -72.60 -64.40
N ILE M 28 33.34 -73.86 -64.20
CA ILE M 28 33.52 -74.34 -62.83
C ILE M 28 34.85 -73.89 -62.26
N GLY M 29 35.86 -73.71 -63.11
CA GLY M 29 37.21 -73.42 -62.65
C GLY M 29 37.33 -72.27 -61.68
N ASN M 30 36.84 -71.08 -62.06
CA ASN M 30 36.93 -69.91 -61.21
C ASN M 30 35.65 -69.61 -60.44
N ASN M 31 34.62 -70.43 -60.58
CA ASN M 31 33.30 -70.08 -60.05
C ASN M 31 32.82 -71.13 -59.06
N TYR M 32 31.91 -70.72 -58.19
CA TYR M 32 31.31 -71.61 -57.21
C TYR M 32 30.14 -72.39 -57.81
N VAL M 33 29.94 -73.60 -57.29
CA VAL M 33 28.99 -74.55 -57.85
C VAL M 33 27.80 -74.70 -56.91
N SER M 34 26.62 -74.89 -57.49
CA SER M 34 25.40 -75.15 -56.75
C SER M 34 24.77 -76.44 -57.25
N TRP M 35 23.83 -76.96 -56.47
CA TRP M 35 23.14 -78.20 -56.81
C TRP M 35 21.69 -78.11 -56.38
N TYR M 36 20.82 -78.71 -57.18
CA TYR M 36 19.38 -78.50 -57.02
C TYR M 36 18.66 -79.84 -57.13
N GLN M 37 17.52 -79.95 -56.45
CA GLN M 37 16.68 -81.14 -56.47
C GLN M 37 15.25 -80.76 -56.79
N GLN M 38 14.59 -81.56 -57.63
CA GLN M 38 13.17 -81.40 -57.93
C GLN M 38 12.52 -82.77 -57.98
N LEU M 39 11.39 -82.89 -57.36
CA LEU M 39 10.49 -84.02 -57.51
C LEU M 39 9.58 -83.79 -58.72
N PRO M 40 8.93 -84.84 -59.24
CA PRO M 40 8.09 -84.66 -60.43
C PRO M 40 7.06 -83.58 -60.24
N GLY M 41 7.01 -82.64 -61.20
CA GLY M 41 6.12 -81.52 -61.15
C GLY M 41 6.18 -80.70 -59.88
N THR M 42 7.38 -80.45 -59.33
CA THR M 42 7.51 -79.74 -58.06
C THR M 42 8.54 -78.64 -58.21
N ALA M 43 8.87 -78.03 -57.08
CA ALA M 43 9.73 -76.87 -56.93
C ALA M 43 11.19 -77.30 -56.74
N PRO M 44 12.05 -76.99 -57.70
CA PRO M 44 13.45 -77.41 -57.60
C PRO M 44 14.14 -76.79 -56.41
N LYS M 45 14.70 -77.64 -55.55
CA LYS M 45 15.19 -77.25 -54.24
C LYS M 45 16.71 -77.14 -54.27
N LEU M 46 17.22 -76.03 -53.76
CA LEU M 46 18.65 -75.89 -53.60
C LEU M 46 19.19 -76.98 -52.68
N LEU M 47 20.20 -77.70 -53.16
CA LEU M 47 20.81 -78.79 -52.41
C LEU M 47 22.03 -78.33 -51.63
N ILE M 48 23.11 -77.98 -52.34
CA ILE M 48 24.38 -77.56 -51.68
C ILE M 48 24.90 -76.33 -52.43
N TYR M 49 25.35 -75.30 -51.70
CA TYR M 49 25.94 -74.11 -52.38
C TYR M 49 27.42 -73.98 -52.01
N ASP M 50 28.30 -73.85 -53.02
CA ASP M 50 29.77 -73.69 -52.81
C ASP M 50 30.40 -75.07 -52.57
N ASN M 51 29.58 -76.12 -52.46
CA ASN M 51 30.06 -77.52 -52.29
C ASN M 51 30.54 -77.76 -50.85
N ASN M 52 30.49 -76.73 -49.99
CA ASN M 52 30.88 -76.90 -48.57
C ASN M 52 29.79 -76.36 -47.64
N LYS M 53 28.77 -75.69 -48.19
CA LYS M 53 27.73 -75.05 -47.32
C LYS M 53 26.37 -75.69 -47.57
N ARG M 54 25.66 -76.05 -46.49
CA ARG M 54 24.35 -76.72 -46.63
C ARG M 54 23.21 -75.72 -46.34
N PRO M 55 22.21 -75.49 -47.23
CA PRO M 55 21.09 -74.61 -46.90
C PRO M 55 20.34 -75.12 -45.67
N SER M 56 19.54 -74.24 -45.09
CA SER M 56 18.77 -74.61 -43.91
C SER M 56 17.76 -75.70 -44.25
N GLY M 57 17.82 -76.79 -43.48
CA GLY M 57 16.92 -77.91 -43.68
C GLY M 57 17.48 -79.06 -44.48
N ILE M 58 18.77 -79.02 -44.83
CA ILE M 58 19.40 -80.05 -45.64
C ILE M 58 20.02 -81.08 -44.71
N PRO M 59 19.80 -82.37 -44.94
CA PRO M 59 20.52 -83.39 -44.15
C PRO M 59 22.02 -83.22 -44.30
N ASP M 60 22.72 -83.33 -43.17
CA ASP M 60 24.18 -83.18 -43.19
C ASP M 60 24.84 -84.27 -44.01
N ARG M 61 24.11 -85.33 -44.33
CA ARG M 61 24.67 -86.47 -45.05
C ARG M 61 25.14 -86.11 -46.45
N PHE M 62 24.86 -84.90 -46.92
CA PHE M 62 25.31 -84.48 -48.24
C PHE M 62 26.60 -83.68 -48.11
N SER M 63 27.53 -83.90 -49.05
CA SER M 63 28.79 -83.17 -49.10
C SER M 63 29.05 -82.77 -50.54
N GLY M 64 30.23 -82.22 -50.79
CA GLY M 64 30.60 -81.83 -52.14
C GLY M 64 32.08 -81.60 -52.25
N SER M 65 32.54 -81.56 -53.50
CA SER M 65 33.95 -81.31 -53.79
C SER M 65 34.09 -80.70 -55.17
N LYS M 66 35.16 -79.94 -55.35
CA LYS M 66 35.54 -79.42 -56.67
C LYS M 66 36.99 -79.78 -56.92
N SER M 67 37.22 -80.65 -57.90
CA SER M 67 38.57 -81.01 -58.33
C SER M 67 38.75 -80.50 -59.75
N GLY M 68 39.56 -79.46 -59.90
CA GLY M 68 39.74 -78.84 -61.20
C GLY M 68 38.42 -78.41 -61.79
N THR M 69 38.14 -78.89 -63.00
CA THR M 69 36.90 -78.60 -63.69
C THR M 69 35.79 -79.58 -63.32
N SER M 70 36.05 -80.50 -62.41
CA SER M 70 35.10 -81.54 -62.02
C SER M 70 34.56 -81.23 -60.64
N ALA M 71 33.25 -81.31 -60.49
CA ALA M 71 32.57 -81.05 -59.22
C ALA M 71 31.61 -82.19 -58.91
N THR M 72 31.88 -82.87 -57.80
CA THR M 72 31.07 -84.00 -57.36
C THR M 72 30.12 -83.55 -56.26
N LEU M 73 28.89 -84.03 -56.32
CA LEU M 73 27.90 -83.77 -55.28
C LEU M 73 27.83 -85.00 -54.38
N GLY M 74 28.31 -84.87 -53.15
CA GLY M 74 28.29 -85.97 -52.21
C GLY M 74 26.87 -86.37 -51.85
N ILE M 75 26.56 -87.64 -52.07
CA ILE M 75 25.24 -88.19 -51.82
C ILE M 75 25.42 -89.45 -50.99
N THR M 76 24.94 -89.43 -49.75
CA THR M 76 25.12 -90.54 -48.83
C THR M 76 23.80 -90.86 -48.13
N GLY M 77 23.74 -92.06 -47.54
CA GLY M 77 22.55 -92.46 -46.80
C GLY M 77 21.30 -92.46 -47.65
N LEU M 78 21.33 -93.21 -48.75
CA LEU M 78 20.22 -93.20 -49.69
C LEU M 78 18.90 -93.54 -49.01
N GLN M 79 17.86 -92.82 -49.40
CA GLN M 79 16.52 -93.01 -48.86
C GLN M 79 15.58 -93.39 -49.99
N THR M 80 14.45 -94.00 -49.60
CA THR M 80 13.42 -94.32 -50.57
C THR M 80 12.82 -93.06 -51.18
N GLY M 81 12.88 -91.94 -50.45
CA GLY M 81 12.38 -90.69 -50.98
C GLY M 81 13.44 -89.83 -51.63
N ASP M 82 14.62 -90.39 -51.90
CA ASP M 82 15.69 -89.61 -52.50
C ASP M 82 15.72 -89.68 -54.02
N GLU M 83 14.76 -90.38 -54.64
CA GLU M 83 14.76 -90.52 -56.09
C GLU M 83 14.23 -89.24 -56.72
N ALA M 84 15.07 -88.58 -57.52
CA ALA M 84 14.77 -87.30 -58.15
C ALA M 84 15.98 -86.92 -58.99
N ASP M 85 15.85 -85.83 -59.73
CA ASP M 85 16.93 -85.32 -60.57
C ASP M 85 17.72 -84.26 -59.83
N TYR M 86 19.05 -84.33 -59.92
CA TYR M 86 19.93 -83.34 -59.34
C TYR M 86 20.63 -82.57 -60.44
N TYR M 87 20.70 -81.24 -60.28
CA TYR M 87 21.21 -80.35 -61.30
C TYR M 87 22.45 -79.62 -60.80
N CYS M 88 23.52 -79.65 -61.59
CA CYS M 88 24.70 -78.86 -61.33
C CYS M 88 24.57 -77.49 -61.99
N GLY M 89 25.12 -76.48 -61.34
CA GLY M 89 25.25 -75.17 -61.94
C GLY M 89 26.40 -74.41 -61.33
N THR M 90 26.94 -73.46 -62.10
CA THR M 90 27.97 -72.56 -61.63
C THR M 90 27.92 -71.32 -62.51
N TRP M 91 28.50 -70.23 -62.03
CA TRP M 91 28.47 -68.99 -62.79
C TRP M 91 29.32 -69.10 -64.03
N ASP M 92 28.85 -68.50 -65.12
CA ASP M 92 29.55 -68.51 -66.39
C ASP M 92 29.95 -67.08 -66.76
N SER M 93 31.24 -66.88 -67.03
CA SER M 93 31.66 -65.61 -67.60
C SER M 93 31.75 -65.67 -69.12
N SER M 94 31.69 -66.88 -69.69
CA SER M 94 31.78 -67.01 -71.15
C SER M 94 30.67 -66.23 -71.84
N LEU M 95 29.43 -66.69 -71.68
CA LEU M 95 28.30 -65.89 -72.11
C LEU M 95 27.88 -64.90 -71.03
N SER M 96 28.63 -64.85 -69.93
CA SER M 96 28.35 -63.98 -68.78
C SER M 96 26.91 -64.19 -68.30
N ALA M 97 26.65 -65.40 -67.81
CA ALA M 97 25.30 -65.79 -67.47
C ALA M 97 25.34 -66.97 -66.49
N VAL M 98 24.16 -67.56 -66.29
CA VAL M 98 23.99 -68.72 -65.43
C VAL M 98 23.77 -69.94 -66.31
N VAL M 99 24.49 -71.03 -66.02
CA VAL M 99 24.44 -72.24 -66.83
C VAL M 99 24.09 -73.43 -65.95
N PHE M 100 23.60 -74.48 -66.58
CA PHE M 100 23.26 -75.72 -65.90
C PHE M 100 23.58 -76.91 -66.80
N GLY M 101 23.62 -78.09 -66.19
CA GLY M 101 23.67 -79.31 -66.95
C GLY M 101 22.29 -79.86 -67.24
N GLY M 102 22.26 -80.92 -68.06
CA GLY M 102 20.99 -81.52 -68.44
C GLY M 102 20.22 -82.12 -67.28
N GLY M 103 20.89 -82.47 -66.19
CA GLY M 103 20.22 -83.09 -65.07
C GLY M 103 20.38 -84.59 -65.06
N THR M 104 20.43 -85.15 -63.86
CA THR M 104 20.63 -86.57 -63.66
C THR M 104 19.56 -87.10 -62.72
N LYS M 105 18.70 -87.97 -63.22
CA LYS M 105 17.60 -88.47 -62.42
C LYS M 105 18.05 -89.72 -61.69
N LEU M 106 18.20 -89.59 -60.38
CA LEU M 106 18.64 -90.68 -59.53
C LEU M 106 17.52 -91.70 -59.44
N THR M 107 17.86 -92.94 -59.14
CA THR M 107 16.89 -93.99 -58.86
C THR M 107 17.41 -94.81 -57.69
N VAL M 108 16.61 -94.90 -56.64
CA VAL M 108 16.96 -95.72 -55.48
C VAL M 108 16.38 -97.11 -55.68
N LEU M 109 17.26 -98.10 -55.83
CA LEU M 109 16.85 -99.45 -56.20
C LEU M 109 16.24 -100.21 -55.03
N GLU N 1 -54.76 -12.27 58.51
CA GLU N 1 -54.18 -13.51 58.01
C GLU N 1 -54.98 -14.09 56.85
N VAL N 2 -56.11 -14.73 57.19
CA VAL N 2 -56.84 -15.59 56.27
C VAL N 2 -58.34 -15.47 56.55
N GLN N 3 -59.12 -15.40 55.47
CA GLN N 3 -60.55 -15.65 55.51
C GLN N 3 -60.80 -16.88 54.65
N LEU N 4 -61.91 -17.55 54.89
CA LEU N 4 -62.19 -18.81 54.21
C LEU N 4 -63.33 -18.60 53.22
N LEU N 5 -63.63 -19.66 52.47
CA LEU N 5 -64.85 -19.70 51.69
C LEU N 5 -65.93 -20.34 52.54
N GLU N 6 -67.15 -20.40 52.03
CA GLU N 6 -68.18 -20.99 52.85
C GLU N 6 -68.01 -22.51 52.90
N GLN N 7 -68.79 -23.15 53.75
CA GLN N 7 -68.67 -24.59 53.93
C GLN N 7 -69.40 -25.32 52.81
N SER N 8 -70.62 -24.91 52.56
CA SER N 8 -71.50 -25.46 51.55
C SER N 8 -72.11 -24.34 50.72
N GLY N 9 -72.77 -23.43 51.41
CA GLY N 9 -73.94 -22.78 50.92
C GLY N 9 -75.15 -23.31 51.66
N ALA N 10 -76.33 -23.02 51.11
CA ALA N 10 -77.56 -23.57 51.65
C ALA N 10 -77.87 -24.88 50.92
N GLU N 11 -77.77 -26.00 51.63
CA GLU N 11 -78.06 -27.31 51.06
C GLU N 11 -79.27 -27.89 51.77
N VAL N 12 -80.39 -27.94 51.07
CA VAL N 12 -81.61 -28.53 51.61
C VAL N 12 -81.95 -29.76 50.80
N LYS N 13 -81.80 -30.93 51.42
CA LYS N 13 -82.04 -32.19 50.73
C LYS N 13 -83.02 -33.03 51.55
N LYS N 14 -84.18 -33.28 50.97
CA LYS N 14 -85.28 -34.01 51.57
C LYS N 14 -84.80 -35.40 51.94
N PRO N 15 -85.48 -36.09 52.86
CA PRO N 15 -85.07 -37.45 53.21
C PRO N 15 -84.96 -38.33 51.97
N GLY N 16 -84.09 -39.33 52.05
CA GLY N 16 -83.72 -40.08 50.88
C GLY N 16 -82.66 -39.44 50.01
N ALA N 17 -81.69 -38.76 50.59
CA ALA N 17 -80.62 -38.10 49.87
C ALA N 17 -79.33 -38.13 50.69
N SER N 18 -78.28 -37.53 50.12
CA SER N 18 -77.01 -37.37 50.81
C SER N 18 -76.28 -36.19 50.19
N VAL N 19 -75.43 -35.53 50.97
CA VAL N 19 -74.91 -34.22 50.60
C VAL N 19 -73.41 -34.13 50.87
N ARG N 20 -72.66 -33.69 49.88
CA ARG N 20 -71.26 -33.33 50.02
C ARG N 20 -71.14 -31.92 50.60
N VAL N 21 -70.02 -31.64 51.25
CA VAL N 21 -69.76 -30.32 51.81
C VAL N 21 -68.37 -29.90 51.36
N SER N 22 -68.31 -28.86 50.51
CA SER N 22 -67.05 -28.44 49.90
C SER N 22 -66.63 -27.10 50.48
N CYS N 23 -65.59 -27.12 51.29
CA CYS N 23 -65.10 -25.95 52.02
C CYS N 23 -63.81 -25.46 51.38
N LYS N 24 -63.84 -24.27 50.79
CA LYS N 24 -62.62 -23.73 50.20
C LYS N 24 -62.03 -22.67 51.11
N VAL N 25 -60.86 -22.17 50.73
CA VAL N 25 -60.09 -21.26 51.57
C VAL N 25 -59.66 -20.05 50.75
N SER N 26 -59.01 -19.10 51.41
CA SER N 26 -58.40 -17.97 50.73
C SER N 26 -57.25 -17.48 51.59
N GLY N 27 -56.18 -17.00 50.94
CA GLY N 27 -55.01 -16.53 51.63
C GLY N 27 -54.05 -17.63 52.06
N TYR N 28 -54.53 -18.87 52.12
CA TYR N 28 -53.65 -20.02 52.21
C TYR N 28 -53.85 -20.92 51.00
N THR N 29 -53.07 -22.00 50.94
CA THR N 29 -53.32 -23.09 50.00
C THR N 29 -53.81 -24.28 50.80
N LEU N 30 -54.62 -25.11 50.15
CA LEU N 30 -55.33 -26.16 50.87
C LEU N 30 -54.40 -27.05 51.68
N PRO N 31 -53.41 -27.75 51.06
CA PRO N 31 -52.63 -28.69 51.87
C PRO N 31 -51.40 -28.09 52.50
N GLU N 32 -51.49 -26.87 53.05
CA GLU N 32 -50.57 -26.43 54.08
C GLU N 32 -51.21 -26.41 55.45
N VAL N 33 -52.49 -26.72 55.54
CA VAL N 33 -53.25 -26.60 56.79
C VAL N 33 -54.36 -27.64 56.76
N ALA N 34 -54.68 -28.18 57.92
CA ALA N 34 -55.60 -29.31 58.03
C ALA N 34 -57.00 -28.82 58.33
N MET N 35 -58.00 -29.44 57.71
CA MET N 35 -59.39 -29.09 57.98
C MET N 35 -59.96 -29.97 59.09
N HIS N 36 -61.18 -29.64 59.50
CA HIS N 36 -61.87 -30.31 60.59
C HIS N 36 -63.36 -30.04 60.44
N TRP N 37 -64.16 -30.82 61.16
CA TRP N 37 -65.61 -30.69 61.07
C TRP N 37 -66.23 -30.90 62.44
N VAL N 38 -67.32 -30.19 62.71
CA VAL N 38 -68.03 -30.32 63.98
C VAL N 38 -69.52 -30.26 63.71
N ARG N 39 -70.25 -31.23 64.25
CA ARG N 39 -71.70 -31.13 64.25
C ARG N 39 -72.13 -30.11 65.29
N GLN N 40 -72.98 -29.17 64.86
CA GLN N 40 -73.65 -28.26 65.77
C GLN N 40 -75.14 -28.28 65.46
N ALA N 41 -75.93 -28.79 66.39
CA ALA N 41 -77.37 -28.80 66.24
C ALA N 41 -77.96 -27.58 66.93
N PRO N 42 -78.87 -26.86 66.29
CA PRO N 42 -79.41 -25.64 66.90
C PRO N 42 -80.05 -25.93 68.25
N GLY N 43 -79.83 -25.01 69.19
CA GLY N 43 -80.26 -25.25 70.55
C GLY N 43 -79.53 -26.37 71.24
N LYS N 44 -78.38 -26.76 70.71
CA LYS N 44 -77.60 -27.88 71.25
C LYS N 44 -76.13 -27.50 71.19
N GLY N 45 -75.26 -28.48 71.45
CA GLY N 45 -73.84 -28.23 71.56
C GLY N 45 -73.03 -28.76 70.38
N LEU N 46 -71.72 -28.86 70.62
CA LEU N 46 -70.77 -29.27 69.60
C LEU N 46 -70.57 -30.78 69.58
N GLU N 47 -70.48 -31.35 68.38
CA GLU N 47 -70.10 -32.74 68.19
C GLU N 47 -69.06 -32.75 67.07
N TRP N 48 -67.82 -33.13 67.41
CA TRP N 48 -66.75 -33.04 66.44
C TRP N 48 -66.87 -34.13 65.38
N MET N 49 -66.26 -33.89 64.23
CA MET N 49 -66.53 -34.71 63.06
C MET N 49 -65.37 -34.59 62.09
N GLY N 50 -65.25 -35.59 61.21
CA GLY N 50 -64.27 -35.53 60.15
C GLY N 50 -62.87 -35.31 60.68
N GLY N 51 -62.20 -34.29 60.17
CA GLY N 51 -60.93 -33.86 60.73
C GLY N 51 -59.74 -34.58 60.14
N PHE N 52 -58.58 -33.91 60.22
CA PHE N 52 -57.30 -34.47 59.81
C PHE N 52 -56.46 -34.68 61.05
N ASP N 53 -55.56 -35.66 61.00
CA ASP N 53 -54.74 -35.99 62.16
C ASP N 53 -53.32 -35.46 61.95
N PRO N 54 -52.85 -34.51 62.76
CA PRO N 54 -51.43 -34.11 62.65
C PRO N 54 -50.48 -35.28 62.82
N GLU N 55 -50.74 -36.14 63.80
CA GLU N 55 -49.98 -37.37 63.92
C GLU N 55 -50.44 -38.36 62.85
N ASP N 56 -49.53 -39.25 62.45
CA ASP N 56 -49.86 -40.39 61.59
C ASP N 56 -50.27 -39.94 60.18
N GLY N 57 -50.51 -38.65 60.01
CA GLY N 57 -50.82 -38.08 58.70
C GLY N 57 -52.15 -38.47 58.11
N GLU N 58 -52.96 -39.27 58.80
CA GLU N 58 -54.25 -39.65 58.27
C GLU N 58 -55.26 -38.52 58.43
N THR N 59 -56.32 -38.59 57.64
CA THR N 59 -57.51 -37.76 57.81
C THR N 59 -58.44 -38.51 58.75
N MET N 60 -58.66 -37.96 59.94
CA MET N 60 -59.46 -38.65 60.93
C MET N 60 -60.92 -38.75 60.51
N TYR N 61 -61.62 -39.70 61.13
CA TYR N 61 -63.06 -39.83 61.03
C TYR N 61 -63.60 -40.18 62.41
N ALA N 62 -64.54 -39.38 62.90
CA ALA N 62 -65.08 -39.58 64.23
C ALA N 62 -65.65 -40.98 64.34
N GLN N 63 -65.18 -41.73 65.34
CA GLN N 63 -65.53 -43.14 65.45
C GLN N 63 -67.03 -43.35 65.51
N LYS N 64 -67.72 -42.56 66.34
CA LYS N 64 -69.17 -42.66 66.44
C LYS N 64 -69.82 -42.53 65.06
N PHE N 65 -69.37 -41.55 64.28
CA PHE N 65 -69.91 -41.30 62.95
C PHE N 65 -69.08 -41.93 61.85
N GLN N 66 -68.06 -42.71 62.20
CA GLN N 66 -67.14 -43.26 61.20
C GLN N 66 -67.87 -44.11 60.18
N GLY N 67 -67.46 -44.01 58.92
CA GLY N 67 -68.00 -44.78 57.84
C GLY N 67 -69.22 -44.20 57.17
N ARG N 68 -69.96 -43.34 57.85
CA ARG N 68 -71.09 -42.66 57.23
C ARG N 68 -70.68 -41.41 56.45
N VAL N 69 -69.61 -40.75 56.87
CA VAL N 69 -69.13 -39.53 56.25
C VAL N 69 -67.69 -39.73 55.79
N THR N 70 -67.41 -39.21 54.60
CA THR N 70 -66.08 -39.34 54.00
C THR N 70 -65.61 -37.96 53.54
N MET N 71 -64.31 -37.86 53.27
CA MET N 71 -63.68 -36.60 52.86
C MET N 71 -62.69 -36.86 51.74
N THR N 72 -62.65 -35.95 50.77
CA THR N 72 -61.65 -35.92 49.73
C THR N 72 -61.11 -34.49 49.61
N GLU N 73 -60.01 -34.32 48.88
CA GLU N 73 -59.32 -33.05 48.79
C GLU N 73 -58.82 -32.83 47.37
N ASP N 74 -59.05 -31.62 46.85
CA ASP N 74 -58.40 -31.15 45.64
C ASP N 74 -57.48 -30.00 46.03
N THR N 75 -56.17 -30.25 45.98
CA THR N 75 -55.21 -29.31 46.56
C THR N 75 -55.17 -27.99 45.79
N SER N 76 -55.26 -28.03 44.46
CA SER N 76 -55.11 -26.80 43.68
C SER N 76 -56.35 -25.92 43.79
N THR N 77 -57.54 -26.50 43.69
CA THR N 77 -58.77 -25.74 43.77
C THR N 77 -59.27 -25.56 45.20
N ASP N 78 -58.56 -26.14 46.18
CA ASP N 78 -58.84 -25.92 47.61
C ASP N 78 -60.22 -26.45 48.00
N THR N 79 -60.72 -27.42 47.26
CA THR N 79 -62.06 -27.97 47.49
C THR N 79 -61.95 -29.25 48.32
N ALA N 80 -62.47 -29.21 49.54
CA ALA N 80 -62.52 -30.38 50.41
C ALA N 80 -63.96 -30.79 50.62
N TYR N 81 -64.34 -31.94 50.06
CA TYR N 81 -65.72 -32.39 50.05
C TYR N 81 -66.00 -33.29 51.23
N MET N 82 -66.98 -32.90 52.05
CA MET N 82 -67.46 -33.73 53.14
C MET N 82 -68.81 -34.31 52.75
N GLU N 83 -68.84 -35.60 52.47
CA GLU N 83 -70.05 -36.29 52.07
C GLU N 83 -70.62 -37.06 53.25
N LEU N 84 -71.78 -36.63 53.73
CA LEU N 84 -72.54 -37.37 54.72
C LEU N 84 -73.66 -38.11 54.02
N SER N 85 -73.95 -39.32 54.51
CA SER N 85 -74.85 -40.21 53.82
C SER N 85 -75.88 -40.77 54.79
N SER N 86 -76.92 -41.38 54.23
CA SER N 86 -77.93 -42.12 54.98
C SER N 86 -78.60 -41.24 56.03
N LEU N 87 -79.39 -40.28 55.53
CA LEU N 87 -80.01 -39.28 56.38
C LEU N 87 -80.82 -39.93 57.50
N ARG N 88 -80.77 -39.32 58.69
CA ARG N 88 -81.51 -39.80 59.84
C ARG N 88 -82.20 -38.62 60.54
N SER N 89 -82.92 -38.91 61.63
CA SER N 89 -83.69 -37.89 62.31
C SER N 89 -82.85 -36.72 62.80
N GLU N 90 -81.96 -36.95 63.76
CA GLU N 90 -81.26 -35.88 64.46
C GLU N 90 -80.04 -35.37 63.72
N ASP N 91 -79.76 -35.87 62.51
CA ASP N 91 -78.52 -35.52 61.85
C ASP N 91 -78.64 -34.33 60.91
N THR N 92 -79.79 -33.65 60.88
CA THR N 92 -79.85 -32.35 60.21
C THR N 92 -79.40 -31.26 61.17
N ALA N 93 -78.38 -30.50 60.80
CA ALA N 93 -77.74 -29.55 61.71
C ALA N 93 -76.65 -28.80 60.95
N VAL N 94 -76.12 -27.77 61.61
CA VAL N 94 -74.99 -27.00 61.11
C VAL N 94 -73.74 -27.83 61.32
N TYR N 95 -72.98 -28.03 60.25
CA TYR N 95 -71.71 -28.73 60.35
C TYR N 95 -70.60 -27.76 59.93
N TYR N 96 -69.77 -27.37 60.90
CA TYR N 96 -68.79 -26.31 60.67
C TYR N 96 -67.53 -26.86 60.03
N CYS N 97 -67.03 -26.13 59.04
CA CYS N 97 -65.69 -26.31 58.53
C CYS N 97 -64.71 -25.64 59.49
N ALA N 98 -63.77 -26.42 60.01
CA ALA N 98 -62.79 -25.92 60.95
C ALA N 98 -61.40 -26.38 60.51
N THR N 99 -60.37 -25.79 61.10
CA THR N 99 -59.00 -26.09 60.69
C THR N 99 -58.04 -26.04 61.86
N THR N 100 -57.08 -26.97 61.89
CA THR N 100 -55.95 -26.81 62.78
C THR N 100 -54.67 -26.69 61.97
N THR N 101 -53.64 -26.46 62.64
CA THR N 101 -52.41 -26.24 61.89
C THR N 101 -51.46 -27.42 62.06
N PRO N 102 -50.98 -27.98 60.95
CA PRO N 102 -50.13 -29.17 61.03
C PRO N 102 -48.92 -28.98 61.92
N PHE N 103 -48.48 -27.74 62.13
CA PHE N 103 -47.48 -27.43 63.13
C PHE N 103 -48.17 -26.77 64.32
N SER N 104 -48.28 -27.50 65.43
CA SER N 104 -47.88 -28.90 65.50
C SER N 104 -48.97 -29.74 66.16
N SER N 105 -49.20 -29.47 67.44
CA SER N 105 -50.13 -30.21 68.29
C SER N 105 -51.51 -29.58 68.36
N SER N 106 -51.78 -28.56 67.56
CA SER N 106 -52.94 -27.70 67.75
C SER N 106 -54.24 -28.49 67.83
N TYR N 107 -54.96 -28.31 68.94
CA TYR N 107 -56.32 -28.79 69.07
C TYR N 107 -57.36 -27.76 68.67
N TRP N 108 -56.99 -26.47 68.59
CA TRP N 108 -57.97 -25.41 68.43
C TRP N 108 -58.33 -25.22 66.98
N PHE N 109 -59.61 -24.92 66.71
CA PHE N 109 -60.08 -25.06 65.35
C PHE N 109 -59.94 -23.78 64.52
N ASP N 110 -59.47 -22.66 65.10
CA ASP N 110 -58.92 -21.62 64.23
C ASP N 110 -60.01 -20.98 63.39
N PRO N 111 -59.72 -19.94 62.60
CA PRO N 111 -60.76 -19.40 61.71
C PRO N 111 -61.47 -20.49 60.93
N TRP N 112 -62.79 -20.37 60.84
CA TRP N 112 -63.70 -21.45 60.48
C TRP N 112 -64.74 -20.92 59.50
N GLY N 113 -65.75 -21.73 59.17
CA GLY N 113 -66.50 -21.57 57.93
C GLY N 113 -67.91 -21.01 57.96
N GLN N 114 -68.31 -20.30 59.01
CA GLN N 114 -69.58 -19.58 59.13
C GLN N 114 -70.78 -20.51 59.34
N GLY N 115 -70.65 -21.81 59.09
CA GLY N 115 -71.70 -22.76 59.37
C GLY N 115 -72.65 -23.01 58.21
N THR N 116 -73.09 -24.27 58.07
CA THR N 116 -74.12 -24.64 57.11
C THR N 116 -75.03 -25.71 57.71
N LEU N 117 -76.33 -25.44 57.72
CA LEU N 117 -77.34 -26.43 58.09
C LEU N 117 -77.49 -27.44 56.97
N VAL N 118 -77.89 -28.66 57.32
CA VAL N 118 -78.25 -29.67 56.33
C VAL N 118 -79.72 -30.03 56.50
N THR N 119 -80.18 -31.01 55.73
CA THR N 119 -81.59 -31.35 55.71
C THR N 119 -81.75 -32.86 55.62
N VAL N 120 -82.70 -33.40 56.37
CA VAL N 120 -82.95 -34.84 56.37
C VAL N 120 -84.37 -35.14 55.96
N GLU O 1 12.54 -67.66 -42.72
CA GLU O 1 12.98 -66.42 -43.33
C GLU O 1 11.86 -65.78 -44.17
N VAL O 2 11.66 -66.33 -45.37
CA VAL O 2 10.88 -65.70 -46.42
C VAL O 2 10.14 -66.75 -47.22
N GLN O 3 8.87 -66.47 -47.53
CA GLN O 3 8.13 -67.16 -48.57
C GLN O 3 7.82 -66.12 -49.64
N LEU O 4 7.55 -66.57 -50.85
CA LEU O 4 7.35 -65.66 -51.96
C LEU O 4 5.89 -65.70 -52.38
N LEU O 5 5.55 -64.83 -53.34
CA LEU O 5 4.28 -64.95 -54.02
C LEU O 5 4.48 -65.82 -55.24
N GLU O 6 3.40 -66.11 -55.97
CA GLU O 6 3.59 -66.96 -57.13
C GLU O 6 4.26 -66.17 -58.24
N GLN O 7 4.64 -66.88 -59.29
CA GLN O 7 5.36 -66.26 -60.39
C GLN O 7 4.38 -65.54 -61.31
N SER O 8 3.31 -66.24 -61.67
CA SER O 8 2.27 -65.75 -62.55
C SER O 8 0.92 -66.05 -61.94
N GLY O 9 0.69 -67.32 -61.65
CA GLY O 9 -0.61 -67.93 -61.77
C GLY O 9 -0.61 -68.84 -62.97
N ALA O 10 -1.80 -69.25 -63.39
CA ALA O 10 -1.95 -70.03 -64.61
C ALA O 10 -2.19 -69.07 -65.76
N GLU O 11 -1.22 -68.97 -66.68
CA GLU O 11 -1.34 -68.13 -67.85
C GLU O 11 -1.34 -69.01 -69.09
N VAL O 12 -2.50 -69.11 -69.73
CA VAL O 12 -2.62 -69.87 -70.97
C VAL O 12 -2.96 -68.91 -72.09
N LYS O 13 -2.02 -68.70 -73.00
CA LYS O 13 -2.20 -67.75 -74.09
C LYS O 13 -1.89 -68.46 -75.40
N LYS O 14 -2.92 -68.58 -76.24
CA LYS O 14 -2.89 -69.25 -77.52
C LYS O 14 -1.83 -68.58 -78.39
N PRO O 15 -1.34 -69.27 -79.43
CA PRO O 15 -0.35 -68.63 -80.32
C PRO O 15 -0.87 -67.30 -80.84
N GLY O 16 0.08 -66.40 -81.14
CA GLY O 16 -0.28 -65.02 -81.44
C GLY O 16 -0.51 -64.16 -80.22
N ALA O 17 0.26 -64.35 -79.15
CA ALA O 17 0.14 -63.58 -77.93
C ALA O 17 1.51 -63.43 -77.27
N SER O 18 1.51 -62.75 -76.12
CA SER O 18 2.70 -62.61 -75.30
C SER O 18 2.27 -62.33 -73.87
N VAL O 19 3.11 -62.72 -72.91
CA VAL O 19 2.68 -62.80 -71.51
C VAL O 19 3.74 -62.22 -70.59
N ARG O 20 3.30 -61.33 -69.69
CA ARG O 20 4.11 -60.83 -68.60
C ARG O 20 4.09 -61.84 -67.45
N VAL O 21 5.14 -61.81 -66.62
CA VAL O 21 5.23 -62.68 -65.45
C VAL O 21 5.58 -61.80 -64.25
N SER O 22 4.64 -61.67 -63.31
CA SER O 22 4.80 -60.77 -62.18
C SER O 22 4.98 -61.58 -60.91
N CYS O 23 6.21 -61.55 -60.38
CA CYS O 23 6.60 -62.35 -59.22
C CYS O 23 6.74 -61.44 -58.02
N LYS O 24 5.87 -61.61 -57.03
CA LYS O 24 5.97 -60.80 -55.83
C LYS O 24 6.60 -61.60 -54.70
N VAL O 25 6.85 -60.94 -53.57
CA VAL O 25 7.59 -61.53 -52.47
C VAL O 25 6.82 -61.30 -51.18
N SER O 26 7.34 -61.85 -50.09
CA SER O 26 6.82 -61.59 -48.75
C SER O 26 7.95 -61.78 -47.75
N GLY O 27 7.95 -60.97 -46.70
CA GLY O 27 8.97 -61.04 -45.68
C GLY O 27 10.25 -60.29 -46.04
N TYR O 28 10.44 -60.00 -47.32
CA TYR O 28 11.44 -59.04 -47.75
C TYR O 28 10.78 -57.88 -48.48
N THR O 29 11.58 -56.90 -48.89
CA THR O 29 11.15 -55.87 -49.82
C THR O 29 11.85 -56.12 -51.14
N LEU O 30 11.20 -55.72 -52.23
CA LEU O 30 11.67 -56.11 -53.56
C LEU O 30 13.12 -55.73 -53.79
N PRO O 31 13.52 -54.44 -53.72
CA PRO O 31 14.90 -54.12 -54.09
C PRO O 31 15.88 -54.18 -52.94
N GLU O 32 15.78 -55.18 -52.07
CA GLU O 32 16.92 -55.59 -51.25
C GLU O 32 17.51 -56.90 -51.73
N VAL O 33 16.92 -57.52 -52.75
CA VAL O 33 17.32 -58.85 -53.20
C VAL O 33 17.01 -58.94 -54.68
N ALA O 34 17.84 -59.66 -55.42
CA ALA O 34 17.78 -59.70 -56.87
C ALA O 34 16.99 -60.91 -57.32
N MET O 35 16.17 -60.74 -58.36
CA MET O 35 15.41 -61.84 -58.92
C MET O 35 16.18 -62.50 -60.05
N HIS O 36 15.62 -63.61 -60.54
CA HIS O 36 16.24 -64.42 -61.59
C HIS O 36 15.15 -65.26 -62.24
N TRP O 37 15.47 -65.83 -63.39
CA TRP O 37 14.49 -66.62 -64.13
C TRP O 37 15.18 -67.80 -64.78
N VAL O 38 14.48 -68.92 -64.87
CA VAL O 38 15.01 -70.12 -65.50
C VAL O 38 13.91 -70.78 -66.32
N ARG O 39 14.20 -71.09 -67.57
CA ARG O 39 13.31 -71.93 -68.34
C ARG O 39 13.42 -73.38 -67.87
N GLN O 40 12.28 -73.98 -67.57
CA GLN O 40 12.21 -75.41 -67.32
C GLN O 40 11.10 -75.99 -68.19
N ALA O 41 11.49 -76.84 -69.14
CA ALA O 41 10.52 -77.51 -69.98
C ALA O 41 10.23 -78.89 -69.40
N PRO O 42 8.96 -79.29 -69.30
CA PRO O 42 8.64 -80.58 -68.69
C PRO O 42 9.34 -81.73 -69.41
N GLY O 43 9.82 -82.69 -68.63
CA GLY O 43 10.62 -83.76 -69.20
C GLY O 43 11.96 -83.29 -69.72
N LYS O 44 12.40 -82.10 -69.32
CA LYS O 44 13.65 -81.52 -69.81
C LYS O 44 14.35 -80.85 -68.64
N GLY O 45 15.41 -80.09 -68.94
CA GLY O 45 16.24 -79.51 -67.91
C GLY O 45 16.07 -78.01 -67.75
N LEU O 46 17.06 -77.41 -67.09
CA LEU O 46 17.04 -75.98 -66.77
C LEU O 46 17.69 -75.16 -67.86
N GLU O 47 17.08 -74.01 -68.16
CA GLU O 47 17.66 -73.01 -69.04
C GLU O 47 17.50 -71.67 -68.35
N TRP O 48 18.60 -71.04 -67.96
CA TRP O 48 18.51 -69.82 -67.16
C TRP O 48 18.06 -68.65 -68.03
N MET O 49 17.52 -67.63 -67.37
CA MET O 49 16.80 -66.59 -68.08
C MET O 49 16.75 -65.33 -67.22
N GLY O 50 16.55 -64.20 -67.87
CA GLY O 50 16.36 -62.95 -67.16
C GLY O 50 17.50 -62.65 -66.21
N GLY O 51 17.17 -62.42 -64.95
CA GLY O 51 18.17 -62.32 -63.90
C GLY O 51 18.70 -60.92 -63.72
N PHE O 52 19.22 -60.66 -62.52
CA PHE O 52 19.89 -59.41 -62.18
C PHE O 52 21.37 -59.71 -61.97
N ASP O 53 22.22 -58.72 -62.22
CA ASP O 53 23.65 -58.91 -62.09
C ASP O 53 24.15 -58.24 -60.83
N PRO O 54 24.68 -58.98 -59.86
CA PRO O 54 25.30 -58.33 -58.69
C PRO O 54 26.41 -57.37 -59.08
N GLU O 55 27.27 -57.78 -60.02
CA GLU O 55 28.25 -56.85 -60.57
C GLU O 55 27.57 -55.91 -61.54
N ASP O 56 28.14 -54.71 -61.69
CA ASP O 56 27.73 -53.76 -62.72
C ASP O 56 26.31 -53.22 -62.48
N GLY O 57 25.58 -53.85 -61.57
CA GLY O 57 24.26 -53.39 -61.18
C GLY O 57 23.17 -53.52 -62.22
N GLU O 58 23.47 -54.06 -63.40
CA GLU O 58 22.45 -54.22 -64.42
C GLU O 58 21.57 -55.43 -64.12
N THR O 59 20.38 -55.42 -64.74
CA THR O 59 19.50 -56.58 -64.76
C THR O 59 19.89 -57.38 -66.01
N MET O 60 20.41 -58.59 -65.79
CA MET O 60 20.90 -59.38 -66.91
C MET O 60 19.77 -59.84 -67.81
N TYR O 61 20.14 -60.20 -69.04
CA TYR O 61 19.25 -60.86 -69.98
C TYR O 61 20.05 -61.93 -70.70
N ALA O 62 19.55 -63.16 -70.64
CA ALA O 62 20.25 -64.29 -71.25
C ALA O 62 20.49 -64.01 -72.72
N GLN O 63 21.76 -64.07 -73.13
CA GLN O 63 22.14 -63.68 -74.49
C GLN O 63 21.36 -64.45 -75.54
N LYS O 64 21.27 -65.76 -75.39
CA LYS O 64 20.50 -66.58 -76.32
C LYS O 64 19.08 -66.05 -76.48
N PHE O 65 18.43 -65.72 -75.37
CA PHE O 65 17.08 -65.23 -75.36
C PHE O 65 16.99 -63.71 -75.29
N GLN O 66 18.13 -63.03 -75.33
CA GLN O 66 18.16 -61.57 -75.15
C GLN O 66 17.30 -60.87 -76.18
N GLY O 67 16.60 -59.83 -75.74
CA GLY O 67 15.78 -59.01 -76.60
C GLY O 67 14.35 -59.48 -76.77
N ARG O 68 14.09 -60.77 -76.58
CA ARG O 68 12.74 -61.29 -76.64
C ARG O 68 11.98 -61.12 -75.33
N VAL O 69 12.69 -61.13 -74.20
CA VAL O 69 12.09 -61.03 -72.88
C VAL O 69 12.67 -59.82 -72.16
N THR O 70 11.81 -59.08 -71.47
CA THR O 70 12.22 -57.90 -70.73
C THR O 70 11.68 -57.97 -69.32
N MET O 71 12.23 -57.12 -68.45
CA MET O 71 11.86 -57.10 -67.04
C MET O 71 11.73 -55.66 -66.55
N THR O 72 10.73 -55.40 -65.72
CA THR O 72 10.58 -54.14 -65.00
C THR O 72 10.30 -54.45 -63.54
N GLU O 73 10.36 -53.42 -62.70
CA GLU O 73 10.26 -53.60 -61.25
C GLU O 73 9.45 -52.44 -60.66
N ASP O 74 8.51 -52.78 -59.78
CA ASP O 74 7.86 -51.81 -58.91
C ASP O 74 8.28 -52.12 -57.48
N THR O 75 9.12 -51.26 -56.90
CA THR O 75 9.76 -51.57 -55.64
C THR O 75 8.76 -51.66 -54.49
N SER O 76 7.78 -50.77 -54.45
CA SER O 76 6.87 -50.73 -53.31
C SER O 76 5.89 -51.90 -53.33
N THR O 77 5.32 -52.21 -54.50
CA THR O 77 4.36 -53.30 -54.62
C THR O 77 5.03 -54.64 -54.89
N ASP O 78 6.37 -54.66 -55.02
CA ASP O 78 7.14 -55.90 -55.13
C ASP O 78 6.80 -56.67 -56.40
N THR O 79 6.31 -55.97 -57.42
CA THR O 79 5.89 -56.61 -58.66
C THR O 79 7.00 -56.50 -59.70
N ALA O 80 7.54 -57.65 -60.09
CA ALA O 80 8.56 -57.72 -61.13
C ALA O 80 8.00 -58.46 -62.33
N TYR O 81 7.77 -57.74 -63.43
CA TYR O 81 7.10 -58.27 -64.60
C TYR O 81 8.12 -58.81 -65.59
N MET O 82 7.97 -60.10 -65.92
CA MET O 82 8.77 -60.71 -66.96
C MET O 82 7.89 -60.91 -68.18
N GLU O 83 8.14 -60.12 -69.21
CA GLU O 83 7.38 -60.17 -70.47
C GLU O 83 8.17 -60.94 -71.52
N LEU O 84 7.66 -62.11 -71.89
CA LEU O 84 8.19 -62.86 -73.01
C LEU O 84 7.28 -62.64 -74.22
N SER O 85 7.89 -62.55 -75.39
CA SER O 85 7.17 -62.15 -76.59
C SER O 85 7.46 -63.12 -77.72
N SER O 86 6.65 -63.01 -78.77
CA SER O 86 6.85 -63.73 -80.03
C SER O 86 6.88 -65.24 -79.81
N LEU O 87 5.71 -65.78 -79.46
CA LEU O 87 5.60 -67.18 -79.09
C LEU O 87 6.15 -68.09 -80.18
N ARG O 88 6.83 -69.16 -79.78
CA ARG O 88 7.37 -70.14 -80.69
C ARG O 88 7.05 -71.55 -80.21
N SER O 89 7.50 -72.57 -80.96
CA SER O 89 7.18 -73.95 -80.65
C SER O 89 7.60 -74.37 -79.26
N GLU O 90 8.91 -74.44 -79.01
CA GLU O 90 9.46 -75.04 -77.80
C GLU O 90 9.47 -74.11 -76.61
N ASP O 91 8.93 -72.89 -76.75
CA ASP O 91 9.08 -71.91 -75.67
C ASP O 91 7.91 -71.91 -74.70
N THR O 92 6.95 -72.83 -74.83
CA THR O 92 5.98 -73.02 -73.76
C THR O 92 6.54 -73.96 -72.70
N ALA O 93 6.61 -73.50 -71.46
CA ALA O 93 7.31 -74.23 -70.40
C ALA O 93 7.14 -73.48 -69.09
N VAL O 94 7.56 -74.12 -68.01
CA VAL O 94 7.61 -73.53 -66.67
C VAL O 94 8.80 -72.59 -66.63
N TYR O 95 8.56 -71.34 -66.25
CA TYR O 95 9.64 -70.38 -66.08
C TYR O 95 9.65 -69.96 -64.62
N TYR O 96 10.69 -70.35 -63.89
CA TYR O 96 10.74 -70.16 -62.45
C TYR O 96 11.23 -68.78 -62.08
N CYS O 97 10.55 -68.16 -61.13
CA CYS O 97 11.06 -66.99 -60.43
C CYS O 97 12.09 -67.43 -59.41
N ALA O 98 13.31 -66.91 -59.53
CA ALA O 98 14.39 -67.26 -58.63
C ALA O 98 15.06 -65.98 -58.15
N THR O 99 15.90 -66.09 -57.12
CA THR O 99 16.51 -64.92 -56.51
C THR O 99 17.92 -65.23 -56.01
N THR O 100 18.84 -64.29 -56.20
CA THR O 100 20.10 -64.36 -55.49
C THR O 100 20.24 -63.16 -54.56
N THR O 101 21.25 -63.16 -53.83
CA THR O 101 21.37 -62.08 -52.87
C THR O 101 22.48 -61.11 -53.27
N PRO O 102 22.16 -59.83 -53.35
CA PRO O 102 23.16 -58.85 -53.81
C PRO O 102 24.45 -58.89 -53.02
N PHE O 103 24.41 -59.38 -51.79
CA PHE O 103 25.61 -59.67 -51.05
C PHE O 103 25.82 -61.19 -51.02
N SER O 104 26.82 -61.67 -51.76
CA SER O 104 27.61 -60.83 -52.66
C SER O 104 27.73 -61.48 -54.05
N SER O 105 28.43 -62.62 -54.07
CA SER O 105 28.75 -63.36 -55.28
C SER O 105 27.75 -64.47 -55.59
N SER O 106 26.64 -64.54 -54.86
CA SER O 106 25.78 -65.72 -54.87
C SER O 106 25.34 -66.10 -56.28
N TYR O 107 25.45 -67.40 -56.54
CA TYR O 107 24.95 -67.94 -57.83
C TYR O 107 23.68 -68.76 -57.52
N TRP O 108 23.59 -69.32 -56.31
CA TRP O 108 22.45 -70.22 -55.94
C TRP O 108 21.10 -69.49 -55.99
N PHE O 109 20.05 -70.18 -56.47
CA PHE O 109 18.72 -69.51 -56.66
C PHE O 109 17.96 -69.23 -55.35
N ASP O 110 18.40 -69.74 -54.20
CA ASP O 110 17.73 -69.38 -52.93
C ASP O 110 16.23 -69.76 -52.97
N PRO O 111 15.30 -69.27 -52.09
CA PRO O 111 13.85 -69.55 -52.24
C PRO O 111 13.37 -69.16 -53.64
N TRP O 112 12.32 -69.82 -54.15
CA TRP O 112 11.91 -69.55 -55.52
C TRP O 112 10.39 -69.70 -55.62
N GLY O 113 9.85 -69.63 -56.84
CA GLY O 113 8.45 -69.28 -57.05
C GLY O 113 7.42 -70.32 -57.42
N GLN O 114 7.69 -71.61 -57.18
CA GLN O 114 6.76 -72.73 -57.36
C GLN O 114 6.53 -73.08 -58.83
N GLY O 115 6.88 -72.22 -59.77
CA GLY O 115 6.80 -72.55 -61.18
C GLY O 115 5.50 -72.14 -61.84
N THR O 116 5.59 -71.69 -63.10
CA THR O 116 4.41 -71.42 -63.91
C THR O 116 4.68 -71.81 -65.36
N LEU O 117 3.81 -72.66 -65.92
CA LEU O 117 3.83 -73.00 -67.34
C LEU O 117 3.29 -71.82 -68.14
N VAL O 118 3.74 -71.71 -69.39
CA VAL O 118 3.17 -70.75 -70.32
C VAL O 118 2.55 -71.50 -71.48
N THR O 119 2.08 -70.75 -72.48
CA THR O 119 1.34 -71.35 -73.59
C THR O 119 1.72 -70.65 -74.89
N VAL O 120 1.90 -71.43 -75.94
CA VAL O 120 2.26 -70.89 -77.24
C VAL O 120 1.22 -71.23 -78.29
C1 NAG P . 41.25 8.45 -19.64
C2 NAG P . 42.40 8.37 -18.62
C3 NAG P . 43.67 7.94 -19.35
C4 NAG P . 43.40 6.63 -20.07
C5 NAG P . 42.22 6.77 -21.03
C6 NAG P . 41.91 5.44 -21.71
C7 NAG P . 43.16 9.73 -16.76
C8 NAG P . 42.45 9.07 -15.62
N2 NAG P . 42.56 9.63 -17.94
O3 NAG P . 44.74 7.73 -18.43
O4 NAG P . 44.56 6.24 -20.81
O5 NAG P . 41.07 7.21 -20.31
O6 NAG P . 41.47 4.51 -20.73
O7 NAG P . 44.23 10.29 -16.62
H2 NAG P . 42.20 7.71 -17.95
H3 NAG P . 43.92 8.63 -19.97
H4 NAG P . 43.19 5.95 -19.42
H5 NAG P . 42.46 7.43 -21.70
H61 NAG P . 42.71 5.11 -22.16
H62 NAG P . 41.24 5.57 -22.39
H81 NAG P . 42.97 9.18 -14.80
H82 NAG P . 42.35 8.11 -15.79
H83 NAG P . 41.58 9.47 -15.49
HN2 NAG P . 42.25 10.36 -18.30
HO3 NAG P . 45.25 7.11 -18.71
HO4 NAG P . 44.60 5.40 -20.87
HO6 NAG P . 41.06 4.91 -20.12
C1 NAG Q . 73.64 19.38 15.63
C2 NAG Q . 73.11 18.34 14.64
C3 NAG Q . 72.21 19.01 13.62
C4 NAG Q . 71.10 19.75 14.36
C5 NAG Q . 71.69 20.73 15.35
C6 NAG Q . 70.59 21.43 16.16
C7 NAG Q . 74.75 16.54 14.49
C8 NAG Q . 76.20 16.30 14.16
N2 NAG Q . 74.21 17.65 13.98
O3 NAG Q . 71.64 18.02 12.76
O4 NAG Q . 70.27 20.45 13.42
O5 NAG Q . 72.56 20.06 16.26
O6 NAG Q . 69.97 20.47 17.02
O7 NAG Q . 74.11 15.77 15.18
H2 NAG Q . 72.60 17.68 15.13
H3 NAG Q . 72.72 19.63 13.09
H4 NAG Q . 70.56 19.10 14.84
H5 NAG Q . 72.19 21.40 14.85
H61 NAG Q . 69.94 21.81 15.55
H62 NAG Q . 70.95 22.16 16.68
H81 NAG Q . 76.49 15.48 14.56
H82 NAG Q . 76.73 17.04 14.49
H83 NAG Q . 76.29 16.24 13.19
HN2 NAG Q . 74.52 17.96 13.24
HO3 NAG Q . 71.13 18.40 12.20
HO4 NAG Q . 69.50 20.49 13.71
HO6 NAG Q . 70.54 19.91 17.27
C1 NAG R . 44.94 34.94 38.85
C2 NAG R . 45.11 36.16 39.83
C3 NAG R . 43.97 37.16 39.69
C4 NAG R . 44.00 37.70 38.28
C5 NAG R . 43.85 36.51 37.35
C6 NAG R . 43.87 36.99 35.90
C7 NAG R . 46.29 35.88 41.93
C8 NAG R . 46.23 35.38 43.34
N2 NAG R . 45.18 35.75 41.21
O3 NAG R . 44.13 38.23 40.62
O4 NAG R . 42.93 38.61 38.08
O5 NAG R . 44.92 35.60 37.57
O6 NAG R . 45.17 37.51 35.61
O7 NAG R . 47.30 36.38 41.46
H2 NAG R . 45.94 36.58 39.57
H3 NAG R . 43.12 36.73 39.86
H4 NAG R . 44.84 38.17 38.10
H5 NAG R . 43.01 36.06 37.52
H61 NAG R . 43.19 37.68 35.77
H62 NAG R . 43.66 36.26 35.30
H81 NAG R . 47.08 35.53 43.77
H82 NAG R . 46.02 34.44 43.34
H83 NAG R . 45.54 35.88 43.82
HN2 NAG R . 44.48 35.41 41.59
HO3 NAG R . 43.88 38.95 40.27
HO4 NAG R . 43.11 39.14 37.45
HO6 NAG R . 45.75 37.09 36.05
C1 NAG S . 83.35 20.71 26.24
C2 NAG S . 83.37 20.29 27.70
C3 NAG S . 83.86 21.45 28.53
C4 NAG S . 85.20 21.95 28.00
C5 NAG S . 85.10 22.30 26.51
C6 NAG S . 86.43 22.73 25.92
C7 NAG S . 81.58 18.70 27.97
C8 NAG S . 80.09 18.56 27.85
N2 NAG S . 82.04 19.93 28.14
O3 NAG S . 84.03 21.04 29.89
O4 NAG S . 85.60 23.09 28.76
O5 NAG S . 84.62 21.17 25.76
O6 NAG S . 86.90 23.95 26.55
O7 NAG S . 82.33 17.75 27.90
H2 NAG S . 83.97 19.52 27.80
H3 NAG S . 83.22 22.18 28.49
H4 NAG S . 85.86 21.24 28.08
H5 NAG S . 84.47 23.04 26.44
H61 NAG S . 86.34 22.89 24.97
H62 NAG S . 87.09 22.04 26.03
H81 NAG S . 79.86 17.62 27.74
H82 NAG S . 79.77 19.06 27.10
H83 NAG S . 79.67 18.89 28.66
HN2 NAG S . 81.55 20.52 28.52
HO3 NAG S . 84.66 21.45 30.24
HO4 NAG S . 86.05 23.61 28.27
HO6 NAG S . 87.63 24.17 26.21
C1 NAG T . 66.67 27.98 29.68
C2 NAG T . 67.63 28.11 30.85
C3 NAG T . 67.10 29.18 31.79
C4 NAG T . 66.92 30.48 31.01
C5 NAG T . 65.99 30.26 29.82
C6 NAG T . 65.83 31.52 28.97
C7 NAG T . 68.85 26.12 31.48
C8 NAG T . 69.40 25.60 32.77
N2 NAG T . 67.76 26.86 31.57
O3 NAG T . 68.01 29.39 32.87
O4 NAG T . 66.39 31.47 31.89
O5 NAG T . 66.51 29.22 28.99
O6 NAG T . 65.12 32.53 29.72
O7 NAG T . 69.38 25.88 30.40
H2 NAG T . 68.51 28.35 30.52
H3 NAG T . 66.24 28.92 32.15
H4 NAG T . 67.78 30.79 30.66
H5 NAG T . 65.12 30.01 30.18
H61 NAG T . 65.33 31.30 28.17
H62 NAG T . 66.69 31.84 28.70
H81 NAG T . 70.19 25.08 32.60
H82 NAG T . 68.72 25.05 33.20
H83 NAG T . 69.62 26.35 33.34
HN2 NAG T . 67.10 26.59 32.07
HO3 NAG T . 67.94 30.18 33.15
HO4 NAG T . 65.85 31.96 31.47
HO6 NAG T . 65.04 33.21 29.24
C1 NAG U . 4.26 26.80 39.00
C2 NAG U . 4.78 28.22 38.84
C3 NAG U . 5.20 28.75 40.19
C4 NAG U . 4.04 28.63 41.16
C5 NAG U . 3.55 27.19 41.23
C6 NAG U . 2.34 27.06 42.16
C7 NAG U . 5.73 28.50 36.61
C8 NAG U . 6.70 27.80 35.70
N2 NAG U . 5.89 28.26 37.92
O3 NAG U . 5.60 30.11 40.08
O4 NAG U . 4.46 29.05 42.46
O5 NAG U . 3.18 26.73 39.94
O6 NAG U . 2.00 25.67 42.31
O7 NAG U . 4.85 29.22 36.20
H2 NAG U . 4.07 28.78 38.46
H3 NAG U . 5.95 28.23 40.52
H4 NAG U . 3.31 29.20 40.85
H5 NAG U . 4.27 26.65 41.58
H61 NAG U . 1.59 27.56 41.80
H62 NAG U . 2.54 27.46 43.02
H81 NAG U . 6.50 28.03 34.78
H82 NAG U . 6.63 26.84 35.83
H83 NAG U . 7.60 28.09 35.92
HN2 NAG U . 6.69 28.13 38.22
HO3 NAG U . 5.83 30.41 40.83
HO4 NAG U . 3.80 29.38 42.88
HO6 NAG U . 1.62 25.41 41.62
C1 NAG V . 41.65 -21.16 54.98
C2 NAG V . 42.25 -22.24 55.95
C3 NAG V . 41.30 -23.43 56.11
C4 NAG V . 40.08 -22.87 56.80
C5 NAG V . 39.51 -21.81 55.87
C6 NAG V . 38.22 -21.20 56.40
C7 NAG V . 44.25 -22.85 54.51
C8 NAG V . 44.34 -24.27 54.05
N2 NAG V . 43.64 -22.65 55.69
O3 NAG V . 41.91 -24.43 56.92
O4 NAG V . 39.14 -23.92 57.03
O5 NAG V . 40.48 -20.78 55.72
O6 NAG V . 37.15 -22.15 56.38
O7 NAG V . 44.72 -21.93 53.86
H2 NAG V . 42.32 -21.79 56.81
H3 NAG V . 41.08 -23.83 55.26
H4 NAG V . 40.29 -22.48 57.66
H5 NAG V . 39.29 -22.24 55.02
H61 NAG V . 37.98 -20.41 55.88
H62 NAG V . 38.36 -20.89 57.32
H81 NAG V . 44.79 -24.30 53.18
H82 NAG V . 43.45 -24.64 53.95
H83 NAG V . 44.84 -24.79 54.69
HN2 NAG V . 44.13 -22.78 56.38
HO3 NAG V . 41.32 -24.80 57.39
HO4 NAG V . 38.36 -23.64 56.88
HO6 NAG V . 36.45 -21.79 56.68
C1 NAG W . 62.18 14.28 67.42
C2 NAG W . 61.98 14.47 68.93
C3 NAG W . 63.32 14.41 69.62
C4 NAG W . 64.02 13.10 69.27
C5 NAG W . 64.14 12.96 67.76
C6 NAG W . 64.79 11.64 67.38
C7 NAG W . 60.03 15.88 69.36
C8 NAG W . 59.58 17.19 69.93
N2 NAG W . 61.35 15.75 69.19
O3 NAG W . 63.12 14.49 71.04
O4 NAG W . 65.31 13.07 69.86
O5 NAG W . 62.86 13.06 67.14
O6 NAG W . 63.90 10.57 67.70
O7 NAG W . 59.24 14.99 69.08
H2 NAG W . 61.40 13.77 69.25
H3 NAG W . 63.87 15.15 69.34
H4 NAG W . 63.47 12.37 69.61
H5 NAG W . 64.70 13.69 67.44
H61 NAG W . 65.63 11.53 67.87
H62 NAG W . 65.01 11.63 66.44
H81 NAG W . 58.62 17.19 70.02
H82 NAG W . 59.85 17.91 69.34
H83 NAG W . 59.98 17.33 70.80
HN2 NAG W . 61.85 16.45 69.24
HO3 NAG W . 63.88 14.45 71.42
HO4 NAG W . 65.52 12.28 70.04
HO6 NAG W . 63.11 10.87 67.75
C1 NAG X . 72.69 -17.93 27.16
C2 NAG X . 72.63 -16.88 26.06
C3 NAG X . 71.60 -17.34 25.00
C4 NAG X . 71.95 -18.73 24.52
C5 NAG X . 72.04 -19.70 25.69
C6 NAG X . 72.46 -21.09 25.21
C7 NAG X . 73.32 -15.10 27.52
C8 NAG X . 72.93 -14.77 28.93
N2 NAG X . 72.36 -15.63 26.74
O3 NAG X . 71.46 -16.46 23.88
O4 NAG X . 70.94 -19.18 23.60
O5 NAG X . 72.99 -19.23 26.65
O6 NAG X . 73.79 -21.02 24.68
O7 NAG X . 74.46 -14.92 27.12
H2 NAG X . 73.45 -16.77 25.55
H3 NAG X . 70.75 -17.32 25.46
H4 NAG X . 72.82 -18.70 24.07
H5 NAG X . 71.17 -19.76 26.10
H61 NAG X . 71.85 -21.40 24.52
H62 NAG X . 72.42 -21.72 25.94
H81 NAG X . 73.71 -14.40 29.40
H82 NAG X . 72.64 -15.57 29.39
H83 NAG X . 72.21 -14.12 28.93
HN2 NAG X . 71.62 -15.23 26.63
HO3 NAG X . 70.66 -16.22 23.81
HO4 NAG X . 71.30 -19.70 23.03
HO6 NAG X . 74.19 -20.36 25.02
C1 NAG Y . 69.75 -6.29 5.79
C2 NAG Y . 71.14 -6.01 5.08
C3 NAG Y . 71.06 -6.24 3.59
C4 NAG Y . 70.71 -7.69 3.36
C5 NAG Y . 69.38 -7.95 4.04
C6 NAG Y . 68.94 -9.39 3.86
C7 NAG Y . 72.37 -4.33 6.37
C8 NAG Y . 71.94 -3.14 7.16
N2 NAG Y . 71.60 -4.65 5.33
O3 NAG Y . 72.33 -5.94 2.99
O4 NAG Y . 70.60 -7.95 1.95
O5 NAG Y . 69.52 -7.66 5.43
O6 NAG Y . 69.85 -10.24 4.55
O7 NAG Y . 73.37 -4.97 6.65
H2 NAG Y . 71.76 -6.64 5.47
H3 NAG Y . 70.39 -5.66 3.19
H4 NAG Y . 71.40 -8.27 3.71
H5 NAG Y . 68.71 -7.37 3.64
H61 NAG Y . 68.92 -9.62 2.91
H62 NAG Y . 68.04 -9.51 4.20
H81 NAG Y . 72.57 -2.99 7.88
H82 NAG Y . 71.06 -3.29 7.53
H83 NAG Y . 71.92 -2.35 6.59
HN2 NAG Y . 71.35 -4.03 4.79
HO3 NAG Y . 72.29 -6.07 2.16
HO4 NAG Y . 70.81 -8.74 1.79
HO6 NAG Y . 70.13 -9.86 5.25
C1 NAG Z . 64.02 -27.23 41.27
C2 NAG Z . 63.64 -27.20 39.80
C3 NAG Z . 62.32 -27.91 39.60
C4 NAG Z . 62.42 -29.32 40.15
C5 NAG Z . 62.83 -29.28 41.62
C6 NAG Z . 62.99 -30.68 42.19
C7 NAG Z . 64.52 -25.17 38.77
C8 NAG Z . 64.33 -23.67 38.70
N2 NAG Z . 63.52 -25.84 39.32
O3 NAG Z . 62.01 -27.96 38.20
O4 NAG Z . 61.14 -29.97 40.04
O5 NAG Z . 64.06 -28.58 41.76
O6 NAG Z . 63.22 -30.60 43.59
O7 NAG Z . 65.53 -25.72 38.35
H2 NAG Z . 64.35 -27.64 39.30
H3 NAG Z . 61.62 -27.43 40.06
H4 NAG Z . 63.08 -29.82 39.64
H5 NAG Z . 62.13 -28.82 42.11
H61 NAG Z . 63.73 -31.13 41.75
H62 NAG Z . 62.19 -31.21 42.00
H81 NAG Z . 65.12 -23.27 38.30
H82 NAG Z . 64.23 -23.33 39.61
H83 NAG Z . 63.55 -23.47 38.18
HN2 NAG Z . 62.76 -25.44 39.40
HO3 NAG Z . 61.28 -28.36 38.09
HO4 NAG Z . 61.26 -30.80 39.94
HO6 NAG Z . 63.30 -31.37 43.91
C1 NAG AA . -31.81 -28.35 1.04
C2 NAG AA . -30.89 -29.48 1.50
C3 NAG AA . -29.86 -29.79 0.40
C4 NAG AA . -30.57 -30.08 -0.90
C5 NAG AA . -31.50 -28.94 -1.29
C6 NAG AA . -32.29 -29.29 -2.54
C7 NAG AA . -29.18 -29.54 3.30
C8 NAG AA . -28.06 -28.56 3.48
N2 NAG AA . -30.28 -29.04 2.75
O3 NAG AA . -29.09 -30.96 0.71
O4 NAG AA . -29.62 -30.30 -1.95
O5 NAG AA . -32.41 -28.69 -0.22
O6 NAG AA . -33.15 -30.40 -2.28
O7 NAG AA . -29.08 -30.71 3.64
H2 NAG AA . -31.36 -30.31 1.65
H3 NAG AA . -29.28 -29.02 0.33
H4 NAG AA . -31.11 -30.88 -0.78
H5 NAG AA . -30.96 -28.16 -1.46
H61 NAG AA . -31.68 -29.50 -3.26
H62 NAG AA . -32.81 -28.52 -2.83
H81 NAG AA . -27.30 -29.02 3.88
H82 NAG AA . -28.35 -27.85 4.05
H83 NAG AA . -27.80 -28.21 2.61
HN2 NAG AA . -30.68 -28.40 3.17
HO3 NAG AA . -28.89 -31.36 0.00
HO4 NAG AA . -29.94 -30.84 -2.51
HO6 NAG AA . -33.43 -30.35 -1.48
C1 NAG BA . 44.36 -41.88 27.35
C2 NAG BA . 44.75 -43.21 26.68
C3 NAG BA . 44.50 -44.48 27.50
C4 NAG BA . 45.06 -44.33 28.92
C5 NAG BA . 44.66 -43.00 29.54
C6 NAG BA . 45.44 -42.77 30.83
C7 NAG BA . 44.55 -43.89 24.33
C8 NAG BA . 45.75 -43.23 23.72
N2 NAG BA . 44.04 -43.30 25.41
O3 NAG BA . 45.13 -45.60 26.89
O4 NAG BA . 44.56 -45.40 29.72
O5 NAG BA . 44.89 -41.88 28.68
O6 NAG BA . 44.91 -41.62 31.51
O7 NAG BA . 44.06 -44.91 23.86
H2 NAG BA . 45.72 -43.19 26.56
H3 NAG BA . 43.54 -44.60 27.56
H4 NAG BA . 46.03 -44.36 28.86
H5 NAG BA . 43.71 -43.06 29.71
H61 NAG BA . 46.38 -42.64 30.65
H62 NAG BA . 45.36 -43.55 31.41
H81 NAG BA . 46.04 -43.73 22.94
H82 NAG BA . 46.46 -43.20 24.38
H83 NAG BA . 45.52 -42.33 23.45
HN2 NAG BA . 43.25 -42.96 25.36
HO3 NAG BA . 45.00 -46.29 27.35
HO4 NAG BA . 45.12 -45.58 30.32
HO6 NAG BA . 44.66 -41.06 30.93
C1 NAG CA . 20.47 -37.04 27.18
C2 NAG CA . 20.89 -38.06 28.24
C3 NAG CA . 20.34 -37.67 29.60
C4 NAG CA . 20.69 -36.23 29.92
C5 NAG CA . 20.28 -35.28 28.80
C6 NAG CA . 20.72 -33.85 29.08
C7 NAG CA . 21.20 -40.22 27.18
C8 NAG CA . 20.51 -41.00 26.10
N2 NAG CA . 20.44 -39.39 27.89
O3 NAG CA . 20.90 -38.54 30.60
O4 NAG CA . 20.07 -35.85 31.15
O5 NAG CA . 20.81 -35.70 27.54
O6 NAG CA . 19.60 -33.08 29.53
O7 NAG CA . 22.39 -40.36 27.41
H2 NAG CA . 21.86 -38.07 28.28
H3 NAG CA . 19.37 -37.76 29.58
H4 NAG CA . 21.66 -36.17 30.01
H5 NAG CA . 19.31 -35.30 28.77
H61 NAG CA . 21.09 -33.45 28.27
H62 NAG CA . 21.42 -33.84 29.75
H81 NAG CA . 21.15 -41.57 25.65
H82 NAG CA . 20.13 -40.38 25.46
H83 NAG CA . 19.81 -41.54 26.48
HN2 NAG CA . 19.66 -39.65 28.13
HO3 NAG CA . 20.60 -38.33 31.35
HO4 NAG CA . 20.46 -35.19 31.47
HO6 NAG CA . 19.84 -32.30 29.68
#